data_4OBU
#
_entry.id   4OBU
#
_cell.length_a   58.630
_cell.length_b   145.770
_cell.length_c   165.070
_cell.angle_alpha   72.85
_cell.angle_beta   88.84
_cell.angle_gamma   88.30
#
_symmetry.space_group_name_H-M   'P 1'
#
loop_
_entity.id
_entity.type
_entity.pdbx_description
1 polymer 'Pyridoxal-dependent decarboxylase domain protein'
2 non-polymer "PYRIDOXAL-5'-PHOSPHATE"
3 water water
#
_entity_poly.entity_id   1
_entity_poly.type   'polypeptide(L)'
_entity_poly.pdbx_seq_one_letter_code
;MSQVIKKKRNTFMIGTEYILNSTQLEEAIKSFVHDFCAEKHEIHDQPVVVEAKEHQEDKIKQIKIPEKGRPVNEVVSEMM
NEVYRYRGDANHPRFFSFVPGPASSVSWLGDIMTSAYNIHAGGSKLAPMVNCIEQEVLKWLAKQVGFTENPGGVFVSGGS
MANITALTAARDNKLTDINLHLGTAYISDQTHSSVAKGLRIIGITDSRIRRIPTNSHFQMDTTKLEEAIETDKKSGYIPF
VVIGTAGTTNTGSIDPLTEISALCKKHDMWFHIDGAYGASVLLSPKYKSLLTGTGLADSISWDAHKWLFQTYGCAMVLVK
DIRNLFHSFHVNPEYLKDLENDIDNVNTWDIGMELTRPARGLKLWLTLQVLGSDLIGSAIEHGFQLAVWAEEALNPKKDW
EIVSPAQMAMINFRYAPKDLTKEEQDILNEKISHRILESGYAAIFTTVLNGKTVLRICAIHPEATQEDMQHTIDLLDQYG
REIYTEMKKA
;
_entity_poly.pdbx_strand_id   E,A,U,G,H,F,B,C
#
loop_
_chem_comp.id
_chem_comp.type
_chem_comp.name
_chem_comp.formula
PLP non-polymer PYRIDOXAL-5'-PHOSPHATE 'C8 H10 N O6 P'
#
# COMPACT_ATOMS: atom_id res chain seq x y z
N THR A 16 -26.10 -32.72 -25.77
CA THR A 16 -26.30 -32.81 -24.32
C THR A 16 -26.80 -31.50 -23.74
N GLU A 17 -26.70 -30.43 -24.52
CA GLU A 17 -27.17 -29.12 -24.10
C GLU A 17 -28.67 -28.97 -24.31
N TYR A 18 -29.29 -29.99 -24.91
CA TYR A 18 -30.72 -30.00 -25.17
C TYR A 18 -31.43 -31.06 -24.35
N ILE A 19 -30.80 -31.47 -23.25
CA ILE A 19 -31.38 -32.42 -22.31
C ILE A 19 -32.26 -31.71 -21.29
N LEU A 20 -31.71 -30.67 -20.66
CA LEU A 20 -32.41 -29.93 -19.62
C LEU A 20 -33.47 -28.99 -20.19
N ASN A 21 -33.09 -28.23 -21.22
CA ASN A 21 -34.03 -27.30 -21.84
C ASN A 21 -33.73 -27.02 -23.30
N SER A 22 -34.79 -26.86 -24.09
CA SER A 22 -34.69 -26.49 -25.50
C SER A 22 -35.95 -25.73 -25.87
N THR A 23 -35.90 -25.03 -27.00
CA THR A 23 -37.05 -24.24 -27.44
C THR A 23 -38.22 -25.15 -27.83
N GLN A 24 -37.90 -26.35 -28.30
CA GLN A 24 -38.91 -27.34 -28.64
C GLN A 24 -39.70 -27.75 -27.40
N LEU A 25 -39.02 -27.76 -26.26
CA LEU A 25 -39.64 -28.12 -24.99
C LEU A 25 -40.45 -26.96 -24.43
N GLU A 26 -39.85 -25.78 -24.44
CA GLU A 26 -40.51 -24.57 -23.93
C GLU A 26 -41.81 -24.31 -24.67
N GLU A 27 -41.82 -24.59 -25.97
CA GLU A 27 -43.03 -24.44 -26.77
C GLU A 27 -44.05 -25.51 -26.45
N ALA A 28 -43.58 -26.75 -26.33
CA ALA A 28 -44.45 -27.89 -26.05
C ALA A 28 -45.15 -27.73 -24.70
N ILE A 29 -44.43 -27.17 -23.74
CA ILE A 29 -44.98 -26.91 -22.41
C ILE A 29 -46.06 -25.84 -22.48
N LYS A 30 -45.74 -24.72 -23.10
CA LYS A 30 -46.69 -23.62 -23.25
C LYS A 30 -47.89 -24.03 -24.09
N SER A 31 -47.65 -24.83 -25.12
CA SER A 31 -48.71 -25.32 -25.98
C SER A 31 -49.69 -26.24 -25.23
N PHE A 32 -49.15 -27.17 -24.46
CA PHE A 32 -50.01 -28.11 -23.74
C PHE A 32 -50.88 -27.40 -22.70
N VAL A 33 -50.25 -26.55 -21.90
CA VAL A 33 -50.95 -25.78 -20.88
C VAL A 33 -52.06 -24.94 -21.50
N HIS A 34 -51.73 -24.24 -22.57
CA HIS A 34 -52.70 -23.42 -23.28
C HIS A 34 -53.84 -24.25 -23.84
N ASP A 35 -53.50 -25.35 -24.51
CA ASP A 35 -54.50 -26.21 -25.15
C ASP A 35 -55.39 -26.90 -24.11
N PHE A 36 -54.80 -27.32 -23.00
CA PHE A 36 -55.54 -28.05 -21.98
C PHE A 36 -56.55 -27.14 -21.27
N CYS A 37 -56.16 -25.90 -21.02
CA CYS A 37 -57.05 -24.93 -20.41
C CYS A 37 -58.26 -24.65 -21.31
N ALA A 38 -58.04 -24.72 -22.62
CA ALA A 38 -59.10 -24.48 -23.60
C ALA A 38 -60.09 -25.64 -23.64
N GLU A 39 -59.57 -26.86 -23.51
CA GLU A 39 -60.41 -28.05 -23.53
C GLU A 39 -61.12 -28.24 -22.20
N LYS A 40 -60.69 -27.50 -21.18
CA LYS A 40 -61.32 -27.52 -19.87
C LYS A 40 -62.72 -26.91 -19.91
N HIS A 41 -63.01 -26.14 -20.96
CA HIS A 41 -64.29 -25.49 -21.11
C HIS A 41 -65.30 -26.36 -21.86
N GLU A 42 -64.85 -27.53 -22.31
CA GLU A 42 -65.72 -28.48 -22.99
C GLU A 42 -65.64 -29.86 -22.36
N ILE A 43 -65.74 -29.91 -21.03
CA ILE A 43 -65.75 -31.17 -20.30
C ILE A 43 -67.14 -31.80 -20.37
N HIS A 44 -68.16 -30.96 -20.33
CA HIS A 44 -69.55 -31.41 -20.40
C HIS A 44 -69.85 -32.15 -21.69
N ASP A 45 -69.27 -31.68 -22.79
CA ASP A 45 -69.50 -32.27 -24.10
C ASP A 45 -68.87 -33.66 -24.23
N GLN A 46 -67.94 -33.96 -23.33
CA GLN A 46 -67.20 -35.22 -23.41
C GLN A 46 -67.78 -36.29 -22.49
N PRO A 47 -67.66 -37.57 -22.92
CA PRO A 47 -68.12 -38.72 -22.11
C PRO A 47 -67.32 -38.83 -20.83
N VAL A 48 -67.94 -39.42 -19.80
CA VAL A 48 -67.29 -39.55 -18.50
C VAL A 48 -66.12 -40.53 -18.54
N VAL A 49 -66.34 -41.70 -19.15
CA VAL A 49 -65.31 -42.72 -19.24
C VAL A 49 -65.03 -43.11 -20.69
N VAL A 50 -63.78 -42.96 -21.11
CA VAL A 50 -63.36 -43.40 -22.43
C VAL A 50 -62.60 -44.71 -22.30
N GLU A 51 -63.17 -45.77 -22.87
CA GLU A 51 -62.60 -47.10 -22.72
C GLU A 51 -61.72 -47.48 -23.90
N ALA A 52 -60.65 -48.22 -23.62
CA ALA A 52 -59.70 -48.64 -24.64
C ALA A 52 -60.07 -49.96 -25.27
N LYS A 53 -59.79 -50.11 -26.56
CA LYS A 53 -59.97 -51.38 -27.26
C LYS A 53 -58.88 -52.38 -26.83
N GLU A 54 -59.06 -53.64 -27.21
CA GLU A 54 -58.17 -54.70 -26.75
C GLU A 54 -56.83 -54.74 -27.49
N HIS A 55 -56.69 -53.92 -28.52
CA HIS A 55 -55.45 -53.88 -29.29
C HIS A 55 -54.57 -52.74 -28.82
N GLN A 56 -55.12 -51.92 -27.92
CA GLN A 56 -54.43 -50.71 -27.47
C GLN A 56 -53.18 -51.02 -26.63
N GLU A 57 -53.24 -52.10 -25.86
CA GLU A 57 -52.10 -52.50 -25.04
C GLU A 57 -50.90 -52.86 -25.92
N ASP A 58 -51.15 -53.61 -26.99
CA ASP A 58 -50.10 -53.99 -27.93
C ASP A 58 -49.60 -52.76 -28.66
N LYS A 59 -50.49 -51.79 -28.84
CA LYS A 59 -50.14 -50.54 -29.50
C LYS A 59 -49.13 -49.76 -28.66
N ILE A 60 -49.17 -49.96 -27.34
CA ILE A 60 -48.22 -49.34 -26.42
C ILE A 60 -46.94 -50.17 -26.29
N LYS A 61 -47.08 -51.49 -26.26
CA LYS A 61 -45.94 -52.38 -26.09
C LYS A 61 -45.02 -52.44 -27.32
N GLN A 62 -45.53 -51.97 -28.45
CA GLN A 62 -44.76 -51.99 -29.69
C GLN A 62 -43.92 -50.72 -29.89
N ILE A 63 -44.17 -49.73 -29.05
CA ILE A 63 -43.31 -48.55 -29.01
C ILE A 63 -42.18 -48.84 -28.04
N LYS A 64 -40.95 -48.82 -28.54
CA LYS A 64 -39.81 -49.16 -27.71
C LYS A 64 -39.14 -47.92 -27.12
N ILE A 65 -38.21 -48.16 -26.20
CA ILE A 65 -37.39 -47.10 -25.63
C ILE A 65 -36.23 -46.81 -26.58
N PRO A 66 -36.32 -45.70 -27.33
CA PRO A 66 -35.37 -45.46 -28.41
C PRO A 66 -34.00 -45.02 -27.90
N GLU A 67 -32.96 -45.34 -28.68
CA GLU A 67 -31.61 -44.88 -28.38
C GLU A 67 -31.48 -43.43 -28.82
N LYS A 68 -32.08 -43.13 -29.96
CA LYS A 68 -32.09 -41.78 -30.51
C LYS A 68 -33.40 -41.08 -30.15
N GLY A 69 -33.30 -39.83 -29.71
CA GLY A 69 -34.47 -39.09 -29.29
C GLY A 69 -35.49 -38.84 -30.39
N ARG A 70 -36.74 -38.66 -29.98
CA ARG A 70 -37.83 -38.36 -30.90
C ARG A 70 -38.26 -36.92 -30.71
N PRO A 71 -38.83 -36.30 -31.76
CA PRO A 71 -39.32 -34.93 -31.61
C PRO A 71 -40.41 -34.85 -30.55
N VAL A 72 -40.33 -33.85 -29.68
CA VAL A 72 -41.15 -33.79 -28.47
C VAL A 72 -42.66 -33.87 -28.71
N ASN A 73 -43.17 -33.02 -29.61
CA ASN A 73 -44.61 -32.96 -29.85
C ASN A 73 -45.15 -34.24 -30.49
N GLU A 74 -44.27 -35.00 -31.13
CA GLU A 74 -44.64 -36.30 -31.67
C GLU A 74 -44.94 -37.24 -30.52
N VAL A 75 -44.08 -37.21 -29.50
CA VAL A 75 -44.25 -38.01 -28.30
C VAL A 75 -45.43 -37.51 -27.47
N VAL A 76 -45.60 -36.20 -27.41
CA VAL A 76 -46.70 -35.58 -26.67
C VAL A 76 -48.06 -35.99 -27.21
N SER A 77 -48.21 -35.90 -28.53
CA SER A 77 -49.44 -36.31 -29.19
C SER A 77 -49.72 -37.79 -28.92
N GLU A 78 -48.67 -38.59 -28.93
CA GLU A 78 -48.76 -40.03 -28.71
C GLU A 78 -49.32 -40.37 -27.32
N MET A 79 -48.85 -39.67 -26.29
CA MET A 79 -49.33 -39.89 -24.93
C MET A 79 -50.76 -39.40 -24.74
N MET A 80 -51.06 -38.24 -25.31
CA MET A 80 -52.41 -37.67 -25.22
C MET A 80 -53.46 -38.56 -25.87
N ASN A 81 -53.10 -39.17 -26.99
CA ASN A 81 -54.05 -39.98 -27.75
C ASN A 81 -54.08 -41.46 -27.35
N GLU A 82 -52.90 -42.02 -27.08
CA GLU A 82 -52.78 -43.46 -26.85
C GLU A 82 -52.65 -43.85 -25.38
N VAL A 83 -52.31 -42.88 -24.53
CA VAL A 83 -52.11 -43.17 -23.11
C VAL A 83 -53.12 -42.42 -22.22
N TYR A 84 -53.01 -41.10 -22.20
CA TYR A 84 -53.85 -40.27 -21.32
C TYR A 84 -55.33 -40.27 -21.68
N ARG A 85 -55.63 -40.55 -22.95
CA ARG A 85 -57.01 -40.51 -23.44
C ARG A 85 -57.93 -41.47 -22.70
N TYR A 86 -57.43 -42.65 -22.39
CA TYR A 86 -58.25 -43.70 -21.77
C TYR A 86 -58.23 -43.60 -20.25
N ARG A 87 -59.20 -42.85 -19.71
CA ARG A 87 -59.28 -42.62 -18.28
C ARG A 87 -60.71 -42.27 -17.89
N GLY A 88 -60.95 -42.21 -16.58
CA GLY A 88 -62.21 -41.72 -16.06
C GLY A 88 -62.03 -40.27 -15.65
N ASP A 89 -62.77 -39.38 -16.31
CA ASP A 89 -62.67 -37.96 -16.01
C ASP A 89 -63.32 -37.65 -14.67
N ALA A 90 -62.50 -37.57 -13.63
CA ALA A 90 -62.99 -37.36 -12.27
C ALA A 90 -63.55 -35.96 -12.08
N ASN A 91 -63.25 -35.07 -13.01
CA ASN A 91 -63.75 -33.69 -12.96
C ASN A 91 -65.08 -33.55 -13.67
N HIS A 92 -65.65 -34.68 -14.09
CA HIS A 92 -66.99 -34.69 -14.64
C HIS A 92 -67.98 -34.86 -13.49
N PRO A 93 -69.02 -34.01 -13.45
CA PRO A 93 -69.99 -33.96 -12.35
C PRO A 93 -70.68 -35.30 -12.09
N ARG A 94 -70.72 -36.16 -13.09
CA ARG A 94 -71.39 -37.45 -12.97
C ARG A 94 -70.43 -38.63 -12.98
N PHE A 95 -69.19 -38.39 -12.53
CA PHE A 95 -68.27 -39.48 -12.24
C PHE A 95 -68.43 -39.86 -10.78
N PHE A 96 -69.26 -40.86 -10.52
CA PHE A 96 -69.68 -41.15 -9.15
C PHE A 96 -68.78 -42.15 -8.42
N SER A 97 -67.49 -42.10 -8.73
CA SER A 97 -66.49 -42.80 -7.94
C SER A 97 -65.63 -41.75 -7.24
N PHE A 98 -64.82 -42.16 -6.28
CA PHE A 98 -64.02 -41.22 -5.51
C PHE A 98 -62.54 -41.54 -5.56
N VAL A 99 -62.20 -42.69 -6.12
CA VAL A 99 -60.81 -43.12 -6.19
C VAL A 99 -60.00 -42.13 -7.05
N PRO A 100 -60.49 -41.84 -8.27
CA PRO A 100 -59.96 -40.60 -8.84
C PRO A 100 -60.82 -39.46 -8.31
N GLY A 101 -60.25 -38.61 -7.46
CA GLY A 101 -61.00 -37.50 -6.90
C GLY A 101 -61.08 -36.32 -7.84
N PRO A 102 -62.09 -35.44 -7.65
CA PRO A 102 -62.18 -34.19 -8.40
C PRO A 102 -60.96 -33.33 -8.08
N ALA A 103 -60.17 -32.99 -9.09
CA ALA A 103 -58.93 -32.27 -8.87
C ALA A 103 -59.05 -30.79 -9.21
N SER A 104 -58.90 -29.95 -8.19
CA SER A 104 -58.93 -28.50 -8.39
C SER A 104 -57.72 -28.09 -9.22
N SER A 105 -57.88 -27.04 -10.03
CA SER A 105 -56.78 -26.53 -10.84
C SER A 105 -55.75 -25.78 -9.99
N VAL A 106 -56.15 -25.40 -8.77
CA VAL A 106 -55.20 -24.83 -7.82
C VAL A 106 -54.17 -25.89 -7.46
N SER A 107 -54.65 -27.12 -7.32
CA SER A 107 -53.77 -28.26 -7.03
C SER A 107 -52.88 -28.52 -8.23
N TRP A 108 -53.45 -28.39 -9.43
CA TRP A 108 -52.68 -28.53 -10.67
C TRP A 108 -51.59 -27.47 -10.71
N LEU A 109 -51.95 -26.24 -10.37
CA LEU A 109 -51.01 -25.13 -10.30
C LEU A 109 -49.90 -25.42 -9.28
N GLY A 110 -50.29 -26.04 -8.17
CA GLY A 110 -49.35 -26.42 -7.14
C GLY A 110 -48.33 -27.42 -7.64
N ASP A 111 -48.81 -28.37 -8.43
CA ASP A 111 -47.95 -29.38 -9.05
C ASP A 111 -46.98 -28.75 -10.04
N ILE A 112 -47.48 -27.82 -10.85
CA ILE A 112 -46.66 -27.14 -11.84
C ILE A 112 -45.53 -26.37 -11.16
N MET A 113 -45.85 -25.62 -10.12
CA MET A 113 -44.85 -24.84 -9.40
C MET A 113 -43.83 -25.72 -8.67
N THR A 114 -44.33 -26.71 -7.94
CA THR A 114 -43.48 -27.62 -7.18
C THR A 114 -42.49 -28.36 -8.09
N SER A 115 -42.97 -28.79 -9.25
CA SER A 115 -42.13 -29.49 -10.20
C SER A 115 -41.15 -28.54 -10.89
N ALA A 116 -41.58 -27.30 -11.09
CA ALA A 116 -40.75 -26.30 -11.78
C ALA A 116 -39.49 -25.96 -10.99
N TYR A 117 -39.67 -25.61 -9.72
CA TYR A 117 -38.55 -25.20 -8.87
C TYR A 117 -37.66 -26.37 -8.50
N ASN A 118 -38.14 -27.59 -8.73
CA ASN A 118 -37.38 -28.80 -8.47
C ASN A 118 -36.89 -28.88 -7.03
N ILE A 119 -37.83 -28.82 -6.09
CA ILE A 119 -37.50 -28.89 -4.68
C ILE A 119 -38.10 -30.10 -4.00
N HIS A 120 -37.62 -30.40 -2.80
CA HIS A 120 -38.10 -31.55 -2.05
C HIS A 120 -38.29 -31.22 -0.58
N ALA A 121 -39.10 -32.02 0.11
CA ALA A 121 -39.31 -31.85 1.53
C ALA A 121 -38.39 -32.81 2.29
N GLY A 122 -38.04 -32.44 3.52
CA GLY A 122 -37.13 -33.24 4.31
C GLY A 122 -35.75 -33.30 3.69
N GLY A 123 -35.06 -34.41 3.91
CA GLY A 123 -33.75 -34.62 3.31
C GLY A 123 -32.72 -33.65 3.82
N SER A 124 -32.43 -32.63 3.02
CA SER A 124 -31.43 -31.64 3.37
C SER A 124 -32.06 -30.38 3.97
N LYS A 125 -31.25 -29.35 4.14
CA LYS A 125 -31.71 -28.09 4.72
C LYS A 125 -31.60 -26.96 3.70
N LEU A 126 -31.61 -27.33 2.42
CA LEU A 126 -31.50 -26.34 1.35
C LEU A 126 -32.83 -25.67 1.06
N ALA A 127 -33.92 -26.39 1.31
CA ALA A 127 -35.27 -25.84 1.14
C ALA A 127 -36.05 -25.90 2.46
N PRO A 128 -35.72 -25.02 3.40
CA PRO A 128 -36.29 -25.05 4.75
C PRO A 128 -37.75 -24.60 4.82
N MET A 129 -38.14 -23.66 3.96
CA MET A 129 -39.49 -23.13 3.98
C MET A 129 -40.52 -24.12 3.44
N VAL A 130 -40.06 -25.04 2.61
CA VAL A 130 -40.90 -26.14 2.14
C VAL A 130 -41.39 -26.96 3.33
N ASN A 131 -40.47 -27.31 4.22
CA ASN A 131 -40.81 -28.06 5.41
C ASN A 131 -41.65 -27.24 6.39
N CYS A 132 -41.37 -25.94 6.44
CA CYS A 132 -42.14 -25.01 7.25
C CYS A 132 -43.60 -24.99 6.79
N ILE A 133 -43.79 -24.92 5.48
CA ILE A 133 -45.13 -24.92 4.88
C ILE A 133 -45.91 -26.19 5.22
N GLU A 134 -45.30 -27.35 4.98
CA GLU A 134 -45.93 -28.63 5.27
C GLU A 134 -46.27 -28.79 6.75
N GLN A 135 -45.37 -28.34 7.61
CA GLN A 135 -45.56 -28.45 9.05
C GLN A 135 -46.74 -27.61 9.51
N GLU A 136 -46.92 -26.44 8.90
CA GLU A 136 -48.04 -25.56 9.22
C GLU A 136 -49.36 -26.24 8.90
N VAL A 137 -49.40 -26.93 7.76
CA VAL A 137 -50.59 -27.66 7.35
C VAL A 137 -50.90 -28.82 8.30
N LEU A 138 -49.86 -29.59 8.63
CA LEU A 138 -50.03 -30.76 9.49
C LEU A 138 -50.48 -30.37 10.90
N LYS A 139 -49.97 -29.24 11.39
CA LYS A 139 -50.41 -28.70 12.67
C LYS A 139 -51.87 -28.31 12.63
N TRP A 140 -52.27 -27.65 11.54
CA TRP A 140 -53.66 -27.23 11.37
C TRP A 140 -54.59 -28.44 11.26
N LEU A 141 -54.16 -29.47 10.54
CA LEU A 141 -54.93 -30.69 10.38
C LEU A 141 -55.08 -31.43 11.70
N ALA A 142 -54.05 -31.32 12.55
CA ALA A 142 -54.08 -31.91 13.88
C ALA A 142 -55.19 -31.30 14.73
N LYS A 143 -55.40 -30.00 14.57
CA LYS A 143 -56.44 -29.28 15.31
C LYS A 143 -57.83 -29.81 14.98
N GLN A 144 -58.07 -30.11 13.70
CA GLN A 144 -59.39 -30.53 13.26
C GLN A 144 -59.71 -31.93 13.75
N VAL A 145 -58.67 -32.73 13.97
CA VAL A 145 -58.83 -34.11 14.40
C VAL A 145 -59.11 -34.17 15.90
N GLY A 146 -58.42 -33.32 16.66
CA GLY A 146 -58.61 -33.27 18.10
C GLY A 146 -57.32 -33.59 18.86
N PHE A 147 -56.19 -33.38 18.20
CA PHE A 147 -54.89 -33.60 18.84
C PHE A 147 -54.37 -32.26 19.36
N THR A 148 -54.55 -32.04 20.66
CA THR A 148 -54.25 -30.74 21.26
C THR A 148 -52.97 -30.78 22.09
N GLU A 149 -52.56 -31.99 22.45
CA GLU A 149 -51.44 -32.18 23.38
C GLU A 149 -50.09 -31.92 22.72
N ASN A 150 -49.58 -32.91 21.99
CA ASN A 150 -48.28 -32.79 21.35
C ASN A 150 -48.19 -33.70 20.12
N PRO A 151 -48.90 -33.33 19.05
CA PRO A 151 -49.04 -34.21 17.89
C PRO A 151 -47.85 -34.15 16.94
N GLY A 152 -47.88 -35.04 15.94
CA GLY A 152 -46.87 -35.09 14.91
C GLY A 152 -47.50 -35.60 13.64
N GLY A 153 -46.75 -35.53 12.54
CA GLY A 153 -47.29 -35.98 11.27
C GLY A 153 -46.32 -35.87 10.12
N VAL A 154 -46.64 -36.59 9.04
CA VAL A 154 -45.83 -36.57 7.84
C VAL A 154 -46.69 -36.78 6.60
N PHE A 155 -46.37 -36.03 5.54
CA PHE A 155 -47.05 -36.23 4.27
C PHE A 155 -46.63 -37.54 3.62
N VAL A 156 -47.61 -38.27 3.11
CA VAL A 156 -47.37 -39.56 2.48
C VAL A 156 -47.98 -39.57 1.09
N SER A 157 -47.65 -40.60 0.30
CA SER A 157 -48.10 -40.64 -1.09
C SER A 157 -49.57 -41.02 -1.19
N GLY A 158 -50.09 -41.64 -0.14
CA GLY A 158 -51.47 -42.11 -0.15
C GLY A 158 -51.87 -42.75 1.17
N GLY A 159 -53.10 -43.26 1.22
CA GLY A 159 -53.63 -43.86 2.44
C GLY A 159 -52.86 -45.09 2.86
N SER A 160 -52.41 -45.87 1.89
CA SER A 160 -51.61 -47.06 2.15
C SER A 160 -50.38 -46.70 2.96
N MET A 161 -49.69 -45.65 2.52
CA MET A 161 -48.48 -45.19 3.19
C MET A 161 -48.78 -44.59 4.56
N ALA A 162 -49.96 -43.99 4.68
CA ALA A 162 -50.42 -43.43 5.93
C ALA A 162 -50.70 -44.54 6.93
N ASN A 163 -51.32 -45.61 6.45
CA ASN A 163 -51.66 -46.74 7.30
C ASN A 163 -50.43 -47.46 7.84
N ILE A 164 -49.50 -47.80 6.96
CA ILE A 164 -48.29 -48.50 7.36
C ILE A 164 -47.42 -47.67 8.30
N THR A 165 -47.38 -46.36 8.09
CA THR A 165 -46.61 -45.46 8.96
C THR A 165 -47.14 -45.52 10.39
N ALA A 166 -48.46 -45.42 10.51
CA ALA A 166 -49.12 -45.46 11.81
C ALA A 166 -49.03 -46.85 12.45
N LEU A 167 -49.25 -47.88 11.64
CA LEU A 167 -49.23 -49.25 12.15
C LEU A 167 -47.83 -49.70 12.55
N THR A 168 -46.81 -49.12 11.92
CA THR A 168 -45.43 -49.39 12.31
C THR A 168 -45.17 -48.76 13.68
N ALA A 169 -45.71 -47.56 13.86
CA ALA A 169 -45.64 -46.86 15.14
C ALA A 169 -46.38 -47.64 16.21
N ALA A 170 -47.55 -48.17 15.84
CA ALA A 170 -48.34 -49.00 16.73
C ALA A 170 -47.57 -50.21 17.23
N ARG A 171 -46.89 -50.89 16.30
CA ARG A 171 -46.15 -52.10 16.59
C ARG A 171 -44.96 -51.87 17.52
N ASP A 172 -44.17 -50.84 17.23
CA ASP A 172 -42.98 -50.53 18.02
C ASP A 172 -43.34 -50.08 19.43
N ASN A 173 -44.58 -49.62 19.60
CA ASN A 173 -45.04 -49.11 20.88
C ASN A 173 -45.61 -50.20 21.78
N LYS A 174 -46.04 -51.30 21.17
CA LYS A 174 -46.75 -52.35 21.90
C LYS A 174 -46.01 -53.70 21.94
N LEU A 175 -45.18 -53.96 20.94
CA LEU A 175 -44.53 -55.27 20.84
C LEU A 175 -43.01 -55.19 20.80
N THR A 176 -42.38 -56.32 21.10
CA THR A 176 -40.94 -56.46 20.94
C THR A 176 -40.68 -57.47 19.82
N ASP A 177 -39.41 -57.71 19.51
CA ASP A 177 -39.07 -58.60 18.41
C ASP A 177 -39.34 -60.08 18.68
N ILE A 178 -39.38 -60.47 19.95
CA ILE A 178 -39.59 -61.89 20.27
C ILE A 178 -41.07 -62.25 20.46
N ASN A 179 -41.92 -61.26 20.64
CA ASN A 179 -43.35 -61.50 20.76
C ASN A 179 -44.15 -60.93 19.61
N LEU A 180 -43.46 -60.37 18.62
CA LEU A 180 -44.10 -59.81 17.44
C LEU A 180 -44.98 -60.83 16.72
N HIS A 181 -44.54 -62.08 16.73
CA HIS A 181 -45.30 -63.17 16.11
C HIS A 181 -46.58 -63.48 16.88
N LEU A 182 -46.71 -62.93 18.07
CA LEU A 182 -47.89 -63.18 18.89
C LEU A 182 -48.91 -62.05 18.80
N GLY A 183 -48.52 -60.95 18.16
CA GLY A 183 -49.38 -59.79 18.04
C GLY A 183 -50.58 -60.02 17.12
N THR A 184 -51.72 -59.48 17.52
CA THR A 184 -52.92 -59.58 16.69
C THR A 184 -53.56 -58.21 16.47
N ALA A 185 -54.12 -58.02 15.27
CA ALA A 185 -54.74 -56.76 14.92
C ALA A 185 -56.22 -56.97 14.62
N TYR A 186 -57.01 -55.92 14.76
CA TYR A 186 -58.45 -56.07 14.63
C TYR A 186 -59.07 -55.02 13.71
N ILE A 187 -59.76 -55.51 12.69
CA ILE A 187 -60.43 -54.65 11.72
C ILE A 187 -61.85 -55.18 11.45
N SER A 188 -62.59 -54.48 10.61
CA SER A 188 -63.93 -54.93 10.24
C SER A 188 -63.92 -55.52 8.83
N ASP A 189 -65.05 -56.10 8.42
CA ASP A 189 -65.15 -56.68 7.09
C ASP A 189 -65.38 -55.60 6.04
N GLN A 190 -65.44 -54.35 6.48
CA GLN A 190 -65.62 -53.20 5.60
C GLN A 190 -64.37 -52.33 5.57
N THR A 191 -63.37 -52.70 6.37
CA THR A 191 -62.11 -51.98 6.42
C THR A 191 -61.36 -52.14 5.09
N HIS A 192 -60.73 -51.05 4.64
CA HIS A 192 -60.00 -51.04 3.37
C HIS A 192 -58.89 -52.09 3.33
N SER A 193 -58.62 -52.60 2.13
CA SER A 193 -57.70 -53.71 1.93
C SER A 193 -56.24 -53.35 2.21
N SER A 194 -55.91 -52.07 2.12
CA SER A 194 -54.54 -51.61 2.34
C SER A 194 -54.10 -51.83 3.78
N VAL A 195 -55.06 -51.89 4.69
CA VAL A 195 -54.77 -52.02 6.11
C VAL A 195 -54.17 -53.38 6.45
N ALA A 196 -54.84 -54.46 6.03
CA ALA A 196 -54.36 -55.82 6.26
C ALA A 196 -53.04 -56.07 5.53
N LYS A 197 -52.93 -55.48 4.33
CA LYS A 197 -51.71 -55.59 3.53
C LYS A 197 -50.53 -54.96 4.26
N GLY A 198 -50.76 -53.78 4.83
CA GLY A 198 -49.74 -53.08 5.59
C GLY A 198 -49.35 -53.80 6.86
N LEU A 199 -50.32 -54.50 7.45
CA LEU A 199 -50.07 -55.30 8.64
C LEU A 199 -49.08 -56.43 8.35
N ARG A 200 -49.21 -57.04 7.17
CA ARG A 200 -48.28 -58.09 6.76
C ARG A 200 -46.86 -57.56 6.60
N ILE A 201 -46.74 -56.37 6.04
CA ILE A 201 -45.46 -55.73 5.79
C ILE A 201 -44.65 -55.50 7.05
N ILE A 202 -45.32 -55.11 8.13
CA ILE A 202 -44.62 -54.83 9.38
C ILE A 202 -44.48 -56.06 10.28
N GLY A 203 -44.99 -57.20 9.82
CA GLY A 203 -44.74 -58.45 10.51
C GLY A 203 -45.94 -59.13 11.14
N ILE A 204 -47.14 -58.72 10.78
CA ILE A 204 -48.34 -59.36 11.30
C ILE A 204 -48.97 -60.23 10.21
N THR A 205 -48.88 -61.55 10.37
CA THR A 205 -49.40 -62.48 9.38
C THR A 205 -50.92 -62.40 9.28
N ASP A 206 -51.46 -62.76 8.11
CA ASP A 206 -52.90 -62.70 7.85
C ASP A 206 -53.74 -63.53 8.81
N SER A 207 -53.18 -64.63 9.30
CA SER A 207 -53.88 -65.47 10.26
C SER A 207 -54.09 -64.76 11.60
N ARG A 208 -53.34 -63.68 11.81
CA ARG A 208 -53.43 -62.92 13.05
C ARG A 208 -54.10 -61.56 12.86
N ILE A 209 -54.82 -61.40 11.75
CA ILE A 209 -55.59 -60.19 11.49
C ILE A 209 -57.08 -60.54 11.54
N ARG A 210 -57.74 -60.13 12.62
CA ARG A 210 -59.14 -60.48 12.83
C ARG A 210 -60.09 -59.55 12.07
N ARG A 211 -61.01 -60.15 11.32
CA ARG A 211 -62.04 -59.39 10.61
C ARG A 211 -63.35 -59.41 11.39
N ILE A 212 -63.56 -58.40 12.22
CA ILE A 212 -64.78 -58.28 13.00
C ILE A 212 -65.99 -57.98 12.11
N PRO A 213 -67.08 -58.74 12.27
CA PRO A 213 -68.31 -58.51 11.51
C PRO A 213 -68.90 -57.12 11.74
N THR A 214 -69.80 -56.69 10.86
CA THR A 214 -70.39 -55.36 10.96
C THR A 214 -71.90 -55.37 11.18
N ASN A 215 -72.41 -54.22 11.62
CA ASN A 215 -73.85 -54.01 11.78
C ASN A 215 -74.60 -54.03 10.45
N SER A 216 -75.90 -53.78 10.51
CA SER A 216 -76.68 -53.49 9.31
C SER A 216 -76.29 -52.09 8.83
N HIS A 217 -75.76 -51.28 9.74
CA HIS A 217 -75.27 -49.96 9.42
C HIS A 217 -73.81 -49.99 8.99
N PHE A 218 -73.28 -51.20 8.83
CA PHE A 218 -71.90 -51.41 8.35
C PHE A 218 -70.83 -50.82 9.26
N GLN A 219 -71.15 -50.70 10.55
CA GLN A 219 -70.18 -50.26 11.55
C GLN A 219 -69.63 -51.48 12.26
N MET A 220 -68.39 -51.38 12.74
CA MET A 220 -67.75 -52.50 13.43
C MET A 220 -68.49 -52.88 14.71
N ASP A 221 -68.81 -54.16 14.85
CA ASP A 221 -69.47 -54.66 16.04
C ASP A 221 -68.48 -54.71 17.20
N THR A 222 -68.60 -53.75 18.11
CA THR A 222 -67.67 -53.65 19.22
C THR A 222 -67.86 -54.76 20.25
N THR A 223 -69.01 -55.42 20.19
CA THR A 223 -69.28 -56.56 21.08
C THR A 223 -68.49 -57.78 20.66
N LYS A 224 -68.59 -58.14 19.38
CA LYS A 224 -67.82 -59.27 18.84
C LYS A 224 -66.33 -58.97 18.85
N LEU A 225 -65.98 -57.70 18.78
CA LEU A 225 -64.58 -57.27 18.86
C LEU A 225 -63.96 -57.66 20.19
N GLU A 226 -64.63 -57.29 21.28
CA GLU A 226 -64.14 -57.61 22.62
C GLU A 226 -64.03 -59.11 22.84
N GLU A 227 -64.97 -59.86 22.26
CA GLU A 227 -64.97 -61.31 22.35
C GLU A 227 -63.71 -61.90 21.71
N ALA A 228 -63.36 -61.39 20.53
CA ALA A 228 -62.18 -61.86 19.82
C ALA A 228 -60.91 -61.48 20.56
N ILE A 229 -60.93 -60.32 21.22
CA ILE A 229 -59.79 -59.85 21.99
C ILE A 229 -59.56 -60.74 23.21
N GLU A 230 -60.62 -61.02 23.95
CA GLU A 230 -60.53 -61.87 25.14
C GLU A 230 -60.14 -63.30 24.77
N THR A 231 -60.67 -63.79 23.65
CA THR A 231 -60.33 -65.11 23.15
C THR A 231 -58.85 -65.21 22.78
N ASP A 232 -58.36 -64.22 22.04
CA ASP A 232 -56.96 -64.19 21.63
C ASP A 232 -56.01 -63.97 22.82
N LYS A 233 -56.45 -63.15 23.77
CA LYS A 233 -55.67 -62.89 24.98
C LYS A 233 -55.53 -64.18 25.78
N LYS A 234 -56.59 -64.98 25.77
CA LYS A 234 -56.61 -66.24 26.50
C LYS A 234 -55.77 -67.30 25.78
N SER A 235 -55.76 -67.23 24.45
CA SER A 235 -55.00 -68.16 23.62
C SER A 235 -53.49 -67.93 23.72
N GLY A 236 -53.11 -66.76 24.22
CA GLY A 236 -51.71 -66.40 24.37
C GLY A 236 -51.22 -65.36 23.38
N TYR A 237 -52.11 -64.90 22.51
CA TYR A 237 -51.77 -63.84 21.56
C TYR A 237 -51.71 -62.49 22.27
N ILE A 238 -51.10 -61.51 21.62
CA ILE A 238 -51.01 -60.17 22.19
C ILE A 238 -51.76 -59.16 21.32
N PRO A 239 -53.01 -58.87 21.68
CA PRO A 239 -53.79 -57.85 20.96
C PRO A 239 -53.14 -56.49 21.13
N PHE A 240 -52.75 -55.84 20.04
CA PHE A 240 -51.99 -54.60 20.16
C PHE A 240 -52.59 -53.40 19.43
N VAL A 241 -53.43 -53.64 18.43
CA VAL A 241 -54.00 -52.52 17.67
C VAL A 241 -55.38 -52.80 17.09
N VAL A 242 -56.26 -51.81 17.19
CA VAL A 242 -57.55 -51.83 16.49
C VAL A 242 -57.59 -50.70 15.48
N ILE A 243 -57.97 -51.02 14.24
CA ILE A 243 -58.11 -50.00 13.21
C ILE A 243 -59.58 -49.70 12.95
N GLY A 244 -60.03 -48.56 13.43
CA GLY A 244 -61.37 -48.10 13.15
C GLY A 244 -61.37 -47.26 11.90
N THR A 245 -62.44 -47.33 11.12
CA THR A 245 -62.52 -46.55 9.88
C THR A 245 -63.52 -45.41 9.99
N ALA A 246 -63.05 -44.19 9.75
CA ALA A 246 -63.93 -43.04 9.68
C ALA A 246 -64.25 -42.75 8.21
N GLY A 247 -65.26 -43.42 7.68
CA GLY A 247 -65.62 -43.26 6.29
C GLY A 247 -65.22 -44.45 5.43
N THR A 248 -65.93 -45.56 5.60
CA THR A 248 -65.69 -46.78 4.84
C THR A 248 -65.76 -46.53 3.34
N THR A 249 -64.87 -47.20 2.59
CA THR A 249 -64.81 -47.10 1.13
C THR A 249 -66.17 -47.31 0.46
N ASN A 250 -66.90 -48.34 0.91
CA ASN A 250 -68.16 -48.70 0.27
C ASN A 250 -69.36 -47.83 0.62
N THR A 251 -69.60 -47.59 1.91
CA THR A 251 -70.83 -46.94 2.35
C THR A 251 -70.61 -45.62 3.06
N GLY A 252 -69.36 -45.32 3.40
CA GLY A 252 -69.05 -44.10 4.12
C GLY A 252 -69.43 -44.20 5.58
N SER A 253 -69.61 -45.44 6.05
CA SER A 253 -69.98 -45.68 7.43
C SER A 253 -68.81 -45.38 8.37
N ILE A 254 -69.12 -45.10 9.63
CA ILE A 254 -68.10 -44.80 10.62
C ILE A 254 -68.19 -45.75 11.81
N ASP A 255 -67.09 -46.41 12.12
CA ASP A 255 -67.03 -47.31 13.28
C ASP A 255 -67.25 -46.56 14.58
N PRO A 256 -67.79 -47.25 15.60
CA PRO A 256 -68.04 -46.63 16.91
C PRO A 256 -66.74 -46.19 17.58
N LEU A 257 -66.35 -44.95 17.35
CA LEU A 257 -65.03 -44.47 17.74
C LEU A 257 -64.82 -44.44 19.25
N THR A 258 -65.84 -44.02 19.99
CA THR A 258 -65.74 -43.94 21.44
C THR A 258 -65.71 -45.34 22.07
N GLU A 259 -66.54 -46.23 21.55
CA GLU A 259 -66.60 -47.61 22.04
C GLU A 259 -65.27 -48.32 21.84
N ILE A 260 -64.69 -48.15 20.66
CA ILE A 260 -63.39 -48.77 20.34
C ILE A 260 -62.27 -48.21 21.19
N SER A 261 -62.23 -46.88 21.31
CA SER A 261 -61.22 -46.21 22.12
C SER A 261 -61.27 -46.67 23.58
N ALA A 262 -62.47 -46.91 24.08
CA ALA A 262 -62.65 -47.40 25.44
C ALA A 262 -61.98 -48.77 25.61
N LEU A 263 -62.25 -49.66 24.66
CA LEU A 263 -61.66 -50.99 24.68
C LEU A 263 -60.13 -50.96 24.58
N CYS A 264 -59.61 -50.03 23.78
CA CYS A 264 -58.17 -49.90 23.58
C CYS A 264 -57.43 -49.46 24.84
N LYS A 265 -58.02 -48.49 25.54
CA LYS A 265 -57.44 -48.00 26.79
C LYS A 265 -57.46 -49.10 27.84
N LYS A 266 -58.52 -49.90 27.81
CA LYS A 266 -58.71 -50.99 28.77
C LYS A 266 -57.74 -52.14 28.54
N HIS A 267 -57.52 -52.47 27.27
CA HIS A 267 -56.71 -53.63 26.91
C HIS A 267 -55.31 -53.26 26.43
N ASP A 268 -54.91 -52.02 26.69
CA ASP A 268 -53.58 -51.53 26.35
C ASP A 268 -53.28 -51.67 24.85
N MET A 269 -54.22 -51.26 24.02
CA MET A 269 -54.08 -51.39 22.57
C MET A 269 -53.99 -50.04 21.88
N TRP A 270 -53.26 -50.01 20.76
CA TRP A 270 -53.15 -48.81 19.94
C TRP A 270 -54.44 -48.63 19.15
N PHE A 271 -54.92 -47.39 19.07
CA PHE A 271 -56.12 -47.08 18.32
C PHE A 271 -55.77 -46.23 17.11
N HIS A 272 -55.92 -46.80 15.92
CA HIS A 272 -55.66 -46.06 14.70
C HIS A 272 -56.94 -45.88 13.88
N ILE A 273 -57.18 -44.66 13.44
CA ILE A 273 -58.34 -44.38 12.61
C ILE A 273 -57.96 -44.21 11.14
N ASP A 274 -58.56 -45.02 10.28
CA ASP A 274 -58.39 -44.89 8.84
C ASP A 274 -59.40 -43.88 8.30
N GLY A 275 -58.96 -42.63 8.18
CA GLY A 275 -59.82 -41.57 7.69
C GLY A 275 -59.36 -41.05 6.34
N ALA A 276 -58.91 -41.96 5.48
CA ALA A 276 -58.42 -41.59 4.15
C ALA A 276 -59.47 -40.75 3.42
N TYR A 277 -60.72 -41.15 3.53
CA TYR A 277 -61.82 -40.43 2.90
C TYR A 277 -62.55 -39.52 3.86
N GLY A 278 -63.02 -40.08 4.96
CA GLY A 278 -63.94 -39.40 5.86
C GLY A 278 -63.39 -38.34 6.79
N ALA A 279 -62.07 -38.27 6.94
CA ALA A 279 -61.47 -37.30 7.87
C ALA A 279 -61.71 -35.86 7.42
N SER A 280 -61.99 -35.68 6.13
CA SER A 280 -62.24 -34.36 5.58
C SER A 280 -63.52 -33.73 6.13
N VAL A 281 -64.45 -34.58 6.58
CA VAL A 281 -65.72 -34.12 7.13
C VAL A 281 -65.53 -33.19 8.34
N LEU A 282 -64.37 -33.30 8.99
CA LEU A 282 -64.01 -32.40 10.08
C LEU A 282 -64.01 -30.95 9.64
N LEU A 283 -63.86 -30.72 8.34
CA LEU A 283 -63.85 -29.37 7.78
C LEU A 283 -65.26 -28.86 7.54
N SER A 284 -66.24 -29.76 7.68
CA SER A 284 -67.64 -29.40 7.48
C SER A 284 -68.34 -29.15 8.82
N PRO A 285 -68.63 -27.87 9.13
CA PRO A 285 -69.27 -27.50 10.40
C PRO A 285 -70.62 -28.18 10.60
N LYS A 286 -71.31 -28.51 9.52
CA LYS A 286 -72.61 -29.15 9.62
C LYS A 286 -72.51 -30.63 10.02
N TYR A 287 -71.57 -31.35 9.42
CA TYR A 287 -71.45 -32.79 9.62
C TYR A 287 -70.24 -33.20 10.45
N LYS A 288 -69.54 -32.21 11.00
CA LYS A 288 -68.33 -32.43 11.80
C LYS A 288 -68.56 -33.37 12.99
N SER A 289 -69.76 -33.31 13.58
CA SER A 289 -70.07 -34.10 14.78
C SER A 289 -70.07 -35.61 14.54
N LEU A 290 -70.17 -36.02 13.28
CA LEU A 290 -70.16 -37.44 12.92
C LEU A 290 -68.83 -38.09 13.28
N LEU A 291 -67.78 -37.28 13.39
CA LEU A 291 -66.46 -37.79 13.70
C LEU A 291 -66.05 -37.42 15.11
N THR A 292 -66.97 -37.59 16.05
CA THR A 292 -66.67 -37.35 17.45
C THR A 292 -65.82 -38.49 18.01
N GLY A 293 -64.65 -38.16 18.53
CA GLY A 293 -63.79 -39.17 19.13
C GLY A 293 -62.56 -39.51 18.30
N THR A 294 -62.33 -38.75 17.22
CA THR A 294 -61.14 -38.95 16.42
C THR A 294 -59.88 -38.61 17.23
N GLY A 295 -60.04 -37.68 18.17
CA GLY A 295 -58.95 -37.27 19.03
C GLY A 295 -58.59 -38.31 20.08
N LEU A 296 -59.43 -39.34 20.19
CA LEU A 296 -59.17 -40.43 21.12
C LEU A 296 -58.13 -41.39 20.57
N ALA A 297 -58.05 -41.47 19.26
CA ALA A 297 -57.12 -42.38 18.59
C ALA A 297 -55.68 -41.93 18.78
N ASP A 298 -54.74 -42.86 18.66
CA ASP A 298 -53.33 -42.54 18.79
C ASP A 298 -52.75 -42.14 17.45
N SER A 299 -53.47 -42.45 16.38
CA SER A 299 -53.05 -42.09 15.03
C SER A 299 -54.23 -42.07 14.06
N ILE A 300 -54.09 -41.28 13.01
CA ILE A 300 -55.15 -41.16 12.01
C ILE A 300 -54.59 -40.85 10.62
N SER A 301 -55.22 -41.42 9.59
CA SER A 301 -54.82 -41.21 8.20
C SER A 301 -55.79 -40.25 7.52
N TRP A 302 -55.34 -39.62 6.44
CA TRP A 302 -56.13 -38.57 5.78
C TRP A 302 -55.61 -38.30 4.37
N ASP A 303 -56.46 -38.54 3.37
CA ASP A 303 -56.08 -38.29 1.98
C ASP A 303 -56.66 -36.97 1.48
N ALA A 304 -55.79 -36.10 0.96
CA ALA A 304 -56.23 -34.83 0.38
C ALA A 304 -56.69 -34.98 -1.07
N HIS A 305 -56.26 -36.05 -1.73
CA HIS A 305 -56.67 -36.31 -3.10
C HIS A 305 -58.06 -36.94 -3.21
N LYS A 306 -58.67 -37.17 -2.05
CA LYS A 306 -60.02 -37.71 -2.00
C LYS A 306 -61.10 -36.64 -1.83
N TRP A 307 -61.01 -35.85 -0.77
CA TRP A 307 -62.03 -34.85 -0.50
C TRP A 307 -61.47 -33.46 -0.22
N LEU A 308 -60.18 -33.27 -0.44
CA LEU A 308 -59.58 -31.95 -0.35
C LEU A 308 -59.20 -31.46 -1.74
N PHE A 309 -59.75 -32.14 -2.74
CA PHE A 309 -59.66 -31.72 -4.14
C PHE A 309 -58.22 -31.57 -4.63
N GLN A 310 -57.39 -32.55 -4.32
CA GLN A 310 -56.00 -32.57 -4.77
C GLN A 310 -55.76 -33.67 -5.80
N THR A 311 -54.71 -33.51 -6.59
CA THR A 311 -54.30 -34.56 -7.53
C THR A 311 -53.53 -35.65 -6.77
N TYR A 312 -53.57 -36.87 -7.28
CA TYR A 312 -52.81 -37.96 -6.69
C TYR A 312 -51.32 -37.70 -6.87
N GLY A 313 -50.54 -37.86 -5.80
CA GLY A 313 -51.06 -38.27 -4.51
C GLY A 313 -50.61 -37.35 -3.38
N CYS A 314 -51.56 -36.93 -2.55
CA CYS A 314 -51.29 -36.04 -1.43
C CYS A 314 -52.07 -36.51 -0.20
N ALA A 315 -51.40 -37.19 0.71
CA ALA A 315 -52.06 -37.70 1.91
C ALA A 315 -51.26 -37.43 3.18
N MET A 316 -51.94 -37.50 4.33
CA MET A 316 -51.31 -37.20 5.62
C MET A 316 -51.56 -38.32 6.61
N VAL A 317 -50.61 -38.51 7.52
CA VAL A 317 -50.84 -39.36 8.68
C VAL A 317 -50.47 -38.58 9.94
N LEU A 318 -51.35 -38.56 10.92
CA LEU A 318 -51.11 -37.83 12.16
C LEU A 318 -51.12 -38.76 13.37
N VAL A 319 -50.21 -38.50 14.31
CA VAL A 319 -50.19 -39.22 15.58
C VAL A 319 -50.39 -38.27 16.75
N LYS A 320 -50.98 -38.77 17.83
CA LYS A 320 -51.23 -37.96 19.00
C LYS A 320 -49.93 -37.62 19.73
N ASP A 321 -49.02 -38.58 19.75
CA ASP A 321 -47.73 -38.38 20.40
C ASP A 321 -46.61 -38.52 19.38
N ILE A 322 -45.97 -37.40 19.07
CA ILE A 322 -44.93 -37.37 18.05
C ILE A 322 -43.73 -38.25 18.40
N ARG A 323 -43.54 -38.50 19.70
CA ARG A 323 -42.44 -39.34 20.16
C ARG A 323 -42.54 -40.76 19.59
N ASN A 324 -43.75 -41.22 19.35
CA ASN A 324 -43.96 -42.55 18.78
C ASN A 324 -43.49 -42.66 17.34
N LEU A 325 -43.62 -41.57 16.58
CA LEU A 325 -43.08 -41.53 15.23
C LEU A 325 -41.57 -41.48 15.25
N PHE A 326 -41.01 -40.75 16.22
CA PHE A 326 -39.57 -40.67 16.39
C PHE A 326 -38.98 -42.04 16.69
N HIS A 327 -39.61 -42.77 17.61
CA HIS A 327 -39.13 -44.09 18.02
C HIS A 327 -39.14 -45.11 16.89
N SER A 328 -40.00 -44.91 15.90
CA SER A 328 -40.12 -45.84 14.79
C SER A 328 -39.24 -45.50 13.60
N PHE A 329 -38.97 -44.21 13.40
CA PHE A 329 -38.39 -43.76 12.14
C PHE A 329 -37.15 -42.86 12.26
N HIS A 330 -36.61 -42.72 13.47
CA HIS A 330 -35.39 -41.93 13.64
C HIS A 330 -34.20 -42.64 13.01
N VAL A 331 -33.22 -41.86 12.58
CA VAL A 331 -32.05 -42.41 11.89
C VAL A 331 -30.91 -42.71 12.86
N ASN A 332 -30.71 -41.84 13.85
CA ASN A 332 -29.60 -41.98 14.77
C ASN A 332 -30.01 -41.71 16.22
N PRO A 333 -29.52 -42.52 17.16
CA PRO A 333 -28.68 -43.70 16.92
C PRO A 333 -29.55 -44.95 16.80
N GLU A 334 -30.72 -44.80 16.18
CA GLU A 334 -31.71 -45.87 16.09
C GLU A 334 -32.15 -46.36 17.48
N TYR A 335 -31.98 -45.50 18.48
CA TYR A 335 -32.45 -45.75 19.85
C TYR A 335 -32.77 -44.45 20.59
N LEU A 336 -32.93 -43.37 19.83
CA LEU A 336 -33.23 -42.04 20.37
C LEU A 336 -34.27 -42.04 21.49
N ASP A 350 -39.70 -35.68 9.88
CA ASP A 350 -41.05 -35.82 10.45
C ASP A 350 -41.34 -37.04 11.35
N ILE A 351 -40.93 -38.26 10.99
CA ILE A 351 -40.31 -38.64 9.73
C ILE A 351 -40.91 -39.98 9.28
N GLY A 352 -40.16 -40.71 8.46
CA GLY A 352 -40.53 -42.07 8.08
C GLY A 352 -41.71 -42.17 7.13
N MET A 353 -41.66 -43.16 6.23
CA MET A 353 -40.55 -44.09 6.13
C MET A 353 -39.52 -43.55 5.17
N GLU A 354 -39.85 -42.42 4.56
CA GLU A 354 -39.00 -41.78 3.58
C GLU A 354 -38.08 -40.78 4.27
N LEU A 355 -36.96 -40.48 3.62
CA LEU A 355 -36.06 -39.44 4.10
C LEU A 355 -36.36 -38.17 3.32
N THR A 356 -35.98 -38.16 2.05
CA THR A 356 -36.34 -37.09 1.14
C THR A 356 -37.70 -37.40 0.51
N ARG A 357 -38.58 -36.40 0.47
CA ARG A 357 -39.93 -36.56 -0.05
C ARG A 357 -40.23 -35.53 -1.12
N PRO A 358 -41.18 -35.85 -2.02
CA PRO A 358 -41.72 -34.81 -2.89
C PRO A 358 -42.46 -33.79 -2.03
N ALA A 359 -42.41 -32.51 -2.39
CA ALA A 359 -43.07 -31.48 -1.61
C ALA A 359 -44.58 -31.56 -1.78
N ARG A 360 -45.17 -32.64 -1.27
CA ARG A 360 -46.58 -32.94 -1.47
C ARG A 360 -47.48 -31.90 -0.82
N GLY A 361 -47.09 -31.43 0.36
CA GLY A 361 -47.90 -30.52 1.15
C GLY A 361 -48.03 -29.12 0.59
N LEU A 362 -47.15 -28.76 -0.33
CA LEU A 362 -47.13 -27.41 -0.88
C LEU A 362 -48.38 -27.09 -1.69
N LYS A 363 -48.84 -28.06 -2.49
CA LYS A 363 -50.02 -27.87 -3.31
C LYS A 363 -51.30 -27.81 -2.49
N LEU A 364 -51.28 -28.48 -1.33
CA LEU A 364 -52.43 -28.43 -0.42
C LEU A 364 -52.48 -27.06 0.24
N TRP A 365 -51.32 -26.55 0.61
CA TRP A 365 -51.21 -25.22 1.21
C TRP A 365 -51.72 -24.16 0.24
N LEU A 366 -51.27 -24.23 -1.01
CA LEU A 366 -51.73 -23.31 -2.04
C LEU A 366 -53.24 -23.35 -2.18
N THR A 367 -53.80 -24.55 -2.14
CA THR A 367 -55.24 -24.74 -2.23
C THR A 367 -55.95 -24.11 -1.03
N LEU A 368 -55.39 -24.34 0.16
CA LEU A 368 -55.95 -23.80 1.39
C LEU A 368 -55.95 -22.28 1.39
N GLN A 369 -54.84 -21.69 0.95
CA GLN A 369 -54.73 -20.23 0.90
C GLN A 369 -55.67 -19.61 -0.13
N VAL A 370 -55.77 -20.24 -1.29
CA VAL A 370 -56.57 -19.71 -2.39
C VAL A 370 -58.08 -19.88 -2.19
N LEU A 371 -58.50 -21.08 -1.78
CA LEU A 371 -59.92 -21.36 -1.62
C LEU A 371 -60.47 -21.05 -0.24
N GLY A 372 -59.64 -21.23 0.78
CA GLY A 372 -60.08 -21.06 2.16
C GLY A 372 -60.83 -22.30 2.65
N SER A 373 -60.84 -22.50 3.96
CA SER A 373 -61.44 -23.71 4.54
C SER A 373 -62.97 -23.68 4.52
N ASP A 374 -63.55 -22.49 4.56
CA ASP A 374 -65.01 -22.36 4.50
C ASP A 374 -65.53 -22.90 3.17
N LEU A 375 -64.92 -22.43 2.08
CA LEU A 375 -65.32 -22.85 0.74
C LEU A 375 -65.16 -24.36 0.55
N ILE A 376 -64.04 -24.91 1.04
CA ILE A 376 -63.82 -26.35 1.01
C ILE A 376 -64.87 -27.09 1.84
N GLY A 377 -65.20 -26.52 2.99
CA GLY A 377 -66.24 -27.04 3.85
C GLY A 377 -67.59 -27.11 3.15
N SER A 378 -67.95 -26.03 2.46
CA SER A 378 -69.21 -25.96 1.74
C SER A 378 -69.32 -27.03 0.65
N ALA A 379 -68.20 -27.29 -0.02
CA ALA A 379 -68.16 -28.30 -1.07
C ALA A 379 -68.42 -29.69 -0.52
N ILE A 380 -67.81 -30.00 0.61
CA ILE A 380 -68.00 -31.28 1.28
C ILE A 380 -69.48 -31.49 1.62
N GLU A 381 -70.09 -30.47 2.21
CA GLU A 381 -71.51 -30.49 2.56
C GLU A 381 -72.40 -30.67 1.33
N HIS A 382 -71.96 -30.11 0.21
CA HIS A 382 -72.68 -30.28 -1.04
C HIS A 382 -72.61 -31.72 -1.51
N GLY A 383 -71.56 -32.43 -1.12
CA GLY A 383 -71.40 -33.83 -1.45
C GLY A 383 -72.45 -34.66 -0.76
N PHE A 384 -72.74 -34.32 0.49
CA PHE A 384 -73.80 -34.96 1.25
C PHE A 384 -75.15 -34.79 0.57
N GLN A 385 -75.45 -33.55 0.20
CA GLN A 385 -76.72 -33.20 -0.44
C GLN A 385 -76.95 -33.99 -1.73
N LEU A 386 -75.87 -34.24 -2.47
CA LEU A 386 -75.95 -34.98 -3.72
C LEU A 386 -76.40 -36.43 -3.51
N ALA A 387 -75.85 -37.05 -2.47
CA ALA A 387 -76.23 -38.42 -2.13
C ALA A 387 -77.68 -38.47 -1.68
N VAL A 388 -78.06 -37.49 -0.86
CA VAL A 388 -79.44 -37.35 -0.41
C VAL A 388 -80.40 -37.22 -1.59
N TRP A 389 -80.02 -36.40 -2.57
CA TRP A 389 -80.81 -36.20 -3.78
C TRP A 389 -80.99 -37.50 -4.56
N ALA A 390 -79.98 -38.36 -4.52
CA ALA A 390 -80.05 -39.66 -5.17
C ALA A 390 -81.07 -40.56 -4.47
N GLU A 391 -81.13 -40.47 -3.15
CA GLU A 391 -82.07 -41.27 -2.39
C GLU A 391 -83.49 -40.75 -2.52
N GLU A 392 -83.64 -39.42 -2.52
CA GLU A 392 -84.96 -38.81 -2.66
C GLU A 392 -85.58 -39.13 -4.02
N ALA A 393 -84.74 -39.26 -5.03
CA ALA A 393 -85.19 -39.59 -6.38
C ALA A 393 -85.46 -41.09 -6.54
N LEU A 394 -84.91 -41.89 -5.64
CA LEU A 394 -85.05 -43.34 -5.71
C LEU A 394 -86.28 -43.88 -4.98
N ASN A 395 -86.76 -43.12 -3.99
CA ASN A 395 -87.93 -43.53 -3.20
C ASN A 395 -89.21 -43.81 -4.02
N PRO A 396 -89.59 -42.89 -4.92
CA PRO A 396 -90.80 -43.19 -5.71
C PRO A 396 -90.59 -44.33 -6.69
N LYS A 397 -89.34 -44.55 -7.11
CA LYS A 397 -89.03 -45.61 -8.06
C LYS A 397 -89.43 -46.98 -7.51
N LYS A 398 -90.05 -47.80 -8.36
CA LYS A 398 -90.49 -49.13 -7.95
C LYS A 398 -89.37 -50.15 -8.12
N ASP A 399 -89.34 -51.13 -7.21
CA ASP A 399 -88.37 -52.23 -7.25
C ASP A 399 -86.93 -51.80 -7.05
N TRP A 400 -86.72 -50.56 -6.58
CA TRP A 400 -85.38 -50.08 -6.26
C TRP A 400 -85.14 -50.15 -4.76
N GLU A 401 -84.16 -50.95 -4.36
CA GLU A 401 -83.85 -51.16 -2.95
C GLU A 401 -82.65 -50.32 -2.51
N ILE A 402 -82.76 -49.71 -1.34
CA ILE A 402 -81.66 -48.94 -0.77
C ILE A 402 -80.85 -49.76 0.22
N VAL A 403 -79.76 -50.34 -0.25
CA VAL A 403 -78.90 -51.17 0.61
C VAL A 403 -78.22 -50.31 1.67
N SER A 404 -77.79 -49.13 1.28
CA SER A 404 -77.18 -48.18 2.21
C SER A 404 -77.68 -46.76 1.90
N PRO A 405 -78.31 -46.12 2.89
CA PRO A 405 -78.89 -44.78 2.72
C PRO A 405 -77.82 -43.74 2.47
N ALA A 406 -78.23 -42.53 2.11
CA ALA A 406 -77.29 -41.44 1.86
C ALA A 406 -76.47 -41.18 3.11
N GLN A 407 -75.19 -41.53 3.04
CA GLN A 407 -74.29 -41.39 4.17
C GLN A 407 -72.90 -41.00 3.69
N MET A 408 -72.47 -39.80 4.09
CA MET A 408 -71.15 -39.28 3.71
C MET A 408 -70.97 -39.28 2.18
N ALA A 409 -71.90 -38.62 1.49
CA ALA A 409 -71.86 -38.51 0.03
C ALA A 409 -71.89 -39.86 -0.71
N MET A 410 -72.24 -40.92 0.01
CA MET A 410 -72.31 -42.25 -0.60
C MET A 410 -73.70 -42.87 -0.47
N ILE A 411 -74.04 -43.71 -1.43
CA ILE A 411 -75.30 -44.45 -1.39
C ILE A 411 -75.17 -45.73 -2.21
N ASN A 412 -75.66 -46.83 -1.66
CA ASN A 412 -75.64 -48.11 -2.36
C ASN A 412 -77.06 -48.64 -2.54
N PHE A 413 -77.39 -48.98 -3.78
CA PHE A 413 -78.75 -49.36 -4.13
C PHE A 413 -78.76 -50.37 -5.28
N ARG A 414 -79.90 -51.01 -5.47
CA ARG A 414 -80.03 -52.02 -6.53
C ARG A 414 -81.45 -52.11 -7.07
N TYR A 415 -81.57 -52.56 -8.32
CA TYR A 415 -82.86 -52.82 -8.92
C TYR A 415 -83.18 -54.30 -8.79
N ALA A 416 -84.10 -54.63 -7.88
CA ALA A 416 -84.43 -56.02 -7.59
C ALA A 416 -85.90 -56.34 -7.80
N PRO A 417 -86.30 -56.61 -9.06
CA PRO A 417 -87.66 -57.08 -9.34
C PRO A 417 -87.87 -58.48 -8.78
N LYS A 418 -89.04 -58.71 -8.19
CA LYS A 418 -89.32 -59.97 -7.51
C LYS A 418 -89.34 -61.17 -8.47
N ASP A 419 -89.57 -60.90 -9.75
CA ASP A 419 -89.67 -61.96 -10.76
C ASP A 419 -88.33 -62.69 -10.95
N LEU A 420 -87.23 -61.93 -10.98
CA LEU A 420 -85.91 -62.52 -11.16
C LEU A 420 -85.35 -63.03 -9.84
N THR A 421 -84.84 -64.26 -9.87
CA THR A 421 -84.15 -64.85 -8.72
C THR A 421 -82.83 -64.14 -8.40
N LYS A 422 -82.25 -64.53 -7.28
CA LYS A 422 -81.00 -63.96 -6.77
C LYS A 422 -79.87 -63.74 -7.79
N GLU A 423 -79.50 -64.79 -8.50
CA GLU A 423 -78.39 -64.73 -9.45
C GLU A 423 -78.64 -63.77 -10.61
N GLU A 424 -79.81 -63.84 -11.23
CA GLU A 424 -80.12 -62.98 -12.36
C GLU A 424 -80.37 -61.53 -11.96
N GLN A 425 -80.59 -61.31 -10.66
CA GLN A 425 -80.68 -59.96 -10.13
C GLN A 425 -79.31 -59.29 -10.13
N ASP A 426 -78.29 -60.04 -9.74
CA ASP A 426 -76.92 -59.56 -9.74
C ASP A 426 -76.42 -59.29 -11.15
N ILE A 427 -76.76 -60.19 -12.07
CA ILE A 427 -76.41 -60.03 -13.47
C ILE A 427 -77.12 -58.80 -14.04
N LEU A 428 -78.35 -58.59 -13.58
CA LEU A 428 -79.14 -57.43 -13.98
C LEU A 428 -78.46 -56.12 -13.59
N ASN A 429 -78.06 -56.02 -12.33
CA ASN A 429 -77.41 -54.82 -11.80
C ASN A 429 -76.07 -54.50 -12.48
N GLU A 430 -75.37 -55.55 -12.90
CA GLU A 430 -74.10 -55.37 -13.60
C GLU A 430 -74.31 -54.86 -15.01
N LYS A 431 -75.38 -55.32 -15.67
CA LYS A 431 -75.71 -54.88 -17.02
C LYS A 431 -76.15 -53.41 -17.03
N ILE A 432 -76.79 -52.97 -15.96
CA ILE A 432 -77.20 -51.59 -15.83
C ILE A 432 -75.97 -50.70 -15.75
N SER A 433 -74.96 -51.16 -15.02
CA SER A 433 -73.70 -50.45 -14.88
C SER A 433 -73.01 -50.29 -16.24
N HIS A 434 -72.97 -51.38 -17.00
CA HIS A 434 -72.40 -51.35 -18.34
C HIS A 434 -73.20 -50.44 -19.27
N ARG A 435 -74.52 -50.45 -19.11
CA ARG A 435 -75.40 -49.71 -20.00
C ARG A 435 -75.21 -48.19 -19.87
N ILE A 436 -75.03 -47.72 -18.64
CA ILE A 436 -74.89 -46.29 -18.40
C ILE A 436 -73.47 -45.81 -18.70
N LEU A 437 -72.49 -46.71 -18.57
CA LEU A 437 -71.10 -46.38 -18.87
C LEU A 437 -70.89 -46.19 -20.37
N GLU A 438 -71.47 -47.07 -21.17
CA GLU A 438 -71.37 -46.99 -22.62
C GLU A 438 -72.09 -45.78 -23.16
N SER A 439 -73.13 -45.35 -22.46
CA SER A 439 -73.87 -44.16 -22.84
C SER A 439 -73.01 -42.93 -22.64
N GLY A 440 -72.04 -43.04 -21.73
CA GLY A 440 -71.11 -41.96 -21.46
C GLY A 440 -71.73 -40.81 -20.70
N TYR A 441 -72.94 -41.03 -20.18
CA TYR A 441 -73.65 -39.98 -19.46
C TYR A 441 -73.16 -39.86 -18.02
N ALA A 442 -72.91 -41.00 -17.39
CA ALA A 442 -72.43 -41.02 -16.02
C ALA A 442 -71.57 -42.25 -15.78
N ALA A 443 -70.71 -42.18 -14.76
CA ALA A 443 -69.89 -43.32 -14.37
C ALA A 443 -70.40 -43.92 -13.06
N ILE A 444 -71.01 -45.08 -13.16
CA ILE A 444 -71.49 -45.80 -11.98
C ILE A 444 -71.02 -47.24 -12.00
N PHE A 445 -70.33 -47.65 -10.94
CA PHE A 445 -69.74 -48.98 -10.87
C PHE A 445 -70.45 -49.83 -9.82
N THR A 446 -70.21 -51.13 -9.88
CA THR A 446 -70.84 -52.07 -8.96
C THR A 446 -69.90 -52.50 -7.85
N THR A 447 -70.44 -52.66 -6.65
CA THR A 447 -69.69 -53.19 -5.52
C THR A 447 -70.51 -54.27 -4.84
N VAL A 448 -69.83 -55.27 -4.30
CA VAL A 448 -70.52 -56.35 -3.59
C VAL A 448 -70.76 -55.94 -2.13
N LEU A 449 -72.03 -55.89 -1.75
CA LEU A 449 -72.41 -55.47 -0.41
C LEU A 449 -73.49 -56.41 0.12
N ASN A 450 -73.24 -56.98 1.30
CA ASN A 450 -74.13 -57.97 1.89
C ASN A 450 -74.37 -59.19 0.99
N GLY A 451 -73.36 -59.55 0.20
CA GLY A 451 -73.43 -60.74 -0.62
C GLY A 451 -74.04 -60.54 -2.00
N LYS A 452 -74.66 -59.38 -2.21
CA LYS A 452 -75.35 -59.10 -3.47
C LYS A 452 -74.71 -57.95 -4.25
N THR A 453 -74.75 -58.06 -5.58
CA THR A 453 -74.22 -57.01 -6.46
C THR A 453 -75.02 -55.73 -6.31
N VAL A 454 -74.32 -54.62 -6.08
CA VAL A 454 -74.99 -53.36 -5.78
C VAL A 454 -74.36 -52.18 -6.53
N LEU A 455 -75.21 -51.32 -7.08
CA LEU A 455 -74.75 -50.06 -7.68
C LEU A 455 -74.32 -49.08 -6.59
N ARG A 456 -73.22 -48.38 -6.82
CA ARG A 456 -72.69 -47.46 -5.82
C ARG A 456 -72.52 -46.05 -6.40
N ILE A 457 -72.92 -45.05 -5.62
CA ILE A 457 -72.73 -43.66 -6.04
C ILE A 457 -71.99 -42.86 -4.97
N CYS A 458 -70.83 -42.31 -5.35
CA CYS A 458 -70.14 -41.36 -4.51
C CYS A 458 -70.07 -40.02 -5.25
N ALA A 459 -70.91 -39.08 -4.84
CA ALA A 459 -71.02 -37.80 -5.52
C ALA A 459 -70.37 -36.71 -4.68
N ILE A 460 -69.18 -36.30 -5.10
CA ILE A 460 -68.43 -35.28 -4.38
C ILE A 460 -67.97 -34.16 -5.31
N HIS A 461 -68.52 -34.12 -6.52
CA HIS A 461 -68.20 -33.06 -7.46
C HIS A 461 -68.92 -31.79 -7.05
N PRO A 462 -68.15 -30.73 -6.75
CA PRO A 462 -68.67 -29.47 -6.20
C PRO A 462 -69.72 -28.79 -7.09
N GLU A 463 -69.75 -29.12 -8.37
CA GLU A 463 -70.66 -28.46 -9.29
C GLU A 463 -71.78 -29.36 -9.82
N ALA A 464 -71.91 -30.54 -9.23
CA ALA A 464 -72.99 -31.45 -9.60
C ALA A 464 -74.33 -30.95 -9.06
N THR A 465 -75.38 -31.09 -9.86
CA THR A 465 -76.68 -30.53 -9.52
C THR A 465 -77.72 -31.61 -9.20
N GLN A 466 -78.89 -31.17 -8.76
CA GLN A 466 -79.98 -32.09 -8.45
C GLN A 466 -80.48 -32.75 -9.74
N GLU A 467 -80.43 -32.02 -10.84
CA GLU A 467 -80.81 -32.53 -12.15
C GLU A 467 -79.86 -33.65 -12.55
N ASP A 468 -78.59 -33.49 -12.17
CA ASP A 468 -77.58 -34.51 -12.42
C ASP A 468 -77.93 -35.79 -11.69
N MET A 469 -78.35 -35.68 -10.44
CA MET A 469 -78.70 -36.85 -9.64
C MET A 469 -80.03 -37.44 -10.09
N GLN A 470 -80.99 -36.57 -10.38
CA GLN A 470 -82.32 -37.00 -10.79
C GLN A 470 -82.30 -37.76 -12.12
N HIS A 471 -81.71 -37.14 -13.14
CA HIS A 471 -81.61 -37.76 -14.46
C HIS A 471 -80.83 -39.06 -14.41
N THR A 472 -79.81 -39.11 -13.57
CA THR A 472 -78.99 -40.30 -13.41
C THR A 472 -79.85 -41.47 -12.91
N ILE A 473 -80.61 -41.22 -11.86
CA ILE A 473 -81.52 -42.22 -11.31
C ILE A 473 -82.61 -42.61 -12.30
N ASP A 474 -83.18 -41.60 -12.98
CA ASP A 474 -84.21 -41.84 -13.99
C ASP A 474 -83.65 -42.68 -15.13
N LEU A 475 -82.41 -42.42 -15.50
CA LEU A 475 -81.75 -43.16 -16.57
C LEU A 475 -81.44 -44.59 -16.14
N LEU A 476 -81.14 -44.78 -14.87
CA LEU A 476 -80.90 -46.12 -14.33
C LEU A 476 -82.19 -46.93 -14.31
N ASP A 477 -83.28 -46.28 -13.92
CA ASP A 477 -84.58 -46.93 -13.88
C ASP A 477 -85.03 -47.33 -15.28
N GLN A 478 -84.71 -46.47 -16.26
CA GLN A 478 -84.99 -46.78 -17.66
C GLN A 478 -84.26 -48.04 -18.10
N TYR A 479 -82.95 -48.06 -17.87
CA TYR A 479 -82.12 -49.21 -18.21
C TYR A 479 -82.53 -50.43 -17.40
N GLY A 480 -83.02 -50.19 -16.18
CA GLY A 480 -83.42 -51.27 -15.30
C GLY A 480 -84.57 -52.09 -15.87
N ARG A 481 -85.58 -51.41 -16.39
CA ARG A 481 -86.73 -52.09 -16.96
C ARG A 481 -86.53 -52.45 -18.43
N GLU A 482 -85.53 -51.85 -19.06
CA GLU A 482 -85.15 -52.24 -20.41
C GLU A 482 -84.52 -53.63 -20.41
N ILE A 483 -83.60 -53.86 -19.48
CA ILE A 483 -82.95 -55.16 -19.35
C ILE A 483 -83.91 -56.16 -18.73
N TYR A 484 -84.84 -55.66 -17.93
CA TYR A 484 -85.89 -56.48 -17.32
C TYR A 484 -86.73 -57.16 -18.40
N THR A 485 -87.23 -56.38 -19.35
CA THR A 485 -88.05 -56.93 -20.42
C THR A 485 -87.24 -57.79 -21.37
N GLU A 486 -85.92 -57.58 -21.38
CA GLU A 486 -85.03 -58.38 -22.22
C GLU A 486 -84.80 -59.77 -21.62
N MET A 487 -85.31 -59.97 -20.40
CA MET A 487 -85.27 -61.29 -19.77
C MET A 487 -86.45 -62.13 -20.25
N LYS A 488 -86.48 -62.42 -21.54
CA LYS A 488 -87.56 -63.22 -22.12
C LYS A 488 -87.45 -64.69 -21.73
N LYS A 489 -88.30 -65.10 -20.80
CA LYS A 489 -88.30 -66.49 -20.32
C LYS A 489 -89.71 -67.08 -20.37
N ALA A 490 -89.80 -68.35 -20.78
CA ALA A 490 -88.65 -69.15 -21.16
C ALA A 490 -88.84 -69.79 -22.53
N THR B 16 -47.16 23.97 25.67
CA THR B 16 -46.54 24.18 24.36
C THR B 16 -45.77 22.95 23.89
N GLU B 17 -45.54 22.01 24.80
CA GLU B 17 -44.82 20.78 24.46
C GLU B 17 -45.74 19.75 23.82
N TYR B 18 -47.02 20.08 23.75
CA TYR B 18 -48.01 19.20 23.13
C TYR B 18 -48.55 19.81 21.85
N ILE B 19 -47.77 20.72 21.28
CA ILE B 19 -48.13 21.34 20.01
C ILE B 19 -47.66 20.50 18.83
N LEU B 20 -46.38 20.13 18.85
CA LEU B 20 -45.77 19.38 17.75
C LEU B 20 -46.18 17.90 17.77
N ASN B 21 -46.13 17.29 18.95
CA ASN B 21 -46.49 15.89 19.09
C ASN B 21 -47.01 15.53 20.47
N SER B 22 -47.98 14.61 20.50
CA SER B 22 -48.52 14.10 21.74
C SER B 22 -49.00 12.68 21.50
N THR B 23 -49.21 11.93 22.58
CA THR B 23 -49.66 10.55 22.46
C THR B 23 -51.08 10.47 21.90
N GLN B 24 -51.90 11.47 22.22
CA GLN B 24 -53.27 11.53 21.70
C GLN B 24 -53.27 11.68 20.19
N LEU B 25 -52.29 12.40 19.66
CA LEU B 25 -52.17 12.62 18.22
C LEU B 25 -51.60 11.39 17.54
N GLU B 26 -50.55 10.83 18.13
CA GLU B 26 -49.90 9.63 17.62
C GLU B 26 -50.89 8.48 17.50
N GLU B 27 -51.81 8.41 18.46
CA GLU B 27 -52.86 7.41 18.45
C GLU B 27 -53.91 7.71 17.37
N ALA B 28 -54.32 8.97 17.28
CA ALA B 28 -55.33 9.38 16.32
C ALA B 28 -54.86 9.15 14.89
N ILE B 29 -53.56 9.36 14.65
CA ILE B 29 -52.97 9.13 13.35
C ILE B 29 -53.00 7.65 13.00
N LYS B 30 -52.51 6.84 13.93
CA LYS B 30 -52.48 5.39 13.75
C LYS B 30 -53.88 4.80 13.65
N SER B 31 -54.80 5.35 14.44
CA SER B 31 -56.20 4.91 14.41
C SER B 31 -56.87 5.21 13.08
N PHE B 32 -56.66 6.44 12.60
CA PHE B 32 -57.29 6.86 11.34
C PHE B 32 -56.81 6.03 10.15
N VAL B 33 -55.50 5.87 10.02
CA VAL B 33 -54.91 5.08 8.95
C VAL B 33 -55.45 3.66 8.97
N HIS B 34 -55.45 3.06 10.15
CA HIS B 34 -55.96 1.71 10.34
C HIS B 34 -57.44 1.59 9.95
N ASP B 35 -58.26 2.50 10.47
CA ASP B 35 -59.69 2.49 10.22
C ASP B 35 -60.03 2.76 8.76
N PHE B 36 -59.29 3.67 8.13
CA PHE B 36 -59.54 4.03 6.74
C PHE B 36 -59.18 2.89 5.79
N CYS B 37 -58.09 2.19 6.09
CA CYS B 37 -57.69 1.03 5.30
C CYS B 37 -58.73 -0.07 5.37
N ALA B 38 -59.40 -0.18 6.52
CA ALA B 38 -60.41 -1.21 6.72
C ALA B 38 -61.69 -0.89 5.95
N GLU B 39 -62.04 0.40 5.91
CA GLU B 39 -63.23 0.84 5.22
C GLU B 39 -63.01 0.88 3.70
N LYS B 40 -61.74 0.79 3.29
CA LYS B 40 -61.42 0.74 1.86
C LYS B 40 -61.88 -0.57 1.22
N HIS B 41 -62.15 -1.56 2.05
CA HIS B 41 -62.61 -2.86 1.56
C HIS B 41 -64.13 -2.93 1.45
N GLU B 42 -64.80 -1.85 1.83
CA GLU B 42 -66.24 -1.76 1.69
C GLU B 42 -66.65 -0.48 0.96
N ILE B 43 -66.00 -0.22 -0.17
CA ILE B 43 -66.34 0.91 -1.02
C ILE B 43 -67.57 0.59 -1.87
N HIS B 44 -67.65 -0.67 -2.30
CA HIS B 44 -68.78 -1.13 -3.12
C HIS B 44 -70.11 -1.00 -2.40
N ASP B 45 -70.12 -1.27 -1.10
CA ASP B 45 -71.34 -1.20 -0.31
C ASP B 45 -71.83 0.23 -0.14
N GLN B 46 -70.95 1.20 -0.38
CA GLN B 46 -71.27 2.60 -0.15
C GLN B 46 -71.73 3.31 -1.42
N PRO B 47 -72.63 4.30 -1.28
CA PRO B 47 -73.10 5.12 -2.41
C PRO B 47 -71.97 5.93 -3.02
N VAL B 48 -72.08 6.24 -4.31
CA VAL B 48 -71.04 6.99 -5.01
C VAL B 48 -70.97 8.42 -4.49
N VAL B 49 -72.12 9.07 -4.36
CA VAL B 49 -72.17 10.45 -3.88
C VAL B 49 -73.05 10.60 -2.64
N VAL B 50 -72.46 11.09 -1.56
CA VAL B 50 -73.22 11.40 -0.35
C VAL B 50 -73.45 12.91 -0.29
N GLU B 51 -74.71 13.32 -0.37
CA GLU B 51 -75.05 14.73 -0.42
C GLU B 51 -75.44 15.29 0.96
N ALA B 52 -75.09 16.54 1.21
CA ALA B 52 -75.37 17.19 2.48
C ALA B 52 -76.72 17.88 2.47
N LYS B 53 -77.39 17.88 3.63
CA LYS B 53 -78.64 18.61 3.79
C LYS B 53 -78.37 20.11 3.86
N GLU B 54 -79.42 20.91 3.81
CA GLU B 54 -79.26 22.36 3.71
C GLU B 54 -78.91 23.01 5.05
N HIS B 55 -78.95 22.22 6.12
CA HIS B 55 -78.62 22.73 7.45
C HIS B 55 -77.16 22.43 7.78
N GLN B 56 -76.51 21.66 6.92
CA GLN B 56 -75.15 21.19 7.17
C GLN B 56 -74.14 22.32 7.18
N GLU B 57 -74.36 23.33 6.33
CA GLU B 57 -73.48 24.48 6.26
C GLU B 57 -73.48 25.26 7.57
N ASP B 58 -74.66 25.48 8.12
CA ASP B 58 -74.80 26.20 9.38
C ASP B 58 -74.21 25.40 10.53
N LYS B 59 -74.27 24.08 10.40
CA LYS B 59 -73.71 23.18 11.40
C LYS B 59 -72.19 23.36 11.46
N ILE B 60 -71.61 23.76 10.33
CA ILE B 60 -70.18 24.04 10.26
C ILE B 60 -69.86 25.48 10.71
N LYS B 61 -70.70 26.42 10.32
CA LYS B 61 -70.49 27.83 10.66
C LYS B 61 -70.69 28.12 12.15
N GLN B 62 -71.36 27.21 12.85
CA GLN B 62 -71.62 27.40 14.27
C GLN B 62 -70.50 26.84 15.13
N ILE B 63 -69.60 26.10 14.51
CA ILE B 63 -68.38 25.67 15.17
C ILE B 63 -67.33 26.76 14.96
N LYS B 64 -66.87 27.36 16.05
CA LYS B 64 -65.92 28.45 15.95
C LYS B 64 -64.48 28.00 16.13
N ILE B 65 -63.55 28.91 15.90
CA ILE B 65 -62.14 28.67 16.16
C ILE B 65 -61.84 28.95 17.63
N PRO B 66 -61.70 27.89 18.43
CA PRO B 66 -61.63 28.03 19.87
C PRO B 66 -60.29 28.58 20.35
N GLU B 67 -60.30 29.26 21.49
CA GLU B 67 -59.08 29.74 22.10
C GLU B 67 -58.40 28.58 22.80
N LYS B 68 -59.22 27.73 23.41
CA LYS B 68 -58.74 26.54 24.10
C LYS B 68 -58.89 25.31 23.21
N GLY B 69 -57.85 24.48 23.17
CA GLY B 69 -57.84 23.30 22.32
C GLY B 69 -58.92 22.28 22.64
N ARG B 70 -59.28 21.48 21.65
CA ARG B 70 -60.27 20.43 21.82
C ARG B 70 -59.59 19.06 21.76
N PRO B 71 -60.18 18.05 22.39
CA PRO B 71 -59.63 16.69 22.34
C PRO B 71 -59.58 16.17 20.90
N VAL B 72 -58.46 15.55 20.53
CA VAL B 72 -58.16 15.25 19.13
C VAL B 72 -59.22 14.40 18.40
N ASN B 73 -59.59 13.27 18.98
CA ASN B 73 -60.54 12.38 18.33
C ASN B 73 -61.95 12.97 18.22
N GLU B 74 -62.24 13.95 19.08
CA GLU B 74 -63.51 14.66 19.01
C GLU B 74 -63.53 15.50 17.74
N VAL B 75 -62.41 16.16 17.45
CA VAL B 75 -62.26 16.95 16.24
C VAL B 75 -62.17 16.06 15.00
N VAL B 76 -61.45 14.96 15.12
CA VAL B 76 -61.28 14.02 14.01
C VAL B 76 -62.61 13.42 13.56
N SER B 77 -63.40 12.95 14.52
CA SER B 77 -64.72 12.39 14.24
C SER B 77 -65.62 13.44 13.61
N GLU B 78 -65.50 14.68 14.10
CA GLU B 78 -66.30 15.80 13.60
C GLU B 78 -66.02 16.07 12.12
N MET B 79 -64.75 16.00 11.74
CA MET B 79 -64.36 16.20 10.35
C MET B 79 -64.83 15.04 9.48
N MET B 80 -64.66 13.82 9.98
CA MET B 80 -65.07 12.61 9.26
C MET B 80 -66.58 12.57 9.00
N ASN B 81 -67.37 13.01 9.97
CA ASN B 81 -68.83 12.93 9.88
C ASN B 81 -69.49 14.17 9.25
N GLU B 82 -68.96 15.35 9.57
CA GLU B 82 -69.61 16.58 9.17
C GLU B 82 -68.95 17.26 7.96
N VAL B 83 -67.71 16.88 7.68
CA VAL B 83 -66.97 17.49 6.58
C VAL B 83 -66.61 16.50 5.47
N TYR B 84 -65.75 15.53 5.80
CA TYR B 84 -65.25 14.58 4.80
C TYR B 84 -66.33 13.65 4.25
N ARG B 85 -67.38 13.42 5.03
CA ARG B 85 -68.45 12.50 4.64
C ARG B 85 -69.13 12.89 3.34
N TYR B 86 -69.35 14.18 3.15
CA TYR B 86 -70.09 14.68 1.99
C TYR B 86 -69.16 14.96 0.82
N ARG B 87 -68.98 13.95 -0.03
CA ARG B 87 -68.08 14.05 -1.16
C ARG B 87 -68.48 13.05 -2.24
N GLY B 88 -67.85 13.15 -3.40
CA GLY B 88 -68.01 12.15 -4.44
C GLY B 88 -66.84 11.19 -4.38
N ASP B 89 -67.14 9.92 -4.10
CA ASP B 89 -66.10 8.92 -4.00
C ASP B 89 -65.58 8.56 -5.39
N ALA B 90 -64.47 9.18 -5.78
CA ALA B 90 -63.89 8.98 -7.10
C ALA B 90 -63.29 7.60 -7.25
N ASN B 91 -63.11 6.91 -6.13
CA ASN B 91 -62.56 5.56 -6.14
C ASN B 91 -63.64 4.51 -6.33
N HIS B 92 -64.87 4.96 -6.55
CA HIS B 92 -65.97 4.07 -6.87
C HIS B 92 -66.00 3.88 -8.39
N PRO B 93 -66.10 2.62 -8.84
CA PRO B 93 -66.00 2.26 -10.27
C PRO B 93 -67.02 2.99 -11.14
N ARG B 94 -68.12 3.43 -10.54
CA ARG B 94 -69.19 4.09 -11.29
C ARG B 94 -69.31 5.57 -10.96
N PHE B 95 -68.19 6.18 -10.58
CA PHE B 95 -68.11 7.63 -10.49
C PHE B 95 -67.61 8.16 -11.83
N PHE B 96 -68.55 8.54 -12.68
CA PHE B 96 -68.22 8.84 -14.08
C PHE B 96 -67.84 10.31 -14.34
N SER B 97 -67.19 10.92 -13.37
CA SER B 97 -66.54 12.21 -13.56
C SER B 97 -65.03 12.02 -13.45
N PHE B 98 -64.27 13.03 -13.83
CA PHE B 98 -62.81 12.92 -13.83
C PHE B 98 -62.16 14.03 -13.01
N VAL B 99 -62.96 15.01 -12.57
CA VAL B 99 -62.43 16.13 -11.80
C VAL B 99 -61.86 15.63 -10.46
N PRO B 100 -62.64 14.85 -9.70
CA PRO B 100 -61.91 14.07 -8.70
C PRO B 100 -61.41 12.81 -9.38
N GLY B 101 -60.10 12.69 -9.56
CA GLY B 101 -59.56 11.52 -10.21
C GLY B 101 -59.43 10.36 -9.25
N PRO B 102 -59.42 9.13 -9.79
CA PRO B 102 -59.15 7.95 -8.96
C PRO B 102 -57.74 8.06 -8.37
N ALA B 103 -57.65 8.06 -7.05
CA ALA B 103 -56.37 8.26 -6.38
C ALA B 103 -55.77 6.96 -5.88
N SER B 104 -54.61 6.61 -6.44
CA SER B 104 -53.90 5.42 -6.00
C SER B 104 -53.44 5.56 -4.56
N SER B 105 -53.42 4.44 -3.83
CA SER B 105 -52.94 4.44 -2.46
C SER B 105 -51.41 4.56 -2.40
N VAL B 106 -50.77 4.32 -3.53
CA VAL B 106 -49.34 4.58 -3.65
C VAL B 106 -49.12 6.08 -3.52
N SER B 107 -50.01 6.84 -4.14
CA SER B 107 -49.98 8.30 -4.07
C SER B 107 -50.29 8.77 -2.66
N TRP B 108 -51.24 8.11 -2.00
CA TRP B 108 -51.59 8.42 -0.62
C TRP B 108 -50.36 8.25 0.27
N LEU B 109 -49.63 7.15 0.05
CA LEU B 109 -48.39 6.89 0.77
C LEU B 109 -47.38 8.00 0.52
N GLY B 110 -47.33 8.47 -0.73
CA GLY B 110 -46.45 9.56 -1.11
C GLY B 110 -46.78 10.84 -0.35
N ASP B 111 -48.07 11.13 -0.22
CA ASP B 111 -48.51 12.28 0.55
C ASP B 111 -48.14 12.13 2.02
N ILE B 112 -48.37 10.93 2.56
CA ILE B 112 -48.06 10.65 3.96
C ILE B 112 -46.57 10.81 4.27
N MET B 113 -45.72 10.25 3.42
CA MET B 113 -44.27 10.35 3.61
C MET B 113 -43.77 11.78 3.45
N THR B 114 -44.19 12.44 2.37
CA THR B 114 -43.76 13.81 2.08
C THR B 114 -44.13 14.76 3.21
N SER B 115 -45.33 14.59 3.76
CA SER B 115 -45.80 15.43 4.85
C SER B 115 -45.09 15.10 6.16
N ALA B 116 -44.71 13.83 6.32
CA ALA B 116 -44.05 13.38 7.53
C ALA B 116 -42.67 14.02 7.69
N TYR B 117 -41.85 13.89 6.65
CA TYR B 117 -40.49 14.41 6.68
C TYR B 117 -40.43 15.94 6.64
N ASN B 118 -41.55 16.55 6.28
CA ASN B 118 -41.66 18.01 6.21
C ASN B 118 -40.61 18.63 5.30
N ILE B 119 -40.61 18.24 4.04
CA ILE B 119 -39.68 18.79 3.06
C ILE B 119 -40.41 19.55 1.97
N HIS B 120 -39.66 20.34 1.21
CA HIS B 120 -40.23 21.14 0.14
C HIS B 120 -39.32 21.10 -1.09
N ALA B 121 -39.88 21.43 -2.24
CA ALA B 121 -39.10 21.51 -3.48
C ALA B 121 -38.67 22.95 -3.72
N GLY B 122 -37.56 23.11 -4.43
CA GLY B 122 -37.02 24.43 -4.70
C GLY B 122 -36.58 25.12 -3.42
N GLY B 123 -36.68 26.45 -3.40
CA GLY B 123 -36.34 27.22 -2.23
C GLY B 123 -34.86 27.15 -1.86
N SER B 124 -34.54 26.34 -0.87
CA SER B 124 -33.16 26.20 -0.41
C SER B 124 -32.46 24.99 -0.99
N LYS B 125 -31.28 24.69 -0.48
CA LYS B 125 -30.49 23.56 -0.95
C LYS B 125 -30.32 22.52 0.14
N LEU B 126 -31.25 22.52 1.09
CA LEU B 126 -31.22 21.59 2.22
C LEU B 126 -31.76 20.22 1.81
N ALA B 127 -32.67 20.22 0.84
CA ALA B 127 -33.23 18.97 0.32
C ALA B 127 -32.97 18.84 -1.17
N PRO B 128 -31.72 18.54 -1.55
CA PRO B 128 -31.32 18.53 -2.96
C PRO B 128 -31.89 17.35 -3.73
N MET B 129 -32.06 16.22 -3.06
CA MET B 129 -32.57 15.02 -3.73
C MET B 129 -34.05 15.12 -4.06
N VAL B 130 -34.77 15.96 -3.33
CA VAL B 130 -36.17 16.25 -3.65
C VAL B 130 -36.26 16.83 -5.05
N ASN B 131 -35.41 17.81 -5.34
CA ASN B 131 -35.38 18.45 -6.65
C ASN B 131 -34.83 17.52 -7.74
N CYS B 132 -33.89 16.66 -7.37
CA CYS B 132 -33.37 15.68 -8.30
C CYS B 132 -34.46 14.72 -8.76
N ILE B 133 -35.26 14.26 -7.80
CA ILE B 133 -36.38 13.36 -8.08
C ILE B 133 -37.39 13.99 -9.05
N GLU B 134 -37.82 15.20 -8.73
CA GLU B 134 -38.78 15.92 -9.57
C GLU B 134 -38.24 16.14 -10.98
N GLN B 135 -36.96 16.49 -11.06
CA GLN B 135 -36.33 16.76 -12.36
C GLN B 135 -36.27 15.50 -13.22
N GLU B 136 -36.03 14.36 -12.59
CA GLU B 136 -35.98 13.09 -13.30
C GLU B 136 -37.33 12.76 -13.91
N VAL B 137 -38.40 13.01 -13.15
CA VAL B 137 -39.75 12.78 -13.63
C VAL B 137 -40.09 13.70 -14.80
N LEU B 138 -39.78 14.99 -14.65
CA LEU B 138 -40.08 15.98 -15.66
C LEU B 138 -39.32 15.71 -16.96
N LYS B 139 -38.09 15.23 -16.84
CA LYS B 139 -37.31 14.84 -18.00
C LYS B 139 -37.97 13.66 -18.71
N TRP B 140 -38.44 12.69 -17.94
CA TRP B 140 -39.11 11.52 -18.47
C TRP B 140 -40.43 11.91 -19.15
N LEU B 141 -41.16 12.82 -18.53
CA LEU B 141 -42.42 13.32 -19.09
C LEU B 141 -42.18 14.10 -20.37
N ALA B 142 -41.03 14.78 -20.44
CA ALA B 142 -40.65 15.52 -21.64
C ALA B 142 -40.47 14.60 -22.85
N LYS B 143 -39.93 13.41 -22.60
CA LYS B 143 -39.71 12.43 -23.65
C LYS B 143 -41.02 11.97 -24.30
N GLN B 144 -42.05 11.80 -23.48
CA GLN B 144 -43.31 11.27 -23.98
C GLN B 144 -44.03 12.31 -24.81
N VAL B 145 -43.74 13.59 -24.54
CA VAL B 145 -44.37 14.69 -25.25
C VAL B 145 -43.73 14.90 -26.61
N GLY B 146 -42.41 14.77 -26.67
CA GLY B 146 -41.67 14.93 -27.90
C GLY B 146 -40.65 16.05 -27.85
N PHE B 147 -40.23 16.40 -26.64
CA PHE B 147 -39.22 17.45 -26.45
C PHE B 147 -37.85 16.79 -26.29
N THR B 148 -37.08 16.80 -27.38
CA THR B 148 -35.82 16.07 -27.43
C THR B 148 -34.61 17.00 -27.36
N GLU B 149 -34.83 18.28 -27.65
CA GLU B 149 -33.76 19.25 -27.77
C GLU B 149 -33.19 19.68 -26.42
N ASN B 150 -33.87 20.62 -25.77
CA ASN B 150 -33.41 21.15 -24.49
C ASN B 150 -34.59 21.68 -23.67
N PRO B 151 -35.43 20.77 -23.16
CA PRO B 151 -36.69 21.15 -22.50
C PRO B 151 -36.52 21.56 -21.04
N GLY B 152 -37.61 22.03 -20.44
CA GLY B 152 -37.64 22.42 -19.04
C GLY B 152 -39.04 22.22 -18.48
N GLY B 153 -39.19 22.36 -17.17
CA GLY B 153 -40.49 22.14 -16.55
C GLY B 153 -40.53 22.38 -15.06
N VAL B 154 -41.74 22.53 -14.53
CA VAL B 154 -41.94 22.74 -13.11
C VAL B 154 -43.27 22.13 -12.67
N PHE B 155 -43.27 21.50 -11.50
CA PHE B 155 -44.50 20.96 -10.94
C PHE B 155 -45.40 22.08 -10.44
N VAL B 156 -46.69 21.98 -10.73
CA VAL B 156 -47.65 23.00 -10.33
C VAL B 156 -48.82 22.39 -9.58
N SER B 157 -49.64 23.24 -8.97
CA SER B 157 -50.74 22.75 -8.13
C SER B 157 -51.90 22.22 -8.96
N GLY B 158 -51.95 22.62 -10.23
CA GLY B 158 -53.03 22.21 -11.10
C GLY B 158 -52.90 22.73 -12.52
N GLY B 159 -53.89 22.43 -13.35
CA GLY B 159 -53.87 22.82 -14.75
C GLY B 159 -53.90 24.32 -14.94
N SER B 160 -54.67 25.01 -14.10
CA SER B 160 -54.75 26.46 -14.14
C SER B 160 -53.37 27.06 -13.98
N MET B 161 -52.63 26.56 -12.99
CA MET B 161 -51.28 27.04 -12.71
C MET B 161 -50.31 26.64 -13.81
N ALA B 162 -50.58 25.50 -14.43
CA ALA B 162 -49.78 25.03 -15.54
C ALA B 162 -49.98 25.95 -16.73
N ASN B 163 -51.24 26.33 -16.95
CA ASN B 163 -51.61 27.22 -18.04
C ASN B 163 -51.02 28.62 -17.89
N ILE B 164 -51.19 29.20 -16.71
CA ILE B 164 -50.67 30.54 -16.45
C ILE B 164 -49.15 30.57 -16.56
N THR B 165 -48.49 29.49 -16.15
CA THR B 165 -47.03 29.41 -16.27
C THR B 165 -46.58 29.49 -17.72
N ALA B 166 -47.23 28.70 -18.57
CA ALA B 166 -46.89 28.65 -19.99
C ALA B 166 -47.27 29.93 -20.72
N LEU B 167 -48.46 30.45 -20.45
CA LEU B 167 -48.95 31.66 -21.13
C LEU B 167 -48.16 32.90 -20.73
N THR B 168 -47.59 32.89 -19.51
CA THR B 168 -46.73 33.98 -19.07
C THR B 168 -45.44 33.93 -19.89
N ALA B 169 -44.95 32.71 -20.11
CA ALA B 169 -43.79 32.49 -20.94
C ALA B 169 -44.06 32.93 -22.38
N ALA B 170 -45.25 32.59 -22.87
CA ALA B 170 -45.71 32.99 -24.20
C ALA B 170 -45.67 34.51 -24.36
N ARG B 171 -46.19 35.21 -23.36
CA ARG B 171 -46.28 36.66 -23.39
C ARG B 171 -44.90 37.34 -23.40
N ASP B 172 -44.01 36.87 -22.52
CA ASP B 172 -42.68 37.45 -22.40
C ASP B 172 -41.81 37.20 -23.64
N ASN B 173 -42.18 36.20 -24.42
CA ASN B 173 -41.42 35.82 -25.61
C ASN B 173 -41.87 36.58 -26.84
N LYS B 174 -43.12 37.06 -26.83
CA LYS B 174 -43.69 37.66 -28.03
C LYS B 174 -44.05 39.15 -27.89
N LEU B 175 -44.30 39.58 -26.67
CA LEU B 175 -44.78 40.95 -26.45
C LEU B 175 -43.87 41.75 -25.53
N THR B 176 -43.99 43.07 -25.61
CA THR B 176 -43.31 43.97 -24.68
C THR B 176 -44.34 44.69 -23.81
N ASP B 177 -43.87 45.52 -22.89
CA ASP B 177 -44.77 46.21 -21.98
C ASP B 177 -45.61 47.30 -22.65
N ILE B 178 -45.13 47.81 -23.78
CA ILE B 178 -45.85 48.88 -24.47
C ILE B 178 -46.83 48.38 -25.54
N ASN B 179 -46.67 47.12 -25.96
CA ASN B 179 -47.59 46.54 -26.93
C ASN B 179 -48.42 45.38 -26.39
N LEU B 180 -48.26 45.11 -25.09
CA LEU B 180 -49.00 44.04 -24.42
C LEU B 180 -50.50 44.20 -24.59
N HIS B 181 -50.96 45.45 -24.60
CA HIS B 181 -52.37 45.76 -24.78
C HIS B 181 -52.86 45.42 -26.19
N LEU B 182 -51.92 45.15 -27.09
CA LEU B 182 -52.25 44.81 -28.48
C LEU B 182 -52.25 43.32 -28.74
N GLY B 183 -51.77 42.54 -27.77
CA GLY B 183 -51.70 41.09 -27.92
C GLY B 183 -53.05 40.42 -27.95
N THR B 184 -53.20 39.43 -28.82
CA THR B 184 -54.43 38.67 -28.90
C THR B 184 -54.18 37.17 -28.80
N ALA B 185 -55.10 36.47 -28.15
CA ALA B 185 -54.96 35.03 -27.95
C ALA B 185 -56.10 34.27 -28.59
N TYR B 186 -55.86 33.01 -28.91
CA TYR B 186 -56.82 32.21 -29.66
C TYR B 186 -57.10 30.85 -29.04
N ILE B 187 -58.36 30.61 -28.72
CA ILE B 187 -58.82 29.34 -28.17
C ILE B 187 -60.09 28.91 -28.88
N SER B 188 -60.62 27.74 -28.53
CA SER B 188 -61.86 27.25 -29.11
C SER B 188 -63.00 27.41 -28.10
N ASP B 189 -64.23 27.14 -28.55
CA ASP B 189 -65.38 27.24 -27.66
C ASP B 189 -65.48 26.04 -26.71
N GLN B 190 -64.54 25.11 -26.84
CA GLN B 190 -64.48 23.93 -26.00
C GLN B 190 -63.28 23.98 -25.06
N THR B 191 -62.49 25.04 -25.17
CA THR B 191 -61.33 25.24 -24.32
C THR B 191 -61.75 25.48 -22.87
N HIS B 192 -60.99 24.89 -21.94
CA HIS B 192 -61.26 25.03 -20.51
C HIS B 192 -61.23 26.50 -20.07
N SER B 193 -62.03 26.81 -19.06
CA SER B 193 -62.20 28.20 -18.61
C SER B 193 -60.96 28.78 -17.96
N SER B 194 -60.09 27.91 -17.45
CA SER B 194 -58.87 28.35 -16.77
C SER B 194 -57.91 29.08 -17.71
N VAL B 195 -58.01 28.78 -19.00
CA VAL B 195 -57.10 29.37 -19.99
C VAL B 195 -57.36 30.86 -20.18
N ALA B 196 -58.61 31.21 -20.45
CA ALA B 196 -59.01 32.60 -20.64
C ALA B 196 -58.82 33.41 -19.36
N LYS B 197 -59.08 32.75 -18.23
CA LYS B 197 -58.88 33.36 -16.92
C LYS B 197 -57.40 33.68 -16.69
N GLY B 198 -56.54 32.74 -17.07
CA GLY B 198 -55.11 32.91 -16.93
C GLY B 198 -54.56 33.99 -17.84
N LEU B 199 -55.17 34.13 -19.02
CA LEU B 199 -54.79 35.17 -19.97
C LEU B 199 -55.02 36.57 -19.40
N ARG B 200 -56.13 36.75 -18.69
CA ARG B 200 -56.44 38.02 -18.04
C ARG B 200 -55.41 38.40 -16.99
N ILE B 201 -54.97 37.40 -16.23
CA ILE B 201 -54.02 37.62 -15.14
C ILE B 201 -52.68 38.18 -15.62
N ILE B 202 -52.23 37.71 -16.78
CA ILE B 202 -50.95 38.14 -17.34
C ILE B 202 -51.05 39.37 -18.24
N GLY B 203 -52.27 39.89 -18.39
CA GLY B 203 -52.46 41.17 -19.06
C GLY B 203 -53.20 41.16 -20.38
N ILE B 204 -53.86 40.05 -20.69
CA ILE B 204 -54.65 39.96 -21.92
C ILE B 204 -56.14 40.04 -21.63
N THR B 205 -56.76 41.16 -21.99
CA THR B 205 -58.17 41.38 -21.71
C THR B 205 -59.08 40.40 -22.47
N ASP B 206 -60.26 40.15 -21.90
CA ASP B 206 -61.23 39.21 -22.47
C ASP B 206 -61.66 39.54 -23.90
N SER B 207 -61.70 40.84 -24.22
CA SER B 207 -62.05 41.28 -25.56
C SER B 207 -61.01 40.87 -26.58
N ARG B 208 -59.83 40.50 -26.09
CA ARG B 208 -58.74 40.09 -26.98
C ARG B 208 -58.45 38.59 -26.91
N ILE B 209 -59.41 37.84 -26.39
CA ILE B 209 -59.31 36.38 -26.38
C ILE B 209 -60.35 35.80 -27.33
N ARG B 210 -59.90 35.30 -28.46
CA ARG B 210 -60.80 34.82 -29.51
C ARG B 210 -61.29 33.40 -29.26
N ARG B 211 -62.60 33.21 -29.33
CA ARG B 211 -63.20 31.90 -29.20
C ARG B 211 -63.55 31.34 -30.59
N ILE B 212 -62.61 30.61 -31.18
CA ILE B 212 -62.81 30.00 -32.48
C ILE B 212 -63.85 28.88 -32.39
N PRO B 213 -64.84 28.89 -33.29
CA PRO B 213 -65.85 27.83 -33.33
C PRO B 213 -65.22 26.46 -33.58
N THR B 214 -65.98 25.40 -33.30
CA THR B 214 -65.45 24.04 -33.43
C THR B 214 -66.19 23.19 -34.46
N ASN B 215 -65.57 22.08 -34.85
CA ASN B 215 -66.16 21.11 -35.75
C ASN B 215 -67.39 20.43 -35.15
N SER B 216 -67.95 19.48 -35.91
CA SER B 216 -68.93 18.56 -35.36
C SER B 216 -68.21 17.57 -34.45
N HIS B 217 -66.90 17.44 -34.67
CA HIS B 217 -66.06 16.59 -33.84
C HIS B 217 -65.48 17.36 -32.65
N PHE B 218 -65.95 18.58 -32.46
CA PHE B 218 -65.55 19.44 -31.35
C PHE B 218 -64.06 19.80 -31.37
N GLN B 219 -63.47 19.81 -32.56
CA GLN B 219 -62.09 20.25 -32.72
C GLN B 219 -62.07 21.68 -33.26
N MET B 220 -61.02 22.42 -32.91
CA MET B 220 -60.89 23.81 -33.34
C MET B 220 -60.81 23.95 -34.85
N ASP B 221 -61.65 24.81 -35.41
CA ASP B 221 -61.63 25.08 -36.85
C ASP B 221 -60.43 25.95 -37.22
N THR B 222 -59.42 25.33 -37.80
CA THR B 222 -58.18 26.03 -38.12
C THR B 222 -58.36 26.99 -39.30
N THR B 223 -59.44 26.81 -40.05
CA THR B 223 -59.76 27.70 -41.15
C THR B 223 -60.24 29.04 -40.62
N LYS B 224 -61.23 28.99 -39.74
CA LYS B 224 -61.74 30.20 -39.10
C LYS B 224 -60.68 30.83 -38.20
N LEU B 225 -59.78 29.99 -37.68
CA LEU B 225 -58.68 30.45 -36.83
C LEU B 225 -57.75 31.40 -37.60
N GLU B 226 -57.31 30.97 -38.77
CA GLU B 226 -56.42 31.79 -39.59
C GLU B 226 -57.12 33.08 -40.00
N GLU B 227 -58.43 33.00 -40.22
CA GLU B 227 -59.22 34.17 -40.56
C GLU B 227 -59.18 35.21 -39.45
N ALA B 228 -59.34 34.75 -38.21
CA ALA B 228 -59.33 35.63 -37.05
C ALA B 228 -57.94 36.25 -36.85
N ILE B 229 -56.91 35.48 -37.18
CA ILE B 229 -55.53 35.94 -37.07
C ILE B 229 -55.23 37.04 -38.07
N GLU B 230 -55.61 36.81 -39.33
CA GLU B 230 -55.39 37.79 -40.40
C GLU B 230 -56.21 39.05 -40.16
N THR B 231 -57.44 38.88 -39.68
CA THR B 231 -58.31 40.01 -39.36
C THR B 231 -57.72 40.89 -38.25
N ASP B 232 -57.27 40.25 -37.18
CA ASP B 232 -56.67 40.98 -36.05
C ASP B 232 -55.33 41.61 -36.43
N LYS B 233 -54.58 40.92 -37.28
CA LYS B 233 -53.30 41.43 -37.77
C LYS B 233 -53.49 42.70 -38.59
N LYS B 234 -54.60 42.74 -39.32
CA LYS B 234 -54.93 43.87 -40.17
C LYS B 234 -55.41 45.05 -39.34
N SER B 235 -56.09 44.75 -38.24
CA SER B 235 -56.58 45.79 -37.33
C SER B 235 -55.45 46.43 -36.52
N GLY B 236 -54.30 45.76 -36.47
CA GLY B 236 -53.17 46.28 -35.74
C GLY B 236 -52.86 45.55 -34.44
N TYR B 237 -53.65 44.52 -34.14
CA TYR B 237 -53.40 43.69 -32.96
C TYR B 237 -52.20 42.78 -33.20
N ILE B 238 -51.65 42.21 -32.13
CA ILE B 238 -50.52 41.30 -32.25
C ILE B 238 -50.87 39.88 -31.82
N PRO B 239 -51.23 39.01 -32.78
CA PRO B 239 -51.48 37.61 -32.47
C PRO B 239 -50.20 36.96 -31.99
N PHE B 240 -50.22 36.43 -30.76
CA PHE B 240 -49.00 35.92 -30.15
C PHE B 240 -49.07 34.48 -29.65
N VAL B 241 -50.28 33.98 -29.38
CA VAL B 241 -50.43 32.62 -28.87
C VAL B 241 -51.75 31.95 -29.28
N VAL B 242 -51.65 30.68 -29.65
CA VAL B 242 -52.82 29.83 -29.83
C VAL B 242 -52.75 28.69 -28.81
N ILE B 243 -53.83 28.47 -28.09
CA ILE B 243 -53.89 27.38 -27.12
C ILE B 243 -54.72 26.23 -27.65
N GLY B 244 -54.05 25.16 -28.06
CA GLY B 244 -54.74 23.96 -28.49
C GLY B 244 -54.92 23.02 -27.30
N THR B 245 -56.02 22.28 -27.31
CA THR B 245 -56.30 21.35 -26.22
C THR B 245 -56.18 19.89 -26.65
N ALA B 246 -55.34 19.14 -25.95
CA ALA B 246 -55.25 17.70 -26.15
C ALA B 246 -56.10 17.01 -25.09
N GLY B 247 -57.39 16.85 -25.38
CA GLY B 247 -58.30 16.23 -24.43
C GLY B 247 -59.26 17.22 -23.78
N THR B 248 -60.24 17.68 -24.56
CA THR B 248 -61.25 18.62 -24.09
C THR B 248 -62.00 18.11 -22.85
N THR B 249 -62.30 19.02 -21.91
CA THR B 249 -63.03 18.70 -20.70
C THR B 249 -64.34 17.95 -20.98
N ASN B 250 -65.10 18.42 -21.96
CA ASN B 250 -66.42 17.86 -22.26
C ASN B 250 -66.41 16.54 -23.03
N THR B 251 -65.68 16.49 -24.15
CA THR B 251 -65.78 15.35 -25.06
C THR B 251 -64.49 14.56 -25.24
N GLY B 252 -63.38 15.10 -24.77
CA GLY B 252 -62.09 14.44 -24.92
C GLY B 252 -61.53 14.57 -26.32
N SER B 253 -62.06 15.53 -27.07
CA SER B 253 -61.62 15.77 -28.44
C SER B 253 -60.23 16.41 -28.46
N ILE B 254 -59.52 16.25 -29.58
CA ILE B 254 -58.18 16.82 -29.71
C ILE B 254 -58.11 17.78 -30.89
N ASP B 255 -57.68 19.00 -30.64
CA ASP B 255 -57.52 20.01 -31.70
C ASP B 255 -56.46 19.57 -32.72
N PRO B 256 -56.61 20.04 -33.97
CA PRO B 256 -55.65 19.69 -35.02
C PRO B 256 -54.27 20.24 -34.69
N LEU B 257 -53.45 19.42 -34.04
CA LEU B 257 -52.18 19.89 -33.47
C LEU B 257 -51.18 20.34 -34.52
N THR B 258 -51.11 19.60 -35.62
CA THR B 258 -50.17 19.93 -36.69
C THR B 258 -50.59 21.19 -37.45
N GLU B 259 -51.89 21.31 -37.72
CA GLU B 259 -52.45 22.46 -38.42
C GLU B 259 -52.22 23.77 -37.65
N ILE B 260 -52.45 23.71 -36.34
CA ILE B 260 -52.26 24.88 -35.49
C ILE B 260 -50.79 25.27 -35.44
N SER B 261 -49.93 24.27 -35.25
CA SER B 261 -48.49 24.47 -35.21
C SER B 261 -47.98 25.09 -36.51
N ALA B 262 -48.56 24.68 -37.63
CA ALA B 262 -48.21 25.25 -38.92
C ALA B 262 -48.52 26.73 -38.94
N LEU B 263 -49.73 27.07 -38.48
CA LEU B 263 -50.17 28.45 -38.39
C LEU B 263 -49.29 29.26 -37.43
N CYS B 264 -48.86 28.63 -36.34
CA CYS B 264 -48.04 29.31 -35.34
C CYS B 264 -46.65 29.67 -35.85
N LYS B 265 -46.03 28.75 -36.59
CA LYS B 265 -44.72 29.00 -37.18
C LYS B 265 -44.79 30.10 -38.23
N LYS B 266 -45.89 30.13 -38.97
CA LYS B 266 -46.09 31.10 -40.04
C LYS B 266 -46.30 32.51 -39.53
N HIS B 267 -47.08 32.65 -38.46
CA HIS B 267 -47.46 33.97 -37.96
C HIS B 267 -46.67 34.37 -36.71
N ASP B 268 -45.57 33.67 -36.47
CA ASP B 268 -44.68 33.95 -35.35
C ASP B 268 -45.42 33.92 -34.01
N MET B 269 -46.20 32.87 -33.80
CA MET B 269 -47.01 32.74 -32.60
C MET B 269 -46.56 31.58 -31.73
N TRP B 270 -46.73 31.73 -30.42
CA TRP B 270 -46.44 30.67 -29.46
C TRP B 270 -47.54 29.61 -29.53
N PHE B 271 -47.13 28.35 -29.49
CA PHE B 271 -48.10 27.25 -29.51
C PHE B 271 -48.09 26.55 -28.15
N HIS B 272 -49.20 26.67 -27.43
CA HIS B 272 -49.36 26.01 -26.15
C HIS B 272 -50.45 24.95 -26.18
N ILE B 273 -50.13 23.77 -25.67
CA ILE B 273 -51.11 22.68 -25.57
C ILE B 273 -51.64 22.52 -24.16
N ASP B 274 -52.95 22.62 -24.01
CA ASP B 274 -53.60 22.33 -22.74
C ASP B 274 -53.91 20.84 -22.68
N GLY B 275 -53.00 20.07 -22.09
CA GLY B 275 -53.16 18.64 -22.00
C GLY B 275 -53.36 18.15 -20.57
N ALA B 276 -54.12 18.91 -19.79
CA ALA B 276 -54.38 18.56 -18.39
C ALA B 276 -54.91 17.15 -18.26
N TYR B 277 -55.82 16.78 -19.16
CA TYR B 277 -56.39 15.44 -19.13
C TYR B 277 -55.74 14.50 -20.13
N GLY B 278 -55.71 14.89 -21.39
CA GLY B 278 -55.33 13.99 -22.47
C GLY B 278 -53.86 13.68 -22.65
N ALA B 279 -52.98 14.44 -22.01
CA ALA B 279 -51.54 14.21 -22.18
C ALA B 279 -51.08 12.87 -21.64
N SER B 280 -51.87 12.29 -20.74
CA SER B 280 -51.54 11.00 -20.15
C SER B 280 -51.60 9.87 -21.18
N VAL B 281 -52.40 10.08 -22.22
CA VAL B 281 -52.59 9.10 -23.28
C VAL B 281 -51.25 8.77 -23.98
N LEU B 282 -50.29 9.68 -23.86
CA LEU B 282 -48.94 9.44 -24.36
C LEU B 282 -48.32 8.19 -23.73
N LEU B 283 -48.83 7.81 -22.57
CA LEU B 283 -48.34 6.63 -21.87
C LEU B 283 -49.04 5.37 -22.38
N SER B 284 -50.06 5.56 -23.22
CA SER B 284 -50.80 4.44 -23.80
C SER B 284 -50.32 4.15 -25.21
N PRO B 285 -49.57 3.05 -25.37
CA PRO B 285 -48.98 2.67 -26.66
C PRO B 285 -50.01 2.47 -27.78
N LYS B 286 -51.23 2.09 -27.41
CA LYS B 286 -52.29 1.88 -28.38
C LYS B 286 -52.87 3.19 -28.90
N TYR B 287 -53.08 4.14 -27.99
CA TYR B 287 -53.73 5.40 -28.34
C TYR B 287 -52.78 6.59 -28.37
N LYS B 288 -51.48 6.32 -28.22
CA LYS B 288 -50.45 7.35 -28.22
C LYS B 288 -50.48 8.20 -29.49
N SER B 289 -50.80 7.55 -30.62
CA SER B 289 -50.79 8.21 -31.92
C SER B 289 -51.84 9.31 -32.01
N LEU B 290 -52.83 9.28 -31.13
CA LEU B 290 -53.89 10.29 -31.11
C LEU B 290 -53.32 11.67 -30.80
N LEU B 291 -52.18 11.69 -30.13
CA LEU B 291 -51.53 12.93 -29.73
C LEU B 291 -50.30 13.20 -30.56
N THR B 292 -50.40 13.02 -31.86
CA THR B 292 -49.27 13.28 -32.75
C THR B 292 -49.08 14.77 -32.94
N GLY B 293 -47.88 15.25 -32.63
CA GLY B 293 -47.54 16.65 -32.84
C GLY B 293 -47.44 17.48 -31.56
N THR B 294 -47.49 16.80 -30.42
CA THR B 294 -47.33 17.48 -29.13
C THR B 294 -45.94 18.08 -29.01
N GLY B 295 -44.96 17.46 -29.66
CA GLY B 295 -43.60 17.93 -29.63
C GLY B 295 -43.38 19.19 -30.44
N LEU B 296 -44.38 19.56 -31.23
CA LEU B 296 -44.30 20.78 -32.03
C LEU B 296 -44.58 22.02 -31.19
N ALA B 297 -45.34 21.85 -30.12
CA ALA B 297 -45.73 22.97 -29.27
C ALA B 297 -44.54 23.51 -28.47
N ASP B 298 -44.64 24.77 -28.07
CA ASP B 298 -43.59 25.42 -27.29
C ASP B 298 -43.78 25.19 -25.79
N SER B 299 -44.99 24.79 -25.42
CA SER B 299 -45.30 24.51 -24.02
C SER B 299 -46.52 23.59 -23.92
N ILE B 300 -46.60 22.82 -22.84
CA ILE B 300 -47.71 21.88 -22.63
C ILE B 300 -48.02 21.66 -21.15
N SER B 301 -49.30 21.52 -20.85
CA SER B 301 -49.75 21.27 -19.48
C SER B 301 -50.14 19.80 -19.32
N TRP B 302 -50.12 19.31 -18.08
CA TRP B 302 -50.35 17.90 -17.81
C TRP B 302 -50.67 17.65 -16.33
N ASP B 303 -51.87 17.14 -16.06
CA ASP B 303 -52.28 16.83 -14.69
C ASP B 303 -52.13 15.35 -14.37
N ALA B 304 -51.39 15.06 -13.30
CA ALA B 304 -51.23 13.69 -12.85
C ALA B 304 -52.38 13.23 -11.96
N HIS B 305 -53.11 14.18 -11.40
CA HIS B 305 -54.26 13.87 -10.56
C HIS B 305 -55.51 13.54 -11.38
N LYS B 306 -55.38 13.60 -12.70
CA LYS B 306 -56.48 13.24 -13.59
C LYS B 306 -56.39 11.81 -14.10
N TRP B 307 -55.27 11.47 -14.75
CA TRP B 307 -55.14 10.15 -15.34
C TRP B 307 -53.83 9.44 -14.99
N LEU B 308 -53.09 10.01 -14.04
CA LEU B 308 -51.91 9.32 -13.50
C LEU B 308 -52.18 8.86 -12.07
N PHE B 309 -53.45 8.87 -11.70
CA PHE B 309 -53.91 8.29 -10.44
C PHE B 309 -53.26 8.91 -9.21
N GLN B 310 -53.19 10.24 -9.19
CA GLN B 310 -52.65 10.97 -8.06
C GLN B 310 -53.73 11.73 -7.30
N THR B 311 -53.44 12.05 -6.04
CA THR B 311 -54.32 12.90 -5.24
C THR B 311 -54.10 14.35 -5.66
N TYR B 312 -55.13 15.17 -5.52
CA TYR B 312 -54.99 16.59 -5.81
C TYR B 312 -54.06 17.22 -4.77
N GLY B 313 -53.10 18.03 -5.23
CA GLY B 313 -52.92 18.31 -6.64
C GLY B 313 -51.51 18.11 -7.13
N CYS B 314 -51.36 17.40 -8.24
CA CYS B 314 -50.05 17.12 -8.82
C CYS B 314 -50.13 17.26 -10.33
N ALA B 315 -49.67 18.40 -10.84
CA ALA B 315 -49.70 18.67 -12.26
C ALA B 315 -48.38 19.23 -12.76
N MET B 316 -48.15 19.12 -14.07
CA MET B 316 -46.88 19.55 -14.65
C MET B 316 -47.10 20.49 -15.81
N VAL B 317 -46.12 21.39 -16.01
CA VAL B 317 -46.05 22.17 -17.24
C VAL B 317 -44.65 22.02 -17.84
N LEU B 318 -44.60 21.68 -19.12
CA LEU B 318 -43.32 21.49 -19.81
C LEU B 318 -43.17 22.46 -20.98
N VAL B 319 -41.97 22.99 -21.15
CA VAL B 319 -41.65 23.83 -22.29
C VAL B 319 -40.54 23.23 -23.14
N LYS B 320 -40.56 23.52 -24.44
CA LYS B 320 -39.56 23.00 -25.36
C LYS B 320 -38.19 23.63 -25.13
N ASP B 321 -38.20 24.92 -24.80
CA ASP B 321 -36.95 25.62 -24.54
C ASP B 321 -36.95 26.17 -23.11
N ILE B 322 -36.09 25.59 -22.27
CA ILE B 322 -36.04 25.94 -20.86
C ILE B 322 -35.65 27.41 -20.65
N ARG B 323 -34.97 27.99 -21.63
CA ARG B 323 -34.57 29.40 -21.57
C ARG B 323 -35.77 30.33 -21.44
N ASN B 324 -36.90 29.91 -22.00
CA ASN B 324 -38.12 30.72 -21.93
C ASN B 324 -38.71 30.80 -20.52
N LEU B 325 -38.58 29.73 -19.74
CA LEU B 325 -39.01 29.74 -18.36
C LEU B 325 -38.08 30.60 -17.51
N PHE B 326 -36.79 30.53 -17.82
CA PHE B 326 -35.79 31.35 -17.14
C PHE B 326 -36.04 32.83 -17.37
N HIS B 327 -36.33 33.20 -18.61
CA HIS B 327 -36.57 34.60 -18.97
C HIS B 327 -37.80 35.19 -18.26
N SER B 328 -38.73 34.32 -17.91
CA SER B 328 -39.98 34.76 -17.27
C SER B 328 -39.92 34.73 -15.75
N PHE B 329 -39.11 33.84 -15.20
CA PHE B 329 -39.23 33.54 -13.77
C PHE B 329 -37.94 33.61 -12.96
N HIS B 330 -36.86 34.08 -13.57
CA HIS B 330 -35.59 34.20 -12.86
C HIS B 330 -35.69 35.30 -11.81
N VAL B 331 -34.89 35.17 -10.75
CA VAL B 331 -34.93 36.13 -9.65
C VAL B 331 -33.91 37.25 -9.85
N ASN B 332 -32.73 36.89 -10.35
CA ASN B 332 -31.64 37.85 -10.51
C ASN B 332 -30.93 37.69 -11.86
N PRO B 333 -30.59 38.82 -12.51
CA PRO B 333 -30.92 40.17 -12.07
C PRO B 333 -32.22 40.65 -12.72
N GLU B 334 -33.17 39.73 -12.86
CA GLU B 334 -34.43 39.98 -13.57
C GLU B 334 -34.19 40.42 -15.01
N TYR B 335 -33.03 40.04 -15.55
CA TYR B 335 -32.68 40.26 -16.95
C TYR B 335 -31.72 39.19 -17.46
N LEU B 336 -31.60 38.10 -16.70
CA LEU B 336 -30.70 36.98 -17.04
C LEU B 336 -30.71 36.58 -18.51
N ASP B 350 -36.61 26.02 -11.16
CA ASP B 350 -37.18 25.47 -12.38
C ASP B 350 -37.56 26.46 -13.52
N ILE B 351 -38.23 27.58 -13.25
CA ILE B 351 -38.79 27.98 -11.96
C ILE B 351 -40.17 28.57 -12.20
N GLY B 352 -40.63 29.40 -11.26
CA GLY B 352 -41.85 30.16 -11.42
C GLY B 352 -43.13 29.35 -11.37
N MET B 353 -44.19 29.94 -10.83
CA MET B 353 -44.15 31.30 -10.30
C MET B 353 -43.81 31.26 -8.82
N GLU B 354 -43.71 30.04 -8.31
CA GLU B 354 -43.43 29.82 -6.91
C GLU B 354 -41.92 29.71 -6.70
N LEU B 355 -41.46 30.00 -5.50
CA LEU B 355 -40.07 29.82 -5.15
C LEU B 355 -39.91 28.48 -4.44
N THR B 356 -40.41 28.43 -3.21
CA THR B 356 -40.48 27.18 -2.47
C THR B 356 -41.81 26.50 -2.82
N ARG B 357 -41.76 25.20 -3.09
CA ARG B 357 -42.94 24.46 -3.50
C ARG B 357 -43.16 23.23 -2.63
N PRO B 358 -44.40 22.76 -2.54
CA PRO B 358 -44.60 21.43 -1.97
C PRO B 358 -43.93 20.40 -2.86
N ALA B 359 -43.37 19.34 -2.29
CA ALA B 359 -42.71 18.32 -3.08
C ALA B 359 -43.73 17.47 -3.83
N ARG B 360 -44.42 18.09 -4.79
CA ARG B 360 -45.53 17.46 -5.49
C ARG B 360 -45.08 16.26 -6.33
N GLY B 361 -43.90 16.37 -6.94
CA GLY B 361 -43.41 15.34 -7.83
C GLY B 361 -42.99 14.05 -7.15
N LEU B 362 -42.81 14.10 -5.84
CA LEU B 362 -42.34 12.94 -5.09
C LEU B 362 -43.35 11.79 -5.07
N LYS B 363 -44.63 12.10 -4.90
CA LYS B 363 -45.64 11.05 -4.86
C LYS B 363 -45.87 10.42 -6.22
N LEU B 364 -45.62 11.19 -7.27
CA LEU B 364 -45.73 10.67 -8.64
C LEU B 364 -44.57 9.72 -8.93
N TRP B 365 -43.37 10.09 -8.48
CA TRP B 365 -42.19 9.26 -8.64
C TRP B 365 -42.40 7.92 -7.94
N LEU B 366 -42.85 7.96 -6.70
CA LEU B 366 -43.17 6.75 -5.96
C LEU B 366 -44.19 5.90 -6.72
N THR B 367 -45.20 6.57 -7.28
CA THR B 367 -46.23 5.89 -8.04
C THR B 367 -45.66 5.22 -9.29
N LEU B 368 -44.78 5.95 -9.98
CA LEU B 368 -44.14 5.44 -11.19
C LEU B 368 -43.25 4.23 -10.90
N GLN B 369 -42.49 4.30 -9.81
CA GLN B 369 -41.59 3.22 -9.42
C GLN B 369 -42.35 1.97 -8.99
N VAL B 370 -43.44 2.17 -8.23
CA VAL B 370 -44.20 1.05 -7.69
C VAL B 370 -45.06 0.35 -8.75
N LEU B 371 -45.76 1.14 -9.56
CA LEU B 371 -46.67 0.59 -10.56
C LEU B 371 -46.01 0.32 -11.91
N GLY B 372 -45.05 1.16 -12.28
CA GLY B 372 -44.45 1.07 -13.60
C GLY B 372 -45.32 1.73 -14.65
N SER B 373 -44.71 2.17 -15.75
CA SER B 373 -45.45 2.91 -16.78
C SER B 373 -46.38 2.03 -17.63
N ASP B 374 -46.02 0.75 -17.77
CA ASP B 374 -46.85 -0.18 -18.54
C ASP B 374 -48.23 -0.35 -17.91
N LEU B 375 -48.26 -0.63 -16.61
CA LEU B 375 -49.51 -0.84 -15.89
C LEU B 375 -50.37 0.41 -15.94
N ILE B 376 -49.73 1.57 -15.78
CA ILE B 376 -50.41 2.85 -15.90
C ILE B 376 -50.96 3.01 -17.31
N GLY B 377 -50.18 2.60 -18.30
CA GLY B 377 -50.63 2.59 -19.68
C GLY B 377 -51.86 1.73 -19.90
N SER B 378 -51.85 0.52 -19.33
CA SER B 378 -52.97 -0.40 -19.47
C SER B 378 -54.26 0.14 -18.87
N ALA B 379 -54.14 0.84 -17.76
CA ALA B 379 -55.29 1.42 -17.09
C ALA B 379 -55.96 2.49 -17.95
N ILE B 380 -55.14 3.33 -18.56
CA ILE B 380 -55.62 4.36 -19.48
C ILE B 380 -56.39 3.72 -20.63
N GLU B 381 -55.79 2.70 -21.24
CA GLU B 381 -56.43 1.97 -22.33
C GLU B 381 -57.74 1.32 -21.90
N HIS B 382 -57.81 0.88 -20.65
CA HIS B 382 -59.03 0.33 -20.11
C HIS B 382 -60.10 1.40 -19.99
N GLY B 383 -59.65 2.64 -19.83
CA GLY B 383 -60.55 3.78 -19.74
C GLY B 383 -61.27 3.97 -21.06
N PHE B 384 -60.54 3.81 -22.16
CA PHE B 384 -61.11 3.88 -23.50
C PHE B 384 -62.21 2.84 -23.66
N GLN B 385 -61.88 1.60 -23.31
CA GLN B 385 -62.78 0.46 -23.45
C GLN B 385 -64.09 0.63 -22.69
N LEU B 386 -64.03 1.27 -21.53
CA LEU B 386 -65.22 1.49 -20.71
C LEU B 386 -66.22 2.41 -21.39
N ALA B 387 -65.72 3.47 -22.00
CA ALA B 387 -66.57 4.40 -22.74
C ALA B 387 -67.17 3.73 -23.95
N VAL B 388 -66.35 2.94 -24.65
CA VAL B 388 -66.82 2.17 -25.79
C VAL B 388 -67.95 1.23 -25.38
N TRP B 389 -67.78 0.57 -24.25
CA TRP B 389 -68.81 -0.32 -23.71
C TRP B 389 -70.11 0.43 -23.42
N ALA B 390 -69.98 1.69 -23.01
CA ALA B 390 -71.16 2.52 -22.77
C ALA B 390 -71.89 2.82 -24.07
N GLU B 391 -71.12 3.01 -25.14
CA GLU B 391 -71.67 3.29 -26.46
C GLU B 391 -72.28 2.05 -27.08
N GLU B 392 -71.62 0.91 -26.90
CA GLU B 392 -72.11 -0.37 -27.42
C GLU B 392 -73.43 -0.76 -26.76
N ALA B 393 -73.59 -0.39 -25.49
CA ALA B 393 -74.81 -0.69 -24.75
C ALA B 393 -75.92 0.30 -25.09
N LEU B 394 -75.55 1.43 -25.68
CA LEU B 394 -76.52 2.47 -26.01
C LEU B 394 -77.15 2.31 -27.40
N ASN B 395 -76.43 1.64 -28.30
CA ASN B 395 -76.93 1.43 -29.67
C ASN B 395 -78.28 0.72 -29.79
N PRO B 396 -78.47 -0.42 -29.09
CA PRO B 396 -79.78 -1.07 -29.19
C PRO B 396 -80.90 -0.27 -28.52
N LYS B 397 -80.53 0.55 -27.54
CA LYS B 397 -81.52 1.37 -26.83
C LYS B 397 -82.24 2.33 -27.77
N LYS B 398 -83.55 2.43 -27.63
CA LYS B 398 -84.34 3.30 -28.48
C LYS B 398 -84.38 4.72 -27.92
N ASP B 399 -84.41 5.71 -28.82
CA ASP B 399 -84.51 7.13 -28.45
C ASP B 399 -83.28 7.68 -27.71
N TRP B 400 -82.19 6.92 -27.72
CA TRP B 400 -80.94 7.41 -27.13
C TRP B 400 -79.99 7.92 -28.21
N GLU B 401 -79.65 9.20 -28.14
CA GLU B 401 -78.80 9.84 -29.13
C GLU B 401 -77.37 9.97 -28.62
N ILE B 402 -76.41 9.70 -29.49
CA ILE B 402 -74.99 9.85 -29.15
C ILE B 402 -74.46 11.20 -29.64
N VAL B 403 -74.44 12.17 -28.74
CA VAL B 403 -73.98 13.51 -29.07
C VAL B 403 -72.48 13.53 -29.37
N SER B 404 -71.73 12.75 -28.60
CA SER B 404 -70.30 12.60 -28.81
C SER B 404 -69.92 11.14 -28.60
N PRO B 405 -69.35 10.51 -29.63
CA PRO B 405 -69.00 9.10 -29.57
C PRO B 405 -67.93 8.81 -28.54
N ALA B 406 -67.69 7.54 -28.23
CA ALA B 406 -66.67 7.17 -27.27
C ALA B 406 -65.32 7.67 -27.73
N GLN B 407 -64.79 8.66 -27.01
CA GLN B 407 -63.52 9.28 -27.37
C GLN B 407 -62.74 9.63 -26.11
N MET B 408 -61.58 9.02 -25.94
CA MET B 408 -60.71 9.26 -24.79
C MET B 408 -61.44 9.06 -23.47
N ALA B 409 -61.99 7.86 -23.29
CA ALA B 409 -62.72 7.49 -22.07
C ALA B 409 -63.93 8.37 -21.76
N MET B 410 -64.35 9.16 -22.74
CA MET B 410 -65.51 10.03 -22.57
C MET B 410 -66.60 9.74 -23.60
N ILE B 411 -67.85 10.00 -23.21
CA ILE B 411 -68.98 9.87 -24.12
C ILE B 411 -70.13 10.76 -23.65
N ASN B 412 -70.74 11.46 -24.61
CA ASN B 412 -71.87 12.32 -24.30
C ASN B 412 -73.12 11.88 -25.05
N PHE B 413 -74.21 11.69 -24.32
CA PHE B 413 -75.44 11.13 -24.88
C PHE B 413 -76.66 11.68 -24.16
N ARG B 414 -77.82 11.51 -24.77
CA ARG B 414 -79.08 11.99 -24.20
C ARG B 414 -80.25 11.12 -24.61
N TYR B 415 -81.29 11.14 -23.78
CA TYR B 415 -82.54 10.44 -24.10
C TYR B 415 -83.53 11.43 -24.71
N ALA B 416 -83.74 11.31 -26.02
CA ALA B 416 -84.58 12.27 -26.73
C ALA B 416 -85.75 11.64 -27.46
N PRO B 417 -86.86 11.39 -26.74
CA PRO B 417 -88.09 10.92 -27.38
C PRO B 417 -88.69 12.03 -28.25
N LYS B 418 -89.19 11.67 -29.43
CA LYS B 418 -89.69 12.65 -30.39
C LYS B 418 -90.92 13.39 -29.88
N ASP B 419 -91.63 12.78 -28.93
CA ASP B 419 -92.84 13.36 -28.38
C ASP B 419 -92.58 14.66 -27.61
N LEU B 420 -91.51 14.69 -26.83
CA LEU B 420 -91.18 15.86 -26.04
C LEU B 420 -90.40 16.89 -26.87
N THR B 421 -90.86 18.14 -26.80
CA THR B 421 -90.15 19.25 -27.44
C THR B 421 -88.81 19.54 -26.77
N LYS B 422 -88.05 20.44 -27.41
CA LYS B 422 -86.72 20.84 -26.98
C LYS B 422 -86.54 21.10 -25.48
N GLU B 423 -87.37 21.98 -24.93
CA GLU B 423 -87.24 22.37 -23.52
C GLU B 423 -87.45 21.21 -22.54
N GLU B 424 -88.52 20.44 -22.75
CA GLU B 424 -88.84 19.33 -21.84
C GLU B 424 -87.91 18.13 -22.01
N GLN B 425 -87.18 18.09 -23.12
CA GLN B 425 -86.15 17.07 -23.34
C GLN B 425 -84.95 17.31 -22.44
N ASP B 426 -84.56 18.58 -22.32
CA ASP B 426 -83.45 18.95 -21.45
C ASP B 426 -83.80 18.72 -19.98
N ILE B 427 -85.03 19.06 -19.62
CA ILE B 427 -85.52 18.83 -18.27
C ILE B 427 -85.55 17.33 -17.96
N LEU B 428 -85.90 16.55 -18.98
CA LEU B 428 -85.93 15.09 -18.87
C LEU B 428 -84.55 14.53 -18.52
N ASN B 429 -83.54 14.93 -19.28
CA ASN B 429 -82.18 14.47 -19.07
C ASN B 429 -81.60 14.88 -17.71
N GLU B 430 -82.02 16.05 -17.23
CA GLU B 430 -81.56 16.54 -15.92
C GLU B 430 -82.20 15.72 -14.80
N LYS B 431 -83.45 15.33 -15.00
CA LYS B 431 -84.17 14.51 -14.03
C LYS B 431 -83.59 13.10 -13.95
N ILE B 432 -83.10 12.61 -15.09
CA ILE B 432 -82.45 11.31 -15.15
C ILE B 432 -81.17 11.32 -14.34
N SER B 433 -80.43 12.42 -14.44
CA SER B 433 -79.19 12.60 -13.69
C SER B 433 -79.45 12.57 -12.19
N HIS B 434 -80.47 13.30 -11.75
CA HIS B 434 -80.85 13.32 -10.33
C HIS B 434 -81.33 11.95 -9.86
N ARG B 435 -82.02 11.23 -10.71
CA ARG B 435 -82.62 9.94 -10.35
C ARG B 435 -81.55 8.88 -10.05
N ILE B 436 -80.49 8.86 -10.85
CA ILE B 436 -79.44 7.87 -10.67
C ILE B 436 -78.49 8.26 -9.54
N LEU B 437 -78.37 9.56 -9.28
CA LEU B 437 -77.54 10.05 -8.19
C LEU B 437 -78.15 9.71 -6.84
N GLU B 438 -79.47 9.88 -6.73
CA GLU B 438 -80.18 9.57 -5.49
C GLU B 438 -80.20 8.07 -5.22
N SER B 439 -80.16 7.28 -6.29
CA SER B 439 -80.13 5.82 -6.17
C SER B 439 -78.80 5.38 -5.56
N GLY B 440 -77.77 6.21 -5.74
CA GLY B 440 -76.46 5.92 -5.20
C GLY B 440 -75.73 4.81 -5.94
N TYR B 441 -76.26 4.42 -7.10
CA TYR B 441 -75.66 3.36 -7.88
C TYR B 441 -74.49 3.87 -8.73
N ALA B 442 -74.65 5.06 -9.30
CA ALA B 442 -73.62 5.65 -10.14
C ALA B 442 -73.67 7.17 -10.08
N ALA B 443 -72.57 7.82 -10.42
CA ALA B 443 -72.53 9.27 -10.50
C ALA B 443 -72.45 9.72 -11.96
N ILE B 444 -73.55 10.29 -12.45
CA ILE B 444 -73.58 10.83 -13.80
C ILE B 444 -74.16 12.24 -13.76
N PHE B 445 -73.40 13.18 -14.33
CA PHE B 445 -73.79 14.58 -14.30
C PHE B 445 -74.10 15.06 -15.70
N THR B 446 -74.74 16.22 -15.80
CA THR B 446 -75.14 16.76 -17.09
C THR B 446 -74.21 17.89 -17.55
N THR B 447 -73.95 17.93 -18.85
CA THR B 447 -73.18 19.01 -19.44
C THR B 447 -73.91 19.54 -20.67
N VAL B 448 -73.79 20.84 -20.91
CA VAL B 448 -74.42 21.44 -22.08
C VAL B 448 -73.51 21.31 -23.30
N LEU B 449 -74.00 20.62 -24.32
CA LEU B 449 -73.22 20.38 -25.52
C LEU B 449 -74.10 20.60 -26.74
N ASN B 450 -73.64 21.44 -27.67
CA ASN B 450 -74.42 21.85 -28.84
C ASN B 450 -75.77 22.47 -28.49
N GLY B 451 -75.82 23.17 -27.36
CA GLY B 451 -77.01 23.90 -26.96
C GLY B 451 -78.01 23.10 -26.15
N LYS B 452 -77.83 21.78 -26.09
CA LYS B 452 -78.77 20.91 -25.40
C LYS B 452 -78.18 20.21 -24.18
N THR B 453 -79.00 19.99 -23.17
CA THR B 453 -78.57 19.29 -21.96
C THR B 453 -78.24 17.83 -22.29
N VAL B 454 -77.07 17.40 -21.87
CA VAL B 454 -76.56 16.09 -22.25
C VAL B 454 -75.93 15.35 -21.06
N LEU B 455 -76.25 14.07 -20.91
CA LEU B 455 -75.61 13.22 -19.91
C LEU B 455 -74.18 12.92 -20.33
N ARG B 456 -73.27 12.94 -19.37
CA ARG B 456 -71.85 12.72 -19.65
C ARG B 456 -71.28 11.58 -18.81
N ILE B 457 -70.48 10.73 -19.45
CA ILE B 457 -69.77 9.66 -18.74
C ILE B 457 -68.27 9.73 -19.00
N CYS B 458 -67.50 9.90 -17.94
CA CYS B 458 -66.06 9.76 -18.04
C CYS B 458 -65.63 8.59 -17.17
N ALA B 459 -65.33 7.47 -17.80
CA ALA B 459 -65.00 6.26 -17.06
C ALA B 459 -63.52 5.96 -17.16
N ILE B 460 -62.80 6.23 -16.08
CA ILE B 460 -61.36 5.99 -16.04
C ILE B 460 -60.96 5.18 -14.82
N HIS B 461 -61.95 4.58 -14.16
CA HIS B 461 -61.67 3.74 -13.00
C HIS B 461 -61.10 2.41 -13.46
N PRO B 462 -59.87 2.10 -13.04
CA PRO B 462 -59.10 0.94 -13.49
C PRO B 462 -59.79 -0.40 -13.24
N GLU B 463 -60.75 -0.44 -12.31
CA GLU B 463 -61.38 -1.70 -11.94
C GLU B 463 -62.84 -1.78 -12.34
N ALA B 464 -63.30 -0.81 -13.13
CA ALA B 464 -64.67 -0.81 -13.61
C ALA B 464 -64.85 -1.87 -14.70
N THR B 465 -66.00 -2.55 -14.68
CA THR B 465 -66.22 -3.66 -15.60
C THR B 465 -67.27 -3.33 -16.65
N GLN B 466 -67.45 -4.24 -17.61
CA GLN B 466 -68.46 -4.09 -18.65
C GLN B 466 -69.87 -4.14 -18.04
N GLU B 467 -70.04 -4.92 -16.97
CA GLU B 467 -71.32 -5.01 -16.27
C GLU B 467 -71.67 -3.67 -15.63
N ASP B 468 -70.65 -2.96 -15.16
CA ASP B 468 -70.84 -1.64 -14.58
C ASP B 468 -71.42 -0.69 -15.62
N MET B 469 -70.88 -0.75 -16.84
CA MET B 469 -71.31 0.15 -17.91
C MET B 469 -72.68 -0.27 -18.41
N GLN B 470 -72.88 -1.57 -18.55
CA GLN B 470 -74.14 -2.11 -19.06
C GLN B 470 -75.31 -1.79 -18.14
N HIS B 471 -75.18 -2.14 -16.86
CA HIS B 471 -76.24 -1.89 -15.88
C HIS B 471 -76.54 -0.40 -15.75
N THR B 472 -75.51 0.43 -15.82
CA THR B 472 -75.68 1.88 -15.72
C THR B 472 -76.55 2.39 -16.86
N ILE B 473 -76.22 1.99 -18.08
CA ILE B 473 -77.00 2.36 -19.25
C ILE B 473 -78.43 1.83 -19.14
N ASP B 474 -78.55 0.58 -18.73
CA ASP B 474 -79.86 -0.05 -18.55
C ASP B 474 -80.67 0.66 -17.47
N LEU B 475 -79.99 1.09 -16.41
CA LEU B 475 -80.63 1.80 -15.32
C LEU B 475 -81.03 3.21 -15.76
N LEU B 476 -80.22 3.80 -16.65
CA LEU B 476 -80.54 5.11 -17.22
C LEU B 476 -81.76 5.01 -18.13
N ASP B 477 -81.80 3.95 -18.93
CA ASP B 477 -82.91 3.72 -19.83
C ASP B 477 -84.19 3.49 -19.05
N GLN B 478 -84.07 2.78 -17.93
CA GLN B 478 -85.21 2.55 -17.04
C GLN B 478 -85.77 3.87 -16.52
N TYR B 479 -84.89 4.69 -15.98
CA TYR B 479 -85.28 6.00 -15.46
C TYR B 479 -85.79 6.90 -16.58
N GLY B 480 -85.23 6.71 -17.78
CA GLY B 480 -85.61 7.52 -18.92
C GLY B 480 -87.06 7.38 -19.31
N ARG B 481 -87.55 6.14 -19.34
CA ARG B 481 -88.94 5.88 -19.71
C ARG B 481 -89.88 5.97 -18.50
N GLU B 482 -89.30 5.97 -17.31
CA GLU B 482 -90.08 6.21 -16.09
C GLU B 482 -90.53 7.66 -16.03
N ILE B 483 -89.59 8.57 -16.29
CA ILE B 483 -89.90 10.00 -16.31
C ILE B 483 -90.69 10.37 -17.57
N TYR B 484 -90.48 9.60 -18.63
CA TYR B 484 -91.21 9.77 -19.88
C TYR B 484 -92.71 9.61 -19.65
N THR B 485 -93.09 8.51 -19.01
CA THR B 485 -94.50 8.23 -18.74
C THR B 485 -95.07 9.20 -17.69
N GLU B 486 -94.18 9.78 -16.89
CA GLU B 486 -94.59 10.76 -15.88
C GLU B 486 -94.94 12.11 -16.51
N MET B 487 -94.66 12.25 -17.80
CA MET B 487 -95.04 13.45 -18.54
C MET B 487 -96.49 13.32 -19.01
N LYS B 488 -97.41 13.27 -18.05
CA LYS B 488 -98.82 13.14 -18.37
C LYS B 488 -99.40 14.44 -18.91
N LYS B 489 -99.62 14.48 -20.23
CA LYS B 489 -100.16 15.66 -20.89
C LYS B 489 -101.36 15.27 -21.77
N ALA B 490 -102.40 16.11 -21.78
CA ALA B 490 -102.43 17.34 -20.99
C ALA B 490 -103.69 17.43 -20.15
N THR C 16 -27.94 -32.01 -57.84
CA THR C 16 -28.55 -30.69 -57.77
C THR C 16 -29.38 -30.52 -56.51
N GLU C 17 -29.67 -31.63 -55.85
CA GLU C 17 -30.45 -31.61 -54.62
C GLU C 17 -29.59 -31.26 -53.41
N TYR C 18 -28.29 -31.13 -53.63
CA TYR C 18 -27.36 -30.79 -52.55
C TYR C 18 -26.76 -29.40 -52.72
N ILE C 19 -27.45 -28.57 -53.50
CA ILE C 19 -27.05 -27.19 -53.70
C ILE C 19 -27.58 -26.31 -52.58
N LEU C 20 -28.87 -26.42 -52.30
CA LEU C 20 -29.50 -25.60 -51.28
C LEU C 20 -29.17 -26.06 -49.86
N ASN C 21 -29.28 -27.36 -49.60
CA ASN C 21 -28.98 -27.90 -48.28
C ASN C 21 -28.53 -29.36 -48.30
N SER C 22 -27.59 -29.69 -47.42
CA SER C 22 -27.12 -31.06 -47.28
C SER C 22 -26.64 -31.29 -45.85
N THR C 23 -26.51 -32.55 -45.46
CA THR C 23 -26.06 -32.90 -44.11
C THR C 23 -24.61 -32.51 -43.88
N GLN C 24 -23.80 -32.55 -44.94
CA GLN C 24 -22.40 -32.15 -44.85
C GLN C 24 -22.30 -30.66 -44.49
N LEU C 25 -23.24 -29.87 -45.01
CA LEU C 25 -23.27 -28.44 -44.77
C LEU C 25 -23.81 -28.11 -43.39
N GLU C 26 -24.92 -28.76 -43.03
CA GLU C 26 -25.55 -28.56 -41.73
C GLU C 26 -24.57 -28.88 -40.60
N GLU C 27 -23.73 -29.88 -40.80
CA GLU C 27 -22.70 -30.22 -39.82
C GLU C 27 -21.60 -29.15 -39.80
N ALA C 28 -21.15 -28.74 -40.99
CA ALA C 28 -20.09 -27.75 -41.11
C ALA C 28 -20.50 -26.42 -40.50
N ILE C 29 -21.78 -26.06 -40.67
CA ILE C 29 -22.31 -24.83 -40.11
C ILE C 29 -22.33 -24.88 -38.58
N LYS C 30 -22.90 -25.96 -38.04
CA LYS C 30 -22.96 -26.13 -36.59
C LYS C 30 -21.58 -26.27 -35.98
N SER C 31 -20.68 -26.93 -36.70
CA SER C 31 -19.31 -27.11 -36.23
C SER C 31 -18.58 -25.77 -36.13
N PHE C 32 -18.72 -24.94 -37.17
CA PHE C 32 -18.05 -23.65 -37.19
C PHE C 32 -18.51 -22.75 -36.06
N VAL C 33 -19.84 -22.62 -35.91
CA VAL C 33 -20.44 -21.81 -34.86
C VAL C 33 -19.96 -22.27 -33.49
N HIS C 34 -20.00 -23.56 -33.26
CA HIS C 34 -19.54 -24.14 -32.00
C HIS C 34 -18.06 -23.85 -31.74
N ASP C 35 -17.22 -24.12 -32.74
CA ASP C 35 -15.79 -23.93 -32.60
C ASP C 35 -15.40 -22.46 -32.42
N PHE C 36 -16.07 -21.59 -33.15
CA PHE C 36 -15.76 -20.16 -33.10
C PHE C 36 -16.17 -19.55 -31.77
N CYS C 37 -17.30 -20.00 -31.22
CA CYS C 37 -17.74 -19.57 -29.91
C CYS C 37 -16.75 -20.02 -28.84
N ALA C 38 -16.13 -21.18 -29.08
CA ALA C 38 -15.15 -21.74 -28.17
C ALA C 38 -13.83 -20.99 -28.23
N GLU C 39 -13.45 -20.58 -29.44
CA GLU C 39 -12.19 -19.84 -29.64
C GLU C 39 -12.34 -18.38 -29.21
N LYS C 40 -13.58 -17.95 -29.02
CA LYS C 40 -13.87 -16.61 -28.54
C LYS C 40 -13.40 -16.40 -27.10
N HIS C 41 -13.19 -17.50 -26.39
CA HIS C 41 -12.77 -17.45 -24.98
C HIS C 41 -11.24 -17.41 -24.82
N GLU C 42 -10.53 -17.50 -25.94
CA GLU C 42 -9.07 -17.39 -25.93
C GLU C 42 -8.58 -16.34 -26.92
N ILE C 43 -9.19 -15.16 -26.87
CA ILE C 43 -8.78 -14.04 -27.71
C ILE C 43 -7.53 -13.37 -27.14
N HIS C 44 -7.47 -13.32 -25.81
CA HIS C 44 -6.34 -12.70 -25.11
C HIS C 44 -5.02 -13.40 -25.43
N ASP C 45 -5.07 -14.73 -25.53
CA ASP C 45 -3.87 -15.53 -25.80
C ASP C 45 -3.33 -15.31 -27.21
N GLN C 46 -4.18 -14.77 -28.09
CA GLN C 46 -3.81 -14.61 -29.49
C GLN C 46 -3.31 -13.20 -29.80
N PRO C 47 -2.38 -13.09 -30.77
CA PRO C 47 -1.88 -11.79 -31.23
C PRO C 47 -2.98 -10.95 -31.86
N VAL C 48 -2.86 -9.63 -31.77
CA VAL C 48 -3.87 -8.72 -32.31
C VAL C 48 -3.88 -8.76 -33.84
N VAL C 49 -2.70 -8.67 -34.44
CA VAL C 49 -2.58 -8.69 -35.89
C VAL C 49 -1.69 -9.82 -36.37
N VAL C 50 -2.25 -10.72 -37.17
CA VAL C 50 -1.48 -11.79 -37.79
C VAL C 50 -1.22 -11.44 -39.24
N GLU C 51 0.05 -11.27 -39.60
CA GLU C 51 0.42 -10.81 -40.93
C GLU C 51 0.76 -11.99 -41.85
N ALA C 52 0.41 -11.85 -43.12
CA ALA C 52 0.64 -12.90 -44.11
C ALA C 52 2.01 -12.77 -44.76
N LYS C 53 2.63 -13.91 -45.07
CA LYS C 53 3.89 -13.91 -45.81
C LYS C 53 3.66 -13.54 -47.27
N GLU C 54 4.74 -13.30 -47.99
CA GLU C 54 4.63 -12.77 -49.36
C GLU C 54 4.28 -13.85 -50.39
N HIS C 55 4.25 -15.11 -49.96
CA HIS C 55 3.90 -16.19 -50.87
C HIS C 55 2.42 -16.56 -50.74
N GLN C 56 1.77 -15.95 -49.77
CA GLN C 56 0.37 -16.27 -49.45
C GLN C 56 -0.58 -15.86 -50.56
N GLU C 57 -0.26 -14.77 -51.26
CA GLU C 57 -1.09 -14.30 -52.36
C GLU C 57 -1.15 -15.34 -53.49
N ASP C 58 0.02 -15.86 -53.87
CA ASP C 58 0.10 -16.88 -54.91
C ASP C 58 -0.55 -18.18 -54.45
N LYS C 59 -0.51 -18.42 -53.13
CA LYS C 59 -1.13 -19.61 -52.55
C LYS C 59 -2.63 -19.57 -52.74
N ILE C 60 -3.19 -18.36 -52.82
CA ILE C 60 -4.60 -18.18 -53.08
C ILE C 60 -4.90 -18.24 -54.58
N LYS C 61 -4.00 -17.64 -55.38
CA LYS C 61 -4.18 -17.57 -56.83
C LYS C 61 -4.03 -18.93 -57.50
N GLN C 62 -3.44 -19.88 -56.80
CA GLN C 62 -3.24 -21.23 -57.35
C GLN C 62 -4.44 -22.13 -57.07
N ILE C 63 -5.35 -21.66 -56.22
CA ILE C 63 -6.63 -22.31 -56.05
C ILE C 63 -7.58 -21.74 -57.09
N LYS C 64 -8.07 -22.60 -57.99
CA LYS C 64 -8.94 -22.12 -59.06
C LYS C 64 -10.42 -22.32 -58.71
N ILE C 65 -11.29 -21.78 -59.55
CA ILE C 65 -12.72 -22.03 -59.43
C ILE C 65 -13.05 -23.35 -60.12
N PRO C 66 -13.26 -24.41 -59.33
CA PRO C 66 -13.35 -25.77 -59.88
C PRO C 66 -14.69 -26.04 -60.57
N GLU C 67 -14.66 -26.94 -61.55
CA GLU C 67 -15.88 -27.36 -62.22
C GLU C 67 -16.60 -28.35 -61.31
N LYS C 68 -15.82 -29.22 -60.67
CA LYS C 68 -16.37 -30.21 -59.75
C LYS C 68 -16.25 -29.73 -58.31
N GLY C 69 -17.32 -29.90 -57.54
CA GLY C 69 -17.36 -29.44 -56.16
C GLY C 69 -16.36 -30.14 -55.26
N ARG C 70 -15.97 -29.43 -54.19
CA ARG C 70 -15.05 -29.96 -53.20
C ARG C 70 -15.79 -30.23 -51.89
N PRO C 71 -15.29 -31.19 -51.09
CA PRO C 71 -15.89 -31.48 -49.78
C PRO C 71 -15.86 -30.25 -48.87
N VAL C 72 -16.97 -29.98 -48.20
CA VAL C 72 -17.17 -28.71 -47.51
C VAL C 72 -16.11 -28.35 -46.45
N ASN C 73 -15.82 -29.27 -45.54
CA ASN C 73 -14.88 -28.99 -44.45
C ASN C 73 -13.45 -28.78 -44.94
N GLU C 74 -13.15 -29.30 -46.13
CA GLU C 74 -11.87 -29.09 -46.76
C GLU C 74 -11.71 -27.64 -47.17
N VAL C 75 -12.76 -27.08 -47.75
CA VAL C 75 -12.78 -25.68 -48.16
C VAL C 75 -12.86 -24.71 -46.98
N VAL C 76 -13.65 -25.07 -45.97
CA VAL C 76 -13.82 -24.22 -44.79
C VAL C 76 -12.50 -24.02 -44.05
N SER C 77 -11.80 -25.12 -43.80
CA SER C 77 -10.49 -25.07 -43.16
C SER C 77 -9.52 -24.25 -44.00
N GLU C 78 -9.64 -24.39 -45.31
CA GLU C 78 -8.80 -23.68 -46.26
C GLU C 78 -9.00 -22.17 -46.09
N MET C 79 -10.25 -21.74 -45.93
CA MET C 79 -10.54 -20.32 -45.71
C MET C 79 -10.09 -19.84 -44.33
N MET C 80 -10.35 -20.64 -43.31
CA MET C 80 -9.98 -20.30 -41.94
C MET C 80 -8.49 -20.11 -41.77
N ASN C 81 -7.72 -20.94 -42.46
CA ASN C 81 -6.26 -20.93 -42.34
C ASN C 81 -5.57 -19.97 -43.29
N GLU C 82 -6.06 -19.89 -44.53
CA GLU C 82 -5.37 -19.16 -45.58
C GLU C 82 -5.98 -17.79 -45.89
N VAL C 83 -7.22 -17.58 -45.47
CA VAL C 83 -7.92 -16.33 -45.77
C VAL C 83 -8.27 -15.53 -44.51
N TYR C 84 -9.17 -16.09 -43.70
CA TYR C 84 -9.65 -15.39 -42.51
C TYR C 84 -8.58 -15.20 -41.44
N ARG C 85 -7.58 -16.07 -41.44
CA ARG C 85 -6.53 -16.04 -40.42
C ARG C 85 -5.78 -14.71 -40.38
N TYR C 86 -5.48 -14.17 -41.57
CA TYR C 86 -4.68 -12.96 -41.66
C TYR C 86 -5.52 -11.70 -41.59
N ARG C 87 -5.72 -11.19 -40.38
CA ARG C 87 -6.56 -10.03 -40.15
C ARG C 87 -6.17 -9.35 -38.84
N GLY C 88 -6.74 -8.18 -38.60
CA GLY C 88 -6.61 -7.53 -37.31
C GLY C 88 -7.84 -7.80 -36.47
N ASP C 89 -7.66 -8.49 -35.35
CA ASP C 89 -8.79 -8.84 -34.49
C ASP C 89 -9.29 -7.63 -33.72
N ALA C 90 -10.35 -7.02 -34.21
CA ALA C 90 -10.91 -5.81 -33.63
C ALA C 90 -11.56 -6.07 -32.27
N ASN C 91 -11.81 -7.34 -31.97
CA ASN C 91 -12.41 -7.72 -30.69
C ASN C 91 -11.35 -7.92 -29.63
N HIS C 92 -10.10 -7.60 -29.98
CA HIS C 92 -9.02 -7.60 -29.01
C HIS C 92 -8.96 -6.20 -28.40
N PRO C 93 -8.90 -6.12 -27.06
CA PRO C 93 -8.97 -4.85 -26.32
C PRO C 93 -7.88 -3.87 -26.73
N ARG C 94 -6.79 -4.37 -27.30
CA ARG C 94 -5.68 -3.51 -27.68
C ARG C 94 -5.52 -3.38 -29.20
N PHE C 95 -6.64 -3.49 -29.92
CA PHE C 95 -6.67 -3.12 -31.32
C PHE C 95 -7.07 -1.66 -31.40
N PHE C 96 -6.07 -0.79 -31.49
CA PHE C 96 -6.29 0.65 -31.35
C PHE C 96 -6.57 1.39 -32.65
N SER C 97 -7.23 0.70 -33.58
CA SER C 97 -7.79 1.34 -34.77
C SER C 97 -9.31 1.26 -34.69
N PHE C 98 -10.00 1.98 -35.57
CA PHE C 98 -11.46 2.03 -35.52
C PHE C 98 -12.10 1.58 -36.82
N VAL C 99 -11.29 1.37 -37.85
CA VAL C 99 -11.81 0.99 -39.17
C VAL C 99 -12.47 -0.39 -39.09
N PRO C 100 -11.78 -1.39 -38.52
CA PRO C 100 -12.57 -2.54 -38.08
C PRO C 100 -13.11 -2.27 -36.69
N GLY C 101 -14.42 -2.09 -36.55
CA GLY C 101 -15.01 -1.82 -35.26
C GLY C 101 -15.21 -3.08 -34.43
N PRO C 102 -15.28 -2.91 -33.11
CA PRO C 102 -15.59 -4.02 -32.19
C PRO C 102 -16.99 -4.54 -32.47
N ALA C 103 -17.10 -5.82 -32.83
CA ALA C 103 -18.39 -6.38 -33.20
C ALA C 103 -19.00 -7.24 -32.11
N SER C 104 -20.12 -6.80 -31.58
CA SER C 104 -20.88 -7.56 -30.59
C SER C 104 -21.43 -8.83 -31.20
N SER C 105 -21.56 -9.88 -30.40
CA SER C 105 -22.13 -11.13 -30.88
C SER C 105 -23.63 -11.03 -31.10
N VAL C 106 -24.26 -9.98 -30.55
CA VAL C 106 -25.65 -9.69 -30.84
C VAL C 106 -25.75 -9.31 -32.31
N SER C 107 -24.76 -8.55 -32.76
CA SER C 107 -24.68 -8.16 -34.17
C SER C 107 -24.40 -9.39 -35.04
N TRP C 108 -23.52 -10.27 -34.55
CA TRP C 108 -23.23 -11.52 -35.24
C TRP C 108 -24.51 -12.34 -35.37
N LEU C 109 -25.27 -12.40 -34.28
CA LEU C 109 -26.55 -13.09 -34.26
C LEU C 109 -27.50 -12.45 -35.27
N GLY C 110 -27.44 -11.13 -35.38
CA GLY C 110 -28.25 -10.40 -36.34
C GLY C 110 -27.96 -10.78 -37.77
N ASP C 111 -26.68 -10.95 -38.09
CA ASP C 111 -26.29 -11.38 -39.42
C ASP C 111 -26.78 -12.80 -39.72
N ILE C 112 -26.61 -13.69 -38.75
CA ILE C 112 -26.98 -15.09 -38.91
C ILE C 112 -28.46 -15.27 -39.19
N MET C 113 -29.30 -14.60 -38.40
CA MET C 113 -30.75 -14.69 -38.58
C MET C 113 -31.20 -14.09 -39.90
N THR C 114 -30.71 -12.89 -40.20
CA THR C 114 -31.06 -12.18 -41.44
C THR C 114 -30.68 -12.97 -42.69
N SER C 115 -29.50 -13.59 -42.65
CA SER C 115 -29.02 -14.38 -43.79
C SER C 115 -29.79 -15.70 -43.90
N ALA C 116 -30.20 -16.24 -42.76
CA ALA C 116 -30.91 -17.52 -42.72
C ALA C 116 -32.27 -17.43 -43.40
N TYR C 117 -33.06 -16.46 -42.98
CA TYR C 117 -34.42 -16.29 -43.50
C TYR C 117 -34.40 -15.79 -44.94
N ASN C 118 -33.24 -15.33 -45.38
CA ASN C 118 -33.04 -14.85 -46.75
C ASN C 118 -34.08 -13.78 -47.11
N ILE C 119 -34.05 -12.69 -46.36
CA ILE C 119 -34.97 -11.59 -46.60
C ILE C 119 -34.22 -10.32 -46.98
N HIS C 120 -34.94 -9.36 -47.53
CA HIS C 120 -34.34 -8.11 -47.96
C HIS C 120 -35.20 -6.91 -47.57
N ALA C 121 -34.60 -5.73 -47.55
CA ALA C 121 -35.34 -4.51 -47.29
C ALA C 121 -35.68 -3.85 -48.61
N GLY C 122 -36.76 -3.07 -48.62
CA GLY C 122 -37.23 -2.44 -49.83
C GLY C 122 -37.68 -3.46 -50.86
N GLY C 123 -37.54 -3.11 -52.13
CA GLY C 123 -37.89 -4.00 -53.22
C GLY C 123 -39.38 -4.30 -53.28
N SER C 124 -39.77 -5.48 -52.80
CA SER C 124 -41.17 -5.89 -52.83
C SER C 124 -41.86 -5.66 -51.49
N LYS C 125 -43.08 -6.18 -51.36
CA LYS C 125 -43.86 -6.02 -50.14
C LYS C 125 -44.11 -7.38 -49.49
N LEU C 126 -43.24 -8.34 -49.76
CA LEU C 126 -43.38 -9.68 -49.20
C LEU C 126 -42.88 -9.73 -47.76
N ALA C 127 -41.93 -8.86 -47.44
CA ALA C 127 -41.41 -8.75 -46.09
C ALA C 127 -41.60 -7.33 -45.56
N PRO C 128 -42.84 -6.99 -45.20
CA PRO C 128 -43.20 -5.62 -44.81
C PRO C 128 -42.65 -5.21 -43.44
N MET C 129 -42.56 -6.17 -42.52
CA MET C 129 -42.10 -5.88 -41.16
C MET C 129 -40.60 -5.61 -41.09
N VAL C 130 -39.86 -6.11 -42.08
CA VAL C 130 -38.45 -5.80 -42.21
C VAL C 130 -38.24 -4.28 -42.34
N ASN C 131 -39.02 -3.66 -43.22
CA ASN C 131 -38.93 -2.23 -43.43
C ASN C 131 -39.45 -1.41 -42.26
N CYS C 132 -40.47 -1.93 -41.59
CA CYS C 132 -41.01 -1.29 -40.40
C CYS C 132 -39.94 -1.21 -39.31
N ILE C 133 -39.24 -2.31 -39.11
CA ILE C 133 -38.16 -2.39 -38.13
C ILE C 133 -37.08 -1.35 -38.43
N GLU C 134 -36.61 -1.34 -39.67
CA GLU C 134 -35.59 -0.38 -40.11
C GLU C 134 -36.07 1.06 -39.94
N GLN C 135 -37.33 1.31 -40.27
CA GLN C 135 -37.89 2.64 -40.16
C GLN C 135 -37.94 3.11 -38.71
N GLU C 136 -38.25 2.18 -37.79
CA GLU C 136 -38.28 2.49 -36.37
C GLU C 136 -36.93 2.95 -35.86
N VAL C 137 -35.88 2.27 -36.30
CA VAL C 137 -34.53 2.64 -35.91
C VAL C 137 -34.14 4.01 -36.46
N LEU C 138 -34.40 4.23 -37.74
CA LEU C 138 -34.06 5.50 -38.39
C LEU C 138 -34.82 6.68 -37.79
N LYS C 139 -36.07 6.46 -37.40
CA LYS C 139 -36.85 7.47 -36.71
C LYS C 139 -36.22 7.80 -35.37
N TRP C 140 -35.80 6.76 -34.66
CA TRP C 140 -35.15 6.90 -33.36
C TRP C 140 -33.81 7.63 -33.48
N LEU C 141 -33.05 7.29 -34.51
CA LEU C 141 -31.76 7.93 -34.75
C LEU C 141 -31.95 9.40 -35.11
N ALA C 142 -33.05 9.71 -35.78
CA ALA C 142 -33.38 11.09 -36.15
C ALA C 142 -33.56 11.98 -34.92
N LYS C 143 -34.16 11.43 -33.87
CA LYS C 143 -34.37 12.17 -32.63
C LYS C 143 -33.06 12.58 -31.97
N GLN C 144 -32.08 11.68 -32.00
CA GLN C 144 -30.81 11.92 -31.33
C GLN C 144 -29.99 12.96 -32.08
N VAL C 145 -30.25 13.07 -33.38
CA VAL C 145 -29.53 14.00 -34.23
C VAL C 145 -30.06 15.42 -34.05
N GLY C 146 -31.38 15.54 -33.92
CA GLY C 146 -32.03 16.82 -33.73
C GLY C 146 -33.02 17.14 -34.82
N PHE C 147 -33.50 16.10 -35.50
CA PHE C 147 -34.50 16.26 -36.55
C PHE C 147 -35.89 15.97 -35.99
N THR C 148 -36.63 17.03 -35.70
CA THR C 148 -37.92 16.91 -35.01
C THR C 148 -39.11 17.14 -35.94
N GLU C 149 -38.85 17.80 -37.07
CA GLU C 149 -39.92 18.20 -37.98
C GLU C 149 -40.46 17.05 -38.82
N ASN C 150 -39.75 16.71 -39.89
CA ASN C 150 -40.20 15.66 -40.81
C ASN C 150 -39.01 14.98 -41.49
N PRO C 151 -38.25 14.17 -40.73
CA PRO C 151 -37.00 13.61 -41.22
C PRO C 151 -37.20 12.35 -42.06
N GLY C 152 -36.10 11.88 -42.65
CA GLY C 152 -36.09 10.67 -43.45
C GLY C 152 -34.73 10.02 -43.36
N GLY C 153 -34.60 8.81 -43.88
CA GLY C 153 -33.34 8.11 -43.81
C GLY C 153 -33.36 6.75 -44.49
N VAL C 154 -32.16 6.23 -44.77
CA VAL C 154 -32.03 4.92 -45.40
C VAL C 154 -30.74 4.24 -44.94
N PHE C 155 -30.80 2.94 -44.72
CA PHE C 155 -29.62 2.17 -44.37
C PHE C 155 -28.70 2.00 -45.57
N VAL C 156 -27.40 2.20 -45.35
CA VAL C 156 -26.41 2.08 -46.41
C VAL C 156 -25.29 1.13 -46.00
N SER C 157 -24.45 0.77 -46.95
CA SER C 157 -23.41 -0.22 -46.70
C SER C 157 -22.24 0.34 -45.90
N GLY C 158 -22.11 1.67 -45.90
CA GLY C 158 -21.00 2.33 -45.23
C GLY C 158 -21.08 3.84 -45.33
N GLY C 159 -20.07 4.51 -44.79
CA GLY C 159 -20.03 5.96 -44.76
C GLY C 159 -19.97 6.60 -46.12
N SER C 160 -19.22 5.99 -47.04
CA SER C 160 -19.10 6.49 -48.40
C SER C 160 -20.48 6.59 -49.05
N MET C 161 -21.28 5.54 -48.91
CA MET C 161 -22.61 5.50 -49.48
C MET C 161 -23.56 6.46 -48.79
N ALA C 162 -23.31 6.70 -47.51
CA ALA C 162 -24.09 7.66 -46.75
C ALA C 162 -23.80 9.06 -47.26
N ASN C 163 -22.52 9.33 -47.52
CA ASN C 163 -22.12 10.63 -48.03
C ASN C 163 -22.67 10.92 -49.43
N ILE C 164 -22.50 9.98 -50.35
CA ILE C 164 -22.99 10.14 -51.72
C ILE C 164 -24.51 10.29 -51.76
N THR C 165 -25.21 9.57 -50.89
CA THR C 165 -26.66 9.67 -50.79
C THR C 165 -27.08 11.09 -50.41
N ALA C 166 -26.44 11.63 -49.38
CA ALA C 166 -26.75 12.97 -48.88
C ALA C 166 -26.33 14.06 -49.87
N LEU C 167 -25.14 13.91 -50.45
CA LEU C 167 -24.62 14.90 -51.38
C LEU C 167 -25.42 14.94 -52.68
N THR C 168 -26.01 13.81 -53.04
CA THR C 168 -26.89 13.74 -54.21
C THR C 168 -28.17 14.50 -53.91
N ALA C 169 -28.68 14.32 -52.70
CA ALA C 169 -29.86 15.04 -52.24
C ALA C 169 -29.56 16.54 -52.21
N ALA C 170 -28.37 16.87 -51.72
CA ALA C 170 -27.89 18.26 -51.70
C ALA C 170 -27.86 18.89 -53.09
N ARG C 171 -27.32 18.14 -54.06
CA ARG C 171 -27.15 18.61 -55.42
C ARG C 171 -28.48 18.90 -56.13
N ASP C 172 -29.41 17.96 -56.03
CA ASP C 172 -30.71 18.11 -56.68
C ASP C 172 -31.53 19.24 -56.05
N ASN C 173 -31.16 19.61 -54.83
CA ASN C 173 -31.86 20.65 -54.08
C ASN C 173 -31.37 22.06 -54.38
N LYS C 174 -30.13 22.18 -54.85
CA LYS C 174 -29.51 23.48 -55.04
C LYS C 174 -29.16 23.80 -56.50
N LEU C 175 -28.94 22.76 -57.29
CA LEU C 175 -28.45 22.96 -58.65
C LEU C 175 -29.37 22.35 -59.70
N THR C 176 -29.21 22.81 -60.94
CA THR C 176 -29.90 22.21 -62.08
C THR C 176 -28.84 21.56 -62.96
N ASP C 177 -29.27 20.93 -64.04
CA ASP C 177 -28.34 20.22 -64.92
C ASP C 177 -27.47 21.18 -65.72
N ILE C 178 -27.95 22.41 -65.90
CA ILE C 178 -27.22 23.39 -66.70
C ILE C 178 -26.26 24.27 -65.90
N ASN C 179 -26.42 24.30 -64.58
CA ASN C 179 -25.52 25.08 -63.73
C ASN C 179 -24.67 24.22 -62.80
N LEU C 180 -24.81 22.91 -62.96
CA LEU C 180 -24.07 21.95 -62.14
C LEU C 180 -22.57 22.19 -62.26
N HIS C 181 -22.12 22.59 -63.46
CA HIS C 181 -20.72 22.86 -63.72
C HIS C 181 -20.23 24.10 -62.97
N LEU C 182 -21.17 24.86 -62.43
CA LEU C 182 -20.84 26.06 -61.66
C LEU C 182 -20.87 25.81 -60.16
N GLY C 183 -21.38 24.64 -59.77
CA GLY C 183 -21.48 24.29 -58.36
C GLY C 183 -20.11 24.03 -57.74
N THR C 184 -19.95 24.51 -56.51
CA THR C 184 -18.72 24.30 -55.76
C THR C 184 -18.98 23.76 -54.37
N ALA C 185 -18.09 22.90 -53.88
CA ALA C 185 -18.26 22.30 -52.57
C ALA C 185 -17.10 22.67 -51.66
N TYR C 186 -17.35 22.61 -50.35
CA TYR C 186 -16.37 23.06 -49.37
C TYR C 186 -16.14 22.04 -48.25
N ILE C 187 -14.89 21.62 -48.11
CA ILE C 187 -14.51 20.67 -47.07
C ILE C 187 -13.23 21.14 -46.37
N SER C 188 -12.79 20.38 -45.37
CA SER C 188 -11.54 20.70 -44.67
C SER C 188 -10.44 19.74 -45.10
N ASP C 189 -9.21 20.01 -44.66
CA ASP C 189 -8.08 19.15 -44.99
C ASP C 189 -8.05 17.89 -44.12
N GLN C 190 -9.01 17.79 -43.21
CA GLN C 190 -9.13 16.64 -42.34
C GLN C 190 -10.39 15.84 -42.66
N THR C 191 -11.15 16.33 -43.62
CA THR C 191 -12.36 15.66 -44.09
C THR C 191 -11.98 14.33 -44.75
N HIS C 192 -12.80 13.30 -44.50
CA HIS C 192 -12.52 11.98 -45.06
C HIS C 192 -12.48 12.04 -46.58
N SER C 193 -11.66 11.17 -47.17
CA SER C 193 -11.40 11.21 -48.61
C SER C 193 -12.62 10.80 -49.45
N SER C 194 -13.53 10.05 -48.85
CA SER C 194 -14.71 9.57 -49.56
C SER C 194 -15.63 10.72 -49.99
N VAL C 195 -15.56 11.84 -49.28
CA VAL C 195 -16.43 12.98 -49.55
C VAL C 195 -16.17 13.64 -50.90
N ALA C 196 -14.91 13.97 -51.15
CA ALA C 196 -14.51 14.56 -52.43
C ALA C 196 -14.74 13.55 -53.55
N LYS C 197 -14.51 12.28 -53.24
CA LYS C 197 -14.75 11.19 -54.18
C LYS C 197 -16.23 11.12 -54.56
N GLY C 198 -17.10 11.25 -53.56
CA GLY C 198 -18.53 11.24 -53.79
C GLY C 198 -19.01 12.45 -54.57
N LEU C 199 -18.35 13.58 -54.35
CA LEU C 199 -18.66 14.80 -55.08
C LEU C 199 -18.37 14.67 -56.58
N ARG C 200 -17.27 14.01 -56.92
CA ARG C 200 -16.93 13.75 -58.32
C ARG C 200 -17.99 12.90 -58.98
N ILE C 201 -18.47 11.90 -58.25
CA ILE C 201 -19.46 10.96 -58.76
C ILE C 201 -20.76 11.63 -59.17
N ILE C 202 -21.20 12.63 -58.40
CA ILE C 202 -22.46 13.30 -58.70
C ILE C 202 -22.27 14.50 -59.63
N GLY C 203 -21.03 14.75 -60.04
CA GLY C 203 -20.76 15.72 -61.08
C GLY C 203 -19.99 16.97 -60.67
N ILE C 204 -19.37 16.95 -59.50
CA ILE C 204 -18.57 18.09 -59.04
C ILE C 204 -17.09 17.79 -59.17
N THR C 205 -16.44 18.43 -60.13
CA THR C 205 -15.03 18.20 -60.41
C THR C 205 -14.15 18.63 -59.24
N ASP C 206 -13.00 17.97 -59.12
CA ASP C 206 -12.07 18.24 -58.02
C ASP C 206 -11.63 19.69 -58.00
N SER C 207 -11.57 20.31 -59.18
CA SER C 207 -11.21 21.72 -59.29
C SER C 207 -12.24 22.63 -58.63
N ARG C 208 -13.43 22.10 -58.38
CA ARG C 208 -14.48 22.87 -57.73
C ARG C 208 -14.77 22.37 -56.32
N ILE C 209 -13.81 21.63 -55.76
CA ILE C 209 -13.90 21.16 -54.38
C ILE C 209 -12.84 21.87 -53.54
N ARG C 210 -13.27 22.80 -52.70
CA ARG C 210 -12.36 23.60 -51.89
C ARG C 210 -11.93 22.90 -50.60
N ARG C 211 -10.63 22.84 -50.36
CA ARG C 211 -10.10 22.28 -49.12
C ARG C 211 -9.71 23.38 -48.14
N ILE C 212 -10.66 23.77 -47.28
CA ILE C 212 -10.40 24.80 -46.28
C ILE C 212 -9.43 24.29 -45.21
N PRO C 213 -8.38 25.08 -44.94
CA PRO C 213 -7.41 24.74 -43.89
C PRO C 213 -8.06 24.65 -42.49
N THR C 214 -7.35 24.04 -41.55
CA THR C 214 -7.90 23.82 -40.21
C THR C 214 -7.11 24.51 -39.09
N ASN C 215 -7.74 24.60 -37.92
CA ASN C 215 -7.11 25.13 -36.71
C ASN C 215 -5.95 24.27 -36.21
N SER C 216 -5.40 24.67 -35.08
CA SER C 216 -4.49 23.81 -34.33
C SER C 216 -5.30 22.70 -33.67
N HIS C 217 -6.59 22.95 -33.51
CA HIS C 217 -7.53 21.96 -32.95
C HIS C 217 -8.13 21.09 -34.06
N PHE C 218 -7.60 21.24 -35.27
CA PHE C 218 -8.02 20.45 -36.44
C PHE C 218 -9.50 20.65 -36.80
N GLN C 219 -10.05 21.80 -36.47
CA GLN C 219 -11.42 22.14 -36.86
C GLN C 219 -11.37 23.03 -38.08
N MET C 220 -12.40 22.97 -38.91
CA MET C 220 -12.46 23.78 -40.11
C MET C 220 -12.46 25.27 -39.79
N ASP C 221 -11.58 26.02 -40.44
CA ASP C 221 -11.50 27.46 -40.25
C ASP C 221 -12.69 28.12 -40.94
N THR C 222 -13.67 28.54 -40.14
CA THR C 222 -14.90 29.12 -40.67
C THR C 222 -14.66 30.50 -41.27
N THR C 223 -13.55 31.12 -40.91
CA THR C 223 -13.18 32.41 -41.46
C THR C 223 -12.70 32.26 -42.91
N LYS C 224 -11.75 31.35 -43.11
CA LYS C 224 -11.22 31.07 -44.43
C LYS C 224 -12.29 30.43 -45.32
N LEU C 225 -13.24 29.76 -44.70
CA LEU C 225 -14.36 29.14 -45.40
C LEU C 225 -15.21 30.18 -46.12
N GLU C 226 -15.64 31.18 -45.36
CA GLU C 226 -16.48 32.25 -45.90
C GLU C 226 -15.74 33.03 -46.98
N GLU C 227 -14.43 33.18 -46.81
CA GLU C 227 -13.60 33.84 -47.80
C GLU C 227 -13.62 33.11 -49.14
N ALA C 228 -13.52 31.80 -49.09
CA ALA C 228 -13.55 30.98 -50.30
C ALA C 228 -14.94 31.01 -50.95
N ILE C 229 -15.97 31.13 -50.13
CA ILE C 229 -17.34 31.19 -50.61
C ILE C 229 -17.61 32.50 -51.37
N GLU C 230 -17.20 33.62 -50.78
CA GLU C 230 -17.39 34.92 -51.41
C GLU C 230 -16.57 35.06 -52.67
N THR C 231 -15.35 34.52 -52.65
CA THR C 231 -14.48 34.52 -53.82
C THR C 231 -15.09 33.71 -54.96
N ASP C 232 -15.57 32.51 -54.63
CA ASP C 232 -16.20 31.64 -55.63
C ASP C 232 -17.50 32.24 -56.15
N LYS C 233 -18.24 32.90 -55.28
CA LYS C 233 -19.49 33.57 -55.64
C LYS C 233 -19.24 34.71 -56.62
N LYS C 234 -18.11 35.40 -56.41
CA LYS C 234 -17.73 36.53 -57.23
C LYS C 234 -17.16 36.09 -58.59
N SER C 235 -16.49 34.95 -58.59
CA SER C 235 -15.93 34.40 -59.83
C SER C 235 -17.04 33.87 -60.73
N GLY C 236 -18.22 33.67 -60.17
CA GLY C 236 -19.37 33.19 -60.92
C GLY C 236 -19.77 31.77 -60.60
N TYR C 237 -19.06 31.13 -59.68
CA TYR C 237 -19.43 29.78 -59.24
C TYR C 237 -20.66 29.84 -58.33
N ILE C 238 -21.30 28.70 -58.14
CA ILE C 238 -22.46 28.61 -57.24
C ILE C 238 -22.19 27.69 -56.06
N PRO C 239 -21.82 28.27 -54.91
CA PRO C 239 -21.61 27.50 -53.69
C PRO C 239 -22.90 26.83 -53.23
N PHE C 240 -22.91 25.51 -53.14
CA PHE C 240 -24.15 24.78 -52.87
C PHE C 240 -24.12 23.86 -51.65
N VAL C 241 -22.93 23.46 -51.21
CA VAL C 241 -22.83 22.56 -50.07
C VAL C 241 -21.55 22.73 -49.25
N VAL C 242 -21.71 22.69 -47.93
CA VAL C 242 -20.56 22.60 -47.03
C VAL C 242 -20.61 21.28 -46.27
N ILE C 243 -19.51 20.54 -46.27
CA ILE C 243 -19.45 19.30 -45.51
C ILE C 243 -18.61 19.46 -44.25
N GLY C 244 -19.29 19.53 -43.11
CA GLY C 244 -18.61 19.53 -41.82
C GLY C 244 -18.52 18.12 -41.30
N THR C 245 -17.43 17.80 -40.61
CA THR C 245 -17.25 16.47 -40.04
C THR C 245 -17.35 16.49 -38.53
N ALA C 246 -18.28 15.68 -38.00
CA ALA C 246 -18.41 15.51 -36.56
C ALA C 246 -17.64 14.26 -36.13
N GLY C 247 -16.36 14.44 -35.87
CA GLY C 247 -15.49 13.34 -35.52
C GLY C 247 -14.54 12.97 -36.65
N THR C 248 -13.53 13.81 -36.86
CA THR C 248 -12.52 13.60 -37.89
C THR C 248 -11.83 12.23 -37.76
N THR C 249 -11.56 11.60 -38.90
CA THR C 249 -10.89 10.30 -38.94
C THR C 249 -9.59 10.26 -38.12
N ASN C 250 -8.77 11.29 -38.26
CA ASN C 250 -7.46 11.31 -37.60
C ASN C 250 -7.48 11.62 -36.11
N THR C 251 -8.16 12.70 -35.72
CA THR C 251 -8.08 13.20 -34.36
C THR C 251 -9.42 13.18 -33.62
N GLY C 252 -10.50 12.93 -34.35
CA GLY C 252 -11.82 12.92 -33.74
C GLY C 252 -12.33 14.34 -33.48
N SER C 253 -11.72 15.31 -34.16
CA SER C 253 -12.10 16.70 -34.01
C SER C 253 -13.46 16.97 -34.63
N ILE C 254 -14.12 18.03 -34.17
CA ILE C 254 -15.45 18.39 -34.67
C ILE C 254 -15.45 19.81 -35.23
N ASP C 255 -15.90 19.94 -36.48
CA ASP C 255 -16.00 21.26 -37.12
C ASP C 255 -17.02 22.13 -36.39
N PRO C 256 -16.83 23.46 -36.45
CA PRO C 256 -17.77 24.38 -35.79
C PRO C 256 -19.16 24.29 -36.42
N LEU C 257 -20.00 23.44 -35.86
CA LEU C 257 -21.28 23.09 -36.49
C LEU C 257 -22.25 24.25 -36.62
N THR C 258 -22.33 25.07 -35.56
CA THR C 258 -23.24 26.22 -35.55
C THR C 258 -22.75 27.34 -36.48
N GLU C 259 -21.46 27.61 -36.46
CA GLU C 259 -20.87 28.64 -37.32
C GLU C 259 -21.07 28.32 -38.79
N ILE C 260 -20.84 27.06 -39.15
CA ILE C 260 -21.02 26.61 -40.52
C ILE C 260 -22.47 26.68 -40.97
N SER C 261 -23.37 26.21 -40.11
CA SER C 261 -24.80 26.25 -40.39
C SER C 261 -25.28 27.67 -40.64
N ALA C 262 -24.70 28.61 -39.89
CA ALA C 262 -25.03 30.03 -40.05
C ALA C 262 -24.68 30.50 -41.45
N LEU C 263 -23.48 30.16 -41.89
CA LEU C 263 -23.00 30.50 -43.24
C LEU C 263 -23.86 29.84 -44.32
N CYS C 264 -24.32 28.63 -44.06
CA CYS C 264 -25.12 27.89 -45.03
C CYS C 264 -26.49 28.53 -45.24
N LYS C 265 -27.11 28.98 -44.14
CA LYS C 265 -28.40 29.66 -44.23
C LYS C 265 -28.25 30.98 -44.95
N LYS C 266 -27.11 31.63 -44.73
CA LYS C 266 -26.83 32.94 -45.32
C LYS C 266 -26.59 32.85 -46.82
N HIS C 267 -25.85 31.83 -47.24
CA HIS C 267 -25.45 31.72 -48.63
C HIS C 267 -26.29 30.70 -49.41
N ASP C 268 -27.41 30.32 -48.82
CA ASP C 268 -28.35 29.39 -49.46
C ASP C 268 -27.68 28.05 -49.81
N MET C 269 -26.93 27.51 -48.85
CA MET C 269 -26.18 26.28 -49.08
C MET C 269 -26.70 25.12 -48.23
N TRP C 270 -26.55 23.90 -48.76
CA TRP C 270 -26.89 22.69 -48.03
C TRP C 270 -25.81 22.40 -47.00
N PHE C 271 -26.23 22.01 -45.80
CA PHE C 271 -25.28 21.65 -44.75
C PHE C 271 -25.37 20.15 -44.47
N HIS C 272 -24.31 19.43 -44.79
CA HIS C 272 -24.23 18.00 -44.51
C HIS C 272 -23.13 17.70 -43.49
N ILE C 273 -23.48 16.93 -42.47
CA ILE C 273 -22.52 16.51 -41.46
C ILE C 273 -22.09 15.06 -41.66
N ASP C 274 -20.80 14.84 -41.83
CA ASP C 274 -20.25 13.49 -41.91
C ASP C 274 -19.92 12.99 -40.51
N GLY C 275 -20.85 12.26 -39.92
CA GLY C 275 -20.67 11.74 -38.58
C GLY C 275 -20.56 10.23 -38.53
N ALA C 276 -19.88 9.67 -39.53
CA ALA C 276 -19.72 8.22 -39.64
C ALA C 276 -19.21 7.62 -38.33
N TYR C 277 -18.28 8.31 -37.70
CA TYR C 277 -17.71 7.88 -36.44
C TYR C 277 -18.35 8.60 -35.25
N GLY C 278 -18.32 9.92 -35.28
CA GLY C 278 -18.69 10.73 -34.13
C GLY C 278 -20.15 10.89 -33.79
N ALA C 279 -21.05 10.55 -34.72
CA ALA C 279 -22.49 10.75 -34.47
C ALA C 279 -23.01 9.88 -33.33
N SER C 280 -22.29 8.80 -33.04
CA SER C 280 -22.67 7.87 -31.97
C SER C 280 -22.60 8.53 -30.59
N VAL C 281 -21.77 9.56 -30.49
CA VAL C 281 -21.57 10.29 -29.23
C VAL C 281 -22.89 10.88 -28.71
N LEU C 282 -23.84 11.08 -29.61
CA LEU C 282 -25.17 11.54 -29.23
C LEU C 282 -25.86 10.60 -28.25
N LEU C 283 -25.41 9.33 -28.22
CA LEU C 283 -25.99 8.34 -27.33
C LEU C 283 -25.33 8.41 -25.95
N SER C 284 -24.28 9.22 -25.84
CA SER C 284 -23.56 9.39 -24.58
C SER C 284 -24.01 10.66 -23.87
N PRO C 285 -24.75 10.50 -22.76
CA PRO C 285 -25.28 11.65 -22.00
C PRO C 285 -24.18 12.58 -21.51
N LYS C 286 -22.98 12.04 -21.29
CA LYS C 286 -21.87 12.83 -20.81
C LYS C 286 -21.24 13.71 -21.88
N TYR C 287 -21.03 13.16 -23.07
CA TYR C 287 -20.32 13.85 -24.14
C TYR C 287 -21.22 14.30 -25.30
N LYS C 288 -22.54 14.14 -25.13
CA LYS C 288 -23.51 14.50 -26.17
C LYS C 288 -23.40 15.96 -26.61
N SER C 289 -23.06 16.84 -25.66
CA SER C 289 -23.00 18.28 -25.90
C SER C 289 -21.95 18.68 -26.93
N LEU C 290 -20.98 17.81 -27.17
CA LEU C 290 -19.92 18.08 -28.14
C LEU C 290 -20.48 18.19 -29.56
N LEU C 291 -21.64 17.59 -29.80
CA LEU C 291 -22.26 17.63 -31.12
C LEU C 291 -23.50 18.51 -31.12
N THR C 292 -23.40 19.68 -30.49
CA THR C 292 -24.53 20.60 -30.46
C THR C 292 -24.67 21.27 -31.82
N GLY C 293 -25.85 21.15 -32.42
CA GLY C 293 -26.10 21.78 -33.70
C GLY C 293 -26.18 20.80 -34.87
N THR C 294 -26.17 19.51 -34.57
CA THR C 294 -26.34 18.50 -35.62
C THR C 294 -27.72 18.64 -36.27
N GLY C 295 -28.68 19.10 -35.48
CA GLY C 295 -30.03 19.31 -35.96
C GLY C 295 -30.15 20.49 -36.90
N LEU C 296 -29.08 21.29 -36.99
CA LEU C 296 -29.06 22.44 -37.89
C LEU C 296 -28.77 21.99 -39.33
N ALA C 297 -28.06 20.88 -39.46
CA ALA C 297 -27.67 20.35 -40.77
C ALA C 297 -28.86 19.80 -41.55
N ASP C 298 -28.73 19.73 -42.87
CA ASP C 298 -29.80 19.21 -43.71
C ASP C 298 -29.68 17.70 -43.89
N SER C 299 -28.52 17.15 -43.58
CA SER C 299 -28.29 15.72 -43.67
C SER C 299 -27.11 15.27 -42.80
N ILE C 300 -27.12 14.01 -42.38
CA ILE C 300 -26.05 13.49 -41.53
C ILE C 300 -25.81 12.00 -41.76
N SER C 301 -24.53 11.60 -41.71
CA SER C 301 -24.16 10.21 -41.89
C SER C 301 -23.81 9.59 -40.54
N TRP C 302 -23.89 8.27 -40.46
CA TRP C 302 -23.72 7.58 -39.19
C TRP C 302 -23.46 6.10 -39.44
N ASP C 303 -22.28 5.63 -39.03
CA ASP C 303 -21.93 4.22 -39.19
C ASP C 303 -22.11 3.47 -37.88
N ALA C 304 -22.89 2.40 -37.93
CA ALA C 304 -23.10 1.56 -36.75
C ALA C 304 -21.98 0.55 -36.57
N HIS C 305 -21.24 0.28 -37.64
CA HIS C 305 -20.11 -0.65 -37.56
C HIS C 305 -18.86 -0.01 -36.97
N LYS C 306 -18.95 1.29 -36.66
CA LYS C 306 -17.85 2.01 -36.04
C LYS C 306 -17.96 2.10 -34.52
N TRP C 307 -19.07 2.67 -34.03
CA TRP C 307 -19.22 2.87 -32.60
C TRP C 307 -20.55 2.38 -32.04
N LEU C 308 -21.33 1.68 -32.87
CA LEU C 308 -22.55 1.05 -32.39
C LEU C 308 -22.36 -0.47 -32.34
N PHE C 309 -21.11 -0.89 -32.41
CA PHE C 309 -20.72 -2.29 -32.22
C PHE C 309 -21.39 -3.25 -33.21
N GLN C 310 -21.39 -2.87 -34.47
CA GLN C 310 -21.94 -3.73 -35.52
C GLN C 310 -20.85 -4.25 -36.43
N THR C 311 -21.15 -5.34 -37.13
CA THR C 311 -20.25 -5.87 -38.16
C THR C 311 -20.42 -5.04 -39.43
N TYR C 312 -19.37 -4.97 -40.23
CA TYR C 312 -19.46 -4.29 -41.51
C TYR C 312 -20.40 -5.08 -42.42
N GLY C 313 -21.33 -4.40 -43.08
CA GLY C 313 -21.49 -2.96 -42.95
C GLY C 313 -22.90 -2.53 -42.62
N CYS C 314 -23.02 -1.66 -41.63
CA CYS C 314 -24.31 -1.15 -41.20
C CYS C 314 -24.16 0.34 -40.92
N ALA C 315 -24.58 1.16 -41.88
CA ALA C 315 -24.49 2.61 -41.73
C ALA C 315 -25.79 3.28 -42.14
N MET C 316 -25.98 4.52 -41.70
CA MET C 316 -27.21 5.25 -41.95
C MET C 316 -26.93 6.64 -42.50
N VAL C 317 -27.84 7.14 -43.31
CA VAL C 317 -27.84 8.54 -43.70
C VAL C 317 -29.22 9.11 -43.40
N LEU C 318 -29.25 10.24 -42.69
CA LEU C 318 -30.51 10.86 -42.32
C LEU C 318 -30.64 12.27 -42.90
N VAL C 319 -31.84 12.63 -43.33
CA VAL C 319 -32.10 13.99 -43.80
C VAL C 319 -33.16 14.67 -42.95
N LYS C 320 -33.08 16.00 -42.85
CA LYS C 320 -34.03 16.77 -42.07
C LYS C 320 -35.40 16.80 -42.76
N ASP C 321 -35.38 16.88 -44.09
CA ASP C 321 -36.60 16.91 -44.87
C ASP C 321 -36.63 15.71 -45.81
N ILE C 322 -37.53 14.76 -45.54
CA ILE C 322 -37.62 13.52 -46.29
C ILE C 322 -37.97 13.75 -47.76
N ARG C 323 -38.59 14.89 -48.06
CA ARG C 323 -38.95 15.24 -49.43
C ARG C 323 -37.73 15.31 -50.34
N ASN C 324 -36.58 15.67 -49.76
CA ASN C 324 -35.34 15.76 -50.51
C ASN C 324 -34.81 14.40 -50.98
N LEU C 325 -35.04 13.37 -50.18
CA LEU C 325 -34.67 12.02 -50.57
C LEU C 325 -35.61 11.52 -51.68
N PHE C 326 -36.88 11.88 -51.57
CA PHE C 326 -37.86 11.53 -52.60
C PHE C 326 -37.51 12.18 -53.93
N HIS C 327 -37.18 13.46 -53.90
CA HIS C 327 -36.88 14.21 -55.13
C HIS C 327 -35.64 13.68 -55.83
N SER C 328 -34.74 13.04 -55.06
CA SER C 328 -33.50 12.54 -55.62
C SER C 328 -33.57 11.08 -56.09
N PHE C 329 -34.43 10.29 -55.45
CA PHE C 329 -34.38 8.84 -55.62
C PHE C 329 -35.70 8.15 -55.96
N HIS C 330 -36.75 8.92 -56.23
CA HIS C 330 -38.02 8.32 -56.60
C HIS C 330 -37.94 7.64 -57.95
N VAL C 331 -38.77 6.62 -58.14
CA VAL C 331 -38.77 5.84 -59.38
C VAL C 331 -39.76 6.39 -60.40
N ASN C 332 -40.93 6.82 -59.91
CA ASN C 332 -41.99 7.28 -60.78
C ASN C 332 -42.67 8.55 -60.25
N PRO C 333 -42.96 9.51 -61.15
CA PRO C 333 -42.60 9.48 -62.57
C PRO C 333 -41.28 10.19 -62.82
N GLU C 334 -40.35 10.05 -61.88
CA GLU C 334 -39.08 10.76 -61.89
C GLU C 334 -39.24 12.28 -61.90
N TYR C 335 -40.39 12.75 -61.42
CA TYR C 335 -40.68 14.16 -61.24
C TYR C 335 -41.69 14.39 -60.10
N LEU C 336 -41.87 13.36 -59.27
CA LEU C 336 -42.82 13.39 -58.15
C LEU C 336 -42.81 14.69 -57.36
N ASP C 350 -37.32 4.20 -49.19
CA ASP C 350 -36.75 5.23 -48.33
C ASP C 350 -36.37 6.59 -48.95
N ILE C 351 -35.70 6.64 -50.11
CA ILE C 351 -35.16 5.50 -50.84
C ILE C 351 -33.75 5.85 -51.32
N GLY C 352 -33.29 5.16 -52.36
CA GLY C 352 -32.03 5.50 -53.01
C GLY C 352 -30.77 5.19 -52.23
N MET C 353 -29.71 4.82 -52.94
CA MET C 353 -29.76 4.70 -54.39
C MET C 353 -30.11 3.30 -54.79
N GLU C 354 -30.24 2.42 -53.80
CA GLU C 354 -30.56 1.02 -54.03
C GLU C 354 -32.07 0.82 -53.99
N LEU C 355 -32.54 -0.22 -54.67
CA LEU C 355 -33.94 -0.58 -54.61
C LEU C 355 -34.13 -1.68 -53.58
N THR C 356 -33.66 -2.88 -53.90
CA THR C 356 -33.63 -3.96 -52.93
C THR C 356 -32.32 -3.89 -52.15
N ARG C 357 -32.41 -4.02 -50.83
CA ARG C 357 -31.24 -3.89 -49.96
C ARG C 357 -31.09 -5.09 -49.02
N PRO C 358 -29.87 -5.34 -48.55
CA PRO C 358 -29.72 -6.27 -47.43
C PRO C 358 -30.42 -5.69 -46.20
N ALA C 359 -31.02 -6.55 -45.38
CA ALA C 359 -31.72 -6.07 -44.19
C ALA C 359 -30.73 -5.62 -43.11
N ARG C 360 -30.02 -4.52 -43.40
CA ARG C 360 -28.94 -4.05 -42.53
C ARG C 360 -29.42 -3.61 -41.14
N GLY C 361 -30.58 -2.94 -41.10
CA GLY C 361 -31.08 -2.38 -39.86
C GLY C 361 -31.55 -3.40 -38.84
N LEU C 362 -31.77 -4.63 -39.29
CA LEU C 362 -32.28 -5.68 -38.42
C LEU C 362 -31.30 -6.06 -37.31
N LYS C 363 -30.02 -6.17 -37.66
CA LYS C 363 -29.01 -6.54 -36.66
C LYS C 363 -28.77 -5.41 -35.67
N LEU C 364 -28.97 -4.17 -36.11
CA LEU C 364 -28.84 -3.01 -35.23
C LEU C 364 -30.02 -2.95 -34.26
N TRP C 365 -31.21 -3.23 -34.77
CA TRP C 365 -32.42 -3.28 -33.96
C TRP C 365 -32.27 -4.32 -32.85
N LEU C 366 -31.84 -5.51 -33.25
CA LEU C 366 -31.58 -6.61 -32.32
C LEU C 366 -30.58 -6.18 -31.25
N THR C 367 -29.54 -5.48 -31.67
CA THR C 367 -28.51 -4.98 -30.76
C THR C 367 -29.11 -3.98 -29.78
N LEU C 368 -29.93 -3.07 -30.29
CA LEU C 368 -30.58 -2.05 -29.48
C LEU C 368 -31.54 -2.64 -28.45
N GLN C 369 -32.31 -3.64 -28.86
CA GLN C 369 -33.27 -4.29 -27.98
C GLN C 369 -32.57 -5.08 -26.87
N VAL C 370 -31.50 -5.78 -27.23
CA VAL C 370 -30.79 -6.63 -26.29
C VAL C 370 -29.93 -5.84 -25.30
N LEU C 371 -29.19 -4.87 -25.82
CA LEU C 371 -28.26 -4.11 -25.00
C LEU C 371 -28.87 -2.85 -24.38
N GLY C 372 -29.79 -2.21 -25.11
CA GLY C 372 -30.36 -0.96 -24.66
C GLY C 372 -29.43 0.20 -24.96
N SER C 373 -30.00 1.40 -25.07
CA SER C 373 -29.21 2.57 -25.44
C SER C 373 -28.34 3.09 -24.29
N ASP C 374 -28.78 2.83 -23.06
CA ASP C 374 -28.01 3.21 -21.88
C ASP C 374 -26.66 2.51 -21.85
N LEU C 375 -26.68 1.19 -22.02
CA LEU C 375 -25.46 0.40 -22.01
C LEU C 375 -24.51 0.79 -23.14
N ILE C 376 -25.08 1.00 -24.33
CA ILE C 376 -24.31 1.46 -25.48
C ILE C 376 -23.69 2.82 -25.19
N GLY C 377 -24.47 3.68 -24.55
CA GLY C 377 -23.98 4.99 -24.14
C GLY C 377 -22.78 4.90 -23.21
N SER C 378 -22.87 4.01 -22.22
CA SER C 378 -21.79 3.82 -21.25
C SER C 378 -20.51 3.33 -21.92
N ALA C 379 -20.66 2.46 -22.92
CA ALA C 379 -19.53 1.91 -23.65
C ALA C 379 -18.77 2.98 -24.41
N ILE C 380 -19.51 3.86 -25.08
CA ILE C 380 -18.91 4.99 -25.80
C ILE C 380 -18.10 5.84 -24.84
N GLU C 381 -18.70 6.16 -23.70
CA GLU C 381 -18.03 6.95 -22.66
C GLU C 381 -16.75 6.27 -22.16
N HIS C 382 -16.75 4.95 -22.14
CA HIS C 382 -15.56 4.19 -21.76
C HIS C 382 -14.46 4.36 -22.80
N GLY C 383 -14.86 4.62 -24.04
CA GLY C 383 -13.92 4.86 -25.12
C GLY C 383 -13.15 6.15 -24.88
N PHE C 384 -13.86 7.17 -24.41
CA PHE C 384 -13.24 8.44 -24.06
C PHE C 384 -12.20 8.24 -22.97
N GLN C 385 -12.59 7.52 -21.92
CA GLN C 385 -11.73 7.29 -20.76
C GLN C 385 -10.42 6.60 -21.13
N LEU C 386 -10.48 5.72 -22.12
CA LEU C 386 -9.30 4.98 -22.58
C LEU C 386 -8.24 5.90 -23.20
N ALA C 387 -8.69 6.85 -24.01
CA ALA C 387 -7.78 7.82 -24.64
C ALA C 387 -7.14 8.72 -23.59
N VAL C 388 -7.97 9.19 -22.66
CA VAL C 388 -7.49 10.01 -21.54
C VAL C 388 -6.43 9.27 -20.75
N TRP C 389 -6.69 8.00 -20.46
CA TRP C 389 -5.73 7.16 -19.73
C TRP C 389 -4.40 7.04 -20.49
N ALA C 390 -4.48 7.03 -21.81
CA ALA C 390 -3.29 6.96 -22.65
C ALA C 390 -2.49 8.26 -22.54
N GLU C 391 -3.20 9.38 -22.44
CA GLU C 391 -2.56 10.70 -22.32
C GLU C 391 -1.97 10.88 -20.93
N GLU C 392 -2.69 10.38 -19.92
CA GLU C 392 -2.21 10.44 -18.54
C GLU C 392 -0.96 9.60 -18.36
N ALA C 393 -0.86 8.52 -19.13
CA ALA C 393 0.30 7.64 -19.07
C ALA C 393 1.47 8.20 -19.87
N LEU C 394 1.19 9.13 -20.77
CA LEU C 394 2.22 9.70 -21.64
C LEU C 394 2.87 10.96 -21.05
N ASN C 395 2.16 11.66 -20.18
CA ASN C 395 2.67 12.90 -19.59
C ASN C 395 4.01 12.77 -18.83
N PRO C 396 4.14 11.78 -17.93
CA PRO C 396 5.43 11.66 -17.23
C PRO C 396 6.56 11.21 -18.14
N LYS C 397 6.23 10.51 -19.22
CA LYS C 397 7.22 10.03 -20.18
C LYS C 397 8.02 11.18 -20.80
N LYS C 398 9.33 10.99 -20.91
CA LYS C 398 10.19 12.02 -21.48
C LYS C 398 10.23 11.92 -23.00
N ASP C 399 10.33 13.06 -23.67
CA ASP C 399 10.44 13.15 -25.13
C ASP C 399 9.21 12.64 -25.89
N TRP C 400 8.09 12.46 -25.19
CA TRP C 400 6.84 12.10 -25.84
C TRP C 400 5.93 13.32 -26.02
N GLU C 401 5.65 13.65 -27.28
CA GLU C 401 4.86 14.82 -27.62
C GLU C 401 3.42 14.44 -27.93
N ILE C 402 2.48 15.25 -27.43
CA ILE C 402 1.06 15.05 -27.73
C ILE C 402 0.62 15.94 -28.88
N VAL C 403 0.59 15.37 -30.08
CA VAL C 403 0.18 16.10 -31.28
C VAL C 403 -1.31 16.44 -31.22
N SER C 404 -2.09 15.51 -30.70
CA SER C 404 -3.52 15.72 -30.52
C SER C 404 -3.95 15.13 -29.19
N PRO C 405 -4.52 15.96 -28.30
CA PRO C 405 -4.93 15.52 -26.96
C PRO C 405 -6.06 14.50 -27.03
N ALA C 406 -6.37 13.88 -25.90
CA ALA C 406 -7.44 12.89 -25.83
C ALA C 406 -8.76 13.52 -26.24
N GLN C 407 -9.26 13.11 -27.41
CA GLN C 407 -10.48 13.68 -27.95
C GLN C 407 -11.28 12.61 -28.68
N MET C 408 -12.48 12.33 -28.17
CA MET C 408 -13.39 11.36 -28.77
C MET C 408 -12.71 10.01 -28.97
N ALA C 409 -12.19 9.45 -27.88
CA ALA C 409 -11.50 8.16 -27.90
C ALA C 409 -10.28 8.10 -28.80
N MET C 410 -9.80 9.25 -29.25
CA MET C 410 -8.62 9.29 -30.10
C MET C 410 -7.52 10.15 -29.48
N ILE C 411 -6.29 9.79 -29.81
CA ILE C 411 -5.13 10.56 -29.38
C ILE C 411 -3.96 10.34 -30.33
N ASN C 412 -3.28 11.42 -30.68
CA ASN C 412 -2.11 11.33 -31.55
C ASN C 412 -0.86 11.86 -30.86
N PHE C 413 0.19 11.05 -30.88
CA PHE C 413 1.40 11.35 -30.14
C PHE C 413 2.63 10.78 -30.84
N ARG C 414 3.81 11.26 -30.46
CA ARG C 414 5.04 10.82 -31.08
C ARG C 414 6.21 10.86 -30.11
N TYR C 415 7.21 10.02 -30.36
CA TYR C 415 8.44 10.03 -29.58
C TYR C 415 9.47 10.88 -30.34
N ALA C 416 9.72 12.09 -29.84
CA ALA C 416 10.60 13.02 -30.52
C ALA C 416 11.78 13.48 -29.67
N PRO C 417 12.85 12.68 -29.65
CA PRO C 417 14.09 13.09 -28.99
C PRO C 417 14.75 14.23 -29.76
N LYS C 418 15.28 15.22 -29.05
CA LYS C 418 15.84 16.41 -29.69
C LYS C 418 17.08 16.12 -30.52
N ASP C 419 17.74 14.99 -30.22
CA ASP C 419 18.96 14.61 -30.92
C ASP C 419 18.73 14.30 -32.40
N LEU C 420 17.64 13.60 -32.71
CA LEU C 420 17.33 13.22 -34.08
C LEU C 420 16.63 14.35 -34.83
N THR C 421 17.11 14.64 -36.03
CA THR C 421 16.46 15.61 -36.91
C THR C 421 15.10 15.13 -37.41
N LYS C 422 14.40 16.03 -38.09
CA LYS C 422 13.05 15.79 -38.62
C LYS C 422 12.81 14.44 -39.31
N GLU C 423 13.62 14.14 -40.31
CA GLU C 423 13.45 12.92 -41.11
C GLU C 423 13.58 11.63 -40.31
N GLU C 424 14.63 11.54 -39.49
CA GLU C 424 14.89 10.34 -38.70
C GLU C 424 13.93 10.18 -37.53
N GLN C 425 13.24 11.26 -37.16
CA GLN C 425 12.20 11.19 -36.15
C GLN C 425 10.96 10.48 -36.69
N ASP C 426 10.63 10.76 -37.95
CA ASP C 426 9.50 10.12 -38.60
C ASP C 426 9.76 8.62 -38.81
N ILE C 427 10.98 8.30 -39.21
CA ILE C 427 11.40 6.90 -39.39
C ILE C 427 11.40 6.18 -38.04
N LEU C 428 11.78 6.90 -36.99
CA LEU C 428 11.77 6.35 -35.63
C LEU C 428 10.38 5.89 -35.21
N ASN C 429 9.40 6.78 -35.37
CA ASN C 429 8.02 6.48 -35.00
C ASN C 429 7.41 5.34 -35.82
N GLU C 430 7.85 5.21 -37.08
CA GLU C 430 7.37 4.15 -37.94
C GLU C 430 7.92 2.79 -37.50
N LYS C 431 9.17 2.80 -37.04
CA LYS C 431 9.81 1.58 -36.55
C LYS C 431 9.20 1.12 -35.23
N ILE C 432 8.75 2.09 -34.42
CA ILE C 432 8.09 1.77 -33.16
C ILE C 432 6.78 1.06 -33.44
N SER C 433 6.08 1.53 -34.48
CA SER C 433 4.83 0.93 -34.90
C SER C 433 5.04 -0.52 -35.32
N HIS C 434 6.07 -0.75 -36.13
CA HIS C 434 6.40 -2.10 -36.57
C HIS C 434 6.81 -2.98 -35.40
N ARG C 435 7.51 -2.40 -34.43
CA ARG C 435 8.04 -3.15 -33.31
C ARG C 435 6.93 -3.72 -32.42
N ILE C 436 5.88 -2.92 -32.20
CA ILE C 436 4.79 -3.36 -31.33
C ILE C 436 3.82 -4.29 -32.07
N LEU C 437 3.73 -4.14 -33.39
CA LEU C 437 2.88 -4.99 -34.21
C LEU C 437 3.43 -6.41 -34.28
N GLU C 438 4.74 -6.52 -34.46
CA GLU C 438 5.41 -7.82 -34.52
C GLU C 438 5.38 -8.52 -33.17
N SER C 439 5.35 -7.73 -32.10
CA SER C 439 5.27 -8.28 -30.75
C SER C 439 3.91 -8.93 -30.52
N GLY C 440 2.91 -8.48 -31.26
CA GLY C 440 1.56 -9.02 -31.17
C GLY C 440 0.80 -8.63 -29.92
N TYR C 441 1.33 -7.65 -29.18
CA TYR C 441 0.70 -7.21 -27.94
C TYR C 441 -0.43 -6.22 -28.21
N ALA C 442 -0.21 -5.30 -29.14
CA ALA C 442 -1.21 -4.29 -29.47
C ALA C 442 -1.10 -3.84 -30.93
N ALA C 443 -2.19 -3.28 -31.45
CA ALA C 443 -2.19 -2.75 -32.81
C ALA C 443 -2.18 -1.23 -32.80
N ILE C 444 -1.05 -0.65 -33.19
CA ILE C 444 -0.93 0.80 -33.31
C ILE C 444 -0.29 1.18 -34.65
N PHE C 445 -0.98 2.02 -35.40
CA PHE C 445 -0.52 2.40 -36.73
C PHE C 445 -0.11 3.86 -36.78
N THR C 446 0.59 4.23 -37.84
CA THR C 446 1.07 5.60 -37.99
C THR C 446 0.21 6.40 -38.96
N THR C 447 -0.01 7.67 -38.63
CA THR C 447 -0.72 8.58 -39.52
C THR C 447 0.06 9.89 -39.61
N VAL C 448 0.00 10.53 -40.78
CA VAL C 448 0.67 11.81 -40.97
C VAL C 448 -0.19 12.96 -40.51
N LEU C 449 0.31 13.71 -39.52
CA LEU C 449 -0.45 14.81 -38.95
C LEU C 449 0.48 16.02 -38.77
N ASN C 450 0.07 17.16 -39.31
CA ASN C 450 0.88 18.37 -39.30
C ASN C 450 2.24 18.18 -39.95
N GLY C 451 2.29 17.33 -40.97
CA GLY C 451 3.51 17.12 -41.75
C GLY C 451 4.44 16.06 -41.21
N LYS C 452 4.19 15.61 -39.99
CA LYS C 452 5.07 14.63 -39.34
C LYS C 452 4.38 13.30 -39.06
N THR C 453 5.14 12.21 -39.17
CA THR C 453 4.63 10.87 -38.87
C THR C 453 4.31 10.76 -37.39
N VAL C 454 3.10 10.27 -37.08
CA VAL C 454 2.60 10.25 -35.72
C VAL C 454 1.93 8.90 -35.40
N LEU C 455 2.23 8.35 -34.23
CA LEU C 455 1.53 7.16 -33.74
C LEU C 455 0.11 7.52 -33.34
N ARG C 456 -0.84 6.65 -33.68
CA ARG C 456 -2.24 6.93 -33.40
C ARG C 456 -2.90 5.82 -32.59
N ILE C 457 -3.71 6.21 -31.60
CA ILE C 457 -4.50 5.26 -30.83
C ILE C 457 -5.98 5.64 -30.82
N CYS C 458 -6.81 4.74 -31.32
CA CYS C 458 -8.26 4.87 -31.16
C CYS C 458 -8.78 3.68 -30.36
N ALA C 459 -9.08 3.92 -29.09
CA ALA C 459 -9.50 2.85 -28.18
C ALA C 459 -10.98 2.93 -27.85
N ILE C 460 -11.76 2.01 -28.43
CA ILE C 460 -13.20 2.00 -28.19
C ILE C 460 -13.71 0.62 -27.75
N HIS C 461 -12.79 -0.26 -27.38
CA HIS C 461 -13.14 -1.59 -26.91
C HIS C 461 -13.69 -1.52 -25.49
N PRO C 462 -14.94 -1.98 -25.31
CA PRO C 462 -15.69 -1.89 -24.04
C PRO C 462 -15.00 -2.56 -22.85
N GLU C 463 -14.08 -3.49 -23.11
CA GLU C 463 -13.45 -4.24 -22.03
C GLU C 463 -11.97 -3.91 -21.85
N ALA C 464 -11.50 -2.87 -22.54
CA ALA C 464 -10.11 -2.44 -22.38
C ALA C 464 -9.97 -1.74 -21.04
N THR C 465 -8.84 -2.00 -20.36
CA THR C 465 -8.62 -1.49 -19.01
C THR C 465 -7.53 -0.44 -18.97
N GLN C 466 -7.35 0.17 -17.80
CA GLN C 466 -6.33 1.19 -17.63
C GLN C 466 -4.93 0.55 -17.75
N GLU C 467 -4.82 -0.71 -17.32
CA GLU C 467 -3.58 -1.47 -17.43
C GLU C 467 -3.20 -1.71 -18.89
N ASP C 468 -4.21 -1.90 -19.74
CA ASP C 468 -4.00 -2.08 -21.16
C ASP C 468 -3.36 -0.83 -21.77
N MET C 469 -3.86 0.33 -21.38
CA MET C 469 -3.37 1.59 -21.91
C MET C 469 -2.00 1.92 -21.34
N GLN C 470 -1.85 1.69 -20.03
CA GLN C 470 -0.60 1.99 -19.35
C GLN C 470 0.56 1.14 -19.89
N HIS C 471 0.37 -0.18 -19.90
CA HIS C 471 1.40 -1.11 -20.37
C HIS C 471 1.79 -0.87 -21.83
N THR C 472 0.80 -0.53 -22.66
CA THR C 472 1.02 -0.25 -24.06
C THR C 472 1.94 0.95 -24.23
N ILE C 473 1.63 2.02 -23.51
CA ILE C 473 2.45 3.23 -23.53
C ILE C 473 3.87 2.92 -23.03
N ASP C 474 3.95 2.14 -21.96
CA ASP C 474 5.24 1.73 -21.40
C ASP C 474 6.02 0.91 -22.42
N LEU C 475 5.30 0.06 -23.16
CA LEU C 475 5.92 -0.76 -24.19
C LEU C 475 6.37 0.09 -25.38
N LEU C 476 5.61 1.15 -25.66
CA LEU C 476 5.96 2.08 -26.71
C LEU C 476 7.21 2.87 -26.31
N ASP C 477 7.25 3.29 -25.06
CA ASP C 477 8.39 4.03 -24.54
C ASP C 477 9.65 3.17 -24.55
N GLN C 478 9.48 1.89 -24.23
CA GLN C 478 10.57 0.93 -24.26
C GLN C 478 11.16 0.82 -25.66
N TYR C 479 10.30 0.58 -26.64
CA TYR C 479 10.72 0.47 -28.03
C TYR C 479 11.30 1.79 -28.54
N GLY C 480 10.78 2.90 -28.01
CA GLY C 480 11.23 4.22 -28.42
C GLY C 480 12.69 4.47 -28.12
N ARG C 481 13.13 4.09 -26.91
CA ARG C 481 14.51 4.29 -26.52
C ARG C 481 15.41 3.13 -26.93
N GLU C 482 14.79 2.01 -27.30
CA GLU C 482 15.54 0.89 -27.87
C GLU C 482 16.04 1.25 -29.26
N ILE C 483 15.14 1.80 -30.08
CA ILE C 483 15.51 2.22 -31.44
C ILE C 483 16.34 3.49 -31.38
N TYR C 484 16.15 4.29 -30.33
CA TYR C 484 16.94 5.50 -30.12
C TYR C 484 18.42 5.15 -30.00
N THR C 485 18.75 4.19 -29.13
CA THR C 485 20.13 3.79 -28.93
C THR C 485 20.70 3.06 -30.14
N GLU C 486 19.81 2.51 -30.97
CA GLU C 486 20.23 1.84 -32.20
C GLU C 486 20.63 2.84 -33.29
N MET C 487 20.40 4.12 -33.03
CA MET C 487 20.84 5.18 -33.93
C MET C 487 22.29 5.54 -33.64
N LYS C 488 23.19 4.59 -33.85
CA LYS C 488 24.61 4.81 -33.61
C LYS C 488 25.23 5.70 -34.67
N LYS C 489 25.49 6.96 -34.31
CA LYS C 489 26.07 7.93 -35.23
C LYS C 489 27.28 8.62 -34.60
N ALA C 490 28.33 8.84 -35.39
CA ALA C 490 28.35 8.46 -36.80
C ALA C 490 29.60 7.65 -37.13
N THR D 16 2.26 24.70 46.96
CA THR D 16 2.64 23.31 46.74
C THR D 16 3.07 23.07 45.30
N GLU D 17 2.78 24.02 44.42
CA GLU D 17 3.14 23.91 43.02
C GLU D 17 4.59 24.31 42.79
N TYR D 18 5.25 24.75 43.87
CA TYR D 18 6.64 25.16 43.81
C TYR D 18 7.52 24.21 44.62
N ILE D 19 7.02 23.00 44.84
CA ILE D 19 7.77 21.96 45.54
C ILE D 19 8.65 21.18 44.56
N LEU D 20 8.05 20.69 43.49
CA LEU D 20 8.76 19.90 42.51
C LEU D 20 9.64 20.75 41.58
N ASN D 21 9.08 21.83 41.07
CA ASN D 21 9.84 22.70 40.18
C ASN D 21 9.38 24.16 40.23
N SER D 22 10.37 25.06 40.11
CA SER D 22 10.11 26.48 40.04
C SER D 22 11.22 27.15 39.26
N THR D 23 11.00 28.38 38.82
CA THR D 23 12.00 29.11 38.05
C THR D 23 13.23 29.44 38.91
N GLN D 24 13.00 29.64 40.21
CA GLN D 24 14.09 29.92 41.13
C GLN D 24 15.07 28.77 41.24
N LEU D 25 14.55 27.54 41.16
CA LEU D 25 15.37 26.35 41.25
C LEU D 25 16.11 26.10 39.95
N GLU D 26 15.38 26.23 38.84
CA GLU D 26 15.93 26.05 37.50
C GLU D 26 17.09 27.01 37.26
N GLU D 27 16.98 28.22 37.79
CA GLU D 27 18.05 29.20 37.70
C GLU D 27 19.22 28.84 38.60
N ALA D 28 18.93 28.43 39.83
CA ALA D 28 19.97 28.07 40.79
C ALA D 28 20.77 26.87 40.32
N ILE D 29 20.09 25.93 39.67
CA ILE D 29 20.74 24.75 39.12
C ILE D 29 21.69 25.13 37.99
N LYS D 30 21.18 25.89 37.03
CA LYS D 30 21.99 26.34 35.90
C LYS D 30 23.13 27.24 36.37
N SER D 31 22.86 28.07 37.36
CA SER D 31 23.87 28.97 37.91
C SER D 31 25.00 28.20 38.59
N PHE D 32 24.64 27.21 39.40
CA PHE D 32 25.64 26.43 40.12
C PHE D 32 26.55 25.65 39.17
N VAL D 33 25.94 24.94 38.22
CA VAL D 33 26.68 24.15 37.25
C VAL D 33 27.66 25.03 36.49
N HIS D 34 27.17 26.17 36.02
CA HIS D 34 28.01 27.13 35.29
C HIS D 34 29.16 27.66 36.15
N ASP D 35 28.84 28.09 37.37
CA ASP D 35 29.84 28.67 38.27
C ASP D 35 30.88 27.64 38.69
N PHE D 36 30.44 26.41 38.94
CA PHE D 36 31.34 25.35 39.38
C PHE D 36 32.28 24.91 38.26
N CYS D 37 31.74 24.87 37.04
CA CYS D 37 32.57 24.56 35.87
C CYS D 37 33.62 25.63 35.65
N ALA D 38 33.27 26.87 36.02
CA ALA D 38 34.19 28.00 35.86
C ALA D 38 35.31 27.93 36.89
N GLU D 39 34.97 27.50 38.10
CA GLU D 39 35.94 27.38 39.17
C GLU D 39 36.82 26.13 38.98
N LYS D 40 36.39 25.25 38.08
CA LYS D 40 37.14 24.04 37.75
C LYS D 40 38.45 24.38 37.04
N HIS D 41 38.53 25.59 36.51
CA HIS D 41 39.74 26.04 35.80
C HIS D 41 40.76 26.69 36.74
N GLU D 42 40.40 26.82 38.01
CA GLU D 42 41.32 27.36 39.01
C GLU D 42 41.46 26.47 40.24
N ILE D 43 41.69 25.18 40.00
CA ILE D 43 41.92 24.22 41.08
C ILE D 43 43.34 24.35 41.60
N HIS D 44 44.28 24.60 40.69
CA HIS D 44 45.69 24.74 41.03
C HIS D 44 45.94 25.90 41.99
N ASP D 45 45.20 26.99 41.80
CA ASP D 45 45.35 28.19 42.62
C ASP D 45 44.86 27.99 44.05
N GLN D 46 44.05 26.95 44.25
CA GLN D 46 43.42 26.71 45.55
C GLN D 46 44.19 25.70 46.39
N PRO D 47 44.14 25.85 47.73
CA PRO D 47 44.76 24.91 48.65
C PRO D 47 44.12 23.53 48.57
N VAL D 48 44.90 22.49 48.85
CA VAL D 48 44.40 21.13 48.79
C VAL D 48 43.38 20.85 49.89
N VAL D 49 43.72 21.27 51.11
CA VAL D 49 42.83 21.06 52.25
C VAL D 49 42.47 22.37 52.92
N VAL D 50 41.17 22.65 52.98
CA VAL D 50 40.67 23.81 53.70
C VAL D 50 40.08 23.33 55.02
N GLU D 51 40.67 23.76 56.13
CA GLU D 51 40.25 23.29 57.44
C GLU D 51 39.28 24.27 58.10
N ALA D 52 38.32 23.72 58.84
CA ALA D 52 37.30 24.53 59.49
C ALA D 52 37.74 24.96 60.89
N LYS D 53 37.34 26.16 61.28
CA LYS D 53 37.60 26.64 62.63
C LYS D 53 36.68 25.94 63.63
N GLU D 54 36.97 26.11 64.92
CA GLU D 54 36.26 25.37 65.95
C GLU D 54 34.87 25.95 66.27
N HIS D 55 34.56 27.10 65.67
CA HIS D 55 33.25 27.71 65.88
C HIS D 55 32.31 27.35 64.75
N GLN D 56 32.84 26.67 63.73
CA GLN D 56 32.08 26.35 62.53
C GLN D 56 30.94 25.37 62.79
N GLU D 57 31.16 24.46 63.73
CA GLU D 57 30.15 23.47 64.08
C GLU D 57 28.91 24.12 64.68
N ASP D 58 29.12 25.06 65.59
CA ASP D 58 28.00 25.78 66.22
C ASP D 58 27.28 26.65 65.19
N LYS D 59 28.04 27.12 64.21
CA LYS D 59 27.50 27.95 63.13
C LYS D 59 26.48 27.16 62.29
N ILE D 60 26.68 25.85 62.22
CA ILE D 60 25.77 24.96 61.51
C ILE D 60 24.59 24.56 62.41
N LYS D 61 24.89 24.33 63.69
CA LYS D 61 23.88 23.91 64.65
C LYS D 61 22.88 25.03 64.98
N GLN D 62 23.24 26.26 64.65
CA GLN D 62 22.36 27.39 64.93
C GLN D 62 21.40 27.69 63.77
N ILE D 63 21.64 27.04 62.63
CA ILE D 63 20.68 27.05 61.54
C ILE D 63 19.74 25.89 61.77
N LYS D 64 18.46 26.18 61.96
CA LYS D 64 17.50 25.13 62.28
C LYS D 64 16.74 24.66 61.03
N ILE D 65 15.95 23.61 61.19
CA ILE D 65 15.06 23.16 60.11
C ILE D 65 13.79 24.00 60.18
N PRO D 66 13.66 24.97 59.26
CA PRO D 66 12.61 26.00 59.33
C PRO D 66 11.24 25.51 58.92
N GLU D 67 10.19 26.12 59.48
CA GLU D 67 8.82 25.82 59.06
C GLU D 67 8.53 26.54 57.75
N LYS D 68 8.99 27.78 57.64
CA LYS D 68 8.80 28.56 56.43
C LYS D 68 10.06 28.48 55.59
N GLY D 69 9.88 28.23 54.30
CA GLY D 69 10.99 28.07 53.37
C GLY D 69 11.85 29.29 53.20
N ARG D 70 13.10 29.08 52.82
CA ARG D 70 14.03 30.17 52.55
C ARG D 70 14.24 30.23 51.05
N PRO D 71 14.54 31.44 50.53
CA PRO D 71 14.82 31.59 49.10
C PRO D 71 16.05 30.76 48.72
N VAL D 72 15.97 30.07 47.58
CA VAL D 72 16.91 28.99 47.23
C VAL D 72 18.42 29.28 47.21
N ASN D 73 18.86 30.27 46.46
CA ASN D 73 20.30 30.54 46.35
C ASN D 73 20.94 31.06 47.64
N GLU D 74 20.13 31.55 48.58
CA GLU D 74 20.65 31.92 49.90
C GLU D 74 21.15 30.67 50.58
N VAL D 75 20.36 29.60 50.47
CA VAL D 75 20.71 28.32 51.05
C VAL D 75 21.89 27.72 50.30
N VAL D 76 21.90 27.89 48.98
CA VAL D 76 22.98 27.39 48.14
C VAL D 76 24.32 28.01 48.52
N SER D 77 24.33 29.33 48.65
CA SER D 77 25.52 30.05 49.09
C SER D 77 25.95 29.61 50.48
N GLU D 78 24.97 29.39 51.34
CA GLU D 78 25.23 28.96 52.71
C GLU D 78 25.94 27.61 52.74
N MET D 79 25.49 26.70 51.90
CA MET D 79 26.08 25.37 51.81
C MET D 79 27.47 25.41 51.18
N MET D 80 27.63 26.21 50.12
CA MET D 80 28.92 26.35 49.45
C MET D 80 29.99 26.90 50.39
N ASN D 81 29.61 27.84 51.24
CA ASN D 81 30.55 28.51 52.13
C ASN D 81 30.75 27.83 53.48
N GLU D 82 29.68 27.30 54.05
CA GLU D 82 29.72 26.77 55.41
C GLU D 82 29.80 25.24 55.48
N VAL D 83 29.46 24.57 54.38
CA VAL D 83 29.44 23.11 54.37
C VAL D 83 30.45 22.52 53.38
N TYR D 84 30.21 22.73 52.09
CA TYR D 84 31.04 22.14 51.05
C TYR D 84 32.47 22.69 51.02
N ARG D 85 32.66 23.89 51.52
CA ARG D 85 33.96 24.56 51.47
C ARG D 85 35.05 23.77 52.19
N TYR D 86 34.70 23.21 53.34
CA TYR D 86 35.68 22.52 54.19
C TYR D 86 35.81 21.05 53.82
N ARG D 87 36.74 20.76 52.93
CA ARG D 87 36.94 19.41 52.42
C ARG D 87 38.36 19.25 51.90
N GLY D 88 38.72 18.01 51.57
CA GLY D 88 39.97 17.76 50.89
C GLY D 88 39.67 17.63 49.41
N ASP D 89 40.23 18.52 48.61
CA ASP D 89 39.98 18.51 47.17
C ASP D 89 40.72 17.35 46.52
N ALA D 90 39.99 16.26 46.30
CA ALA D 90 40.58 15.03 45.77
C ALA D 90 40.99 15.15 44.31
N ASN D 91 40.49 16.17 43.63
CA ASN D 91 40.83 16.40 42.23
C ASN D 91 42.07 17.28 42.10
N HIS D 92 42.70 17.58 43.23
CA HIS D 92 43.96 18.29 43.23
C HIS D 92 45.08 17.26 43.11
N PRO D 93 46.02 17.51 42.19
CA PRO D 93 47.09 16.56 41.85
C PRO D 93 47.94 16.16 43.05
N ARG D 94 47.98 16.99 44.08
CA ARG D 94 48.79 16.70 45.25
C ARG D 94 47.97 16.37 46.50
N PHE D 95 46.79 15.80 46.29
CA PHE D 95 46.01 15.20 47.38
C PHE D 95 46.40 13.73 47.48
N PHE D 96 47.34 13.43 48.37
CA PHE D 96 47.95 12.11 48.40
C PHE D 96 47.26 11.10 49.33
N SER D 97 45.93 11.21 49.42
CA SER D 97 45.11 10.18 50.03
C SER D 97 44.23 9.57 48.94
N PHE D 98 43.57 8.46 49.24
CA PHE D 98 42.77 7.78 48.22
C PHE D 98 41.32 7.60 48.65
N VAL D 99 41.01 7.94 49.90
CA VAL D 99 39.66 7.74 50.42
C VAL D 99 38.65 8.61 49.66
N PRO D 100 38.93 9.93 49.51
CA PRO D 100 38.20 10.60 48.44
C PRO D 100 38.98 10.40 47.15
N GLY D 101 38.43 9.62 46.22
CA GLY D 101 39.10 9.38 44.96
C GLY D 101 38.93 10.50 43.97
N PRO D 102 39.86 10.61 43.00
CA PRO D 102 39.70 11.58 41.91
C PRO D 102 38.46 11.26 41.10
N ALA D 103 37.52 12.20 41.04
CA ALA D 103 36.24 11.96 40.38
C ALA D 103 36.14 12.63 39.01
N SER D 104 36.01 11.81 37.97
CA SER D 104 35.84 12.30 36.62
C SER D 104 34.52 13.04 36.45
N SER D 105 34.51 14.05 35.58
CA SER D 105 33.30 14.80 35.29
C SER D 105 32.33 13.98 34.43
N VAL D 106 32.83 12.90 33.82
CA VAL D 106 31.96 11.96 33.15
C VAL D 106 31.09 11.29 34.20
N SER D 107 31.72 10.96 35.33
CA SER D 107 31.02 10.37 36.47
C SER D 107 30.05 11.37 37.06
N TRP D 108 30.46 12.63 37.13
CA TRP D 108 29.60 13.71 37.60
C TRP D 108 28.36 13.80 36.72
N LEU D 109 28.57 13.73 35.40
CA LEU D 109 27.48 13.75 34.44
C LEU D 109 26.53 12.57 34.66
N GLY D 110 27.10 11.42 35.00
CA GLY D 110 26.30 10.23 35.27
C GLY D 110 25.37 10.44 36.45
N ASP D 111 25.88 11.10 37.48
CA ASP D 111 25.08 11.41 38.65
C ASP D 111 23.96 12.40 38.31
N ILE D 112 24.30 13.44 37.56
CA ILE D 112 23.33 14.47 37.17
C ILE D 112 22.18 13.90 36.37
N MET D 113 22.50 13.08 35.37
CA MET D 113 21.49 12.44 34.53
C MET D 113 20.63 11.46 35.32
N THR D 114 21.28 10.59 36.08
CA THR D 114 20.59 9.59 36.89
C THR D 114 19.65 10.27 37.89
N SER D 115 20.11 11.37 38.47
CA SER D 115 19.31 12.13 39.42
C SER D 115 18.19 12.88 38.72
N ALA D 116 18.46 13.29 37.48
CA ALA D 116 17.47 14.04 36.70
C ALA D 116 16.26 13.18 36.38
N TYR D 117 16.49 12.01 35.81
CA TYR D 117 15.42 11.12 35.40
C TYR D 117 14.71 10.42 36.55
N ASN D 118 15.33 10.47 37.73
CA ASN D 118 14.76 9.86 38.93
C ASN D 118 14.42 8.39 38.73
N ILE D 119 15.43 7.58 38.44
CA ILE D 119 15.24 6.15 38.25
C ILE D 119 16.00 5.35 39.30
N HIS D 120 15.67 4.08 39.43
CA HIS D 120 16.32 3.23 40.41
C HIS D 120 16.65 1.85 39.84
N ALA D 121 17.57 1.16 40.48
CA ALA D 121 17.92 -0.20 40.07
C ALA D 121 17.15 -1.20 40.91
N GLY D 122 16.92 -2.39 40.35
CA GLY D 122 16.16 -3.42 41.04
C GLY D 122 14.72 -3.01 41.25
N GLY D 123 14.12 -3.52 42.32
CA GLY D 123 12.76 -3.16 42.68
C GLY D 123 11.71 -3.63 41.68
N SER D 124 11.25 -2.70 40.84
CA SER D 124 10.21 -3.01 39.87
C SER D 124 10.77 -3.30 38.47
N LYS D 125 9.88 -3.39 37.50
CA LYS D 125 10.27 -3.65 36.12
C LYS D 125 9.93 -2.46 35.24
N LEU D 126 9.84 -1.27 35.85
CA LEU D 126 9.51 -0.06 35.13
C LEU D 126 10.74 0.50 34.42
N ALA D 127 11.91 0.25 35.00
CA ALA D 127 13.16 0.68 34.40
C ALA D 127 14.08 -0.52 34.18
N PRO D 128 13.76 -1.36 33.18
CA PRO D 128 14.47 -2.61 32.94
C PRO D 128 15.86 -2.41 32.35
N MET D 129 16.04 -1.38 31.54
CA MET D 129 17.31 -1.13 30.89
C MET D 129 18.38 -0.64 31.85
N VAL D 130 17.94 -0.03 32.96
CA VAL D 130 18.85 0.34 34.04
C VAL D 130 19.55 -0.91 34.55
N ASN D 131 18.78 -1.96 34.80
CA ASN D 131 19.32 -3.22 35.28
C ASN D 131 20.14 -3.95 34.22
N CYS D 132 19.74 -3.80 32.96
CA CYS D 132 20.50 -4.37 31.85
C CYS D 132 21.89 -3.75 31.79
N ILE D 133 21.96 -2.43 31.92
CA ILE D 133 23.22 -1.72 31.92
C ILE D 133 24.15 -2.19 33.05
N GLU D 134 23.63 -2.21 34.26
CA GLU D 134 24.41 -2.66 35.41
C GLU D 134 24.87 -4.11 35.26
N GLN D 135 24.01 -4.95 34.72
CA GLN D 135 24.36 -6.35 34.51
C GLN D 135 25.50 -6.50 33.51
N GLU D 136 25.48 -5.67 32.48
CA GLU D 136 26.53 -5.68 31.47
C GLU D 136 27.89 -5.31 32.06
N VAL D 137 27.90 -4.32 32.94
CA VAL D 137 29.12 -3.90 33.61
C VAL D 137 29.67 -4.99 34.52
N LEU D 138 28.80 -5.58 35.34
CA LEU D 138 29.20 -6.62 36.28
C LEU D 138 29.71 -7.87 35.57
N LYS D 139 29.12 -8.20 34.43
CA LYS D 139 29.60 -9.32 33.61
C LYS D 139 31.01 -9.05 33.12
N TRP D 140 31.25 -7.83 32.67
CA TRP D 140 32.56 -7.42 32.19
C TRP D 140 33.61 -7.43 33.31
N LEU D 141 33.23 -6.96 34.49
CA LEU D 141 34.13 -6.96 35.63
C LEU D 141 34.49 -8.38 36.07
N ALA D 142 33.53 -9.29 35.90
CA ALA D 142 33.75 -10.70 36.21
C ALA D 142 34.84 -11.29 35.35
N LYS D 143 34.90 -10.86 34.09
CA LYS D 143 35.92 -11.34 33.17
C LYS D 143 37.32 -10.95 33.64
N GLN D 144 37.44 -9.74 34.17
CA GLN D 144 38.74 -9.21 34.59
C GLN D 144 39.21 -9.88 35.88
N VAL D 145 38.27 -10.36 36.68
CA VAL D 145 38.58 -11.00 37.96
C VAL D 145 39.05 -12.43 37.73
N GLY D 146 38.40 -13.12 36.80
CA GLY D 146 38.74 -14.49 36.48
C GLY D 146 37.58 -15.43 36.72
N PHE D 147 36.36 -14.88 36.71
CA PHE D 147 35.16 -15.69 36.88
C PHE D 147 34.57 -16.00 35.52
N THR D 148 34.83 -17.21 35.04
CA THR D 148 34.46 -17.60 33.67
C THR D 148 33.28 -18.56 33.65
N GLU D 149 33.00 -19.19 34.79
CA GLU D 149 31.99 -20.24 34.85
C GLU D 149 30.57 -19.67 34.84
N ASN D 150 30.11 -19.23 36.00
CA ASN D 150 28.74 -18.71 36.14
C ASN D 150 28.66 -17.70 37.28
N PRO D 151 29.23 -16.51 37.08
CA PRO D 151 29.35 -15.53 38.16
C PRO D 151 28.08 -14.72 38.39
N GLY D 152 28.09 -13.92 39.44
CA GLY D 152 26.98 -13.04 39.76
C GLY D 152 27.52 -11.83 40.48
N GLY D 153 26.68 -10.82 40.68
CA GLY D 153 27.14 -9.60 41.33
C GLY D 153 26.07 -8.55 41.52
N VAL D 154 26.34 -7.59 42.39
CA VAL D 154 25.42 -6.49 42.64
C VAL D 154 26.18 -5.22 42.99
N PHE D 155 25.70 -4.08 42.47
CA PHE D 155 26.28 -2.80 42.83
C PHE D 155 25.92 -2.41 44.26
N VAL D 156 26.92 -1.93 44.99
CA VAL D 156 26.74 -1.54 46.39
C VAL D 156 27.26 -0.12 46.63
N SER D 157 26.96 0.42 47.80
CA SER D 157 27.30 1.80 48.09
C SER D 157 28.78 1.97 48.41
N GLY D 158 29.44 0.88 48.77
CA GLY D 158 30.84 0.93 49.14
C GLY D 158 31.44 -0.42 49.48
N GLY D 159 32.72 -0.41 49.87
CA GLY D 159 33.44 -1.63 50.17
C GLY D 159 32.88 -2.39 51.36
N SER D 160 32.48 -1.64 52.39
CA SER D 160 31.88 -2.25 53.58
C SER D 160 30.68 -3.08 53.19
N MET D 161 29.81 -2.50 52.37
CA MET D 161 28.60 -3.19 51.93
C MET D 161 28.93 -4.35 51.01
N ALA D 162 30.00 -4.21 50.24
CA ALA D 162 30.46 -5.27 49.36
C ALA D 162 30.99 -6.42 50.19
N ASN D 163 31.72 -6.08 51.26
CA ASN D 163 32.29 -7.07 52.16
C ASN D 163 31.21 -7.85 52.91
N ILE D 164 30.25 -7.14 53.50
CA ILE D 164 29.17 -7.78 54.23
C ILE D 164 28.31 -8.66 53.31
N THR D 165 28.12 -8.21 52.07
CA THR D 165 27.36 -8.97 51.08
C THR D 165 27.99 -10.33 50.80
N ALA D 166 29.29 -10.32 50.55
CA ALA D 166 30.03 -11.54 50.23
C ALA D 166 30.14 -12.47 51.43
N LEU D 167 30.44 -11.92 52.60
CA LEU D 167 30.63 -12.71 53.80
C LEU D 167 29.34 -13.36 54.30
N THR D 168 28.21 -12.75 53.98
CA THR D 168 26.91 -13.34 54.32
C THR D 168 26.70 -14.56 53.45
N ALA D 169 27.09 -14.45 52.17
CA ALA D 169 27.04 -15.57 51.25
C ALA D 169 27.96 -16.68 51.75
N ALA D 170 29.15 -16.28 52.20
CA ALA D 170 30.12 -17.21 52.78
C ALA D 170 29.52 -17.96 53.95
N ARG D 171 28.85 -17.24 54.84
CA ARG D 171 28.28 -17.82 56.06
C ARG D 171 27.16 -18.82 55.75
N ASP D 172 26.22 -18.42 54.89
CA ASP D 172 25.09 -19.27 54.55
C ASP D 172 25.51 -20.52 53.79
N ASN D 173 26.70 -20.46 53.18
CA ASN D 173 27.21 -21.55 52.37
C ASN D 173 27.97 -22.58 53.19
N LYS D 174 28.48 -22.17 54.35
CA LYS D 174 29.33 -23.01 55.16
C LYS D 174 28.71 -23.36 56.52
N LEU D 175 27.85 -22.49 57.02
CA LEU D 175 27.32 -22.66 58.37
C LEU D 175 25.80 -22.74 58.42
N THR D 176 25.29 -23.31 59.52
CA THR D 176 23.86 -23.31 59.80
C THR D 176 23.61 -22.47 61.04
N ASP D 177 22.35 -22.34 61.43
CA ASP D 177 21.99 -21.52 62.59
C ASP D 177 22.42 -22.09 63.94
N ILE D 178 22.62 -23.40 64.01
CA ILE D 178 22.97 -24.04 65.27
C ILE D 178 24.49 -24.18 65.50
N ASN D 179 25.28 -24.03 64.44
CA ASN D 179 26.74 -24.08 64.59
C ASN D 179 27.44 -22.76 64.25
N LEU D 180 26.64 -21.74 63.95
CA LEU D 180 27.14 -20.41 63.59
C LEU D 180 28.08 -19.82 64.65
N HIS D 181 27.78 -20.08 65.91
CA HIS D 181 28.60 -19.61 67.02
C HIS D 181 29.94 -20.33 67.09
N LEU D 182 30.09 -21.40 66.32
CA LEU D 182 31.36 -22.14 66.29
C LEU D 182 32.23 -21.74 65.10
N GLY D 183 31.65 -20.96 64.19
CA GLY D 183 32.36 -20.51 63.00
C GLY D 183 33.47 -19.54 63.33
N THR D 184 34.59 -19.66 62.62
CA THR D 184 35.71 -18.75 62.80
C THR D 184 36.18 -18.15 61.47
N ALA D 185 36.61 -16.90 61.51
CA ALA D 185 37.05 -16.20 60.32
C ALA D 185 38.52 -15.79 60.45
N TYR D 186 39.19 -15.60 59.31
CA TYR D 186 40.62 -15.34 59.33
C TYR D 186 41.03 -14.16 58.44
N ILE D 187 41.69 -13.18 59.07
CA ILE D 187 42.20 -12.00 58.38
C ILE D 187 43.63 -11.71 58.83
N SER D 188 44.23 -10.68 58.23
CA SER D 188 45.58 -10.28 58.61
C SER D 188 45.52 -9.00 59.45
N ASP D 189 46.66 -8.58 59.99
CA ASP D 189 46.71 -7.36 60.79
C ASP D 189 46.71 -6.10 59.92
N GLN D 190 46.67 -6.30 58.60
CA GLN D 190 46.63 -5.19 57.65
C GLN D 190 45.28 -5.15 56.94
N THR D 191 44.41 -6.10 57.29
CA THR D 191 43.06 -6.15 56.74
C THR D 191 42.25 -4.95 57.21
N HIS D 192 41.45 -4.39 56.30
CA HIS D 192 40.61 -3.24 56.60
C HIS D 192 39.63 -3.55 57.74
N SER D 193 39.29 -2.52 58.53
CA SER D 193 38.48 -2.71 59.73
C SER D 193 37.04 -3.09 59.41
N SER D 194 36.58 -2.73 58.21
CA SER D 194 35.21 -3.00 57.80
C SER D 194 34.91 -4.50 57.73
N VAL D 195 35.94 -5.30 57.53
CA VAL D 195 35.79 -6.75 57.40
C VAL D 195 35.35 -7.37 58.70
N ALA D 196 36.08 -7.09 59.78
CA ALA D 196 35.75 -7.59 61.11
C ALA D 196 34.41 -7.02 61.59
N LYS D 197 34.15 -5.76 61.24
CA LYS D 197 32.88 -5.11 61.58
C LYS D 197 31.72 -5.82 60.92
N GLY D 198 31.90 -6.17 59.64
CA GLY D 198 30.89 -6.91 58.91
C GLY D 198 30.72 -8.32 59.44
N LEU D 199 31.82 -8.91 59.90
CA LEU D 199 31.79 -10.25 60.48
C LEU D 199 30.93 -10.32 61.74
N ARG D 200 31.01 -9.28 62.57
CA ARG D 200 30.18 -9.19 63.77
C ARG D 200 28.69 -9.13 63.39
N ILE D 201 28.39 -8.38 62.35
CA ILE D 201 27.01 -8.17 61.89
C ILE D 201 26.31 -9.47 61.45
N ILE D 202 27.04 -10.36 60.78
CA ILE D 202 26.44 -11.60 60.29
C ILE D 202 26.50 -12.74 61.29
N GLY D 203 27.06 -12.48 62.47
CA GLY D 203 27.00 -13.41 63.57
C GLY D 203 28.32 -14.02 64.03
N ILE D 204 29.43 -13.46 63.57
CA ILE D 204 30.74 -13.93 64.01
C ILE D 204 31.36 -12.94 64.98
N THR D 205 31.40 -13.30 66.26
CA THR D 205 31.93 -12.41 67.30
C THR D 205 33.42 -12.16 67.10
N ASP D 206 33.89 -11.02 67.59
CA ASP D 206 35.28 -10.62 67.45
C ASP D 206 36.25 -11.64 68.04
N SER D 207 35.81 -12.34 69.08
CA SER D 207 36.61 -13.38 69.70
C SER D 207 36.87 -14.56 68.76
N ARG D 208 36.09 -14.66 67.69
CA ARG D 208 36.25 -15.74 66.71
C ARG D 208 36.80 -15.23 65.39
N ILE D 209 37.39 -14.04 65.41
CA ILE D 209 38.03 -13.48 64.22
C ILE D 209 39.53 -13.42 64.43
N ARG D 210 40.27 -14.28 63.74
CA ARG D 210 41.70 -14.38 63.93
C ARG D 210 42.47 -13.34 63.12
N ARG D 211 43.37 -12.61 63.79
CA ARG D 211 44.24 -11.65 63.11
C ARG D 211 45.64 -12.23 62.88
N ILE D 212 45.83 -12.85 61.72
CA ILE D 212 47.12 -13.43 61.36
C ILE D 212 48.17 -12.35 61.12
N PRO D 213 49.35 -12.50 61.73
CA PRO D 213 50.46 -11.56 61.52
C PRO D 213 50.88 -11.49 60.06
N THR D 214 51.62 -10.45 59.69
CA THR D 214 52.03 -10.26 58.30
C THR D 214 53.54 -10.30 58.10
N ASN D 215 53.95 -10.45 56.84
CA ASN D 215 55.36 -10.41 56.46
C ASN D 215 55.98 -9.03 56.71
N SER D 216 57.25 -8.91 56.34
CA SER D 216 57.88 -7.60 56.24
C SER D 216 57.32 -6.87 55.03
N HIS D 217 56.78 -7.64 54.09
CA HIS D 217 56.13 -7.10 52.89
C HIS D 217 54.65 -6.84 53.11
N PHE D 218 54.21 -6.95 54.36
CA PHE D 218 52.84 -6.68 54.77
C PHE D 218 51.82 -7.63 54.12
N GLN D 219 52.27 -8.83 53.77
CA GLN D 219 51.37 -9.86 53.23
C GLN D 219 51.01 -10.86 54.34
N MET D 220 49.83 -11.47 54.23
CA MET D 220 49.41 -12.45 55.22
C MET D 220 50.34 -13.65 55.27
N ASP D 221 50.80 -13.99 56.47
CA ASP D 221 51.65 -15.15 56.68
C ASP D 221 50.79 -16.42 56.58
N THR D 222 50.92 -17.13 55.48
CA THR D 222 50.10 -18.32 55.23
C THR D 222 50.49 -19.51 56.11
N THR D 223 51.68 -19.44 56.69
CA THR D 223 52.14 -20.49 57.60
C THR D 223 51.40 -20.40 58.93
N LYS D 224 51.42 -19.20 59.52
CA LYS D 224 50.72 -18.96 60.77
C LYS D 224 49.21 -19.09 60.61
N LEU D 225 48.73 -18.81 59.40
CA LEU D 225 47.31 -18.94 59.09
C LEU D 225 46.84 -20.37 59.26
N GLU D 226 47.53 -21.30 58.60
CA GLU D 226 47.18 -22.72 58.68
C GLU D 226 47.28 -23.23 60.11
N GLU D 227 48.24 -22.72 60.87
CA GLU D 227 48.39 -23.09 62.27
C GLU D 227 47.15 -22.72 63.07
N ALA D 228 46.64 -21.51 62.84
CA ALA D 228 45.45 -21.03 63.52
C ALA D 228 44.22 -21.83 63.09
N ILE D 229 44.23 -22.26 61.83
CA ILE D 229 43.12 -23.04 61.29
C ILE D 229 43.05 -24.42 61.93
N GLU D 230 44.20 -25.10 62.00
CA GLU D 230 44.28 -26.43 62.59
C GLU D 230 43.98 -26.39 64.08
N THR D 231 44.47 -25.36 64.76
CA THR D 231 44.23 -25.17 66.18
C THR D 231 42.74 -24.98 66.47
N ASP D 232 42.09 -24.11 65.70
CA ASP D 232 40.66 -23.86 65.87
C ASP D 232 39.84 -25.09 65.50
N LYS D 233 40.30 -25.82 64.50
CA LYS D 233 39.65 -27.06 64.08
C LYS D 233 39.74 -28.11 65.17
N LYS D 234 40.86 -28.12 65.89
CA LYS D 234 41.09 -29.07 66.96
C LYS D 234 40.31 -28.72 68.21
N SER D 235 40.11 -27.42 68.46
CA SER D 235 39.35 -26.97 69.61
C SER D 235 37.86 -27.25 69.44
N GLY D 236 37.46 -27.52 68.20
CA GLY D 236 36.07 -27.81 67.89
C GLY D 236 35.37 -26.70 67.12
N TYR D 237 36.08 -25.62 66.81
CA TYR D 237 35.52 -24.54 66.01
C TYR D 237 35.43 -24.94 64.53
N ILE D 238 34.67 -24.18 63.76
CA ILE D 238 34.50 -24.43 62.34
C ILE D 238 35.05 -23.31 61.48
N PRO D 239 36.27 -23.46 60.98
CA PRO D 239 36.87 -22.48 60.06
C PRO D 239 36.09 -22.44 58.75
N PHE D 240 35.53 -21.29 58.39
CA PHE D 240 34.65 -21.23 57.22
C PHE D 240 35.06 -20.20 56.17
N VAL D 241 35.84 -19.20 56.56
CA VAL D 241 36.25 -18.17 55.61
C VAL D 241 37.62 -17.54 55.92
N VAL D 242 38.40 -17.33 54.86
CA VAL D 242 39.63 -16.53 54.93
C VAL D 242 39.46 -15.30 54.04
N ILE D 243 39.76 -14.13 54.58
CA ILE D 243 39.68 -12.90 53.80
C ILE D 243 41.05 -12.39 53.41
N GLY D 244 41.40 -12.56 52.13
CA GLY D 244 42.64 -12.02 51.60
C GLY D 244 42.41 -10.64 51.02
N THR D 245 43.40 -9.76 51.13
CA THR D 245 43.27 -8.42 50.60
C THR D 245 44.14 -8.19 49.37
N ALA D 246 43.52 -7.79 48.26
CA ALA D 246 44.24 -7.40 47.07
C ALA D 246 44.37 -5.88 47.05
N GLY D 247 45.40 -5.37 47.73
CA GLY D 247 45.60 -3.94 47.82
C GLY D 247 45.27 -3.39 49.20
N THR D 248 46.14 -3.66 50.17
CA THR D 248 45.99 -3.19 51.54
C THR D 248 45.87 -1.67 51.61
N THR D 249 45.01 -1.18 52.50
CA THR D 249 44.80 0.25 52.70
C THR D 249 46.11 1.01 52.94
N ASN D 250 46.96 0.46 53.80
CA ASN D 250 48.20 1.13 54.18
C ASN D 250 49.34 1.08 53.16
N THR D 251 49.66 -0.12 52.68
CA THR D 251 50.87 -0.31 51.88
C THR D 251 50.59 -0.76 50.45
N GLY D 252 49.36 -1.14 50.17
CA GLY D 252 48.99 -1.61 48.84
C GLY D 252 49.51 -3.02 48.61
N SER D 253 49.84 -3.69 49.72
CA SER D 253 50.35 -5.05 49.65
C SER D 253 49.25 -6.03 49.26
N ILE D 254 49.64 -7.17 48.70
CA ILE D 254 48.69 -8.18 48.28
C ILE D 254 48.96 -9.51 48.98
N ASP D 255 47.94 -10.04 49.64
CA ASP D 255 48.07 -11.34 50.31
C ASP D 255 48.35 -12.43 49.28
N PRO D 256 49.05 -13.50 49.70
CA PRO D 256 49.36 -14.62 48.79
C PRO D 256 48.09 -15.31 48.33
N LEU D 257 47.55 -14.88 47.20
CA LEU D 257 46.23 -15.29 46.75
C LEU D 257 46.12 -16.78 46.45
N THR D 258 47.14 -17.33 45.81
CA THR D 258 47.14 -18.75 45.47
C THR D 258 47.32 -19.65 46.69
N GLU D 259 48.23 -19.26 47.59
CA GLU D 259 48.48 -20.04 48.80
C GLU D 259 47.23 -20.13 49.67
N ILE D 260 46.54 -19.00 49.81
CA ILE D 260 45.32 -18.94 50.60
C ILE D 260 44.22 -19.80 49.98
N SER D 261 44.05 -19.67 48.67
CA SER D 261 43.05 -20.46 47.94
C SER D 261 43.29 -21.95 48.10
N ALA D 262 44.56 -22.35 48.13
CA ALA D 262 44.94 -23.74 48.34
C ALA D 262 44.46 -24.23 49.70
N LEU D 263 44.73 -23.43 50.73
CA LEU D 263 44.31 -23.74 52.08
C LEU D 263 42.79 -23.82 52.20
N CYS D 264 42.10 -22.95 51.47
CA CYS D 264 40.64 -22.90 51.51
C CYS D 264 40.01 -24.16 50.91
N LYS D 265 40.56 -24.63 49.79
CA LYS D 265 40.05 -25.84 49.15
C LYS D 265 40.30 -27.04 50.05
N LYS D 266 41.42 -27.01 50.77
CA LYS D 266 41.81 -28.11 51.64
C LYS D 266 40.92 -28.21 52.87
N HIS D 267 40.59 -27.07 53.46
CA HIS D 267 39.85 -27.04 54.71
C HIS D 267 38.38 -26.67 54.52
N ASP D 268 37.91 -26.76 53.28
CA ASP D 268 36.52 -26.49 52.94
C ASP D 268 36.07 -25.09 53.36
N MET D 269 36.89 -24.09 53.05
CA MET D 269 36.63 -22.72 53.46
C MET D 269 36.33 -21.80 52.28
N TRP D 270 35.51 -20.79 52.52
CA TRP D 270 35.21 -19.75 51.53
C TRP D 270 36.39 -18.80 51.39
N PHE D 271 36.72 -18.43 50.16
CA PHE D 271 37.80 -17.47 49.92
C PHE D 271 37.21 -16.17 49.38
N HIS D 272 37.33 -15.12 50.18
CA HIS D 272 36.86 -13.80 49.77
C HIS D 272 38.02 -12.82 49.64
N ILE D 273 38.05 -12.11 48.52
CA ILE D 273 39.08 -11.10 48.29
C ILE D 273 38.55 -9.69 48.49
N ASP D 274 39.17 -8.95 49.41
CA ASP D 274 38.85 -7.54 49.61
C ASP D 274 39.68 -6.71 48.65
N GLY D 275 39.13 -6.41 47.48
CA GLY D 275 39.83 -5.64 46.47
C GLY D 275 39.22 -4.29 46.20
N ALA D 276 38.75 -3.63 47.27
CA ALA D 276 38.13 -2.32 47.14
C ALA D 276 39.01 -1.34 46.37
N TYR D 277 40.30 -1.39 46.66
CA TYR D 277 41.26 -0.50 46.00
C TYR D 277 41.99 -1.20 44.86
N GLY D 278 42.62 -2.33 45.16
CA GLY D 278 43.54 -2.97 44.23
C GLY D 278 42.96 -3.73 43.05
N ALA D 279 41.65 -4.01 43.08
CA ALA D 279 41.04 -4.78 42.00
C ALA D 279 41.06 -4.03 40.66
N SER D 280 41.21 -2.71 40.73
CA SER D 280 41.27 -1.89 39.53
C SER D 280 42.52 -2.16 38.71
N VAL D 281 43.55 -2.65 39.38
CA VAL D 281 44.82 -2.98 38.72
C VAL D 281 44.65 -4.03 37.62
N LEU D 282 43.58 -4.81 37.70
CA LEU D 282 43.24 -5.79 36.66
C LEU D 282 43.04 -5.14 35.28
N LEU D 283 42.73 -3.85 35.28
CA LEU D 283 42.52 -3.10 34.04
C LEU D 283 43.84 -2.59 33.47
N SER D 284 44.91 -2.78 34.24
CA SER D 284 46.25 -2.35 33.83
C SER D 284 47.04 -3.52 33.26
N PRO D 285 47.26 -3.52 31.94
CA PRO D 285 47.98 -4.60 31.25
C PRO D 285 49.40 -4.80 31.80
N LYS D 286 50.01 -3.75 32.32
CA LYS D 286 51.36 -3.84 32.87
C LYS D 286 51.40 -4.51 34.24
N TYR D 287 50.48 -4.14 35.12
CA TYR D 287 50.51 -4.59 36.50
C TYR D 287 49.44 -5.63 36.86
N LYS D 288 48.69 -6.07 35.85
CA LYS D 288 47.61 -7.04 36.05
C LYS D 288 48.09 -8.33 36.74
N SER D 289 49.31 -8.75 36.42
CA SER D 289 49.84 -10.01 36.93
C SER D 289 50.01 -10.04 38.45
N LEU D 290 50.04 -8.86 39.07
CA LEU D 290 50.18 -8.76 40.52
C LEU D 290 48.99 -9.40 41.24
N LEU D 291 47.87 -9.49 40.53
CA LEU D 291 46.65 -10.07 41.08
C LEU D 291 46.36 -11.43 40.49
N THR D 292 47.37 -12.27 40.39
CA THR D 292 47.20 -13.62 39.87
C THR D 292 46.52 -14.51 40.91
N GLY D 293 45.38 -15.09 40.52
CA GLY D 293 44.66 -15.99 41.40
C GLY D 293 43.37 -15.41 41.96
N THR D 294 42.95 -14.26 41.44
CA THR D 294 41.70 -13.65 41.86
C THR D 294 40.52 -14.53 41.46
N GLY D 295 40.68 -15.28 40.37
CA GLY D 295 39.64 -16.18 39.89
C GLY D 295 39.48 -17.41 40.76
N LEU D 296 40.41 -17.60 41.70
CA LEU D 296 40.36 -18.71 42.64
C LEU D 296 39.36 -18.44 43.76
N ALA D 297 39.17 -17.16 44.07
CA ALA D 297 38.30 -16.76 45.16
C ALA D 297 36.82 -17.02 44.86
N ASP D 298 36.02 -17.14 45.91
CA ASP D 298 34.59 -17.37 45.76
C ASP D 298 33.84 -16.05 45.67
N SER D 299 34.50 -14.97 46.09
CA SER D 299 33.90 -13.65 46.03
C SER D 299 34.95 -12.54 46.08
N ILE D 300 34.63 -11.39 45.51
CA ILE D 300 35.56 -10.27 45.48
C ILE D 300 34.83 -8.92 45.48
N SER D 301 35.40 -7.94 46.18
CA SER D 301 34.85 -6.60 46.24
C SER D 301 35.68 -5.65 45.38
N TRP D 302 35.09 -4.54 44.99
CA TRP D 302 35.73 -3.62 44.05
C TRP D 302 35.04 -2.26 44.09
N ASP D 303 35.78 -1.23 44.48
CA ASP D 303 35.24 0.13 44.54
C ASP D 303 35.67 0.93 43.33
N ALA D 304 34.68 1.49 42.62
CA ALA D 304 34.95 2.33 41.46
C ALA D 304 35.26 3.78 41.85
N HIS D 305 34.84 4.18 43.05
CA HIS D 305 35.12 5.53 43.53
C HIS D 305 36.53 5.69 44.08
N LYS D 306 37.29 4.59 44.06
CA LYS D 306 38.68 4.60 44.50
C LYS D 306 39.67 4.77 43.35
N TRP D 307 39.61 3.87 42.37
CA TRP D 307 40.57 3.90 41.28
C TRP D 307 39.94 3.81 39.88
N LEU D 308 38.63 3.89 39.81
CA LEU D 308 37.93 3.94 38.52
C LEU D 308 37.34 5.33 38.25
N PHE D 309 37.82 6.31 39.02
CA PHE D 309 37.48 7.71 38.83
C PHE D 309 35.98 8.01 38.91
N GLN D 310 35.35 7.44 39.95
CA GLN D 310 33.94 7.68 40.22
C GLN D 310 33.74 8.50 41.49
N THR D 311 32.57 9.14 41.58
CA THR D 311 32.15 9.82 42.80
C THR D 311 31.60 8.80 43.78
N TYR D 312 31.70 9.08 45.07
CA TYR D 312 31.10 8.21 46.07
C TYR D 312 29.58 8.30 45.93
N GLY D 313 28.90 7.15 45.93
CA GLY D 313 29.55 5.86 46.05
C GLY D 313 29.15 4.86 44.99
N CYS D 314 30.15 4.23 44.39
CA CYS D 314 29.92 3.24 43.34
C CYS D 314 30.88 2.07 43.55
N ALA D 315 30.38 0.99 44.12
CA ALA D 315 31.20 -0.19 44.37
C ALA D 315 30.49 -1.47 43.95
N MET D 316 31.27 -2.53 43.75
CA MET D 316 30.76 -3.79 43.25
C MET D 316 31.20 -4.96 44.13
N VAL D 317 30.36 -5.99 44.19
CA VAL D 317 30.76 -7.27 44.75
C VAL D 317 30.44 -8.37 43.74
N LEU D 318 31.42 -9.23 43.48
CA LEU D 318 31.23 -10.32 42.52
C LEU D 318 31.44 -11.67 43.20
N VAL D 319 30.61 -12.65 42.83
CA VAL D 319 30.79 -14.02 43.30
C VAL D 319 31.03 -14.97 42.13
N LYS D 320 31.78 -16.04 42.39
CA LYS D 320 32.07 -17.02 41.33
C LYS D 320 30.82 -17.79 40.96
N ASP D 321 29.99 -18.09 41.95
CA ASP D 321 28.76 -18.84 41.73
C ASP D 321 27.56 -18.00 42.17
N ILE D 322 26.77 -17.58 41.18
CA ILE D 322 25.63 -16.70 41.43
C ILE D 322 24.57 -17.35 42.32
N ARG D 323 24.56 -18.68 42.37
CA ARG D 323 23.61 -19.41 43.19
C ARG D 323 23.78 -19.06 44.67
N ASN D 324 25.00 -18.71 45.07
CA ASN D 324 25.30 -18.33 46.44
C ASN D 324 24.66 -17.00 46.87
N LEU D 325 24.54 -16.07 45.93
CA LEU D 325 23.87 -14.81 46.20
C LEU D 325 22.37 -15.04 46.34
N PHE D 326 21.84 -15.93 45.50
CA PHE D 326 20.43 -16.29 45.57
C PHE D 326 20.07 -16.98 46.88
N HIS D 327 20.89 -17.92 47.31
CA HIS D 327 20.63 -18.67 48.54
C HIS D 327 20.63 -17.77 49.77
N SER D 328 21.35 -16.66 49.70
CA SER D 328 21.47 -15.74 50.83
C SER D 328 20.45 -14.60 50.81
N PHE D 329 20.01 -14.19 49.62
CA PHE D 329 19.27 -12.94 49.50
C PHE D 329 17.95 -13.00 48.74
N HIS D 330 17.50 -14.20 48.40
CA HIS D 330 16.23 -14.35 47.70
C HIS D 330 15.05 -13.98 48.59
N VAL D 331 13.96 -13.54 47.97
CA VAL D 331 12.79 -13.09 48.70
C VAL D 331 11.79 -14.23 48.91
N ASN D 332 11.62 -15.06 47.89
CA ASN D 332 10.63 -16.13 47.92
C ASN D 332 11.17 -17.44 47.35
N PRO D 333 10.86 -18.57 48.00
CA PRO D 333 10.11 -18.65 49.26
C PRO D 333 11.06 -18.68 50.45
N GLU D 334 12.16 -17.92 50.35
CA GLU D 334 13.24 -17.94 51.34
C GLU D 334 13.84 -19.33 51.50
N TYR D 335 13.71 -20.15 50.46
CA TYR D 335 14.33 -21.47 50.38
C TYR D 335 14.61 -21.88 48.93
N LEU D 336 14.57 -20.91 48.03
CA LEU D 336 14.79 -21.13 46.59
C LEU D 336 15.95 -22.07 46.28
N ASP D 350 19.52 -9.09 41.92
CA ASP D 350 20.90 -9.57 41.84
C ASP D 350 21.34 -10.68 42.82
N ILE D 351 21.03 -10.62 44.12
CA ILE D 351 20.38 -9.50 44.79
C ILE D 351 21.07 -9.23 46.12
N GLY D 352 20.34 -8.61 47.05
CA GLY D 352 20.82 -8.41 48.41
C GLY D 352 21.93 -7.39 48.58
N MET D 353 21.90 -6.67 49.69
CA MET D 353 20.87 -6.85 50.70
C MET D 353 19.72 -5.88 50.45
N GLU D 354 19.88 -5.03 49.44
CA GLU D 354 18.86 -4.04 49.11
C GLU D 354 17.89 -4.61 48.08
N LEU D 355 16.69 -4.07 48.05
CA LEU D 355 15.71 -4.45 47.04
C LEU D 355 15.78 -3.41 45.93
N THR D 356 15.29 -2.21 46.22
CA THR D 356 15.43 -1.10 45.29
C THR D 356 16.77 -0.42 45.58
N ARG D 357 17.52 -0.12 44.52
CA ARG D 357 18.84 0.49 44.68
C ARG D 357 18.96 1.75 43.84
N PRO D 358 19.86 2.67 44.24
CA PRO D 358 20.21 3.75 43.33
C PRO D 358 20.89 3.15 42.11
N ALA D 359 20.68 3.72 40.94
CA ALA D 359 21.31 3.20 39.72
C ALA D 359 22.79 3.53 39.69
N ARG D 360 23.54 2.91 40.61
CA ARG D 360 24.96 3.22 40.81
C ARG D 360 25.80 2.88 39.59
N GLY D 361 25.49 1.77 38.93
CA GLY D 361 26.29 1.29 37.82
C GLY D 361 26.23 2.11 36.55
N LEU D 362 25.23 2.99 36.45
CA LEU D 362 25.03 3.78 35.24
C LEU D 362 26.15 4.78 34.99
N LYS D 363 26.62 5.45 36.05
CA LYS D 363 27.69 6.42 35.89
C LYS D 363 29.02 5.76 35.58
N LEU D 364 29.20 4.53 36.04
CA LEU D 364 30.40 3.76 35.73
C LEU D 364 30.36 3.33 34.26
N TRP D 365 29.18 2.92 33.80
CA TRP D 365 28.98 2.54 32.41
C TRP D 365 29.27 3.72 31.49
N LEU D 366 28.70 4.87 31.84
CA LEU D 366 28.92 6.11 31.11
C LEU D 366 30.41 6.45 31.04
N THR D 367 31.11 6.28 32.16
CA THR D 367 32.54 6.52 32.23
C THR D 367 33.31 5.55 31.33
N LEU D 368 32.93 4.28 31.37
CA LEU D 368 33.57 3.25 30.57
C LEU D 368 33.40 3.48 29.07
N GLN D 369 32.20 3.89 28.66
CA GLN D 369 31.93 4.14 27.24
C GLN D 369 32.69 5.35 26.70
N VAL D 370 32.75 6.41 27.51
CA VAL D 370 33.38 7.66 27.11
C VAL D 370 34.91 7.62 27.12
N LEU D 371 35.47 7.07 28.18
CA LEU D 371 36.93 7.06 28.35
C LEU D 371 37.58 5.82 27.73
N GLY D 372 36.87 4.69 27.78
CA GLY D 372 37.41 3.42 27.33
C GLY D 372 38.30 2.79 28.38
N SER D 373 38.45 1.47 28.32
CA SER D 373 39.22 0.75 29.34
C SER D 373 40.73 0.94 29.20
N ASP D 374 41.19 1.21 27.99
CA ASP D 374 42.60 1.48 27.75
C ASP D 374 43.08 2.73 28.48
N LEU D 375 42.35 3.82 28.30
CA LEU D 375 42.70 5.09 28.92
C LEU D 375 42.66 5.03 30.45
N ILE D 376 41.62 4.40 30.99
CA ILE D 376 41.51 4.22 32.44
C ILE D 376 42.68 3.38 32.94
N GLY D 377 43.01 2.34 32.18
CA GLY D 377 44.16 1.51 32.47
C GLY D 377 45.45 2.31 32.50
N SER D 378 45.62 3.18 31.52
CA SER D 378 46.83 4.01 31.43
C SER D 378 46.95 4.94 32.64
N ALA D 379 45.81 5.46 33.10
CA ALA D 379 45.78 6.35 34.25
C ALA D 379 46.23 5.62 35.52
N ILE D 380 45.75 4.40 35.71
CA ILE D 380 46.13 3.57 36.83
C ILE D 380 47.64 3.34 36.86
N GLU D 381 48.19 2.98 35.71
CA GLU D 381 49.63 2.77 35.58
C GLU D 381 50.43 4.03 35.92
N HIS D 382 49.85 5.18 35.62
CA HIS D 382 50.47 6.46 35.96
C HIS D 382 50.52 6.64 37.47
N GLY D 383 49.57 6.02 38.17
CA GLY D 383 49.54 6.09 39.62
C GLY D 383 50.74 5.39 40.20
N PHE D 384 51.10 4.25 39.60
CA PHE D 384 52.29 3.52 39.99
C PHE D 384 53.53 4.39 39.84
N GLN D 385 53.65 5.01 38.67
CA GLN D 385 54.80 5.85 38.34
C GLN D 385 54.99 7.01 39.33
N LEU D 386 53.89 7.56 39.81
CA LEU D 386 53.94 8.68 40.74
C LEU D 386 54.57 8.27 42.08
N ALA D 387 54.19 7.10 42.56
CA ALA D 387 54.75 6.58 43.81
C ALA D 387 56.23 6.26 43.63
N VAL D 388 56.56 5.64 42.50
CA VAL D 388 57.95 5.35 42.15
C VAL D 388 58.78 6.63 42.14
N TRP D 389 58.23 7.68 41.54
CA TRP D 389 58.88 8.99 41.51
C TRP D 389 59.10 9.55 42.91
N ALA D 390 58.19 9.24 43.82
CA ALA D 390 58.32 9.68 45.21
C ALA D 390 59.48 8.96 45.90
N GLU D 391 59.66 7.69 45.56
CA GLU D 391 60.74 6.90 46.15
C GLU D 391 62.09 7.30 45.57
N GLU D 392 62.11 7.57 44.27
CA GLU D 392 63.33 7.99 43.58
C GLU D 392 63.80 9.35 44.08
N ALA D 393 62.85 10.20 44.48
CA ALA D 393 63.16 11.53 44.99
C ALA D 393 63.59 11.48 46.45
N LEU D 394 63.27 10.37 47.12
CA LEU D 394 63.60 10.21 48.54
C LEU D 394 64.95 9.55 48.79
N ASN D 395 65.43 8.77 47.81
CA ASN D 395 66.69 8.05 47.95
C ASN D 395 67.93 8.91 48.26
N PRO D 396 68.15 10.00 47.52
CA PRO D 396 69.33 10.83 47.85
C PRO D 396 69.17 11.56 49.18
N LYS D 397 67.94 11.79 49.60
CA LYS D 397 67.65 12.49 50.85
C LYS D 397 68.25 11.75 52.05
N LYS D 398 68.86 12.51 52.96
CA LYS D 398 69.48 11.93 54.14
C LYS D 398 68.46 11.74 55.26
N ASP D 399 68.64 10.67 56.03
CA ASP D 399 67.80 10.36 57.18
C ASP D 399 66.34 10.06 56.85
N TRP D 400 66.05 9.81 55.57
CA TRP D 400 64.70 9.42 55.18
C TRP D 400 64.59 7.91 54.95
N GLU D 401 63.75 7.27 55.76
CA GLU D 401 63.60 5.82 55.72
C GLU D 401 62.35 5.42 54.92
N ILE D 402 62.48 4.41 54.09
CA ILE D 402 61.34 3.90 53.33
C ILE D 402 60.74 2.68 54.02
N VAL D 403 59.70 2.90 54.81
CA VAL D 403 59.05 1.81 55.55
C VAL D 403 58.36 0.83 54.60
N SER D 404 57.75 1.36 53.56
CA SER D 404 57.12 0.54 52.53
C SER D 404 57.42 1.13 51.16
N PRO D 405 58.07 0.36 50.29
CA PRO D 405 58.48 0.83 48.97
C PRO D 405 57.29 1.15 48.08
N ALA D 406 57.55 1.79 46.95
CA ALA D 406 56.50 2.14 46.00
C ALA D 406 55.78 0.89 45.54
N GLN D 407 54.53 0.75 45.95
CA GLN D 407 53.74 -0.42 45.64
C GLN D 407 52.28 -0.03 45.41
N MET D 408 51.81 -0.27 44.19
CA MET D 408 50.43 0.02 43.81
C MET D 408 50.06 1.48 44.12
N ALA D 409 50.83 2.41 43.56
CA ALA D 409 50.62 3.84 43.74
C ALA D 409 50.72 4.32 45.19
N MET D 410 51.27 3.48 46.07
CA MET D 410 51.43 3.84 47.46
C MET D 410 52.89 3.76 47.93
N ILE D 411 53.22 4.59 48.91
CA ILE D 411 54.53 4.55 49.55
C ILE D 411 54.46 5.11 50.97
N ASN D 412 55.10 4.42 51.90
CA ASN D 412 55.16 4.87 53.29
C ASN D 412 56.59 5.12 53.73
N PHE D 413 56.84 6.31 54.28
CA PHE D 413 58.20 6.74 54.61
C PHE D 413 58.22 7.68 55.81
N ARG D 414 59.40 7.87 56.39
CA ARG D 414 59.54 8.74 57.56
C ARG D 414 60.92 9.40 57.62
N TYR D 415 60.98 10.55 58.29
CA TYR D 415 62.23 11.24 58.54
C TYR D 415 62.71 10.88 59.94
N ALA D 416 63.74 10.04 60.00
CA ALA D 416 64.23 9.52 61.28
C ALA D 416 65.69 9.84 61.53
N PRO D 417 65.97 11.05 62.04
CA PRO D 417 67.34 11.39 62.45
C PRO D 417 67.74 10.58 63.68
N LYS D 418 68.98 10.09 63.70
CA LYS D 418 69.46 9.23 64.77
C LYS D 418 69.52 9.95 66.12
N ASP D 419 69.59 11.28 66.06
CA ASP D 419 69.69 12.09 67.27
C ASP D 419 68.43 12.00 68.14
N LEU D 420 67.27 12.00 67.49
CA LEU D 420 65.99 11.94 68.21
C LEU D 420 65.64 10.48 68.54
N THR D 421 65.27 10.24 69.79
CA THR D 421 64.77 8.94 70.20
C THR D 421 63.43 8.60 69.57
N LYS D 422 62.99 7.36 69.80
CA LYS D 422 61.76 6.81 69.25
C LYS D 422 60.53 7.73 69.31
N GLU D 423 60.18 8.19 70.52
CA GLU D 423 58.99 9.00 70.71
C GLU D 423 59.01 10.33 69.96
N GLU D 424 60.11 11.06 70.06
CA GLU D 424 60.21 12.37 69.42
C GLU D 424 60.36 12.27 67.90
N GLN D 425 60.68 11.08 67.40
CA GLN D 425 60.69 10.83 65.97
C GLN D 425 59.26 10.77 65.43
N ASP D 426 58.38 10.13 66.19
CA ASP D 426 56.97 10.04 65.80
C ASP D 426 56.30 11.41 65.84
N ILE D 427 56.61 12.19 66.87
CA ILE D 427 56.09 13.54 67.00
C ILE D 427 56.63 14.40 65.86
N LEU D 428 57.88 14.17 65.48
CA LEU D 428 58.51 14.87 64.36
C LEU D 428 57.76 14.64 63.06
N ASN D 429 57.50 13.38 62.75
CA ASN D 429 56.78 13.01 61.53
C ASN D 429 55.36 13.55 61.49
N GLU D 430 54.74 13.66 62.67
CA GLU D 430 53.39 14.19 62.77
C GLU D 430 53.37 15.70 62.53
N LYS D 431 54.40 16.39 63.00
CA LYS D 431 54.53 17.83 62.81
C LYS D 431 54.79 18.22 61.35
N ILE D 432 55.50 17.35 60.63
CA ILE D 432 55.77 17.58 59.22
C ILE D 432 54.47 17.56 58.42
N SER D 433 53.59 16.63 58.78
CA SER D 433 52.29 16.51 58.13
C SER D 433 51.47 17.78 58.31
N HIS D 434 51.45 18.30 59.54
CA HIS D 434 50.74 19.54 59.84
C HIS D 434 51.34 20.71 59.09
N ARG D 435 52.66 20.71 58.95
CA ARG D 435 53.37 21.82 58.33
C ARG D 435 53.04 21.97 56.84
N ILE D 436 52.95 20.84 56.14
CA ILE D 436 52.68 20.87 54.71
C ILE D 436 51.18 21.06 54.41
N LEU D 437 50.33 20.62 55.33
CA LEU D 437 48.89 20.78 55.19
C LEU D 437 48.50 22.25 55.32
N GLU D 438 49.09 22.94 56.28
CA GLU D 438 48.81 24.35 56.51
C GLU D 438 49.32 25.19 55.34
N SER D 439 50.38 24.71 54.69
CA SER D 439 50.94 25.38 53.53
C SER D 439 49.96 25.30 52.36
N GLY D 440 49.11 24.27 52.39
CA GLY D 440 48.10 24.07 51.36
C GLY D 440 48.67 23.59 50.03
N TYR D 441 49.94 23.19 50.04
CA TYR D 441 50.59 22.74 48.82
C TYR D 441 50.24 21.29 48.49
N ALA D 442 50.17 20.45 49.53
CA ALA D 442 49.85 19.05 49.34
C ALA D 442 49.15 18.47 50.57
N ALA D 443 48.41 17.38 50.39
CA ALA D 443 47.78 16.69 51.49
C ALA D 443 48.49 15.37 51.76
N ILE D 444 49.22 15.31 52.87
CA ILE D 444 49.89 14.09 53.29
C ILE D 444 49.58 13.80 54.75
N PHE D 445 49.08 12.62 55.02
CA PHE D 445 48.65 12.26 56.37
C PHE D 445 49.54 11.18 56.96
N THR D 446 49.43 10.98 58.27
CA THR D 446 50.26 9.99 58.96
C THR D 446 49.49 8.72 59.27
N THR D 447 50.17 7.59 59.14
CA THR D 447 49.61 6.30 59.51
C THR D 447 50.63 5.53 60.36
N VAL D 448 50.13 4.74 61.30
CA VAL D 448 51.00 3.93 62.14
C VAL D 448 51.32 2.62 61.44
N LEU D 449 52.62 2.41 61.18
CA LEU D 449 53.05 1.23 60.46
C LEU D 449 54.27 0.64 61.16
N ASN D 450 54.21 -0.64 61.49
CA ASN D 450 55.26 -1.32 62.26
C ASN D 450 55.53 -0.64 63.60
N GLY D 451 54.50 -0.07 64.21
CA GLY D 451 54.61 0.52 65.53
C GLY D 451 55.04 1.97 65.55
N LYS D 452 55.49 2.47 64.41
CA LYS D 452 56.01 3.84 64.33
C LYS D 452 55.17 4.72 63.41
N THR D 453 55.07 6.01 63.78
CA THR D 453 54.34 6.98 62.99
C THR D 453 55.03 7.21 61.64
N VAL D 454 54.27 7.11 60.56
CA VAL D 454 54.84 7.16 59.22
C VAL D 454 54.03 8.04 58.27
N LEU D 455 54.72 8.86 57.48
CA LEU D 455 54.08 9.63 56.41
C LEU D 455 53.66 8.72 55.27
N ARG D 456 52.48 8.96 54.72
CA ARG D 456 51.94 8.11 53.66
C ARG D 456 51.58 8.92 52.41
N ILE D 457 51.94 8.40 51.24
CA ILE D 457 51.57 9.02 49.97
C ILE D 457 50.85 8.03 49.06
N CYS D 458 49.62 8.36 48.71
CA CYS D 458 48.89 7.62 47.68
C CYS D 458 48.60 8.53 46.50
N ALA D 459 49.35 8.37 45.41
CA ALA D 459 49.21 9.26 44.26
C ALA D 459 48.54 8.57 43.08
N ILE D 460 47.28 8.91 42.83
CA ILE D 460 46.53 8.32 41.73
C ILE D 460 45.89 9.39 40.83
N HIS D 461 46.31 10.64 40.99
CA HIS D 461 45.80 11.71 40.15
C HIS D 461 46.42 11.64 38.76
N PRO D 462 45.57 11.48 37.72
CA PRO D 462 45.98 11.27 36.33
C PRO D 462 46.86 12.36 35.76
N GLU D 463 46.82 13.56 36.33
CA GLU D 463 47.55 14.69 35.77
C GLU D 463 48.70 15.15 36.66
N ALA D 464 49.01 14.37 37.68
CA ALA D 464 50.14 14.69 38.55
C ALA D 464 51.45 14.39 37.84
N THR D 465 52.44 15.25 38.03
CA THR D 465 53.71 15.13 37.31
C THR D 465 54.84 14.71 38.24
N GLN D 466 56.02 14.45 37.66
CA GLN D 466 57.19 14.11 38.44
C GLN D 466 57.63 15.31 39.30
N GLU D 467 57.41 16.51 38.79
CA GLU D 467 57.71 17.74 39.51
C GLU D 467 56.83 17.85 40.75
N ASP D 468 55.61 17.36 40.65
CA ASP D 468 54.70 17.34 41.79
C ASP D 468 55.27 16.48 42.90
N MET D 469 55.80 15.33 42.52
CA MET D 469 56.37 14.39 43.48
C MET D 469 57.71 14.87 44.03
N GLN D 470 58.54 15.42 43.15
CA GLN D 470 59.86 15.90 43.53
C GLN D 470 59.76 17.06 44.52
N HIS D 471 58.99 18.08 44.15
CA HIS D 471 58.81 19.25 45.00
C HIS D 471 58.17 18.90 46.34
N THR D 472 57.24 17.94 46.31
CA THR D 472 56.58 17.50 47.53
C THR D 472 57.60 16.90 48.50
N ILE D 473 58.43 16.00 47.98
CA ILE D 473 59.49 15.37 48.77
C ILE D 473 60.51 16.40 49.27
N ASP D 474 60.92 17.31 48.40
CA ASP D 474 61.85 18.37 48.77
C ASP D 474 61.28 19.27 49.84
N LEU D 475 59.99 19.55 49.74
CA LEU D 475 59.30 20.40 50.72
C LEU D 475 59.17 19.68 52.07
N LEU D 476 59.02 18.36 52.01
CA LEU D 476 58.95 17.55 53.21
C LEU D 476 60.32 17.55 53.89
N ASP D 477 61.36 17.42 53.08
CA ASP D 477 62.74 17.43 53.58
C ASP D 477 63.07 18.76 54.22
N GLN D 478 62.59 19.84 53.60
CA GLN D 478 62.76 21.19 54.14
C GLN D 478 62.14 21.30 55.52
N TYR D 479 60.86 20.92 55.63
CA TYR D 479 60.15 20.96 56.89
C TYR D 479 60.77 20.01 57.90
N GLY D 480 61.33 18.92 57.39
CA GLY D 480 61.94 17.90 58.24
C GLY D 480 63.11 18.42 59.05
N ARG D 481 63.98 19.18 58.41
CA ARG D 481 65.15 19.73 59.09
C ARG D 481 64.85 21.07 59.78
N GLU D 482 63.74 21.70 59.43
CA GLU D 482 63.30 22.89 60.15
C GLU D 482 62.84 22.51 61.55
N ILE D 483 62.02 21.47 61.64
CA ILE D 483 61.53 21.00 62.93
C ILE D 483 62.65 20.30 63.69
N TYR D 484 63.61 19.74 62.96
CA TYR D 484 64.78 19.11 63.56
C TYR D 484 65.56 20.12 64.39
N THR D 485 65.86 21.27 63.79
CA THR D 485 66.61 22.32 64.48
C THR D 485 65.79 22.98 65.58
N GLU D 486 64.47 22.89 65.47
CA GLU D 486 63.58 23.43 66.49
C GLU D 486 63.56 22.57 67.75
N MET D 487 64.17 21.39 67.66
CA MET D 487 64.33 20.53 68.83
C MET D 487 65.56 20.96 69.62
N LYS D 488 65.51 22.18 70.15
CA LYS D 488 66.63 22.73 70.93
C LYS D 488 66.72 22.06 72.29
N LYS D 489 67.70 21.18 72.44
CA LYS D 489 67.90 20.45 73.68
C LYS D 489 69.36 20.56 74.13
N ALA D 490 69.58 20.73 75.43
CA ALA D 490 68.49 20.83 76.40
C ALA D 490 68.64 22.06 77.28
N THR E 16 -68.93 -22.38 -4.96
CA THR E 16 -68.42 -23.73 -5.13
C THR E 16 -68.07 -24.03 -6.60
N GLU E 17 -68.54 -23.17 -7.50
CA GLU E 17 -68.28 -23.36 -8.92
C GLU E 17 -66.91 -22.80 -9.32
N TYR E 18 -66.22 -22.20 -8.36
CA TYR E 18 -64.88 -21.66 -8.62
C TYR E 18 -63.80 -22.42 -7.83
N ILE E 19 -64.13 -23.63 -7.42
CA ILE E 19 -63.20 -24.50 -6.73
C ILE E 19 -62.33 -25.27 -7.72
N LEU E 20 -62.98 -25.92 -8.69
CA LEU E 20 -62.28 -26.73 -9.67
C LEU E 20 -61.59 -25.88 -10.74
N ASN E 21 -62.30 -24.88 -11.26
CA ASN E 21 -61.74 -24.02 -12.29
C ASN E 21 -62.32 -22.60 -12.30
N SER E 22 -61.45 -21.63 -12.57
CA SER E 22 -61.85 -20.24 -12.71
C SER E 22 -60.88 -19.54 -13.65
N THR E 23 -61.29 -18.38 -14.17
CA THR E 23 -60.44 -17.62 -15.08
C THR E 23 -59.20 -17.06 -14.37
N GLN E 24 -59.36 -16.75 -13.09
CA GLN E 24 -58.25 -16.25 -12.29
C GLN E 24 -57.15 -17.31 -12.19
N LEU E 25 -57.55 -18.57 -12.12
CA LEU E 25 -56.60 -19.67 -12.02
C LEU E 25 -55.97 -19.97 -13.37
N GLU E 26 -56.81 -20.02 -14.40
CA GLU E 26 -56.35 -20.30 -15.76
C GLU E 26 -55.32 -19.28 -16.22
N GLU E 27 -55.49 -18.04 -15.80
CA GLU E 27 -54.52 -16.98 -16.09
C GLU E 27 -53.24 -17.17 -15.29
N ALA E 28 -53.38 -17.45 -13.99
CA ALA E 28 -52.24 -17.61 -13.10
C ALA E 28 -51.34 -18.76 -13.53
N ILE E 29 -51.96 -19.82 -14.03
CA ILE E 29 -51.22 -20.98 -14.51
C ILE E 29 -50.40 -20.60 -15.75
N LYS E 30 -51.07 -19.98 -16.72
CA LYS E 30 -50.39 -19.57 -17.96
C LYS E 30 -49.32 -18.52 -17.68
N SER E 31 -49.59 -17.63 -16.74
CA SER E 31 -48.62 -16.60 -16.36
C SER E 31 -47.38 -17.20 -15.71
N PHE E 32 -47.59 -18.14 -14.79
CA PHE E 32 -46.48 -18.78 -14.09
C PHE E 32 -45.59 -19.56 -15.05
N VAL E 33 -46.20 -20.38 -15.90
CA VAL E 33 -45.46 -21.16 -16.89
C VAL E 33 -44.65 -20.24 -17.78
N HIS E 34 -45.30 -19.18 -18.26
CA HIS E 34 -44.63 -18.21 -19.11
C HIS E 34 -43.47 -17.52 -18.39
N ASP E 35 -43.73 -17.03 -17.18
CA ASP E 35 -42.71 -16.31 -16.41
C ASP E 35 -41.53 -17.20 -16.02
N PHE E 36 -41.82 -18.44 -15.65
CA PHE E 36 -40.78 -19.35 -15.20
C PHE E 36 -39.90 -19.80 -16.36
N CYS E 37 -40.50 -20.00 -17.53
CA CYS E 37 -39.74 -20.33 -18.74
C CYS E 37 -38.81 -19.19 -19.10
N ALA E 38 -39.25 -17.97 -18.82
CA ALA E 38 -38.46 -16.77 -19.12
C ALA E 38 -37.29 -16.64 -18.14
N GLU E 39 -37.54 -16.99 -16.89
CA GLU E 39 -36.51 -16.88 -15.85
C GLU E 39 -35.50 -18.02 -15.97
N LYS E 40 -35.86 -19.04 -16.75
CA LYS E 40 -34.98 -20.17 -17.00
C LYS E 40 -33.77 -19.78 -17.85
N HIS E 41 -33.88 -18.65 -18.54
CA HIS E 41 -32.82 -18.14 -19.41
C HIS E 41 -31.86 -17.20 -18.71
N GLU E 42 -32.13 -16.91 -17.44
CA GLU E 42 -31.23 -16.09 -16.63
C GLU E 42 -30.89 -16.82 -15.34
N ILE E 43 -30.51 -18.09 -15.47
CA ILE E 43 -30.08 -18.89 -14.33
C ILE E 43 -28.64 -18.58 -13.94
N HIS E 44 -27.81 -18.33 -14.96
CA HIS E 44 -26.40 -18.02 -14.73
C HIS E 44 -26.22 -16.75 -13.89
N ASP E 45 -27.06 -15.76 -14.13
CA ASP E 45 -26.97 -14.48 -13.40
C ASP E 45 -27.37 -14.64 -11.94
N GLN E 46 -28.05 -15.73 -11.62
CA GLN E 46 -28.57 -15.94 -10.27
C GLN E 46 -27.63 -16.82 -9.44
N PRO E 47 -27.59 -16.57 -8.11
CA PRO E 47 -26.77 -17.38 -7.20
C PRO E 47 -27.29 -18.82 -7.16
N VAL E 48 -26.38 -19.76 -6.91
CA VAL E 48 -26.75 -21.17 -6.85
C VAL E 48 -27.62 -21.46 -5.63
N VAL E 49 -27.20 -20.95 -4.47
CA VAL E 49 -27.94 -21.15 -3.24
C VAL E 49 -28.33 -19.83 -2.57
N VAL E 50 -29.63 -19.64 -2.40
CA VAL E 50 -30.15 -18.49 -1.66
C VAL E 50 -30.60 -18.92 -0.28
N GLU E 51 -29.97 -18.38 0.75
CA GLU E 51 -30.27 -18.79 2.13
C GLU E 51 -31.27 -17.85 2.79
N ALA E 52 -32.14 -18.42 3.63
CA ALA E 52 -33.18 -17.66 4.31
C ALA E 52 -32.70 -17.12 5.64
N LYS E 53 -33.20 -15.93 6.00
CA LYS E 53 -32.93 -15.33 7.30
C LYS E 53 -33.69 -16.05 8.41
N GLU E 54 -33.34 -15.74 9.66
CA GLU E 54 -33.89 -16.47 10.81
C GLU E 54 -35.30 -16.05 11.19
N HIS E 55 -35.81 -15.01 10.54
CA HIS E 55 -37.16 -14.53 10.83
C HIS E 55 -38.13 -15.10 9.79
N GLN E 56 -37.58 -15.79 8.80
CA GLN E 56 -38.38 -16.28 7.67
C GLN E 56 -39.36 -17.37 8.09
N GLU E 57 -38.98 -18.18 9.07
CA GLU E 57 -39.84 -19.23 9.56
C GLU E 57 -41.11 -18.68 10.21
N ASP E 58 -40.95 -17.65 11.04
CA ASP E 58 -42.08 -17.01 11.70
C ASP E 58 -42.96 -16.29 10.69
N LYS E 59 -42.34 -15.80 9.61
CA LYS E 59 -43.07 -15.12 8.55
C LYS E 59 -44.03 -16.07 7.86
N ILE E 60 -43.67 -17.36 7.86
CA ILE E 60 -44.51 -18.40 7.30
C ILE E 60 -45.55 -18.86 8.32
N LYS E 61 -45.13 -18.97 9.58
CA LYS E 61 -46.01 -19.45 10.63
C LYS E 61 -47.10 -18.45 10.99
N GLN E 62 -46.93 -17.19 10.58
CA GLN E 62 -47.91 -16.16 10.89
C GLN E 62 -49.00 -16.06 9.82
N ILE E 63 -48.79 -16.74 8.71
CA ILE E 63 -49.83 -16.91 7.71
C ILE E 63 -50.63 -18.13 8.13
N LYS E 64 -51.91 -17.94 8.40
CA LYS E 64 -52.74 -19.04 8.88
C LYS E 64 -53.50 -19.68 7.72
N ILE E 65 -54.16 -20.79 8.01
CA ILE E 65 -55.05 -21.41 7.03
C ILE E 65 -56.39 -20.69 7.12
N PRO E 66 -56.66 -19.82 6.15
CA PRO E 66 -57.80 -18.90 6.23
C PRO E 66 -59.13 -19.61 5.96
N GLU E 67 -60.19 -19.08 6.56
CA GLU E 67 -61.53 -19.59 6.28
C GLU E 67 -62.02 -19.05 4.95
N LYS E 68 -61.72 -17.79 4.69
CA LYS E 68 -62.11 -17.16 3.42
C LYS E 68 -60.94 -17.14 2.46
N GLY E 69 -61.21 -17.48 1.20
CA GLY E 69 -60.17 -17.57 0.19
C GLY E 69 -59.46 -16.27 -0.13
N ARG E 70 -58.23 -16.40 -0.61
CA ARG E 70 -57.40 -15.26 -1.02
C ARG E 70 -57.24 -15.23 -2.54
N PRO E 71 -57.00 -14.03 -3.11
CA PRO E 71 -56.77 -13.90 -4.55
C PRO E 71 -55.56 -14.71 -4.99
N VAL E 72 -55.71 -15.44 -6.10
CA VAL E 72 -54.73 -16.44 -6.52
C VAL E 72 -53.29 -15.95 -6.70
N ASN E 73 -53.11 -14.89 -7.49
CA ASN E 73 -51.77 -14.39 -7.77
C ASN E 73 -51.09 -13.77 -6.56
N GLU E 74 -51.88 -13.37 -5.57
CA GLU E 74 -51.36 -12.87 -4.31
C GLU E 74 -50.68 -14.01 -3.55
N VAL E 75 -51.33 -15.16 -3.53
CA VAL E 75 -50.79 -16.35 -2.88
C VAL E 75 -49.58 -16.91 -3.63
N VAL E 76 -49.65 -16.91 -4.95
CA VAL E 76 -48.57 -17.41 -5.79
C VAL E 76 -47.29 -16.59 -5.57
N SER E 77 -47.44 -15.27 -5.59
CA SER E 77 -46.31 -14.37 -5.34
C SER E 77 -45.72 -14.65 -3.98
N GLU E 78 -46.58 -14.90 -3.01
CA GLU E 78 -46.16 -15.20 -1.64
C GLU E 78 -45.31 -16.47 -1.63
N MET E 79 -45.72 -17.49 -2.38
CA MET E 79 -44.96 -18.73 -2.45
C MET E 79 -43.64 -18.57 -3.20
N MET E 80 -43.67 -17.86 -4.32
CA MET E 80 -42.47 -17.62 -5.11
C MET E 80 -41.41 -16.85 -4.33
N ASN E 81 -41.85 -15.90 -3.52
CA ASN E 81 -40.93 -15.03 -2.79
C ASN E 81 -40.54 -15.57 -1.41
N GLU E 82 -41.49 -16.16 -0.70
CA GLU E 82 -41.27 -16.53 0.69
C GLU E 82 -41.00 -18.02 0.90
N VAL E 83 -41.35 -18.84 -0.10
CA VAL E 83 -41.18 -20.29 0.03
C VAL E 83 -40.19 -20.88 -0.97
N TYR E 84 -40.55 -20.84 -2.25
CA TYR E 84 -39.74 -21.45 -3.30
C TYR E 84 -38.39 -20.75 -3.51
N ARG E 85 -38.32 -19.48 -3.11
CA ARG E 85 -37.11 -18.69 -3.33
C ARG E 85 -35.87 -19.28 -2.66
N TYR E 86 -36.04 -19.76 -1.44
CA TYR E 86 -34.91 -20.25 -0.66
C TYR E 86 -34.63 -21.72 -0.93
N ARG E 87 -33.78 -21.97 -1.92
CA ARG E 87 -33.47 -23.33 -2.35
C ARG E 87 -32.13 -23.36 -3.05
N GLY E 88 -31.65 -24.57 -3.34
CA GLY E 88 -30.47 -24.75 -4.17
C GLY E 88 -30.91 -25.06 -5.59
N ASP E 89 -30.56 -24.18 -6.52
CA ASP E 89 -30.94 -24.37 -7.91
C ASP E 89 -30.11 -25.50 -8.53
N ALA E 90 -30.70 -26.69 -8.57
CA ALA E 90 -30.01 -27.87 -9.07
C ALA E 90 -29.75 -27.81 -10.56
N ASN E 91 -30.43 -26.89 -11.25
CA ASN E 91 -30.24 -26.72 -12.67
C ASN E 91 -29.11 -25.73 -12.98
N HIS E 92 -28.42 -25.28 -11.94
CA HIS E 92 -27.24 -24.46 -12.12
C HIS E 92 -26.03 -25.39 -12.24
N PRO E 93 -25.18 -25.16 -13.26
CA PRO E 93 -24.05 -26.02 -13.59
C PRO E 93 -23.08 -26.20 -12.42
N ARG E 94 -23.06 -25.26 -11.48
CA ARG E 94 -22.14 -25.34 -10.36
C ARG E 94 -22.85 -25.64 -9.04
N PHE E 95 -23.96 -26.37 -9.13
CA PHE E 95 -24.59 -26.95 -7.96
C PHE E 95 -24.00 -28.34 -7.76
N PHE E 96 -22.96 -28.44 -6.94
CA PHE E 96 -22.17 -29.66 -6.86
C PHE E 96 -22.64 -30.66 -5.79
N SER E 97 -23.96 -30.69 -5.56
CA SER E 97 -24.58 -31.74 -4.77
C SER E 97 -25.47 -32.56 -5.71
N PHE E 98 -25.96 -33.70 -5.24
CA PHE E 98 -26.74 -34.56 -6.12
C PHE E 98 -28.13 -34.88 -5.57
N VAL E 99 -28.39 -34.48 -4.33
CA VAL E 99 -29.68 -34.78 -3.71
C VAL E 99 -30.83 -34.07 -4.44
N PRO E 100 -30.70 -32.75 -4.68
CA PRO E 100 -31.58 -32.23 -5.74
C PRO E 100 -30.89 -32.47 -7.07
N GLY E 101 -31.44 -33.36 -7.88
CA GLY E 101 -30.84 -33.65 -9.18
C GLY E 101 -31.21 -32.62 -10.23
N PRO E 102 -30.38 -32.51 -11.28
CA PRO E 102 -30.71 -31.65 -12.42
C PRO E 102 -31.97 -32.15 -13.10
N ALA E 103 -32.99 -31.30 -13.16
CA ALA E 103 -34.28 -31.70 -13.69
C ALA E 103 -34.56 -31.17 -15.10
N SER E 104 -34.67 -32.08 -16.04
CA SER E 104 -35.02 -31.74 -17.42
C SER E 104 -36.44 -31.18 -17.50
N SER E 105 -36.65 -30.25 -18.43
CA SER E 105 -37.98 -29.68 -18.65
C SER E 105 -38.91 -30.68 -19.35
N VAL E 106 -38.33 -31.73 -19.94
CA VAL E 106 -39.12 -32.83 -20.47
C VAL E 106 -39.80 -33.52 -19.30
N SER E 107 -39.05 -33.67 -18.21
CA SER E 107 -39.59 -34.27 -16.99
C SER E 107 -40.64 -33.36 -16.39
N TRP E 108 -40.36 -32.05 -16.42
CA TRP E 108 -41.31 -31.06 -15.94
C TRP E 108 -42.61 -31.17 -16.72
N LEU E 109 -42.49 -31.29 -18.04
CA LEU E 109 -43.64 -31.46 -18.92
C LEU E 109 -44.42 -32.72 -18.56
N GLY E 110 -43.71 -33.76 -18.17
CA GLY E 110 -44.34 -35.00 -17.76
C GLY E 110 -45.20 -34.82 -16.52
N ASP E 111 -44.71 -34.05 -15.57
CA ASP E 111 -45.47 -33.73 -14.37
C ASP E 111 -46.70 -32.91 -14.71
N ILE E 112 -46.52 -31.91 -15.58
CA ILE E 112 -47.60 -31.02 -15.97
C ILE E 112 -48.77 -31.78 -16.61
N MET E 113 -48.44 -32.66 -17.54
CA MET E 113 -49.45 -33.46 -18.22
C MET E 113 -50.13 -34.46 -17.27
N THR E 114 -49.32 -35.19 -16.51
CA THR E 114 -49.83 -36.20 -15.57
C THR E 114 -50.76 -35.58 -14.54
N SER E 115 -50.39 -34.41 -14.04
CA SER E 115 -51.21 -33.71 -13.05
C SER E 115 -52.48 -33.15 -13.68
N ALA E 116 -52.38 -32.76 -14.95
CA ALA E 116 -53.51 -32.19 -15.67
C ALA E 116 -54.62 -33.22 -15.86
N TYR E 117 -54.26 -34.37 -16.41
CA TYR E 117 -55.24 -35.42 -16.69
C TYR E 117 -55.76 -36.09 -15.42
N ASN E 118 -55.06 -35.86 -14.30
CA ASN E 118 -55.46 -36.41 -13.01
C ASN E 118 -55.64 -37.92 -13.07
N ILE E 119 -54.58 -38.62 -13.44
CA ILE E 119 -54.63 -40.07 -13.52
C ILE E 119 -53.69 -40.70 -12.51
N HIS E 120 -53.86 -41.99 -12.28
CA HIS E 120 -53.04 -42.70 -11.31
C HIS E 120 -52.61 -44.06 -11.83
N ALA E 121 -51.56 -44.60 -11.24
CA ALA E 121 -51.10 -45.93 -11.60
C ALA E 121 -51.69 -46.95 -10.64
N GLY E 122 -51.83 -48.19 -11.11
CA GLY E 122 -52.41 -49.24 -10.30
C GLY E 122 -53.86 -48.96 -9.95
N GLY E 123 -54.29 -49.45 -8.80
CA GLY E 123 -55.65 -49.22 -8.32
C GLY E 123 -56.71 -49.85 -9.19
N SER E 124 -57.36 -49.04 -10.03
CA SER E 124 -58.42 -49.53 -10.89
C SER E 124 -57.92 -49.82 -12.29
N LYS E 125 -58.87 -50.09 -13.20
CA LYS E 125 -58.56 -50.40 -14.58
C LYS E 125 -59.12 -49.34 -15.51
N LEU E 126 -59.32 -48.13 -14.97
CA LEU E 126 -59.85 -47.03 -15.75
C LEU E 126 -58.75 -46.40 -16.61
N ALA E 127 -57.52 -46.48 -16.12
CA ALA E 127 -56.37 -45.99 -16.86
C ALA E 127 -55.36 -47.11 -17.09
N PRO E 128 -55.68 -48.03 -18.02
CA PRO E 128 -54.88 -49.24 -18.24
C PRO E 128 -53.55 -48.96 -18.94
N MET E 129 -53.53 -47.96 -19.82
CA MET E 129 -52.33 -47.66 -20.59
C MET E 129 -51.25 -46.98 -19.75
N VAL E 130 -51.65 -46.35 -18.67
CA VAL E 130 -50.70 -45.79 -17.70
C VAL E 130 -49.79 -46.90 -17.17
N ASN E 131 -50.40 -48.01 -16.78
CA ASN E 131 -49.66 -49.15 -16.25
C ASN E 131 -48.82 -49.84 -17.32
N CYS E 132 -49.33 -49.85 -18.55
CA CYS E 132 -48.60 -50.40 -19.68
C CYS E 132 -47.32 -49.60 -19.92
N ILE E 133 -47.45 -48.28 -19.88
CA ILE E 133 -46.31 -47.39 -20.07
C ILE E 133 -45.23 -47.66 -19.03
N GLU E 134 -45.63 -47.66 -17.76
CA GLU E 134 -44.71 -47.93 -16.66
C GLU E 134 -44.08 -49.31 -16.77
N GLN E 135 -44.88 -50.30 -17.14
CA GLN E 135 -44.39 -51.67 -17.27
C GLN E 135 -43.32 -51.79 -18.35
N GLU E 136 -43.51 -51.06 -19.44
CA GLU E 136 -42.54 -51.06 -20.54
C GLU E 136 -41.19 -50.53 -20.07
N VAL E 137 -41.23 -49.47 -19.27
CA VAL E 137 -40.01 -48.87 -18.73
C VAL E 137 -39.29 -49.82 -17.77
N LEU E 138 -40.05 -50.41 -16.85
CA LEU E 138 -39.48 -51.32 -15.85
C LEU E 138 -38.85 -52.54 -16.51
N LYS E 139 -39.46 -53.01 -17.58
CA LYS E 139 -38.92 -54.11 -18.37
C LYS E 139 -37.58 -53.72 -19.01
N TRP E 140 -37.52 -52.51 -19.55
CA TRP E 140 -36.31 -51.98 -20.16
C TRP E 140 -35.20 -51.79 -19.13
N LEU E 141 -35.56 -51.30 -17.96
CA LEU E 141 -34.59 -51.10 -16.88
C LEU E 141 -34.06 -52.44 -16.39
N ALA E 142 -34.91 -53.46 -16.44
CA ALA E 142 -34.52 -54.81 -16.05
C ALA E 142 -33.42 -55.35 -16.96
N LYS E 143 -33.50 -55.02 -18.25
CA LYS E 143 -32.50 -55.47 -19.21
C LYS E 143 -31.12 -54.89 -18.90
N GLN E 144 -31.09 -53.62 -18.49
CA GLN E 144 -29.83 -52.92 -18.24
C GLN E 144 -29.17 -53.41 -16.96
N VAL E 145 -29.97 -53.93 -16.04
CA VAL E 145 -29.47 -54.40 -14.77
C VAL E 145 -28.84 -55.79 -14.94
N GLY E 146 -29.47 -56.61 -15.76
CA GLY E 146 -28.98 -57.95 -16.03
C GLY E 146 -30.00 -59.00 -15.63
N PHE E 147 -31.27 -58.58 -15.59
CA PHE E 147 -32.36 -59.50 -15.28
C PHE E 147 -33.02 -59.98 -16.56
N THR E 148 -32.66 -61.19 -16.99
CA THR E 148 -33.08 -61.72 -18.27
C THR E 148 -34.16 -62.79 -18.14
N GLU E 149 -34.28 -63.36 -16.94
CA GLU E 149 -35.17 -64.50 -16.72
C GLU E 149 -36.64 -64.11 -16.65
N ASN E 150 -37.07 -63.65 -15.48
CA ASN E 150 -38.47 -63.31 -15.25
C ASN E 150 -38.60 -62.26 -14.15
N PRO E 151 -38.18 -61.02 -14.45
CA PRO E 151 -38.09 -59.96 -13.45
C PRO E 151 -39.42 -59.26 -13.19
N GLY E 152 -39.42 -58.38 -12.19
CA GLY E 152 -40.57 -57.58 -11.85
C GLY E 152 -40.11 -56.26 -11.26
N GLY E 153 -41.04 -55.33 -11.07
CA GLY E 153 -40.68 -54.04 -10.54
C GLY E 153 -41.86 -53.10 -10.35
N VAL E 154 -41.63 -52.04 -9.57
CA VAL E 154 -42.67 -51.06 -9.30
C VAL E 154 -42.05 -49.68 -9.10
N PHE E 155 -42.71 -48.64 -9.62
CA PHE E 155 -42.27 -47.28 -9.37
C PHE E 155 -42.54 -46.84 -7.94
N VAL E 156 -41.54 -46.22 -7.31
CA VAL E 156 -41.65 -45.75 -5.94
C VAL E 156 -41.24 -44.28 -5.86
N SER E 157 -41.49 -43.66 -4.70
CA SER E 157 -41.25 -42.24 -4.53
C SER E 157 -39.77 -41.90 -4.36
N GLY E 158 -38.97 -42.90 -3.97
CA GLY E 158 -37.56 -42.68 -3.73
C GLY E 158 -36.82 -43.93 -3.32
N GLY E 159 -35.53 -43.77 -3.03
CA GLY E 159 -34.67 -44.89 -2.69
C GLY E 159 -35.06 -45.59 -1.40
N SER E 160 -35.49 -44.82 -0.41
CA SER E 160 -35.94 -45.39 0.86
C SER E 160 -37.06 -46.38 0.61
N MET E 161 -38.04 -45.96 -0.20
CA MET E 161 -39.19 -46.79 -0.51
C MET E 161 -38.81 -47.97 -1.40
N ALA E 162 -37.80 -47.75 -2.23
CA ALA E 162 -37.28 -48.81 -3.09
C ALA E 162 -36.57 -49.85 -2.23
N ASN E 163 -35.82 -49.37 -1.25
CA ASN E 163 -35.09 -50.24 -0.33
C ASN E 163 -36.01 -51.11 0.53
N ILE E 164 -37.00 -50.49 1.17
CA ILE E 164 -37.94 -51.20 2.02
C ILE E 164 -38.77 -52.22 1.23
N THR E 165 -39.11 -51.88 -0.01
CA THR E 165 -39.85 -52.80 -0.87
C THR E 165 -39.05 -54.07 -1.11
N ALA E 166 -37.79 -53.90 -1.46
CA ALA E 166 -36.91 -55.03 -1.74
C ALA E 166 -36.60 -55.85 -0.49
N LEU E 167 -36.34 -55.16 0.62
CA LEU E 167 -36.00 -55.83 1.86
C LEU E 167 -37.18 -56.61 2.43
N THR E 168 -38.39 -56.15 2.14
CA THR E 168 -39.59 -56.89 2.55
C THR E 168 -39.69 -58.17 1.76
N ALA E 169 -39.40 -58.08 0.47
CA ALA E 169 -39.36 -59.24 -0.40
C ALA E 169 -38.27 -60.19 0.08
N ALA E 170 -37.12 -59.62 0.43
CA ALA E 170 -36.01 -60.39 0.98
C ALA E 170 -36.44 -61.12 2.25
N ARG E 171 -37.12 -60.40 3.14
CA ARG E 171 -37.55 -60.94 4.43
C ARG E 171 -38.58 -62.08 4.27
N ASP E 172 -39.59 -61.85 3.45
CA ASP E 172 -40.64 -62.84 3.22
C ASP E 172 -40.11 -64.07 2.49
N ASN E 173 -38.97 -63.91 1.83
CA ASN E 173 -38.37 -65.00 1.04
C ASN E 173 -37.46 -65.90 1.87
N LYS E 174 -36.93 -65.36 2.96
CA LYS E 174 -35.93 -66.06 3.74
C LYS E 174 -36.38 -66.41 5.15
N LEU E 175 -37.30 -65.61 5.69
CA LEU E 175 -37.69 -65.77 7.09
C LEU E 175 -39.18 -66.01 7.27
N THR E 176 -39.53 -66.57 8.42
CA THR E 176 -40.92 -66.71 8.84
C THR E 176 -41.17 -65.81 10.05
N ASP E 177 -42.42 -65.80 10.53
CA ASP E 177 -42.78 -64.95 11.65
C ASP E 177 -42.17 -65.42 12.98
N ILE E 178 -41.83 -66.70 13.06
CA ILE E 178 -41.29 -67.26 14.29
C ILE E 178 -39.77 -67.22 14.39
N ASN E 179 -39.09 -67.01 13.28
CA ASN E 179 -37.64 -66.87 13.28
C ASN E 179 -37.14 -65.50 12.85
N LEU E 180 -38.08 -64.58 12.60
CA LEU E 180 -37.74 -63.23 12.17
C LEU E 180 -36.81 -62.55 13.17
N HIS E 181 -37.01 -62.85 14.45
CA HIS E 181 -36.17 -62.28 15.50
C HIS E 181 -34.74 -62.82 15.46
N LEU E 182 -34.54 -63.86 14.67
CA LEU E 182 -33.21 -64.46 14.53
C LEU E 182 -32.48 -63.99 13.27
N GLY E 183 -33.21 -63.30 12.40
CA GLY E 183 -32.65 -62.80 11.16
C GLY E 183 -31.62 -61.71 11.37
N THR E 184 -30.55 -61.74 10.58
CA THR E 184 -29.53 -60.69 10.64
C THR E 184 -29.23 -60.13 9.25
N ALA E 185 -28.94 -58.84 9.19
CA ALA E 185 -28.66 -58.17 7.92
C ALA E 185 -27.26 -57.56 7.90
N TYR E 186 -26.71 -57.35 6.71
CA TYR E 186 -25.33 -56.90 6.58
C TYR E 186 -25.17 -55.73 5.61
N ILE E 187 -24.59 -54.65 6.10
CA ILE E 187 -24.31 -53.47 5.31
C ILE E 187 -22.89 -53.00 5.59
N SER E 188 -22.47 -51.95 4.88
CA SER E 188 -21.15 -51.37 5.10
C SER E 188 -21.30 -50.06 5.86
N ASP E 189 -20.17 -49.47 6.28
CA ASP E 189 -20.21 -48.20 7.00
C ASP E 189 -20.44 -47.01 6.06
N GLN E 190 -20.54 -47.29 4.77
CA GLN E 190 -20.81 -46.26 3.76
C GLN E 190 -22.19 -46.44 3.14
N THR E 191 -22.90 -47.47 3.59
CA THR E 191 -24.25 -47.74 3.12
C THR E 191 -25.19 -46.63 3.55
N HIS E 192 -26.11 -46.24 2.67
CA HIS E 192 -27.06 -45.16 2.97
C HIS E 192 -27.90 -45.52 4.20
N SER E 193 -28.30 -44.50 4.94
CA SER E 193 -28.98 -44.70 6.22
C SER E 193 -30.38 -45.29 6.11
N SER E 194 -31.01 -45.13 4.95
CA SER E 194 -32.37 -45.62 4.74
C SER E 194 -32.46 -47.13 4.83
N VAL E 195 -31.35 -47.81 4.58
CA VAL E 195 -31.30 -49.27 4.56
C VAL E 195 -31.53 -49.86 5.95
N ALA E 196 -30.76 -49.40 6.92
CA ALA E 196 -30.91 -49.85 8.30
C ALA E 196 -32.27 -49.42 8.84
N LYS E 197 -32.72 -48.24 8.43
CA LYS E 197 -34.02 -47.72 8.80
C LYS E 197 -35.13 -48.61 8.26
N GLY E 198 -35.00 -49.02 7.01
CA GLY E 198 -35.97 -49.90 6.39
C GLY E 198 -35.97 -51.28 7.00
N LEU E 199 -34.79 -51.73 7.42
CA LEU E 199 -34.66 -53.02 8.09
C LEU E 199 -35.41 -53.07 9.42
N ARG E 200 -35.36 -51.97 10.17
CA ARG E 200 -36.10 -51.88 11.42
C ARG E 200 -37.60 -51.97 11.19
N ILE E 201 -38.07 -51.30 10.14
CA ILE E 201 -39.48 -51.25 9.81
C ILE E 201 -40.06 -52.64 9.53
N ILE E 202 -39.28 -53.50 8.87
CA ILE E 202 -39.78 -54.82 8.53
C ILE E 202 -39.49 -55.86 9.62
N GLY E 203 -38.84 -55.41 10.71
CA GLY E 203 -38.71 -56.26 11.88
C GLY E 203 -37.31 -56.70 12.26
N ILE E 204 -36.28 -56.08 11.67
CA ILE E 204 -34.91 -56.40 12.02
C ILE E 204 -34.30 -55.30 12.88
N THR E 205 -34.09 -55.61 14.16
CA THR E 205 -33.57 -54.61 15.11
C THR E 205 -32.16 -54.17 14.76
N ASP E 206 -31.82 -52.95 15.17
CA ASP E 206 -30.51 -52.38 14.88
C ASP E 206 -29.38 -53.25 15.44
N SER E 207 -29.66 -53.94 16.53
CA SER E 207 -28.71 -54.87 17.13
C SER E 207 -28.39 -56.05 16.22
N ARG E 208 -29.26 -56.29 15.24
CA ARG E 208 -29.06 -57.38 14.29
C ARG E 208 -28.71 -56.91 12.89
N ILE E 209 -28.28 -55.64 12.78
CA ILE E 209 -27.81 -55.10 11.51
C ILE E 209 -26.31 -54.83 11.59
N ARG E 210 -25.52 -55.64 10.92
CA ARG E 210 -24.06 -55.54 10.99
C ARG E 210 -23.48 -54.48 10.05
N ARG E 211 -22.65 -53.60 10.59
CA ARG E 211 -21.96 -52.59 9.80
C ARG E 211 -20.52 -53.01 9.47
N ILE E 212 -20.35 -53.67 8.33
CA ILE E 212 -19.03 -54.12 7.88
C ILE E 212 -18.14 -52.94 7.48
N PRO E 213 -16.90 -52.92 8.00
CA PRO E 213 -15.91 -51.89 7.63
C PRO E 213 -15.60 -51.91 6.13
N THR E 214 -15.01 -50.83 5.63
CA THR E 214 -14.73 -50.69 4.21
C THR E 214 -13.24 -50.56 3.90
N ASN E 215 -12.89 -50.75 2.63
CA ASN E 215 -11.53 -50.55 2.16
C ASN E 215 -11.08 -49.09 2.28
N SER E 216 -9.87 -48.83 1.80
CA SER E 216 -9.42 -47.46 1.58
C SER E 216 -10.16 -46.91 0.36
N HIS E 217 -10.64 -47.82 -0.47
CA HIS E 217 -11.43 -47.46 -1.65
C HIS E 217 -12.92 -47.37 -1.31
N PHE E 218 -13.22 -47.46 -0.01
CA PHE E 218 -14.58 -47.34 0.50
C PHE E 218 -15.53 -48.41 -0.02
N GLN E 219 -14.98 -49.57 -0.36
CA GLN E 219 -15.80 -50.71 -0.77
C GLN E 219 -15.95 -51.65 0.41
N MET E 220 -17.05 -52.38 0.47
CA MET E 220 -17.28 -53.29 1.58
C MET E 220 -16.21 -54.38 1.64
N ASP E 221 -15.63 -54.56 2.81
CA ASP E 221 -14.63 -55.60 3.02
C ASP E 221 -15.35 -56.95 3.10
N THR E 222 -15.25 -57.73 2.02
CA THR E 222 -15.94 -59.00 1.92
C THR E 222 -15.34 -60.08 2.83
N THR E 223 -14.13 -59.83 3.30
CA THR E 223 -13.47 -60.76 4.22
C THR E 223 -14.14 -60.64 5.59
N LYS E 224 -14.23 -59.40 6.09
CA LYS E 224 -14.89 -59.14 7.37
C LYS E 224 -16.38 -59.45 7.31
N LEU E 225 -16.96 -59.36 6.12
CA LEU E 225 -18.37 -59.68 5.93
C LEU E 225 -18.62 -61.16 6.25
N GLU E 226 -17.84 -62.03 5.62
CA GLU E 226 -17.98 -63.47 5.83
C GLU E 226 -17.71 -63.85 7.28
N GLU E 227 -16.77 -63.16 7.92
CA GLU E 227 -16.47 -63.40 9.33
C GLU E 227 -17.68 -63.09 10.21
N ALA E 228 -18.36 -61.99 9.93
CA ALA E 228 -19.55 -61.60 10.67
C ALA E 228 -20.70 -62.56 10.41
N ILE E 229 -20.75 -63.09 9.18
CA ILE E 229 -21.80 -64.04 8.81
C ILE E 229 -21.64 -65.37 9.53
N GLU E 230 -20.43 -65.91 9.52
CA GLU E 230 -20.16 -67.19 10.18
C GLU E 230 -20.34 -67.08 11.70
N THR E 231 -19.92 -65.96 12.27
CA THR E 231 -20.08 -65.71 13.70
C THR E 231 -21.55 -65.65 14.10
N ASP E 232 -22.35 -64.91 13.33
CA ASP E 232 -23.78 -64.79 13.59
C ASP E 232 -24.48 -66.13 13.39
N LYS E 233 -24.03 -66.87 12.39
CA LYS E 233 -24.58 -68.19 12.11
C LYS E 233 -24.29 -69.13 13.28
N LYS E 234 -23.12 -68.97 13.89
CA LYS E 234 -22.68 -69.79 15.00
C LYS E 234 -23.41 -69.40 16.29
N SER E 235 -23.73 -68.11 16.41
CA SER E 235 -24.45 -67.63 17.58
C SER E 235 -25.90 -68.10 17.57
N GLY E 236 -26.37 -68.56 16.41
CA GLY E 236 -27.72 -69.07 16.26
C GLY E 236 -28.62 -68.14 15.47
N TYR E 237 -28.08 -67.00 15.03
CA TYR E 237 -28.83 -66.07 14.20
C TYR E 237 -28.96 -66.62 12.78
N ILE E 238 -29.89 -66.05 12.01
CA ILE E 238 -30.08 -66.46 10.63
C ILE E 238 -29.78 -65.33 9.63
N PRO E 239 -28.57 -65.34 9.06
CA PRO E 239 -28.19 -64.36 8.04
C PRO E 239 -29.06 -64.53 6.80
N PHE E 240 -29.78 -63.48 6.42
CA PHE E 240 -30.76 -63.59 5.33
C PHE E 240 -30.57 -62.60 4.18
N VAL E 241 -29.89 -61.49 4.43
CA VAL E 241 -29.69 -60.49 3.38
C VAL E 241 -28.39 -59.68 3.52
N VAL E 242 -27.73 -59.46 2.39
CA VAL E 242 -26.62 -58.52 2.31
C VAL E 242 -26.98 -57.39 1.35
N ILE E 243 -26.81 -56.15 1.81
CA ILE E 243 -27.08 -55.00 0.97
C ILE E 243 -25.79 -54.32 0.51
N GLY E 244 -25.44 -54.52 -0.76
CA GLY E 244 -24.31 -53.84 -1.36
C GLY E 244 -24.75 -52.55 -2.04
N THR E 245 -23.87 -51.56 -2.04
CA THR E 245 -24.19 -50.28 -2.67
C THR E 245 -23.42 -50.07 -3.97
N ALA E 246 -24.16 -49.87 -5.05
CA ALA E 246 -23.58 -49.53 -6.34
C ALA E 246 -23.63 -48.02 -6.54
N GLY E 247 -22.63 -47.32 -6.02
CA GLY E 247 -22.61 -45.87 -6.09
C GLY E 247 -22.90 -45.27 -4.73
N THR E 248 -21.92 -45.37 -3.84
CA THR E 248 -22.02 -44.85 -2.47
C THR E 248 -22.35 -43.36 -2.44
N THR E 249 -23.20 -42.97 -1.50
CA THR E 249 -23.61 -41.58 -1.31
C THR E 249 -22.40 -40.64 -1.21
N ASN E 250 -21.41 -41.04 -0.43
CA ASN E 250 -20.25 -40.20 -0.17
C ASN E 250 -19.20 -40.15 -1.28
N THR E 251 -18.76 -41.31 -1.75
CA THR E 251 -17.63 -41.38 -2.66
C THR E 251 -17.98 -41.96 -4.02
N GLY E 252 -19.17 -42.54 -4.15
CA GLY E 252 -19.57 -43.15 -5.40
C GLY E 252 -18.88 -44.49 -5.58
N SER E 253 -18.37 -45.04 -4.48
CA SER E 253 -17.68 -46.32 -4.50
C SER E 253 -18.66 -47.47 -4.70
N ILE E 254 -18.16 -48.59 -5.21
CA ILE E 254 -19.00 -49.76 -5.48
C ILE E 254 -18.51 -50.98 -4.72
N ASP E 255 -19.40 -51.60 -3.94
CA ASP E 255 -19.07 -52.81 -3.20
C ASP E 255 -18.74 -53.94 -4.17
N PRO E 256 -17.90 -54.90 -3.73
CA PRO E 256 -17.51 -56.03 -4.59
C PRO E 256 -18.72 -56.90 -4.93
N LEU E 257 -19.35 -56.60 -6.05
CA LEU E 257 -20.65 -57.18 -6.38
C LEU E 257 -20.63 -58.69 -6.59
N THR E 258 -19.61 -59.19 -7.29
CA THR E 258 -19.50 -60.62 -7.54
C THR E 258 -19.12 -61.38 -6.28
N GLU E 259 -18.19 -60.82 -5.50
CA GLU E 259 -17.76 -61.42 -4.24
C GLU E 259 -18.92 -61.55 -3.27
N ILE E 260 -19.74 -60.51 -3.17
CA ILE E 260 -20.89 -60.50 -2.30
C ILE E 260 -21.94 -61.53 -2.74
N SER E 261 -22.24 -61.54 -4.03
CA SER E 261 -23.20 -62.49 -4.59
C SER E 261 -22.78 -63.93 -4.33
N ALA E 262 -21.48 -64.19 -4.39
CA ALA E 262 -20.94 -65.51 -4.13
C ALA E 262 -21.26 -65.97 -2.71
N LEU E 263 -21.01 -65.09 -1.75
CA LEU E 263 -21.32 -65.38 -0.35
C LEU E 263 -22.82 -65.61 -0.13
N CYS E 264 -23.63 -64.85 -0.86
CA CYS E 264 -25.09 -64.95 -0.72
C CYS E 264 -25.63 -66.30 -1.19
N LYS E 265 -25.10 -66.79 -2.32
CA LYS E 265 -25.51 -68.08 -2.85
C LYS E 265 -25.07 -69.19 -1.91
N LYS E 266 -23.91 -68.99 -1.29
CA LYS E 266 -23.31 -69.96 -0.38
C LYS E 266 -24.08 -70.07 0.94
N HIS E 267 -24.49 -68.92 1.48
CA HIS E 267 -25.11 -68.89 2.79
C HIS E 267 -26.63 -68.73 2.71
N ASP E 268 -27.18 -68.96 1.51
CA ASP E 268 -28.62 -68.89 1.27
C ASP E 268 -29.19 -67.52 1.64
N MET E 269 -28.51 -66.46 1.20
CA MET E 269 -28.91 -65.11 1.55
C MET E 269 -29.39 -64.33 0.33
N TRP E 270 -30.32 -63.41 0.57
CA TRP E 270 -30.81 -62.52 -0.46
C TRP E 270 -29.76 -61.45 -0.75
N PHE E 271 -29.57 -61.13 -2.02
CA PHE E 271 -28.63 -60.09 -2.41
C PHE E 271 -29.39 -58.90 -3.00
N HIS E 272 -29.38 -57.78 -2.29
CA HIS E 272 -30.01 -56.56 -2.77
C HIS E 272 -28.96 -55.48 -3.00
N ILE E 273 -29.01 -54.85 -4.17
CA ILE E 273 -28.12 -53.76 -4.50
C ILE E 273 -28.81 -52.40 -4.40
N ASP E 274 -28.27 -51.52 -3.58
CA ASP E 274 -28.78 -50.14 -3.51
C ASP E 274 -28.08 -49.29 -4.55
N GLY E 275 -28.70 -49.16 -5.72
CA GLY E 275 -28.14 -48.38 -6.79
C GLY E 275 -28.95 -47.14 -7.08
N ALA E 276 -29.45 -46.50 -6.03
CA ALA E 276 -30.28 -45.31 -6.17
C ALA E 276 -29.60 -44.26 -7.05
N TYR E 277 -28.29 -44.12 -6.87
CA TYR E 277 -27.50 -43.18 -7.65
C TYR E 277 -26.79 -43.85 -8.82
N GLY E 278 -26.00 -44.88 -8.51
CA GLY E 278 -25.09 -45.47 -9.47
C GLY E 278 -25.67 -46.35 -10.57
N ALA E 279 -26.92 -46.76 -10.44
CA ALA E 279 -27.51 -47.66 -11.42
C ALA E 279 -27.63 -47.03 -12.81
N SER E 280 -27.60 -45.70 -12.86
CA SER E 280 -27.70 -44.98 -14.13
C SER E 280 -26.48 -45.22 -15.01
N VAL E 281 -25.36 -45.56 -14.38
CA VAL E 281 -24.12 -45.83 -15.10
C VAL E 281 -24.27 -46.97 -16.12
N LEU E 282 -25.25 -47.84 -15.90
CA LEU E 282 -25.58 -48.90 -16.85
C LEU E 282 -25.96 -48.36 -18.24
N LEU E 283 -26.41 -47.11 -18.28
CA LEU E 283 -26.80 -46.48 -19.54
C LEU E 283 -25.59 -45.86 -20.25
N SER E 284 -24.45 -45.86 -19.57
CA SER E 284 -23.21 -45.32 -20.11
C SER E 284 -22.32 -46.44 -20.65
N PRO E 285 -22.20 -46.54 -21.98
CA PRO E 285 -21.41 -47.59 -22.63
C PRO E 285 -19.94 -47.59 -22.19
N LYS E 286 -19.42 -46.44 -21.81
CA LYS E 286 -18.03 -46.31 -21.37
C LYS E 286 -17.79 -46.85 -19.96
N TYR E 287 -18.71 -46.55 -19.04
CA TYR E 287 -18.53 -46.91 -17.63
C TYR E 287 -19.45 -48.03 -17.15
N LYS E 288 -20.21 -48.61 -18.06
CA LYS E 288 -21.17 -49.67 -17.72
C LYS E 288 -20.50 -50.85 -16.99
N SER E 289 -19.26 -51.15 -17.38
CA SER E 289 -18.55 -52.31 -16.85
C SER E 289 -18.28 -52.21 -15.34
N LEU E 290 -18.34 -51.01 -14.79
CA LEU E 290 -18.10 -50.80 -13.37
C LEU E 290 -19.15 -51.50 -12.51
N LEU E 291 -20.33 -51.75 -13.09
CA LEU E 291 -21.41 -52.40 -12.38
C LEU E 291 -21.62 -53.81 -12.90
N THR E 292 -20.53 -54.54 -13.11
CA THR E 292 -20.61 -55.91 -13.56
C THR E 292 -21.08 -56.80 -12.42
N GLY E 293 -22.17 -57.53 -12.64
CA GLY E 293 -22.68 -58.45 -11.63
C GLY E 293 -23.94 -57.97 -10.96
N THR E 294 -24.53 -56.89 -11.45
CA THR E 294 -25.80 -56.40 -10.92
C THR E 294 -26.90 -57.42 -11.19
N GLY E 295 -26.74 -58.18 -12.27
CA GLY E 295 -27.70 -59.20 -12.64
C GLY E 295 -27.65 -60.41 -11.72
N LEU E 296 -26.64 -60.45 -10.85
CA LEU E 296 -26.51 -61.51 -9.85
C LEU E 296 -27.43 -61.25 -8.66
N ALA E 297 -27.70 -59.99 -8.39
CA ALA E 297 -28.53 -59.60 -7.25
C ALA E 297 -29.98 -60.01 -7.44
N ASP E 298 -30.70 -60.16 -6.33
CA ASP E 298 -32.10 -60.54 -6.38
C ASP E 298 -33.00 -59.31 -6.49
N SER E 299 -32.45 -58.15 -6.16
CA SER E 299 -33.19 -56.90 -6.26
C SER E 299 -32.27 -55.70 -6.33
N ILE E 300 -32.75 -54.62 -6.94
CA ILE E 300 -31.95 -53.40 -7.08
C ILE E 300 -32.82 -52.14 -7.09
N SER E 301 -32.32 -51.07 -6.49
CA SER E 301 -33.03 -49.80 -6.46
C SER E 301 -32.39 -48.85 -7.45
N TRP E 302 -33.15 -47.84 -7.88
CA TRP E 302 -32.71 -46.95 -8.95
C TRP E 302 -33.55 -45.69 -8.95
N ASP E 303 -32.92 -44.55 -8.69
CA ASP E 303 -33.62 -43.27 -8.69
C ASP E 303 -33.42 -42.52 -9.99
N ALA E 304 -34.52 -42.14 -10.63
CA ALA E 304 -34.45 -41.36 -11.86
C ALA E 304 -34.29 -39.88 -11.57
N HIS E 305 -34.63 -39.46 -10.35
CA HIS E 305 -34.47 -38.07 -9.95
C HIS E 305 -33.03 -37.73 -9.56
N LYS E 306 -32.16 -38.73 -9.61
CA LYS E 306 -30.75 -38.53 -9.31
C LYS E 306 -29.87 -38.34 -10.55
N TRP E 307 -29.89 -39.32 -11.46
CA TRP E 307 -29.04 -39.26 -12.63
C TRP E 307 -29.77 -39.55 -13.94
N LEU E 308 -31.09 -39.61 -13.88
CA LEU E 308 -31.90 -39.76 -15.09
C LEU E 308 -32.67 -38.46 -15.37
N PHE E 309 -32.23 -37.38 -14.73
CA PHE E 309 -32.74 -36.04 -15.00
C PHE E 309 -34.24 -35.87 -14.79
N GLN E 310 -34.74 -36.42 -13.68
CA GLN E 310 -36.14 -36.28 -13.33
C GLN E 310 -36.33 -35.41 -12.08
N THR E 311 -37.52 -34.86 -11.94
CA THR E 311 -37.89 -34.14 -10.74
C THR E 311 -38.25 -35.14 -9.66
N TYR E 312 -38.05 -34.75 -8.39
CA TYR E 312 -38.46 -35.60 -7.29
C TYR E 312 -39.99 -35.70 -7.27
N GLY E 313 -40.51 -36.91 -7.13
CA GLY E 313 -39.71 -38.11 -7.01
C GLY E 313 -40.10 -39.22 -7.94
N CYS E 314 -39.11 -39.79 -8.62
CA CYS E 314 -39.32 -40.89 -9.56
C CYS E 314 -38.20 -41.89 -9.40
N ALA E 315 -38.48 -42.98 -8.69
CA ALA E 315 -37.48 -44.02 -8.45
C ALA E 315 -38.05 -45.40 -8.71
N MET E 316 -37.17 -46.37 -8.92
CA MET E 316 -37.58 -47.73 -9.27
C MET E 316 -36.95 -48.77 -8.37
N VAL E 317 -37.66 -49.88 -8.19
CA VAL E 317 -37.09 -51.07 -7.58
C VAL E 317 -37.37 -52.26 -8.49
N LEU E 318 -36.34 -53.04 -8.80
CA LEU E 318 -36.50 -54.21 -9.66
C LEU E 318 -36.11 -55.47 -8.90
N VAL E 319 -36.85 -56.55 -9.15
CA VAL E 319 -36.50 -57.85 -8.59
C VAL E 319 -36.23 -58.83 -9.72
N LYS E 320 -35.35 -59.80 -9.47
CA LYS E 320 -35.01 -60.79 -10.49
C LYS E 320 -36.16 -61.75 -10.73
N ASP E 321 -36.87 -62.10 -9.67
CA ASP E 321 -38.00 -63.02 -9.77
C ASP E 321 -39.27 -62.33 -9.27
N ILE E 322 -40.18 -62.04 -10.19
CA ILE E 322 -41.40 -61.30 -9.89
C ILE E 322 -42.31 -62.01 -8.87
N ARG E 323 -42.16 -63.33 -8.75
CA ARG E 323 -42.94 -64.11 -7.80
C ARG E 323 -42.70 -63.62 -6.38
N ASN E 324 -41.50 -63.09 -6.13
CA ASN E 324 -41.15 -62.56 -4.82
C ASN E 324 -41.91 -61.28 -4.43
N LEU E 325 -42.21 -60.44 -5.42
CA LEU E 325 -43.01 -59.24 -5.16
C LEU E 325 -44.46 -59.62 -4.89
N PHE E 326 -44.95 -60.62 -5.61
CA PHE E 326 -46.30 -61.13 -5.41
C PHE E 326 -46.46 -61.74 -4.02
N HIS E 327 -45.49 -62.55 -3.60
CA HIS E 327 -45.56 -63.20 -2.30
C HIS E 327 -45.54 -62.20 -1.15
N SER E 328 -44.96 -61.03 -1.40
CA SER E 328 -44.84 -60.02 -0.36
C SER E 328 -45.99 -59.01 -0.36
N PHE E 329 -46.57 -58.75 -1.53
CA PHE E 329 -47.47 -57.60 -1.69
C PHE E 329 -48.83 -57.91 -2.34
N HIS E 330 -49.16 -59.18 -2.53
CA HIS E 330 -50.45 -59.53 -3.10
C HIS E 330 -51.59 -59.21 -2.13
N VAL E 331 -52.77 -58.95 -2.68
CA VAL E 331 -53.93 -58.58 -1.87
C VAL E 331 -54.76 -59.80 -1.49
N ASN E 332 -54.91 -60.74 -2.42
CA ASN E 332 -55.76 -61.90 -2.21
C ASN E 332 -55.11 -63.19 -2.72
N PRO E 333 -55.24 -64.29 -1.96
CA PRO E 333 -55.87 -64.34 -0.64
C PRO E 333 -54.83 -64.17 0.46
N GLU E 334 -53.84 -63.32 0.20
CA GLU E 334 -52.70 -63.12 1.09
C GLU E 334 -51.91 -64.42 1.32
N TYR E 335 -52.05 -65.35 0.38
CA TYR E 335 -51.30 -66.60 0.35
C TYR E 335 -51.08 -67.13 -1.07
N LEU E 336 -51.29 -66.26 -2.05
CA LEU E 336 -51.17 -66.60 -3.47
C LEU E 336 -49.96 -67.48 -3.80
N ASP E 350 -48.27 -54.40 -9.38
CA ASP E 350 -46.83 -54.69 -9.49
C ASP E 350 -46.19 -55.64 -8.45
N ILE E 351 -46.45 -55.49 -7.14
CA ILE E 351 -47.23 -54.40 -6.54
C ILE E 351 -46.49 -53.95 -5.27
N GLY E 352 -47.23 -53.34 -4.35
CA GLY E 352 -46.69 -52.99 -3.04
C GLY E 352 -45.67 -51.86 -3.03
N MET E 353 -45.67 -51.08 -1.95
CA MET E 353 -46.58 -51.29 -0.82
C MET E 353 -47.84 -50.46 -1.01
N GLU E 354 -47.86 -49.68 -2.09
CA GLU E 354 -48.99 -48.83 -2.39
C GLU E 354 -49.97 -49.57 -3.29
N LEU E 355 -51.23 -49.17 -3.24
CA LEU E 355 -52.23 -49.74 -4.14
C LEU E 355 -52.40 -48.81 -5.32
N THR E 356 -53.04 -47.67 -5.08
CA THR E 356 -53.12 -46.62 -6.09
C THR E 356 -51.89 -45.73 -5.95
N ARG E 357 -51.26 -45.40 -7.08
CA ARG E 357 -50.02 -44.63 -7.07
C ARG E 357 -50.09 -43.42 -8.00
N PRO E 358 -49.26 -42.40 -7.73
CA PRO E 358 -49.08 -41.36 -8.75
C PRO E 358 -48.39 -41.99 -9.96
N ALA E 359 -48.74 -41.54 -11.16
CA ALA E 359 -48.15 -42.09 -12.38
C ALA E 359 -46.71 -41.63 -12.58
N ARG E 360 -45.81 -42.10 -11.72
CA ARG E 360 -44.42 -41.65 -11.71
C ARG E 360 -43.67 -42.00 -12.98
N GLY E 361 -43.93 -43.18 -13.52
CA GLY E 361 -43.20 -43.67 -14.69
C GLY E 361 -43.50 -42.96 -15.99
N LEU E 362 -44.59 -42.21 -16.04
CA LEU E 362 -44.99 -41.53 -17.25
C LEU E 362 -44.02 -40.43 -17.69
N LYS E 363 -43.53 -39.65 -16.74
CA LYS E 363 -42.59 -38.58 -17.06
C LYS E 363 -41.21 -39.13 -17.45
N LEU E 364 -40.88 -40.30 -16.92
CA LEU E 364 -39.62 -40.96 -17.26
C LEU E 364 -39.70 -41.52 -18.68
N TRP E 365 -40.86 -42.09 -19.01
CA TRP E 365 -41.10 -42.59 -20.35
C TRP E 365 -40.98 -41.46 -21.36
N LEU E 366 -41.63 -40.35 -21.06
CA LEU E 366 -41.57 -39.15 -21.89
C LEU E 366 -40.13 -38.69 -22.10
N THR E 367 -39.34 -38.72 -21.03
CA THR E 367 -37.93 -38.33 -21.09
C THR E 367 -37.14 -39.26 -22.01
N LEU E 368 -37.39 -40.56 -21.88
CA LEU E 368 -36.71 -41.56 -22.70
C LEU E 368 -37.03 -41.44 -24.18
N GLN E 369 -38.30 -41.19 -24.49
CA GLN E 369 -38.75 -41.07 -25.87
C GLN E 369 -38.20 -39.81 -26.55
N VAL E 370 -38.18 -38.70 -25.80
CA VAL E 370 -37.75 -37.42 -26.33
C VAL E 370 -36.23 -37.32 -26.48
N LEU E 371 -35.52 -37.76 -25.44
CA LEU E 371 -34.07 -37.63 -25.41
C LEU E 371 -33.33 -38.84 -25.98
N GLY E 372 -33.88 -40.03 -25.78
CA GLY E 372 -33.21 -41.25 -26.17
C GLY E 372 -32.17 -41.64 -25.14
N SER E 373 -31.86 -42.94 -25.08
CA SER E 373 -30.93 -43.46 -24.07
C SER E 373 -29.47 -43.12 -24.37
N ASP E 374 -29.15 -42.92 -25.65
CA ASP E 374 -27.80 -42.56 -26.06
C ASP E 374 -27.38 -41.22 -25.46
N LEU E 375 -28.23 -40.21 -25.63
CA LEU E 375 -27.96 -38.88 -25.14
C LEU E 375 -27.83 -38.87 -23.61
N ILE E 376 -28.73 -39.59 -22.95
CA ILE E 376 -28.69 -39.73 -21.50
C ILE E 376 -27.38 -40.39 -21.07
N GLY E 377 -26.97 -41.40 -21.83
CA GLY E 377 -25.70 -42.06 -21.61
C GLY E 377 -24.53 -41.09 -21.71
N SER E 378 -24.57 -40.25 -22.74
CA SER E 378 -23.51 -39.26 -22.96
C SER E 378 -23.42 -38.26 -21.81
N ALA E 379 -24.58 -37.88 -21.27
CA ALA E 379 -24.64 -36.92 -20.17
C ALA E 379 -23.98 -37.47 -18.90
N ILE E 380 -24.28 -38.72 -18.60
CA ILE E 380 -23.70 -39.41 -17.44
C ILE E 380 -22.18 -39.43 -17.58
N GLU E 381 -21.69 -39.79 -18.76
CA GLU E 381 -20.26 -39.82 -19.03
C GLU E 381 -19.60 -38.46 -18.85
N HIS E 382 -20.35 -37.40 -19.15
CA HIS E 382 -19.85 -36.04 -18.94
C HIS E 382 -19.69 -35.75 -17.45
N GLY E 383 -20.49 -36.41 -16.64
CA GLY E 383 -20.42 -36.26 -15.19
C GLY E 383 -19.10 -36.77 -14.66
N PHE E 384 -18.65 -37.90 -15.19
CA PHE E 384 -17.36 -38.46 -14.84
C PHE E 384 -16.27 -37.45 -15.16
N GLN E 385 -16.34 -36.90 -16.38
CA GLN E 385 -15.37 -35.94 -16.87
C GLN E 385 -15.25 -34.70 -15.98
N LEU E 386 -16.37 -34.26 -15.43
CA LEU E 386 -16.39 -33.09 -14.56
C LEU E 386 -15.59 -33.30 -13.27
N ALA E 387 -15.75 -34.47 -12.67
CA ALA E 387 -15.01 -34.80 -11.45
C ALA E 387 -13.52 -34.93 -11.74
N VAL E 388 -13.20 -35.59 -12.85
CA VAL E 388 -11.81 -35.73 -13.29
C VAL E 388 -11.16 -34.36 -13.48
N TRP E 389 -11.88 -33.45 -14.11
CA TRP E 389 -11.41 -32.08 -14.30
C TRP E 389 -11.16 -31.37 -12.98
N ALA E 390 -11.98 -31.68 -11.98
CA ALA E 390 -11.81 -31.11 -10.65
C ALA E 390 -10.53 -31.62 -10.00
N GLU E 391 -10.22 -32.90 -10.23
CA GLU E 391 -9.02 -33.51 -9.67
C GLU E 391 -7.78 -33.02 -10.41
N GLU E 392 -7.89 -32.89 -11.72
CA GLU E 392 -6.79 -32.40 -12.54
C GLU E 392 -6.44 -30.96 -12.19
N ALA E 393 -7.45 -30.18 -11.79
CA ALA E 393 -7.25 -28.80 -11.40
C ALA E 393 -6.73 -28.68 -9.96
N LEU E 394 -6.91 -29.76 -9.19
CA LEU E 394 -6.49 -29.77 -7.79
C LEU E 394 -5.06 -30.28 -7.61
N ASN E 395 -4.59 -31.07 -8.57
CA ASN E 395 -3.25 -31.64 -8.50
C ASN E 395 -2.09 -30.63 -8.36
N PRO E 396 -2.07 -29.58 -9.21
CA PRO E 396 -0.98 -28.61 -9.05
C PRO E 396 -1.09 -27.79 -7.77
N LYS E 397 -2.31 -27.66 -7.24
CA LYS E 397 -2.55 -26.91 -6.00
C LYS E 397 -1.78 -27.49 -4.82
N LYS E 398 -1.19 -26.60 -4.02
CA LYS E 398 -0.42 -27.02 -2.85
C LYS E 398 -1.32 -27.21 -1.65
N ASP E 399 -0.99 -28.18 -0.80
CA ASP E 399 -1.70 -28.45 0.44
C ASP E 399 -3.16 -28.92 0.24
N TRP E 400 -3.49 -29.29 -0.99
CA TRP E 400 -4.81 -29.85 -1.27
C TRP E 400 -4.75 -31.37 -1.36
N GLU E 401 -5.45 -32.03 -0.45
CA GLU E 401 -5.43 -33.48 -0.37
C GLU E 401 -6.65 -34.08 -1.05
N ILE E 402 -6.44 -35.16 -1.80
CA ILE E 402 -7.54 -35.88 -2.43
C ILE E 402 -7.94 -37.08 -1.58
N VAL E 403 -8.97 -36.91 -0.76
CA VAL E 403 -9.44 -37.96 0.12
C VAL E 403 -10.05 -39.12 -0.66
N SER E 404 -10.78 -38.77 -1.71
CA SER E 404 -11.35 -39.75 -2.62
C SER E 404 -11.22 -39.25 -4.05
N PRO E 405 -10.53 -40.01 -4.91
CA PRO E 405 -10.30 -39.57 -6.30
C PRO E 405 -11.60 -39.48 -7.08
N ALA E 406 -11.53 -38.89 -8.26
CA ALA E 406 -12.70 -38.75 -9.12
C ALA E 406 -13.29 -40.12 -9.44
N GLN E 407 -14.47 -40.40 -8.90
CA GLN E 407 -15.11 -41.68 -9.08
C GLN E 407 -16.62 -41.51 -9.19
N MET E 408 -17.16 -41.90 -10.35
CA MET E 408 -18.59 -41.81 -10.62
C MET E 408 -19.11 -40.39 -10.40
N ALA E 409 -18.49 -39.44 -11.10
CA ALA E 409 -18.85 -38.03 -11.03
C ALA E 409 -18.70 -37.41 -9.64
N MET E 410 -18.02 -38.11 -8.73
CA MET E 410 -17.80 -37.60 -7.39
C MET E 410 -16.33 -37.48 -7.03
N ILE E 411 -16.03 -36.53 -6.15
CA ILE E 411 -14.68 -36.36 -5.63
C ILE E 411 -14.72 -35.69 -4.26
N ASN E 412 -13.92 -36.21 -3.33
CA ASN E 412 -13.83 -35.66 -1.99
C ASN E 412 -12.41 -35.19 -1.70
N PHE E 413 -12.29 -33.94 -1.25
CA PHE E 413 -10.98 -33.32 -1.08
C PHE E 413 -10.97 -32.31 0.05
N ARG E 414 -9.78 -31.93 0.51
CA ARG E 414 -9.65 -30.97 1.60
C ARG E 414 -8.37 -30.15 1.48
N TYR E 415 -8.41 -28.95 2.06
CA TYR E 415 -7.24 -28.09 2.14
C TYR E 415 -6.60 -28.30 3.50
N ALA E 416 -5.48 -29.01 3.52
CA ALA E 416 -4.83 -29.37 4.79
C ALA E 416 -3.39 -28.88 4.89
N PRO E 417 -3.20 -27.62 5.30
CA PRO E 417 -1.87 -27.09 5.56
C PRO E 417 -1.27 -27.74 6.81
N LYS E 418 0.02 -28.07 6.74
CA LYS E 418 0.68 -28.80 7.82
C LYS E 418 0.75 -27.99 9.11
N ASP E 419 0.64 -26.67 8.97
CA ASP E 419 0.74 -25.76 10.11
C ASP E 419 -0.41 -25.94 11.11
N LEU E 420 -1.62 -26.10 10.59
CA LEU E 420 -2.80 -26.27 11.44
C LEU E 420 -2.96 -27.72 11.87
N THR E 421 -3.19 -27.93 13.16
CA THR E 421 -3.50 -29.26 13.69
C THR E 421 -4.85 -29.78 13.20
N LYS E 422 -5.11 -31.04 13.53
CA LYS E 422 -6.32 -31.76 13.13
C LYS E 422 -7.64 -30.99 13.28
N GLU E 423 -7.91 -30.47 14.46
CA GLU E 423 -9.16 -29.78 14.74
C GLU E 423 -9.38 -28.51 13.89
N GLU E 424 -8.36 -27.67 13.83
CA GLU E 424 -8.46 -26.41 13.08
C GLU E 424 -8.42 -26.63 11.57
N GLN E 425 -8.01 -27.81 11.14
CA GLN E 425 -8.07 -28.19 9.73
C GLN E 425 -9.52 -28.44 9.31
N ASP E 426 -10.28 -29.09 10.18
CA ASP E 426 -11.69 -29.36 9.91
C ASP E 426 -12.52 -28.08 9.89
N ILE E 427 -12.24 -27.18 10.83
CA ILE E 427 -12.92 -25.89 10.89
C ILE E 427 -12.60 -25.04 9.67
N LEU E 428 -11.36 -25.16 9.20
CA LEU E 428 -10.92 -24.46 8.00
C LEU E 428 -11.74 -24.86 6.79
N ASN E 429 -11.87 -26.16 6.57
CA ASN E 429 -12.63 -26.68 5.43
C ASN E 429 -14.11 -26.31 5.47
N GLU E 430 -14.66 -26.19 6.67
CA GLU E 430 -16.05 -25.79 6.83
C GLU E 430 -16.23 -24.32 6.51
N LYS E 431 -15.23 -23.52 6.87
CA LYS E 431 -15.25 -22.09 6.59
C LYS E 431 -15.12 -21.82 5.09
N ILE E 432 -14.40 -22.69 4.40
CA ILE E 432 -14.26 -22.59 2.95
C ILE E 432 -15.60 -22.82 2.28
N SER E 433 -16.35 -23.80 2.79
CA SER E 433 -17.68 -24.12 2.29
C SER E 433 -18.65 -22.95 2.44
N HIS E 434 -18.64 -22.33 3.61
CA HIS E 434 -19.49 -21.17 3.87
C HIS E 434 -19.11 -20.01 2.96
N ARG E 435 -17.81 -19.85 2.72
CA ARG E 435 -17.30 -18.73 1.95
C ARG E 435 -17.77 -18.77 0.50
N ILE E 436 -17.78 -19.96 -0.09
CA ILE E 436 -18.17 -20.11 -1.49
C ILE E 436 -19.69 -20.12 -1.65
N LEU E 437 -20.40 -20.56 -0.61
CA LEU E 437 -21.87 -20.57 -0.63
C LEU E 437 -22.41 -19.15 -0.57
N GLU E 438 -21.83 -18.32 0.29
CA GLU E 438 -22.23 -16.93 0.43
C GLU E 438 -21.89 -16.12 -0.82
N SER E 439 -20.84 -16.54 -1.52
CA SER E 439 -20.45 -15.88 -2.77
C SER E 439 -21.48 -16.12 -3.86
N GLY E 440 -22.22 -17.21 -3.73
CA GLY E 440 -23.27 -17.54 -4.69
C GLY E 440 -22.74 -18.03 -6.02
N TYR E 441 -21.45 -18.32 -6.08
CA TYR E 441 -20.82 -18.78 -7.32
C TYR E 441 -21.01 -20.28 -7.54
N ALA E 442 -20.93 -21.05 -6.47
CA ALA E 442 -21.08 -22.49 -6.55
C ALA E 442 -21.64 -23.08 -5.26
N ALA E 443 -22.22 -24.27 -5.36
CA ALA E 443 -22.71 -24.98 -4.18
C ALA E 443 -21.82 -26.16 -3.82
N ILE E 444 -21.06 -26.01 -2.73
CA ILE E 444 -20.21 -27.09 -2.24
C ILE E 444 -20.41 -27.29 -0.74
N PHE E 445 -20.71 -28.52 -0.34
CA PHE E 445 -20.99 -28.82 1.05
C PHE E 445 -19.91 -29.74 1.65
N THR E 446 -19.90 -29.84 2.98
CA THR E 446 -18.91 -30.65 3.67
C THR E 446 -19.48 -31.97 4.15
N THR E 447 -18.67 -33.03 4.05
CA THR E 447 -19.04 -34.34 4.56
C THR E 447 -17.90 -34.92 5.38
N VAL E 448 -18.24 -35.69 6.40
CA VAL E 448 -17.22 -36.34 7.22
C VAL E 448 -16.77 -37.65 6.58
N LEU E 449 -15.49 -37.74 6.23
CA LEU E 449 -14.95 -38.91 5.56
C LEU E 449 -13.61 -39.27 6.19
N ASN E 450 -13.48 -40.53 6.61
CA ASN E 450 -12.30 -41.00 7.32
C ASN E 450 -11.99 -40.21 8.59
N GLY E 451 -13.03 -39.73 9.25
CA GLY E 451 -12.88 -39.04 10.52
C GLY E 451 -12.63 -37.56 10.40
N LYS E 452 -12.34 -37.09 9.19
CA LYS E 452 -12.01 -35.68 8.97
C LYS E 452 -13.04 -34.98 8.07
N THR E 453 -13.29 -33.71 8.35
CA THR E 453 -14.20 -32.91 7.54
C THR E 453 -13.62 -32.71 6.14
N VAL E 454 -14.42 -33.00 5.12
CA VAL E 454 -13.94 -33.01 3.74
C VAL E 454 -14.93 -32.31 2.79
N LEU E 455 -14.40 -31.48 1.90
CA LEU E 455 -15.22 -30.87 0.85
C LEU E 455 -15.60 -31.90 -0.20
N ARG E 456 -16.85 -31.83 -0.66
CA ARG E 456 -17.36 -32.80 -1.63
C ARG E 456 -17.92 -32.12 -2.88
N ILE E 457 -17.59 -32.68 -4.04
CA ILE E 457 -18.15 -32.21 -5.30
C ILE E 457 -18.79 -33.36 -6.08
N CYS E 458 -20.08 -33.25 -6.34
CA CYS E 458 -20.76 -34.15 -7.25
C CYS E 458 -21.28 -33.37 -8.44
N ALA E 459 -20.58 -33.48 -9.57
CA ALA E 459 -20.92 -32.70 -10.75
C ALA E 459 -21.53 -33.58 -11.84
N ILE E 460 -22.84 -33.45 -12.03
CA ILE E 460 -23.55 -34.24 -13.04
C ILE E 460 -24.39 -33.35 -13.96
N HIS E 461 -24.15 -32.04 -13.90
CA HIS E 461 -24.88 -31.11 -14.75
C HIS E 461 -24.36 -31.19 -16.18
N PRO E 462 -25.24 -31.52 -17.13
CA PRO E 462 -24.91 -31.79 -18.54
C PRO E 462 -24.22 -30.63 -19.25
N GLU E 463 -24.35 -29.41 -18.74
CA GLU E 463 -23.81 -28.25 -19.42
C GLU E 463 -22.65 -27.61 -18.66
N ALA E 464 -22.16 -28.26 -17.62
CA ALA E 464 -21.02 -27.76 -16.89
C ALA E 464 -19.75 -27.98 -17.69
N THR E 465 -18.86 -26.98 -17.68
CA THR E 465 -17.66 -27.02 -18.50
C THR E 465 -16.40 -27.15 -17.63
N GLN E 466 -15.25 -27.29 -18.28
CA GLN E 466 -13.98 -27.40 -17.58
C GLN E 466 -13.64 -26.09 -16.87
N GLU E 467 -14.04 -24.97 -17.46
CA GLU E 467 -13.81 -23.66 -16.86
C GLU E 467 -14.59 -23.52 -15.56
N ASP E 468 -15.77 -24.13 -15.52
CA ASP E 468 -16.60 -24.12 -14.32
C ASP E 468 -15.87 -24.83 -13.17
N MET E 469 -15.26 -25.96 -13.50
CA MET E 469 -14.56 -26.76 -12.51
C MET E 469 -13.25 -26.11 -12.11
N GLN E 470 -12.53 -25.58 -13.10
CA GLN E 470 -11.24 -24.94 -12.87
C GLN E 470 -11.38 -23.71 -11.97
N HIS E 471 -12.27 -22.80 -12.36
CA HIS E 471 -12.48 -21.56 -11.60
C HIS E 471 -12.96 -21.84 -10.18
N THR E 472 -13.82 -22.84 -10.03
CA THR E 472 -14.34 -23.22 -8.73
C THR E 472 -13.21 -23.65 -7.81
N ILE E 473 -12.35 -24.54 -8.33
CA ILE E 473 -11.19 -25.00 -7.59
C ILE E 473 -10.26 -23.84 -7.25
N ASP E 474 -10.04 -22.97 -8.24
CA ASP E 474 -9.21 -21.78 -8.05
C ASP E 474 -9.82 -20.87 -6.98
N LEU E 475 -11.14 -20.78 -6.97
CA LEU E 475 -11.85 -19.97 -6.00
C LEU E 475 -11.79 -20.61 -4.61
N LEU E 476 -11.77 -21.95 -4.58
CA LEU E 476 -11.64 -22.68 -3.33
C LEU E 476 -10.25 -22.50 -2.72
N ASP E 477 -9.23 -22.57 -3.57
CA ASP E 477 -7.85 -22.41 -3.14
C ASP E 477 -7.63 -21.00 -2.60
N GLN E 478 -8.26 -20.02 -3.24
CA GLN E 478 -8.19 -18.64 -2.81
C GLN E 478 -8.74 -18.48 -1.39
N TYR E 479 -9.94 -19.00 -1.17
CA TYR E 479 -10.57 -18.95 0.15
C TYR E 479 -9.76 -19.75 1.15
N GLY E 480 -9.10 -20.82 0.66
CA GLY E 480 -8.31 -21.67 1.51
C GLY E 480 -7.13 -20.95 2.15
N ARG E 481 -6.43 -20.16 1.35
CA ARG E 481 -5.28 -19.41 1.86
C ARG E 481 -5.67 -18.06 2.46
N GLU E 482 -6.88 -17.61 2.17
CA GLU E 482 -7.40 -16.41 2.81
C GLU E 482 -7.68 -16.68 4.28
N ILE E 483 -8.36 -17.79 4.56
CA ILE E 483 -8.66 -18.19 5.92
C ILE E 483 -7.41 -18.72 6.62
N TYR E 484 -6.47 -19.24 5.84
CA TYR E 484 -5.18 -19.70 6.35
C TYR E 484 -4.45 -18.55 7.04
N THR E 485 -4.34 -17.43 6.33
CA THR E 485 -3.67 -16.25 6.87
C THR E 485 -4.47 -15.63 8.02
N GLU E 486 -5.77 -15.90 8.05
CA GLU E 486 -6.63 -15.41 9.11
C GLU E 486 -6.42 -16.16 10.42
N MET E 487 -5.66 -17.25 10.35
CA MET E 487 -5.29 -18.00 11.54
C MET E 487 -4.07 -17.36 12.20
N LYS E 488 -4.23 -16.13 12.66
CA LYS E 488 -3.14 -15.41 13.32
C LYS E 488 -2.87 -15.95 14.71
N LYS E 489 -1.79 -16.70 14.85
CA LYS E 489 -1.42 -17.28 16.14
C LYS E 489 0.04 -16.99 16.48
N ALA E 490 0.31 -16.68 17.75
CA ALA E 490 -0.73 -16.64 18.78
C ALA E 490 -0.68 -15.32 19.56
N THR F 16 71.47 -16.17 -15.92
CA THR F 16 71.14 -16.33 -14.50
C THR F 16 70.73 -14.99 -13.87
N GLU F 17 71.00 -13.90 -14.59
CA GLU F 17 70.66 -12.57 -14.10
C GLU F 17 69.20 -12.23 -14.37
N TYR F 18 68.51 -13.14 -15.06
CA TYR F 18 67.10 -12.95 -15.38
C TYR F 18 66.23 -13.96 -14.64
N ILE F 19 66.77 -14.52 -13.56
CA ILE F 19 66.04 -15.46 -12.72
C ILE F 19 65.20 -14.75 -11.67
N LEU F 20 65.81 -13.83 -10.92
CA LEU F 20 65.12 -13.11 -9.86
C LEU F 20 64.20 -12.04 -10.43
N ASN F 21 64.72 -11.25 -11.36
CA ASN F 21 63.93 -10.19 -11.98
C ASN F 21 64.39 -9.87 -13.39
N SER F 22 63.42 -9.56 -14.25
CA SER F 22 63.69 -9.14 -15.61
C SER F 22 62.55 -8.23 -16.06
N THR F 23 62.78 -7.48 -17.12
CA THR F 23 61.76 -6.56 -17.62
C THR F 23 60.54 -7.28 -18.18
N GLN F 24 60.74 -8.47 -18.74
CA GLN F 24 59.61 -9.25 -19.25
C GLN F 24 58.66 -9.62 -18.12
N LEU F 25 59.22 -9.85 -16.94
CA LEU F 25 58.42 -10.24 -15.78
C LEU F 25 57.69 -9.04 -15.20
N GLU F 26 58.41 -7.95 -15.01
CA GLU F 26 57.83 -6.73 -14.47
C GLU F 26 56.66 -6.25 -15.32
N GLU F 27 56.77 -6.43 -16.63
CA GLU F 27 55.67 -6.09 -17.53
C GLU F 27 54.53 -7.08 -17.39
N ALA F 28 54.87 -8.37 -17.34
CA ALA F 28 53.86 -9.42 -17.22
C ALA F 28 53.09 -9.27 -15.92
N ILE F 29 53.80 -8.87 -14.87
CA ILE F 29 53.19 -8.63 -13.56
C ILE F 29 52.23 -7.45 -13.60
N LYS F 30 52.71 -6.32 -14.13
CA LYS F 30 51.89 -5.12 -14.24
C LYS F 30 50.72 -5.32 -15.20
N SER F 31 50.96 -6.06 -16.27
CA SER F 31 49.91 -6.35 -17.24
C SER F 31 48.79 -7.20 -16.65
N PHE F 32 49.16 -8.25 -15.92
CA PHE F 32 48.16 -9.14 -15.33
C PHE F 32 47.30 -8.39 -14.33
N VAL F 33 47.96 -7.66 -13.43
CA VAL F 33 47.25 -6.87 -12.42
C VAL F 33 46.28 -5.91 -13.10
N HIS F 34 46.78 -5.20 -14.11
CA HIS F 34 45.95 -4.27 -14.87
C HIS F 34 44.78 -4.95 -15.57
N ASP F 35 45.07 -6.03 -16.29
CA ASP F 35 44.06 -6.75 -17.06
C ASP F 35 43.02 -7.42 -16.17
N PHE F 36 43.45 -7.98 -15.04
CA PHE F 36 42.55 -8.69 -14.15
C PHE F 36 41.57 -7.75 -13.45
N CYS F 37 42.04 -6.56 -13.08
CA CYS F 37 41.18 -5.56 -12.47
C CYS F 37 40.08 -5.12 -13.44
N ALA F 38 40.40 -5.13 -14.72
CA ALA F 38 39.44 -4.73 -15.75
C ALA F 38 38.36 -5.79 -15.96
N GLU F 39 38.76 -7.06 -15.89
CA GLU F 39 37.82 -8.16 -16.09
C GLU F 39 36.97 -8.37 -14.83
N LYS F 40 37.38 -7.75 -13.73
CA LYS F 40 36.61 -7.79 -12.48
C LYS F 40 35.30 -7.05 -12.61
N HIS F 41 35.20 -6.19 -13.61
CA HIS F 41 34.00 -5.39 -13.83
C HIS F 41 32.99 -6.10 -14.73
N GLU F 42 33.37 -7.28 -15.23
CA GLU F 42 32.47 -8.09 -16.04
C GLU F 42 32.36 -9.51 -15.52
N ILE F 43 32.14 -9.63 -14.21
CA ILE F 43 31.93 -10.94 -13.58
C ILE F 43 30.50 -11.42 -13.82
N HIS F 44 29.56 -10.48 -13.80
CA HIS F 44 28.15 -10.79 -14.02
C HIS F 44 27.89 -11.40 -15.39
N ASP F 45 28.61 -10.92 -16.40
CA ASP F 45 28.45 -11.39 -17.77
C ASP F 45 28.96 -12.81 -17.94
N GLN F 46 29.78 -13.27 -17.00
CA GLN F 46 30.41 -14.58 -17.10
C GLN F 46 29.65 -15.63 -16.30
N PRO F 47 29.68 -16.89 -16.78
CA PRO F 47 29.07 -18.02 -16.06
C PRO F 47 29.77 -18.26 -14.73
N VAL F 48 29.02 -18.80 -13.76
CA VAL F 48 29.57 -19.05 -12.44
C VAL F 48 30.62 -20.16 -12.45
N VAL F 49 30.31 -21.26 -13.12
CA VAL F 49 31.23 -22.40 -13.19
C VAL F 49 31.56 -22.74 -14.64
N VAL F 50 32.85 -22.72 -14.96
CA VAL F 50 33.32 -23.14 -16.27
C VAL F 50 33.91 -24.53 -16.19
N GLU F 51 33.31 -25.48 -16.89
CA GLU F 51 33.72 -26.87 -16.81
C GLU F 51 34.68 -27.26 -17.94
N ALA F 52 35.64 -28.11 -17.61
CA ALA F 52 36.63 -28.55 -18.58
C ALA F 52 36.17 -29.80 -19.32
N LYS F 53 36.54 -29.91 -20.59
CA LYS F 53 36.29 -31.11 -21.39
C LYS F 53 37.21 -32.24 -20.95
N GLU F 54 36.95 -33.45 -21.44
CA GLU F 54 37.67 -34.64 -20.99
C GLU F 54 39.06 -34.76 -21.61
N HIS F 55 39.38 -33.87 -22.55
CA HIS F 55 40.69 -33.90 -23.18
C HIS F 55 41.62 -32.89 -22.52
N GLN F 56 41.07 -32.10 -21.62
CA GLN F 56 41.82 -31.01 -20.99
C GLN F 56 42.95 -31.52 -20.09
N GLU F 57 42.72 -32.66 -19.44
CA GLU F 57 43.73 -33.25 -18.59
C GLU F 57 44.96 -33.65 -19.41
N ASP F 58 44.71 -34.27 -20.55
CA ASP F 58 45.78 -34.70 -21.44
C ASP F 58 46.49 -33.49 -22.04
N LYS F 59 45.73 -32.41 -22.23
CA LYS F 59 46.29 -31.16 -22.75
C LYS F 59 47.30 -30.58 -21.77
N ILE F 60 47.11 -30.87 -20.49
CA ILE F 60 48.03 -30.44 -19.45
C ILE F 60 49.21 -31.40 -19.27
N LYS F 61 48.92 -32.70 -19.37
CA LYS F 61 49.93 -33.72 -19.18
C LYS F 61 50.94 -33.76 -20.32
N GLN F 62 50.59 -33.15 -21.45
CA GLN F 62 51.47 -33.14 -22.62
C GLN F 62 52.43 -31.95 -22.61
N ILE F 63 52.20 -31.01 -21.71
CA ILE F 63 53.16 -29.94 -21.49
C ILE F 63 54.16 -30.43 -20.44
N LYS F 64 55.43 -30.50 -20.81
CA LYS F 64 56.45 -31.01 -19.89
C LYS F 64 57.18 -29.89 -19.16
N ILE F 65 58.00 -30.27 -18.19
CA ILE F 65 58.87 -29.34 -17.49
C ILE F 65 60.11 -29.16 -18.34
N PRO F 66 60.21 -28.03 -19.06
CA PRO F 66 61.24 -27.86 -20.07
C PRO F 66 62.61 -27.58 -19.46
N GLU F 67 63.65 -27.98 -20.16
CA GLU F 67 65.01 -27.68 -19.75
C GLU F 67 65.32 -26.23 -20.10
N LYS F 68 64.85 -25.80 -21.26
CA LYS F 68 65.03 -24.43 -21.70
C LYS F 68 63.77 -23.61 -21.41
N GLY F 69 63.95 -22.42 -20.86
CA GLY F 69 62.83 -21.57 -20.49
C GLY F 69 61.94 -21.13 -21.62
N ARG F 70 60.69 -20.82 -21.30
CA ARG F 70 59.73 -20.30 -22.25
C ARG F 70 59.43 -18.84 -21.96
N PRO F 71 59.04 -18.07 -22.99
CA PRO F 71 58.69 -16.65 -22.77
C PRO F 71 57.52 -16.51 -21.80
N VAL F 72 57.63 -15.58 -20.86
CA VAL F 72 56.70 -15.48 -19.74
C VAL F 72 55.23 -15.34 -20.15
N ASN F 73 54.95 -14.42 -21.06
CA ASN F 73 53.58 -14.14 -21.48
C ASN F 73 52.93 -15.32 -22.22
N GLU F 74 53.76 -16.17 -22.80
CA GLU F 74 53.30 -17.40 -23.43
C GLU F 74 52.81 -18.38 -22.37
N VAL F 75 53.59 -18.50 -21.29
CA VAL F 75 53.23 -19.35 -20.17
C VAL F 75 52.05 -18.77 -19.39
N VAL F 76 52.04 -17.46 -19.23
CA VAL F 76 50.95 -16.78 -18.51
C VAL F 76 49.60 -16.99 -19.20
N SER F 77 49.58 -16.79 -20.51
CA SER F 77 48.37 -17.02 -21.30
C SER F 77 47.92 -18.47 -21.18
N GLU F 78 48.89 -19.37 -21.18
CA GLU F 78 48.64 -20.80 -21.09
C GLU F 78 47.94 -21.17 -19.78
N MET F 79 48.38 -20.57 -18.68
CA MET F 79 47.76 -20.82 -17.38
C MET F 79 46.36 -20.21 -17.31
N MET F 80 46.21 -19.00 -17.82
CA MET F 80 44.92 -18.32 -17.82
C MET F 80 43.87 -19.07 -18.63
N ASN F 81 44.30 -19.67 -19.75
CA ASN F 81 43.38 -20.34 -20.65
C ASN F 81 43.17 -21.82 -20.33
N GLU F 82 44.24 -22.51 -19.95
CA GLU F 82 44.19 -23.97 -19.79
C GLU F 82 44.10 -24.42 -18.33
N VAL F 83 44.43 -23.53 -17.40
CA VAL F 83 44.41 -23.89 -15.98
C VAL F 83 43.41 -23.09 -15.16
N TYR F 84 43.65 -21.79 -15.03
CA TYR F 84 42.84 -20.93 -14.17
C TYR F 84 41.40 -20.76 -14.66
N ARG F 85 41.19 -20.95 -15.96
CA ARG F 85 39.87 -20.75 -16.57
C ARG F 85 38.80 -21.67 -15.98
N TYR F 86 39.18 -22.91 -15.73
CA TYR F 86 38.23 -23.92 -15.27
C TYR F 86 38.14 -23.97 -13.74
N ARG F 87 37.20 -23.19 -13.22
CA ARG F 87 37.02 -23.04 -11.78
C ARG F 87 35.60 -22.58 -11.47
N GLY F 88 35.26 -22.57 -10.19
CA GLY F 88 34.02 -21.97 -9.73
C GLY F 88 34.28 -20.57 -9.21
N ASP F 89 33.70 -19.57 -9.86
CA ASP F 89 33.91 -18.19 -9.44
C ASP F 89 33.15 -17.88 -8.16
N ALA F 90 33.87 -17.94 -7.03
CA ALA F 90 33.27 -17.74 -5.73
C ALA F 90 32.85 -16.30 -5.52
N ASN F 91 33.36 -15.41 -6.36
CA ASN F 91 33.02 -14.00 -6.27
C ASN F 91 31.78 -13.67 -7.10
N HIS F 92 31.15 -14.69 -7.67
CA HIS F 92 29.88 -14.51 -8.35
C HIS F 92 28.75 -14.68 -7.33
N PRO F 93 27.79 -13.75 -7.31
CA PRO F 93 26.73 -13.70 -6.31
C PRO F 93 25.91 -14.99 -6.23
N ARG F 94 25.90 -15.77 -7.30
CA ARG F 94 25.10 -17.00 -7.32
C ARG F 94 25.96 -18.25 -7.31
N PHE F 95 27.14 -18.15 -6.70
CA PHE F 95 27.93 -19.32 -6.39
C PHE F 95 27.56 -19.77 -4.99
N PHE F 96 26.63 -20.72 -4.90
CA PHE F 96 26.03 -21.08 -3.63
C PHE F 96 26.76 -22.19 -2.90
N SER F 97 28.08 -22.22 -3.06
CA SER F 97 28.93 -23.06 -2.24
C SER F 97 29.81 -22.17 -1.36
N PHE F 98 30.48 -22.77 -0.38
CA PHE F 98 31.28 -22.01 0.55
C PHE F 98 32.72 -22.49 0.58
N VAL F 99 33.00 -23.61 -0.10
CA VAL F 99 34.35 -24.17 -0.08
C VAL F 99 35.33 -23.20 -0.75
N PRO F 100 35.02 -22.72 -1.96
CA PRO F 100 35.72 -21.49 -2.34
C PRO F 100 34.94 -20.31 -1.79
N GLY F 101 35.50 -19.60 -0.81
CA GLY F 101 34.79 -18.47 -0.23
C GLY F 101 34.92 -17.21 -1.07
N PRO F 102 34.00 -16.26 -0.90
CA PRO F 102 34.12 -14.96 -1.57
C PRO F 102 35.38 -14.26 -1.10
N ALA F 103 36.28 -13.96 -2.02
CA ALA F 103 37.58 -13.40 -1.64
C ALA F 103 37.65 -11.90 -1.87
N SER F 104 37.81 -11.15 -0.79
CA SER F 104 37.96 -9.71 -0.87
C SER F 104 39.26 -9.37 -1.60
N SER F 105 39.26 -8.27 -2.33
CA SER F 105 40.46 -7.81 -3.02
C SER F 105 41.47 -7.22 -2.04
N VAL F 106 41.01 -6.91 -0.83
CA VAL F 106 41.91 -6.51 0.24
C VAL F 106 42.79 -7.69 0.61
N SER F 107 42.19 -8.89 0.63
CA SER F 107 42.93 -10.12 0.91
C SER F 107 43.92 -10.38 -0.21
N TRP F 108 43.49 -10.12 -1.44
CA TRP F 108 44.37 -10.24 -2.60
C TRP F 108 45.57 -9.32 -2.43
N LEU F 109 45.31 -8.09 -2.01
CA LEU F 109 46.36 -7.12 -1.75
C LEU F 109 47.27 -7.62 -0.64
N GLY F 110 46.68 -8.28 0.35
CA GLY F 110 47.44 -8.85 1.45
C GLY F 110 48.41 -9.90 0.94
N ASP F 111 47.93 -10.74 0.01
CA ASP F 111 48.76 -11.74 -0.63
C ASP F 111 49.88 -11.13 -1.48
N ILE F 112 49.54 -10.13 -2.26
CA ILE F 112 50.50 -9.47 -3.15
C ILE F 112 51.67 -8.85 -2.38
N MET F 113 51.36 -8.13 -1.32
CA MET F 113 52.38 -7.49 -0.50
C MET F 113 53.24 -8.54 0.21
N THR F 114 52.57 -9.51 0.82
CA THR F 114 53.25 -10.59 1.54
C THR F 114 54.20 -11.37 0.65
N SER F 115 53.78 -11.63 -0.59
CA SER F 115 54.62 -12.34 -1.54
C SER F 115 55.76 -11.45 -2.04
N ALA F 116 55.49 -10.16 -2.16
CA ALA F 116 56.47 -9.20 -2.66
C ALA F 116 57.67 -9.08 -1.73
N TYR F 117 57.41 -8.79 -0.47
CA TYR F 117 58.47 -8.58 0.51
C TYR F 117 59.20 -9.87 0.89
N ASN F 118 58.61 -11.00 0.52
CA ASN F 118 59.20 -12.31 0.78
C ASN F 118 59.53 -12.52 2.25
N ILE F 119 58.51 -12.43 3.10
CA ILE F 119 58.69 -12.62 4.52
C ILE F 119 57.91 -13.84 5.01
N HIS F 120 58.23 -14.29 6.21
CA HIS F 120 57.57 -15.46 6.77
C HIS F 120 57.25 -15.24 8.24
N ALA F 121 56.32 -16.04 8.76
CA ALA F 121 55.98 -15.99 10.17
C ALA F 121 56.76 -17.06 10.92
N GLY F 122 57.01 -16.83 12.20
CA GLY F 122 57.79 -17.75 13.01
C GLY F 122 59.23 -17.83 12.51
N GLY F 123 59.84 -19.00 12.69
CA GLY F 123 61.20 -19.24 12.23
C GLY F 123 62.25 -18.42 12.94
N SER F 124 62.72 -17.36 12.29
CA SER F 124 63.75 -16.50 12.86
C SER F 124 63.17 -15.25 13.51
N LYS F 125 64.05 -14.32 13.87
CA LYS F 125 63.64 -13.07 14.49
C LYS F 125 63.98 -11.90 13.58
N LEU F 126 64.10 -12.19 12.28
CA LEU F 126 64.40 -11.17 11.30
C LEU F 126 63.16 -10.38 10.95
N ALA F 127 62.01 -11.04 11.06
CA ALA F 127 60.72 -10.39 10.81
C ALA F 127 59.83 -10.47 12.03
N PRO F 128 60.16 -9.68 13.07
CA PRO F 128 59.45 -9.76 14.36
C PRO F 128 58.05 -9.16 14.32
N MET F 129 57.86 -8.11 13.53
CA MET F 129 56.58 -7.42 13.46
C MET F 129 55.52 -8.23 12.72
N VAL F 130 55.97 -9.14 11.85
CA VAL F 130 55.07 -10.08 11.20
C VAL F 130 54.37 -10.91 12.27
N ASN F 131 55.14 -11.42 13.22
CA ASN F 131 54.61 -12.22 14.31
C ASN F 131 53.77 -11.40 15.28
N CYS F 132 54.17 -10.14 15.49
CA CYS F 132 53.41 -9.23 16.32
C CYS F 132 52.02 -9.00 15.73
N ILE F 133 51.98 -8.78 14.43
CA ILE F 133 50.73 -8.60 13.70
C ILE F 133 49.81 -9.80 13.85
N GLU F 134 50.35 -10.98 13.59
CA GLU F 134 49.59 -12.22 13.72
C GLU F 134 49.06 -12.41 15.14
N GLN F 135 49.91 -12.10 16.11
CA GLN F 135 49.54 -12.24 17.53
C GLN F 135 48.40 -11.31 17.91
N GLU F 136 48.42 -10.10 17.36
CA GLU F 136 47.37 -9.12 17.63
C GLU F 136 46.02 -9.62 17.14
N VAL F 137 46.01 -10.24 15.96
CA VAL F 137 44.79 -10.80 15.40
C VAL F 137 44.27 -11.96 16.25
N LEU F 138 45.18 -12.87 16.63
CA LEU F 138 44.82 -14.04 17.41
C LEU F 138 44.29 -13.70 18.80
N LYS F 139 44.87 -12.67 19.42
CA LYS F 139 44.38 -12.18 20.71
C LYS F 139 42.97 -11.62 20.56
N TRP F 140 42.75 -10.86 19.49
CA TRP F 140 41.43 -10.29 19.22
C TRP F 140 40.41 -11.38 18.94
N LEU F 141 40.81 -12.40 18.19
CA LEU F 141 39.94 -13.53 17.87
C LEU F 141 39.59 -14.33 19.12
N ALA F 142 40.53 -14.38 20.06
CA ALA F 142 40.30 -15.05 21.35
C ALA F 142 39.18 -14.39 22.13
N LYS F 143 39.12 -13.05 22.05
CA LYS F 143 38.11 -12.28 22.76
C LYS F 143 36.70 -12.60 22.29
N GLN F 144 36.55 -12.79 20.98
CA GLN F 144 35.23 -13.03 20.39
C GLN F 144 34.73 -14.43 20.73
N VAL F 145 35.67 -15.33 20.99
CA VAL F 145 35.35 -16.72 21.30
C VAL F 145 34.87 -16.83 22.74
N GLY F 146 35.54 -16.10 23.64
CA GLY F 146 35.18 -16.11 25.05
C GLY F 146 36.34 -16.58 25.89
N PHE F 147 37.55 -16.44 25.36
CA PHE F 147 38.76 -16.83 26.07
C PHE F 147 39.39 -15.60 26.72
N THR F 148 39.15 -15.42 28.01
CA THR F 148 39.56 -14.22 28.71
C THR F 148 40.75 -14.44 29.63
N GLU F 149 41.01 -15.69 29.99
CA GLU F 149 42.03 -16.01 30.98
C GLU F 149 43.44 -15.88 30.42
N ASN F 150 43.89 -16.90 29.71
CA ASN F 150 45.24 -16.92 29.16
C ASN F 150 45.29 -17.77 27.90
N PRO F 151 44.70 -17.27 26.82
CA PRO F 151 44.56 -18.06 25.60
C PRO F 151 45.82 -18.07 24.75
N GLY F 152 45.80 -18.89 23.70
CA GLY F 152 46.91 -18.97 22.76
C GLY F 152 46.36 -19.35 21.40
N GLY F 153 47.22 -19.30 20.38
CA GLY F 153 46.77 -19.61 19.04
C GLY F 153 47.85 -19.55 17.99
N VAL F 154 47.57 -20.14 16.84
CA VAL F 154 48.50 -20.16 15.72
C VAL F 154 47.74 -20.18 14.41
N PHE F 155 48.23 -19.42 13.42
CA PHE F 155 47.65 -19.46 12.08
C PHE F 155 47.98 -20.77 11.37
N VAL F 156 46.97 -21.35 10.73
CA VAL F 156 47.14 -22.60 10.01
C VAL F 156 46.61 -22.43 8.59
N SER F 157 46.90 -23.40 7.73
CA SER F 157 46.56 -23.30 6.31
C SER F 157 45.07 -23.57 6.06
N GLY F 158 44.43 -24.22 7.02
CA GLY F 158 43.03 -24.59 6.87
C GLY F 158 42.45 -25.29 8.08
N GLY F 159 41.19 -25.68 7.96
CA GLY F 159 40.48 -26.31 9.07
C GLY F 159 41.05 -27.64 9.49
N SER F 160 41.48 -28.44 8.51
CA SER F 160 42.10 -29.73 8.79
C SER F 160 43.31 -29.54 9.71
N MET F 161 44.14 -28.57 9.36
CA MET F 161 45.34 -28.27 10.13
C MET F 161 45.01 -27.67 11.49
N ALA F 162 43.90 -26.94 11.56
CA ALA F 162 43.44 -26.37 12.82
C ALA F 162 42.98 -27.49 13.75
N ASN F 163 42.26 -28.45 13.18
CA ASN F 163 41.77 -29.60 13.93
C ASN F 163 42.88 -30.49 14.49
N ILE F 164 43.82 -30.86 13.63
CA ILE F 164 44.92 -31.71 14.05
C ILE F 164 45.78 -31.03 15.11
N THR F 165 45.94 -29.71 14.98
CA THR F 165 46.69 -28.93 15.96
C THR F 165 46.03 -29.02 17.33
N ALA F 166 44.72 -28.80 17.36
CA ALA F 166 43.96 -28.82 18.61
C ALA F 166 43.88 -30.22 19.19
N LEU F 167 43.63 -31.21 18.34
CA LEU F 167 43.48 -32.59 18.78
C LEU F 167 44.79 -33.17 19.31
N THR F 168 45.91 -32.67 18.80
CA THR F 168 47.22 -33.08 19.29
C THR F 168 47.43 -32.56 20.70
N ALA F 169 47.00 -31.33 20.93
CA ALA F 169 47.06 -30.73 22.26
C ALA F 169 46.18 -31.51 23.24
N ALA F 170 44.99 -31.89 22.78
CA ALA F 170 44.06 -32.70 23.57
C ALA F 170 44.66 -34.03 24.00
N ARG F 171 45.30 -34.71 23.05
CA ARG F 171 45.89 -36.03 23.28
C ARG F 171 47.02 -35.96 24.30
N ASP F 172 47.92 -35.00 24.12
CA ASP F 172 49.05 -34.81 25.01
C ASP F 172 48.61 -34.36 26.40
N ASN F 173 47.40 -33.81 26.47
CA ASN F 173 46.86 -33.30 27.73
C ASN F 173 46.11 -34.36 28.53
N LYS F 174 45.64 -35.40 27.85
CA LYS F 174 44.78 -36.40 28.47
C LYS F 174 45.38 -37.80 28.51
N LEU F 175 46.27 -38.09 27.56
CA LEU F 175 46.80 -39.45 27.43
C LEU F 175 48.32 -39.52 27.52
N THR F 176 48.82 -40.72 27.80
CA THR F 176 50.25 -40.99 27.74
C THR F 176 50.53 -41.93 26.57
N ASP F 177 51.79 -42.25 26.35
CA ASP F 177 52.16 -43.10 25.22
C ASP F 177 51.73 -44.55 25.38
N ILE F 178 51.55 -45.00 26.62
CA ILE F 178 51.19 -46.39 26.89
C ILE F 178 49.68 -46.63 26.99
N ASN F 179 48.90 -45.57 27.15
CA ASN F 179 47.44 -45.70 27.20
C ASN F 179 46.73 -45.03 26.03
N LEU F 180 47.51 -44.51 25.08
CA LEU F 180 46.98 -43.85 23.89
C LEU F 180 46.05 -44.79 23.11
N HIS F 181 46.39 -46.07 23.09
CA HIS F 181 45.59 -47.07 22.40
C HIS F 181 44.24 -47.30 23.08
N LEU F 182 44.08 -46.76 24.28
CA LEU F 182 42.82 -46.89 25.01
C LEU F 182 41.92 -45.68 24.85
N GLY F 183 42.48 -44.62 24.27
CA GLY F 183 41.74 -43.37 24.08
C GLY F 183 40.63 -43.47 23.05
N THR F 184 39.51 -42.82 23.36
CA THR F 184 38.38 -42.76 22.43
C THR F 184 37.91 -41.32 22.22
N ALA F 185 37.49 -41.01 21.00
CA ALA F 185 37.05 -39.67 20.66
C ALA F 185 35.59 -39.70 20.20
N TYR F 186 34.91 -38.56 20.31
CA TYR F 186 33.48 -38.53 20.03
C TYR F 186 33.06 -37.37 19.12
N ILE F 187 32.42 -37.74 18.01
CA ILE F 187 31.91 -36.77 17.04
C ILE F 187 30.50 -37.17 16.65
N SER F 188 29.87 -36.35 15.81
CA SER F 188 28.54 -36.65 15.31
C SER F 188 28.62 -37.14 13.87
N ASP F 189 27.49 -37.59 13.33
CA ASP F 189 27.47 -38.07 11.95
C ASP F 189 27.47 -36.91 10.95
N GLN F 190 27.49 -35.69 11.47
CA GLN F 190 27.53 -34.49 10.64
C GLN F 190 28.86 -33.77 10.78
N THR F 191 29.73 -34.31 11.63
CA THR F 191 31.07 -33.76 11.83
C THR F 191 31.91 -33.91 10.56
N HIS F 192 32.70 -32.88 10.25
CA HIS F 192 33.55 -32.88 9.06
C HIS F 192 34.53 -34.05 9.07
N SER F 193 34.89 -34.52 7.88
CA SER F 193 35.72 -35.72 7.73
C SER F 193 37.16 -35.53 8.20
N SER F 194 37.62 -34.29 8.23
CA SER F 194 39.00 -33.99 8.62
C SER F 194 39.28 -34.35 10.08
N VAL F 195 38.23 -34.36 10.91
CA VAL F 195 38.38 -34.63 12.33
C VAL F 195 38.80 -36.07 12.57
N ALA F 196 38.04 -37.00 12.01
CA ALA F 196 38.35 -38.42 12.14
C ALA F 196 39.69 -38.73 11.47
N LYS F 197 39.96 -38.05 10.36
CA LYS F 197 41.24 -38.19 9.67
C LYS F 197 42.37 -37.68 10.55
N GLY F 198 42.15 -36.55 11.20
CA GLY F 198 43.13 -35.97 12.10
C GLY F 198 43.35 -36.81 13.35
N LEU F 199 42.29 -37.45 13.81
CA LEU F 199 42.37 -38.35 14.96
C LEU F 199 43.26 -39.56 14.65
N ARG F 200 43.15 -40.07 13.42
CA ARG F 200 44.00 -41.18 12.99
C ARG F 200 45.47 -40.81 12.99
N ILE F 201 45.77 -39.60 12.54
CA ILE F 201 47.15 -39.12 12.45
C ILE F 201 47.87 -39.07 13.80
N ILE F 202 47.14 -38.67 14.84
CA ILE F 202 47.73 -38.53 16.16
C ILE F 202 47.66 -39.81 16.98
N GLY F 203 47.11 -40.87 16.40
CA GLY F 203 47.17 -42.19 17.00
C GLY F 203 45.88 -42.81 17.48
N ILE F 204 44.74 -42.25 17.08
CA ILE F 204 43.45 -42.81 17.47
C ILE F 204 42.80 -43.53 16.29
N THR F 205 42.78 -44.86 16.37
CA THR F 205 42.24 -45.69 15.29
C THR F 205 40.74 -45.46 15.11
N ASP F 206 40.25 -45.69 13.90
CA ASP F 206 38.84 -45.47 13.56
C ASP F 206 37.88 -46.28 14.43
N SER F 207 38.32 -47.45 14.88
CA SER F 207 37.52 -48.29 15.74
C SER F 207 37.25 -47.63 17.10
N ARG F 208 38.04 -46.61 17.42
CA ARG F 208 37.88 -45.90 18.69
C ARG F 208 37.35 -44.48 18.51
N ILE F 209 36.77 -44.21 17.33
CA ILE F 209 36.14 -42.91 17.09
C ILE F 209 34.63 -43.08 16.95
N ARG F 210 33.89 -42.67 17.97
CA ARG F 210 32.45 -42.87 18.01
C ARG F 210 31.69 -41.78 17.25
N ARG F 211 30.81 -42.19 16.35
CA ARG F 211 29.96 -41.26 15.60
C ARG F 211 28.56 -41.17 16.23
N ILE F 212 28.37 -40.20 17.11
CA ILE F 212 27.08 -40.00 17.77
C ILE F 212 26.02 -39.53 16.76
N PRO F 213 24.84 -40.20 16.78
CA PRO F 213 23.72 -39.78 15.93
C PRO F 213 23.27 -38.35 16.22
N THR F 214 22.52 -37.76 15.30
CA THR F 214 22.10 -36.37 15.45
C THR F 214 20.58 -36.21 15.53
N ASN F 215 20.14 -35.03 15.97
CA ASN F 215 18.74 -34.67 16.02
C ASN F 215 18.11 -34.59 14.64
N SER F 216 16.82 -34.21 14.60
CA SER F 216 16.19 -33.80 13.35
C SER F 216 16.74 -32.43 12.98
N HIS F 217 17.26 -31.72 13.99
CA HIS F 217 17.90 -30.43 13.78
C HIS F 217 19.39 -30.60 13.50
N PHE F 218 19.81 -31.85 13.31
CA PHE F 218 21.18 -32.19 12.96
C PHE F 218 22.21 -31.80 14.02
N GLN F 219 21.77 -31.74 15.27
CA GLN F 219 22.68 -31.47 16.38
C GLN F 219 23.05 -32.78 17.08
N MET F 220 24.25 -32.83 17.66
CA MET F 220 24.71 -34.04 18.34
C MET F 220 23.81 -34.40 19.53
N ASP F 221 23.36 -35.64 19.56
CA ASP F 221 22.54 -36.13 20.66
C ASP F 221 23.42 -36.36 21.89
N THR F 222 23.33 -35.46 22.87
CA THR F 222 24.16 -35.54 24.06
C THR F 222 23.72 -36.70 24.97
N THR F 223 22.52 -37.21 24.73
CA THR F 223 22.03 -38.35 25.48
C THR F 223 22.76 -39.61 25.03
N LYS F 224 22.76 -39.85 23.72
CA LYS F 224 23.47 -40.99 23.14
C LYS F 224 24.99 -40.83 23.32
N LEU F 225 25.43 -39.58 23.39
CA LEU F 225 26.84 -39.28 23.61
C LEU F 225 27.31 -39.81 24.96
N GLU F 226 26.60 -39.44 26.02
CA GLU F 226 26.94 -39.87 27.37
C GLU F 226 26.86 -41.39 27.52
N GLU F 227 25.92 -42.01 26.81
CA GLU F 227 25.78 -43.46 26.82
C GLU F 227 27.05 -44.12 26.26
N ALA F 228 27.56 -43.56 25.17
CA ALA F 228 28.77 -44.08 24.54
C ALA F 228 29.99 -43.87 25.42
N ILE F 229 30.01 -42.76 26.15
CA ILE F 229 31.12 -42.45 27.03
C ILE F 229 31.19 -43.42 28.21
N GLU F 230 30.05 -43.65 28.86
CA GLU F 230 29.99 -44.56 29.99
C GLU F 230 30.28 -46.00 29.57
N THR F 231 29.78 -46.38 28.40
CA THR F 231 30.01 -47.72 27.86
C THR F 231 31.50 -47.97 27.60
N ASP F 232 32.15 -47.00 26.96
CA ASP F 232 33.58 -47.11 26.67
C ASP F 232 34.41 -47.09 27.95
N LYS F 233 33.96 -46.30 28.92
CA LYS F 233 34.60 -46.22 30.22
C LYS F 233 34.52 -47.56 30.93
N LYS F 234 33.40 -48.24 30.74
CA LYS F 234 33.16 -49.54 31.36
C LYS F 234 33.95 -50.63 30.64
N SER F 235 34.11 -50.46 29.33
CA SER F 235 34.86 -51.41 28.51
C SER F 235 36.36 -51.32 28.78
N GLY F 236 36.77 -50.22 29.41
CA GLY F 236 38.18 -50.03 29.75
C GLY F 236 38.87 -48.99 28.89
N TYR F 237 38.13 -48.40 27.96
CA TYR F 237 38.66 -47.33 27.12
C TYR F 237 38.75 -46.03 27.91
N ILE F 238 39.52 -45.07 27.39
CA ILE F 238 39.64 -43.76 28.02
C ILE F 238 39.10 -42.64 27.13
N PRO F 239 37.85 -42.22 27.36
CA PRO F 239 37.27 -41.10 26.62
C PRO F 239 38.03 -39.82 26.94
N PHE F 240 38.59 -39.18 25.92
CA PHE F 240 39.47 -38.03 26.18
C PHE F 240 39.08 -36.74 25.47
N VAL F 241 38.31 -36.84 24.39
CA VAL F 241 37.92 -35.63 23.65
C VAL F 241 36.57 -35.74 22.95
N VAL F 242 35.79 -34.66 23.03
CA VAL F 242 34.58 -34.53 22.23
C VAL F 242 34.75 -33.35 21.27
N ILE F 243 34.48 -33.58 20.00
CA ILE F 243 34.56 -32.50 19.02
C ILE F 243 33.16 -32.04 18.63
N GLY F 244 32.77 -30.87 19.13
CA GLY F 244 31.51 -30.28 18.73
C GLY F 244 31.73 -29.37 17.55
N THR F 245 30.74 -29.28 16.67
CA THR F 245 30.86 -28.44 15.49
C THR F 245 29.98 -27.20 15.59
N ALA F 246 30.59 -26.04 15.48
CA ALA F 246 29.86 -24.79 15.41
C ALA F 246 29.70 -24.39 13.96
N GLY F 247 28.67 -24.92 13.31
CA GLY F 247 28.43 -24.67 11.90
C GLY F 247 28.77 -25.85 11.02
N THR F 248 27.92 -26.88 11.06
CA THR F 248 28.10 -28.09 10.25
C THR F 248 28.21 -27.75 8.76
N THR F 249 29.09 -28.46 8.06
CA THR F 249 29.29 -28.29 6.62
C THR F 249 27.99 -28.35 5.83
N ASN F 250 27.15 -29.32 6.16
CA ASN F 250 25.91 -29.55 5.40
C ASN F 250 24.78 -28.58 5.70
N THR F 251 24.45 -28.39 6.98
CA THR F 251 23.25 -27.64 7.34
C THR F 251 23.53 -26.36 8.14
N GLY F 252 24.76 -26.21 8.60
CA GLY F 252 25.12 -25.06 9.41
C GLY F 252 24.59 -25.19 10.82
N SER F 253 24.24 -26.41 11.20
CA SER F 253 23.73 -26.68 12.53
C SER F 253 24.83 -26.57 13.59
N ILE F 254 24.43 -26.32 14.84
CA ILE F 254 25.38 -26.17 15.92
C ILE F 254 25.11 -27.18 17.04
N ASP F 255 26.14 -27.94 17.41
CA ASP F 255 26.04 -28.91 18.50
C ASP F 255 25.76 -28.22 19.83
N PRO F 256 25.07 -28.90 20.75
CA PRO F 256 24.74 -28.35 22.07
C PRO F 256 26.01 -28.08 22.88
N LEU F 257 26.52 -26.85 22.79
CA LEU F 257 27.83 -26.52 23.34
C LEU F 257 27.93 -26.62 24.87
N THR F 258 26.88 -26.15 25.56
CA THR F 258 26.87 -26.19 27.01
C THR F 258 26.71 -27.61 27.55
N GLU F 259 25.83 -28.37 26.91
CA GLU F 259 25.58 -29.75 27.30
C GLU F 259 26.85 -30.61 27.16
N ILE F 260 27.55 -30.44 26.05
CA ILE F 260 28.79 -31.16 25.81
C ILE F 260 29.88 -30.76 26.80
N SER F 261 30.04 -29.45 27.00
CA SER F 261 31.03 -28.93 27.94
C SER F 261 30.79 -29.46 29.35
N ALA F 262 29.53 -29.60 29.72
CA ALA F 262 29.16 -30.15 31.02
C ALA F 262 29.67 -31.58 31.15
N LEU F 263 29.40 -32.39 30.12
CA LEU F 263 29.86 -33.77 30.08
C LEU F 263 31.38 -33.87 30.09
N CYS F 264 32.05 -32.94 29.39
CA CYS F 264 33.50 -32.96 29.30
C CYS F 264 34.17 -32.67 30.65
N LYS F 265 33.62 -31.71 31.37
CA LYS F 265 34.13 -31.37 32.71
C LYS F 265 33.89 -32.54 33.67
N LYS F 266 32.77 -33.22 33.48
CA LYS F 266 32.36 -34.32 34.34
C LYS F 266 33.25 -35.56 34.15
N HIS F 267 33.59 -35.85 32.91
CA HIS F 267 34.33 -37.06 32.58
C HIS F 267 35.79 -36.79 32.30
N ASP F 268 36.27 -35.60 32.67
CA ASP F 268 37.66 -35.20 32.48
C ASP F 268 38.09 -35.29 31.01
N MET F 269 37.25 -34.74 30.14
CA MET F 269 37.50 -34.81 28.70
C MET F 269 37.78 -33.43 28.11
N TRP F 270 38.62 -33.42 27.07
CA TRP F 270 38.92 -32.20 26.33
C TRP F 270 37.72 -31.83 25.44
N PHE F 271 37.41 -30.55 25.39
CA PHE F 271 36.32 -30.07 24.55
C PHE F 271 36.90 -29.21 23.42
N HIS F 272 36.79 -29.70 22.19
CA HIS F 272 37.23 -28.95 21.03
C HIS F 272 36.06 -28.59 20.13
N ILE F 273 35.98 -27.32 19.74
CA ILE F 273 34.93 -26.88 18.83
C ILE F 273 35.45 -26.69 17.40
N ASP F 274 34.86 -27.39 16.46
CA ASP F 274 35.18 -27.19 15.05
C ASP F 274 34.30 -26.07 14.51
N GLY F 275 34.83 -24.85 14.55
CA GLY F 275 34.09 -23.70 14.06
C GLY F 275 34.73 -23.11 12.83
N ALA F 276 35.23 -23.97 11.96
CA ALA F 276 35.90 -23.54 10.74
C ALA F 276 35.02 -22.56 9.95
N TYR F 277 33.73 -22.85 9.91
CA TYR F 277 32.78 -22.00 9.20
C TYR F 277 32.04 -21.06 10.15
N GLY F 278 31.41 -21.63 11.18
CA GLY F 278 30.50 -20.89 12.02
C GLY F 278 31.08 -19.94 13.06
N ALA F 279 32.38 -20.02 13.33
CA ALA F 279 32.97 -19.16 14.34
C ALA F 279 32.91 -17.69 13.97
N SER F 280 32.75 -17.41 12.68
CA SER F 280 32.66 -16.05 12.19
C SER F 280 31.40 -15.34 12.68
N VAL F 281 30.37 -16.12 13.00
CA VAL F 281 29.10 -15.60 13.51
C VAL F 281 29.28 -14.78 14.80
N LEU F 282 30.37 -15.05 15.51
CA LEU F 282 30.74 -14.28 16.70
C LEU F 282 30.90 -12.80 16.38
N LEU F 283 31.20 -12.51 15.12
CA LEU F 283 31.39 -11.13 14.68
C LEU F 283 30.06 -10.47 14.32
N SER F 284 29.00 -11.28 14.30
CA SER F 284 27.66 -10.77 13.99
C SER F 284 26.86 -10.55 15.27
N PRO F 285 26.66 -9.27 15.64
CA PRO F 285 25.95 -8.90 16.87
C PRO F 285 24.53 -9.45 16.95
N LYS F 286 23.90 -9.65 15.78
CA LYS F 286 22.54 -10.16 15.73
C LYS F 286 22.47 -11.66 16.03
N TYR F 287 23.40 -12.42 15.45
CA TYR F 287 23.36 -13.88 15.55
C TYR F 287 24.44 -14.46 16.45
N LYS F 288 25.18 -13.58 17.12
CA LYS F 288 26.28 -13.96 18.01
C LYS F 288 25.86 -14.96 19.09
N SER F 289 24.64 -14.81 19.58
CA SER F 289 24.14 -15.64 20.67
C SER F 289 24.00 -17.12 20.30
N LEU F 290 23.97 -17.41 19.00
CA LEU F 290 23.85 -18.79 18.52
C LEU F 290 25.05 -19.64 18.92
N LEU F 291 26.18 -18.99 19.18
CA LEU F 291 27.40 -19.68 19.57
C LEU F 291 27.70 -19.46 21.04
N THR F 292 26.68 -19.57 21.89
CA THR F 292 26.88 -19.42 23.31
C THR F 292 27.56 -20.66 23.87
N GLY F 293 28.71 -20.45 24.52
CA GLY F 293 29.44 -21.55 25.12
C GLY F 293 30.72 -21.93 24.41
N THR F 294 31.12 -21.14 23.41
CA THR F 294 32.38 -21.37 22.72
C THR F 294 33.55 -21.17 23.67
N GLY F 295 33.36 -20.28 24.64
CA GLY F 295 34.37 -19.99 25.64
C GLY F 295 34.53 -21.12 26.64
N LEU F 296 33.61 -22.08 26.60
CA LEU F 296 33.68 -23.24 27.48
C LEU F 296 34.69 -24.26 26.97
N ALA F 297 34.90 -24.26 25.66
CA ALA F 297 35.79 -25.22 25.01
C ALA F 297 37.26 -24.97 25.34
N ASP F 298 38.07 -26.01 25.21
CA ASP F 298 39.50 -25.92 25.46
C ASP F 298 40.29 -25.52 24.21
N SER F 299 39.64 -25.67 23.06
CA SER F 299 40.25 -25.30 21.79
C SER F 299 39.17 -25.08 20.74
N ILE F 300 39.47 -24.25 19.74
CA ILE F 300 38.49 -23.95 18.69
C ILE F 300 39.16 -23.65 17.35
N SER F 301 38.53 -24.08 16.26
CA SER F 301 39.05 -23.84 14.93
C SER F 301 38.24 -22.73 14.25
N TRP F 302 38.84 -22.09 13.25
CA TRP F 302 38.24 -20.93 12.61
C TRP F 302 38.92 -20.62 11.28
N ASP F 303 38.18 -20.71 10.18
CA ASP F 303 38.71 -20.41 8.86
C ASP F 303 38.34 -19.01 8.41
N ALA F 304 39.35 -18.22 8.05
CA ALA F 304 39.11 -16.88 7.52
C ALA F 304 38.82 -16.89 6.03
N HIS F 305 39.21 -17.96 5.35
CA HIS F 305 38.95 -18.10 3.92
C HIS F 305 37.53 -18.57 3.64
N LYS F 306 36.75 -18.78 4.70
CA LYS F 306 35.36 -19.18 4.56
C LYS F 306 34.36 -18.03 4.68
N TRP F 307 34.40 -17.31 5.79
CA TRP F 307 33.43 -16.25 6.03
C TRP F 307 34.07 -14.94 6.49
N LEU F 308 35.40 -14.86 6.41
CA LEU F 308 36.10 -13.61 6.68
C LEU F 308 36.68 -13.02 5.39
N PHE F 309 36.18 -13.51 4.26
CA PHE F 309 36.49 -12.94 2.96
C PHE F 309 37.98 -12.94 2.64
N GLN F 310 38.64 -14.06 2.94
CA GLN F 310 40.06 -14.23 2.65
C GLN F 310 40.27 -15.27 1.55
N THR F 311 41.43 -15.19 0.90
CA THR F 311 41.83 -16.21 -0.07
C THR F 311 42.41 -17.42 0.67
N TYR F 312 42.30 -18.59 0.07
CA TYR F 312 42.87 -19.81 0.64
C TYR F 312 44.40 -19.71 0.62
N GLY F 313 45.06 -20.05 1.72
CA GLY F 313 44.39 -20.50 2.92
C GLY F 313 44.81 -19.75 4.18
N CYS F 314 43.82 -19.30 4.94
CA CYS F 314 44.05 -18.55 6.16
C CYS F 314 43.05 -19.02 7.21
N ALA F 315 43.51 -19.86 8.13
CA ALA F 315 42.64 -20.36 9.19
C ALA F 315 43.33 -20.25 10.54
N MET F 316 42.55 -20.29 11.60
CA MET F 316 43.10 -20.11 12.93
C MET F 316 42.66 -21.23 13.86
N VAL F 317 43.52 -21.54 14.83
CA VAL F 317 43.13 -22.39 15.93
C VAL F 317 43.48 -21.69 17.24
N LEU F 318 42.52 -21.62 18.15
CA LEU F 318 42.73 -20.97 19.43
C LEU F 318 42.55 -21.98 20.55
N VAL F 319 43.40 -21.87 21.58
CA VAL F 319 43.24 -22.69 22.77
C VAL F 319 43.03 -21.81 23.99
N LYS F 320 42.29 -22.32 24.97
CA LYS F 320 42.00 -21.55 26.18
C LYS F 320 43.25 -21.38 27.04
N ASP F 321 44.08 -22.42 27.09
CA ASP F 321 45.31 -22.36 27.87
C ASP F 321 46.51 -22.55 26.95
N ILE F 322 47.27 -21.48 26.76
CA ILE F 322 48.40 -21.47 25.84
C ILE F 322 49.49 -22.49 26.25
N ARG F 323 49.51 -22.86 27.52
CA ARG F 323 50.47 -23.84 28.03
C ARG F 323 50.32 -25.18 27.32
N ASN F 324 49.10 -25.49 26.88
CA ASN F 324 48.79 -26.72 26.19
C ASN F 324 49.42 -26.82 24.80
N LEU F 325 49.50 -25.70 24.10
CA LEU F 325 50.18 -25.68 22.80
C LEU F 325 51.68 -25.84 22.98
N PHE F 326 52.21 -25.24 24.05
CA PHE F 326 53.63 -25.38 24.37
C PHE F 326 54.02 -26.83 24.65
N HIS F 327 53.21 -27.51 25.45
CA HIS F 327 53.51 -28.89 25.83
C HIS F 327 53.50 -29.84 24.64
N SER F 328 52.76 -29.48 23.59
CA SER F 328 52.63 -30.33 22.42
C SER F 328 53.65 -30.00 21.33
N PHE F 329 54.09 -28.74 21.26
CA PHE F 329 54.82 -28.27 20.09
C PHE F 329 56.14 -27.55 20.39
N HIS F 330 56.58 -27.54 21.65
CA HIS F 330 57.85 -26.91 21.97
C HIS F 330 59.02 -27.69 21.40
N VAL F 331 60.12 -26.98 21.12
CA VAL F 331 61.29 -27.58 20.51
C VAL F 331 62.30 -28.04 21.55
N ASN F 332 62.46 -27.26 22.61
CA ASN F 332 63.46 -27.55 23.63
C ASN F 332 62.93 -27.34 25.04
N PRO F 333 63.27 -28.26 25.97
CA PRO F 333 64.02 -29.49 25.71
C PRO F 333 63.06 -30.65 25.43
N GLU F 334 61.96 -30.35 24.74
CA GLU F 334 60.88 -31.31 24.50
C GLU F 334 60.28 -31.84 25.81
N TYR F 335 60.43 -31.05 26.87
CA TYR F 335 59.83 -31.34 28.17
C TYR F 335 59.53 -30.06 28.96
N LEU F 336 59.55 -28.92 28.26
CA LEU F 336 59.31 -27.60 28.85
C LEU F 336 58.16 -27.56 29.85
N ASP F 350 54.51 -20.12 18.40
CA ASP F 350 53.10 -20.19 18.81
C ASP F 350 52.59 -21.43 19.57
N ILE F 351 52.92 -22.65 19.16
CA ILE F 351 53.66 -22.99 17.94
C ILE F 351 52.98 -24.20 17.31
N GLY F 352 53.72 -24.93 16.48
CA GLY F 352 53.25 -26.20 15.94
C GLY F 352 52.14 -26.10 14.92
N MET F 353 52.15 -27.02 13.95
CA MET F 353 53.16 -28.07 13.86
C MET F 353 54.29 -27.59 12.97
N GLU F 354 54.12 -26.40 12.42
CA GLU F 354 55.10 -25.81 11.53
C GLU F 354 56.07 -24.97 12.35
N LEU F 355 57.27 -24.78 11.82
CA LEU F 355 58.23 -23.89 12.44
C LEU F 355 58.16 -22.54 11.73
N THR F 356 58.64 -22.51 10.50
CA THR F 356 58.50 -21.33 9.65
C THR F 356 57.15 -21.42 8.95
N ARG F 357 56.41 -20.31 8.94
CA ARG F 357 55.09 -20.29 8.34
C ARG F 357 54.97 -19.18 7.30
N PRO F 358 54.06 -19.34 6.34
CA PRO F 358 53.71 -18.20 5.50
C PRO F 358 53.03 -17.15 6.37
N ALA F 359 53.26 -15.87 6.09
CA ALA F 359 52.65 -14.81 6.88
C ALA F 359 51.16 -14.72 6.55
N ARG F 360 50.43 -15.76 6.94
CA ARG F 360 49.01 -15.90 6.60
C ARG F 360 48.17 -14.80 7.26
N GLY F 361 48.53 -14.46 8.49
CA GLY F 361 47.75 -13.51 9.28
C GLY F 361 47.81 -12.08 8.82
N LEU F 362 48.78 -11.76 7.97
CA LEU F 362 48.96 -10.38 7.52
C LEU F 362 47.81 -9.89 6.67
N LYS F 363 47.30 -10.75 5.78
CA LYS F 363 46.21 -10.38 4.91
C LYS F 363 44.88 -10.24 5.66
N LEU F 364 44.75 -10.98 6.75
CA LEU F 364 43.55 -10.87 7.59
C LEU F 364 43.58 -9.56 8.37
N TRP F 365 44.76 -9.22 8.88
CA TRP F 365 44.97 -7.96 9.60
C TRP F 365 44.64 -6.78 8.69
N LEU F 366 45.17 -6.81 7.47
CA LEU F 366 44.92 -5.78 6.47
C LEU F 366 43.43 -5.62 6.18
N THR F 367 42.73 -6.75 6.07
CA THR F 367 41.29 -6.74 5.83
C THR F 367 40.54 -6.12 7.00
N LEU F 368 40.96 -6.50 8.21
CA LEU F 368 40.33 -5.99 9.43
C LEU F 368 40.51 -4.48 9.57
N GLN F 369 41.71 -4.00 9.26
CA GLN F 369 42.00 -2.57 9.35
C GLN F 369 41.23 -1.75 8.32
N VAL F 370 41.16 -2.26 7.10
CA VAL F 370 40.53 -1.53 6.00
C VAL F 370 39.00 -1.56 6.07
N LEU F 371 38.43 -2.73 6.34
CA LEU F 371 36.98 -2.88 6.34
C LEU F 371 36.34 -2.62 7.71
N GLY F 372 37.05 -2.98 8.78
CA GLY F 372 36.48 -2.89 10.11
C GLY F 372 35.57 -4.08 10.40
N SER F 373 35.40 -4.39 11.68
CA SER F 373 34.62 -5.56 12.09
C SER F 373 33.10 -5.36 11.93
N ASP F 374 32.66 -4.11 12.00
CA ASP F 374 31.24 -3.79 11.82
C ASP F 374 30.75 -4.19 10.44
N LEU F 375 31.47 -3.77 9.41
CA LEU F 375 31.10 -4.08 8.04
C LEU F 375 31.14 -5.58 7.77
N ILE F 376 32.18 -6.24 8.29
CA ILE F 376 32.28 -7.69 8.17
C ILE F 376 31.10 -8.36 8.87
N GLY F 377 30.74 -7.81 10.03
CA GLY F 377 29.57 -8.27 10.76
C GLY F 377 28.29 -8.16 9.95
N SER F 378 28.12 -7.03 9.27
CA SER F 378 26.94 -6.79 8.45
C SER F 378 26.84 -7.78 7.30
N ALA F 379 27.99 -8.12 6.71
CA ALA F 379 28.04 -9.04 5.59
C ALA F 379 27.61 -10.45 5.98
N ILE F 380 28.09 -10.91 7.13
CA ILE F 380 27.72 -12.22 7.67
C ILE F 380 26.20 -12.32 7.86
N GLU F 381 25.63 -11.28 8.48
CA GLU F 381 24.19 -11.20 8.70
C GLU F 381 23.40 -11.24 7.39
N HIS F 382 23.97 -10.65 6.35
CA HIS F 382 23.33 -10.67 5.04
C HIS F 382 23.30 -12.08 4.47
N GLY F 383 24.27 -12.90 4.87
CA GLY F 383 24.33 -14.28 4.43
C GLY F 383 23.13 -15.04 4.96
N PHE F 384 22.78 -14.75 6.21
CA PHE F 384 21.59 -15.32 6.84
C PHE F 384 20.35 -14.93 6.06
N GLN F 385 20.24 -13.64 5.74
CA GLN F 385 19.09 -13.10 5.02
C GLN F 385 18.90 -13.76 3.65
N LEU F 386 20.00 -14.10 3.00
CA LEU F 386 19.96 -14.73 1.69
C LEU F 386 19.31 -16.12 1.75
N ALA F 387 19.66 -16.88 2.77
CA ALA F 387 19.08 -18.21 2.98
C ALA F 387 17.59 -18.13 3.29
N VAL F 388 17.23 -17.19 4.15
CA VAL F 388 15.82 -16.94 4.50
C VAL F 388 15.00 -16.62 3.25
N TRP F 389 15.54 -15.75 2.39
CA TRP F 389 14.89 -15.41 1.13
C TRP F 389 14.69 -16.63 0.24
N ALA F 390 15.63 -17.56 0.30
CA ALA F 390 15.53 -18.80 -0.46
C ALA F 390 14.39 -19.66 0.07
N GLU F 391 14.23 -19.65 1.39
CA GLU F 391 13.16 -20.41 2.03
C GLU F 391 11.79 -19.77 1.81
N GLU F 392 11.76 -18.45 1.87
CA GLU F 392 10.51 -17.71 1.65
C GLU F 392 10.00 -17.91 0.23
N ALA F 393 10.92 -18.04 -0.71
CA ALA F 393 10.57 -18.25 -2.12
C ALA F 393 10.20 -19.70 -2.39
N LEU F 394 10.60 -20.59 -1.49
CA LEU F 394 10.36 -22.02 -1.66
C LEU F 394 9.03 -22.48 -1.06
N ASN F 395 8.54 -21.74 -0.07
CA ASN F 395 7.29 -22.08 0.60
C ASN F 395 6.05 -22.16 -0.31
N PRO F 396 5.82 -21.13 -1.16
CA PRO F 396 4.65 -21.23 -2.03
C PRO F 396 4.80 -22.32 -3.10
N LYS F 397 6.03 -22.64 -3.45
CA LYS F 397 6.32 -23.66 -4.47
C LYS F 397 5.76 -25.02 -4.08
N LYS F 398 5.17 -25.71 -5.05
CA LYS F 398 4.60 -27.03 -4.81
C LYS F 398 5.66 -28.13 -4.96
N ASP F 399 5.52 -29.19 -4.15
CA ASP F 399 6.39 -30.37 -4.20
C ASP F 399 7.84 -30.08 -3.81
N TRP F 400 8.08 -28.92 -3.22
CA TRP F 400 9.40 -28.59 -2.72
C TRP F 400 9.48 -28.81 -1.21
N GLU F 401 10.34 -29.73 -0.80
CA GLU F 401 10.49 -30.07 0.61
C GLU F 401 11.71 -29.38 1.19
N ILE F 402 11.57 -28.82 2.38
CA ILE F 402 12.69 -28.19 3.07
C ILE F 402 13.30 -29.18 4.06
N VAL F 403 14.37 -29.86 3.65
CA VAL F 403 15.04 -30.83 4.49
C VAL F 403 15.70 -30.15 5.68
N SER F 404 16.28 -28.98 5.43
CA SER F 404 16.87 -28.17 6.48
C SER F 404 16.55 -26.70 6.23
N PRO F 405 15.87 -26.05 7.19
CA PRO F 405 15.44 -24.65 7.06
C PRO F 405 16.64 -23.71 7.01
N ALA F 406 16.39 -22.44 6.70
CA ALA F 406 17.46 -21.44 6.62
C ALA F 406 18.17 -21.33 7.97
N GLN F 407 19.42 -21.78 7.99
CA GLN F 407 20.22 -21.79 9.21
C GLN F 407 21.68 -21.50 8.86
N MET F 408 22.19 -20.39 9.39
CA MET F 408 23.57 -19.98 9.16
C MET F 408 23.89 -19.90 7.66
N ALA F 409 23.10 -19.10 6.94
CA ALA F 409 23.28 -18.90 5.50
C ALA F 409 23.18 -20.19 4.67
N MET F 410 22.67 -21.26 5.29
CA MET F 410 22.53 -22.53 4.59
C MET F 410 21.09 -23.02 4.57
N ILE F 411 20.75 -23.77 3.52
CA ILE F 411 19.44 -24.38 3.41
C ILE F 411 19.53 -25.62 2.51
N ASN F 412 18.88 -26.70 2.94
CA ASN F 412 18.85 -27.93 2.15
C ASN F 412 17.42 -28.29 1.77
N PHE F 413 17.19 -28.51 0.48
CA PHE F 413 15.84 -28.72 -0.03
C PHE F 413 15.86 -29.64 -1.24
N ARG F 414 14.69 -30.16 -1.60
CA ARG F 414 14.57 -31.08 -2.71
C ARG F 414 13.21 -30.98 -3.38
N TYR F 415 13.15 -31.33 -4.66
CA TYR F 415 11.89 -31.41 -5.39
C TYR F 415 11.39 -32.85 -5.38
N ALA F 416 10.36 -33.10 -4.58
CA ALA F 416 9.86 -34.46 -4.39
C ALA F 416 8.39 -34.63 -4.75
N PRO F 417 8.09 -34.83 -6.04
CA PRO F 417 6.72 -35.16 -6.48
C PRO F 417 6.32 -36.55 -6.01
N LYS F 418 5.08 -36.70 -5.55
CA LYS F 418 4.62 -37.96 -4.98
C LYS F 418 4.58 -39.09 -6.02
N ASP F 419 4.51 -38.72 -7.29
CA ASP F 419 4.42 -39.71 -8.37
C ASP F 419 5.68 -40.55 -8.51
N LEU F 420 6.85 -39.90 -8.40
CA LEU F 420 8.12 -40.60 -8.54
C LEU F 420 8.53 -41.25 -7.21
N THR F 421 8.91 -42.52 -7.28
CA THR F 421 9.43 -43.24 -6.11
C THR F 421 10.78 -42.69 -5.64
N LYS F 422 11.21 -43.21 -4.49
CA LYS F 422 12.45 -42.81 -3.82
C LYS F 422 13.68 -42.65 -4.73
N GLU F 423 14.01 -43.71 -5.46
CA GLU F 423 15.21 -43.71 -6.30
C GLU F 423 15.19 -42.65 -7.41
N GLU F 424 14.06 -42.55 -8.13
CA GLU F 424 13.95 -41.60 -9.22
C GLU F 424 13.81 -40.16 -8.73
N GLN F 425 13.49 -40.00 -7.44
CA GLN F 425 13.48 -38.67 -6.83
C GLN F 425 14.90 -38.14 -6.65
N ASP F 426 15.80 -39.02 -6.24
CA ASP F 426 17.22 -38.66 -6.06
C ASP F 426 17.87 -38.33 -7.39
N ILE F 427 17.55 -39.12 -8.42
CA ILE F 427 18.06 -38.88 -9.76
C ILE F 427 17.53 -37.56 -10.31
N LEU F 428 16.28 -37.25 -9.97
CA LEU F 428 15.65 -35.99 -10.37
C LEU F 428 16.40 -34.78 -9.83
N ASN F 429 16.66 -34.77 -8.52
CA ASN F 429 17.36 -33.66 -7.89
C ASN F 429 18.78 -33.47 -8.39
N GLU F 430 19.42 -34.56 -8.79
CA GLU F 430 20.77 -34.48 -9.34
C GLU F 430 20.73 -33.87 -10.74
N LYS F 431 19.68 -34.20 -11.49
CA LYS F 431 19.51 -33.67 -12.84
C LYS F 431 19.19 -32.18 -12.82
N ILE F 432 18.50 -31.73 -11.77
CA ILE F 432 18.19 -30.31 -11.61
C ILE F 432 19.48 -29.53 -11.40
N SER F 433 20.38 -30.10 -10.60
CA SER F 433 21.67 -29.49 -10.31
C SER F 433 22.51 -29.32 -11.58
N HIS F 434 22.56 -30.37 -12.40
CA HIS F 434 23.30 -30.32 -13.65
C HIS F 434 22.70 -29.31 -14.61
N ARG F 435 21.37 -29.20 -14.60
CA ARG F 435 20.66 -28.32 -15.52
C ARG F 435 20.98 -26.84 -15.26
N ILE F 436 21.05 -26.49 -13.98
CA ILE F 436 21.30 -25.11 -13.60
C ILE F 436 22.79 -24.77 -13.70
N LEU F 437 23.65 -25.78 -13.56
CA LEU F 437 25.09 -25.59 -13.69
C LEU F 437 25.43 -25.31 -15.15
N GLU F 438 24.83 -26.08 -16.06
CA GLU F 438 25.07 -25.90 -17.48
C GLU F 438 24.50 -24.57 -17.98
N SER F 439 23.44 -24.10 -17.32
CA SER F 439 22.85 -22.81 -17.67
C SER F 439 23.81 -21.68 -17.33
N GLY F 440 24.68 -21.94 -16.36
CA GLY F 440 25.68 -20.97 -15.95
C GLY F 440 25.09 -19.81 -15.16
N TYR F 441 23.84 -19.95 -14.76
CA TYR F 441 23.16 -18.87 -14.03
C TYR F 441 23.53 -18.91 -12.55
N ALA F 442 23.64 -20.13 -12.01
CA ALA F 442 23.98 -20.31 -10.61
C ALA F 442 24.71 -21.62 -10.39
N ALA F 443 25.48 -21.70 -9.31
CA ALA F 443 26.16 -22.92 -8.93
C ALA F 443 25.48 -23.55 -7.72
N ILE F 444 24.78 -24.66 -7.95
CA ILE F 444 24.12 -25.38 -6.87
C ILE F 444 24.46 -26.87 -6.95
N PHE F 445 24.97 -27.42 -5.86
CA PHE F 445 25.40 -28.80 -5.84
C PHE F 445 24.51 -29.65 -4.92
N THR F 446 24.62 -30.96 -5.06
CA THR F 446 23.81 -31.88 -4.28
C THR F 446 24.58 -32.51 -3.13
N THR F 447 23.91 -32.70 -2.00
CA THR F 447 24.50 -33.38 -0.86
C THR F 447 23.53 -34.44 -0.33
N VAL F 448 24.08 -35.53 0.19
CA VAL F 448 23.24 -36.58 0.77
C VAL F 448 22.92 -36.25 2.23
N LEU F 449 21.64 -36.09 2.51
CA LEU F 449 21.17 -35.72 3.84
C LEU F 449 19.96 -36.56 4.20
N ASN F 450 20.02 -37.21 5.35
CA ASN F 450 18.98 -38.14 5.80
C ASN F 450 18.72 -39.27 4.80
N GLY F 451 19.77 -39.69 4.10
CA GLY F 451 19.69 -40.84 3.20
C GLY F 451 19.24 -40.48 1.80
N LYS F 452 18.76 -39.26 1.60
CA LYS F 452 18.23 -38.84 0.31
C LYS F 452 19.04 -37.70 -0.31
N THR F 453 19.16 -37.71 -1.63
CA THR F 453 19.86 -36.65 -2.37
C THR F 453 19.13 -35.32 -2.25
N VAL F 454 19.85 -34.28 -1.87
CA VAL F 454 19.25 -32.99 -1.56
C VAL F 454 20.05 -31.84 -2.17
N LEU F 455 19.35 -30.88 -2.78
CA LEU F 455 19.97 -29.65 -3.25
C LEU F 455 20.38 -28.76 -2.08
N ARG F 456 21.56 -28.16 -2.17
CA ARG F 456 22.08 -27.34 -1.09
C ARG F 456 22.43 -25.94 -1.57
N ILE F 457 22.06 -24.93 -0.78
CA ILE F 457 22.45 -23.56 -1.06
C ILE F 457 23.15 -22.92 0.13
N CYS F 458 24.40 -22.50 -0.08
CA CYS F 458 25.11 -21.70 0.90
C CYS F 458 25.41 -20.34 0.30
N ALA F 459 24.64 -19.33 0.70
CA ALA F 459 24.75 -18.00 0.12
C ALA F 459 25.38 -17.03 1.10
N ILE F 460 26.64 -16.67 0.84
CA ILE F 460 27.38 -15.77 1.70
C ILE F 460 28.01 -14.61 0.93
N HIS F 461 27.61 -14.42 -0.32
CA HIS F 461 28.13 -13.33 -1.13
C HIS F 461 27.47 -12.02 -0.71
N PRO F 462 28.28 -11.03 -0.27
CA PRO F 462 27.83 -9.76 0.29
C PRO F 462 26.95 -8.93 -0.65
N GLU F 463 27.00 -9.21 -1.94
CA GLU F 463 26.27 -8.41 -2.93
C GLU F 463 25.12 -9.17 -3.59
N ALA F 464 24.83 -10.36 -3.07
CA ALA F 464 23.71 -11.14 -3.59
C ALA F 464 22.40 -10.53 -3.13
N THR F 465 21.42 -10.51 -4.03
CA THR F 465 20.14 -9.84 -3.77
C THR F 465 18.99 -10.82 -3.64
N GLN F 466 17.82 -10.30 -3.29
CA GLN F 466 16.63 -11.14 -3.13
C GLN F 466 16.22 -11.70 -4.49
N GLU F 467 16.44 -10.90 -5.53
CA GLU F 467 16.16 -11.30 -6.90
C GLU F 467 17.04 -12.47 -7.31
N ASP F 468 18.28 -12.49 -6.83
CA ASP F 468 19.19 -13.58 -7.09
C ASP F 468 18.66 -14.86 -6.49
N MET F 469 18.15 -14.77 -5.27
CA MET F 469 17.62 -15.94 -4.56
C MET F 469 16.27 -16.35 -5.15
N GLN F 470 15.44 -15.35 -5.45
CA GLN F 470 14.11 -15.61 -5.99
C GLN F 470 14.17 -16.27 -7.37
N HIS F 471 14.91 -15.65 -8.29
CA HIS F 471 15.04 -16.16 -9.65
C HIS F 471 15.69 -17.54 -9.69
N THR F 472 16.66 -17.77 -8.80
CA THR F 472 17.35 -19.06 -8.73
C THR F 472 16.37 -20.16 -8.39
N ILE F 473 15.56 -19.93 -7.35
CA ILE F 473 14.54 -20.88 -6.93
C ILE F 473 13.51 -21.11 -8.04
N ASP F 474 13.08 -20.02 -8.67
CA ASP F 474 12.12 -20.11 -9.76
C ASP F 474 12.69 -20.93 -10.92
N LEU F 475 13.99 -20.76 -11.17
CA LEU F 475 14.66 -21.49 -12.23
C LEU F 475 14.82 -22.97 -11.87
N LEU F 476 15.00 -23.24 -10.58
CA LEU F 476 15.07 -24.61 -10.09
C LEU F 476 13.71 -25.27 -10.24
N ASP F 477 12.67 -24.52 -9.91
CA ASP F 477 11.30 -25.00 -10.01
C ASP F 477 10.96 -25.29 -11.46
N GLN F 478 11.45 -24.44 -12.36
CA GLN F 478 11.28 -24.64 -13.79
C GLN F 478 11.91 -25.94 -14.25
N TYR F 479 13.18 -26.13 -13.91
CA TYR F 479 13.91 -27.35 -14.26
C TYR F 479 13.31 -28.57 -13.59
N GLY F 480 12.74 -28.36 -12.41
CA GLY F 480 12.14 -29.45 -11.65
C GLY F 480 10.97 -30.09 -12.38
N ARG F 481 10.08 -29.26 -12.94
CA ARG F 481 8.92 -29.76 -13.65
C ARG F 481 9.20 -30.05 -15.13
N GLU F 482 10.32 -29.54 -15.63
CA GLU F 482 10.77 -29.88 -16.98
C GLU F 482 11.21 -31.33 -17.02
N ILE F 483 12.03 -31.72 -16.04
CA ILE F 483 12.50 -33.10 -15.93
C ILE F 483 11.38 -34.01 -15.44
N TYR F 484 10.44 -33.45 -14.70
CA TYR F 484 9.27 -34.19 -14.22
C TYR F 484 8.47 -34.71 -15.42
N THR F 485 8.15 -33.83 -16.36
CA THR F 485 7.38 -34.22 -17.54
C THR F 485 8.19 -35.11 -18.47
N GLU F 486 9.52 -35.03 -18.36
CA GLU F 486 10.40 -35.88 -19.16
C GLU F 486 10.43 -37.32 -18.64
N MET F 487 9.82 -37.54 -17.48
CA MET F 487 9.67 -38.89 -16.95
C MET F 487 8.45 -39.55 -17.57
N LYS F 488 8.48 -39.76 -18.89
CA LYS F 488 7.37 -40.39 -19.60
C LYS F 488 7.29 -41.88 -19.30
N LYS F 489 6.32 -42.26 -18.48
CA LYS F 489 6.13 -43.66 -18.11
C LYS F 489 4.69 -44.09 -18.33
N ALA F 490 4.49 -45.31 -18.83
CA ALA F 490 5.59 -46.20 -19.17
C ALA F 490 5.45 -46.72 -20.60
N THR G 16 49.38 42.41 33.56
CA THR G 16 49.97 42.63 32.25
C THR G 16 50.84 41.46 31.81
N GLU G 17 51.17 40.59 32.77
CA GLU G 17 52.00 39.42 32.49
C GLU G 17 51.16 38.28 31.93
N TYR G 18 49.85 38.48 31.88
CA TYR G 18 48.93 37.47 31.37
C TYR G 18 48.26 37.94 30.08
N ILE G 19 48.91 38.90 29.42
CA ILE G 19 48.44 39.41 28.14
C ILE G 19 48.95 38.55 26.98
N LEU G 20 50.25 38.29 26.97
CA LEU G 20 50.87 37.51 25.91
C LEU G 20 50.60 36.02 26.04
N ASN G 21 50.78 35.48 27.24
CA ASN G 21 50.56 34.05 27.46
C ASN G 21 50.16 33.70 28.88
N SER G 22 49.28 32.70 29.01
CA SER G 22 48.86 32.18 30.30
C SER G 22 48.48 30.72 30.15
N THR G 23 48.39 30.00 31.26
CA THR G 23 48.04 28.58 31.22
C THR G 23 46.60 28.36 30.76
N GLN G 24 45.72 29.30 31.08
CA GLN G 24 44.33 29.23 30.64
C GLN G 24 44.25 29.29 29.12
N LEU G 25 45.15 30.05 28.51
CA LEU G 25 45.18 30.18 27.06
C LEU G 25 45.81 28.96 26.42
N GLU G 26 46.93 28.52 26.98
CA GLU G 26 47.65 27.35 26.49
C GLU G 26 46.75 26.11 26.51
N GLU G 27 45.91 26.03 27.54
CA GLU G 27 44.95 24.93 27.65
C GLU G 27 43.82 25.09 26.63
N ALA G 28 43.31 26.31 26.50
CA ALA G 28 42.22 26.59 25.57
C ALA G 28 42.64 26.32 24.14
N ILE G 29 43.91 26.61 23.84
CA ILE G 29 44.47 26.36 22.52
C ILE G 29 44.55 24.85 22.24
N LYS G 30 45.13 24.12 23.17
CA LYS G 30 45.27 22.67 23.03
C LYS G 30 43.91 21.98 23.02
N SER G 31 42.99 22.49 23.84
CA SER G 31 41.64 21.95 23.92
C SER G 31 40.87 22.15 22.61
N PHE G 32 40.96 23.35 22.04
CA PHE G 32 40.24 23.65 20.81
C PHE G 32 40.70 22.78 19.66
N VAL G 33 42.01 22.71 19.45
CA VAL G 33 42.59 21.89 18.40
C VAL G 33 42.14 20.44 18.55
N HIS G 34 42.23 19.93 19.77
CA HIS G 34 41.80 18.57 20.08
C HIS G 34 40.32 18.37 19.76
N ASP G 35 39.49 19.31 20.21
CA ASP G 35 38.06 19.21 20.02
C ASP G 35 37.67 19.31 18.56
N PHE G 36 38.35 20.19 17.84
CA PHE G 36 38.03 20.43 16.44
C PHE G 36 38.45 19.26 15.56
N CYS G 37 39.60 18.66 15.87
CA CYS G 37 40.07 17.48 15.16
C CYS G 37 39.14 16.29 15.41
N ALA G 38 38.56 16.24 16.61
CA ALA G 38 37.66 15.15 16.97
C ALA G 38 36.31 15.27 16.26
N GLU G 39 35.84 16.50 16.13
CA GLU G 39 34.56 16.76 15.46
C GLU G 39 34.73 16.67 13.94
N LYS G 40 35.97 16.64 13.50
CA LYS G 40 36.28 16.48 12.08
C LYS G 40 35.91 15.09 11.55
N HIS G 41 35.74 14.14 12.47
CA HIS G 41 35.41 12.77 12.10
C HIS G 41 33.89 12.54 12.02
N GLU G 42 33.12 13.57 12.36
CA GLU G 42 31.67 13.51 12.26
C GLU G 42 31.12 14.69 11.47
N ILE G 43 31.71 14.93 10.30
CA ILE G 43 31.23 15.97 9.40
C ILE G 43 30.02 15.48 8.62
N HIS G 44 30.03 14.20 8.27
CA HIS G 44 28.93 13.57 7.54
C HIS G 44 27.61 13.65 8.31
N ASP G 45 27.69 13.47 9.63
CA ASP G 45 26.50 13.48 10.47
C ASP G 45 25.87 14.87 10.58
N GLN G 46 26.65 15.90 10.24
CA GLN G 46 26.19 17.27 10.39
C GLN G 46 25.65 17.84 9.08
N PRO G 47 24.65 18.74 9.18
CA PRO G 47 24.10 19.43 8.01
C PRO G 47 25.14 20.31 7.34
N VAL G 48 25.00 20.53 6.04
CA VAL G 48 25.97 21.32 5.28
C VAL G 48 25.94 22.79 5.68
N VAL G 49 24.75 23.36 5.77
CA VAL G 49 24.60 24.77 6.13
C VAL G 49 23.70 24.93 7.36
N VAL G 50 24.25 25.54 8.40
CA VAL G 50 23.46 25.86 9.60
C VAL G 50 23.10 27.34 9.60
N GLU G 51 21.80 27.62 9.55
CA GLU G 51 21.32 29.00 9.43
C GLU G 51 20.95 29.59 10.79
N ALA G 52 21.19 30.89 10.94
CA ALA G 52 20.91 31.59 12.19
C ALA G 52 19.51 32.18 12.22
N LYS G 53 18.89 32.18 13.40
CA LYS G 53 17.60 32.82 13.60
C LYS G 53 17.74 34.33 13.59
N GLU G 54 16.60 35.04 13.53
CA GLU G 54 16.63 36.49 13.37
C GLU G 54 16.96 37.25 14.65
N HIS G 55 17.03 36.52 15.77
CA HIS G 55 17.36 37.15 17.04
C HIS G 55 18.84 36.99 17.33
N GLN G 56 19.52 36.22 16.49
CA GLN G 56 20.93 35.89 16.70
C GLN G 56 21.82 37.11 16.56
N GLU G 57 21.45 38.03 15.66
CA GLU G 57 22.21 39.26 15.46
C GLU G 57 22.19 40.14 16.71
N ASP G 58 21.02 40.30 17.31
CA ASP G 58 20.87 41.10 18.52
C ASP G 58 21.58 40.41 19.68
N LYS G 59 21.65 39.08 19.61
CA LYS G 59 22.33 38.29 20.61
C LYS G 59 23.82 38.61 20.61
N ILE G 60 24.33 38.99 19.45
CA ILE G 60 25.73 39.38 19.30
C ILE G 60 25.93 40.85 19.65
N LYS G 61 25.00 41.69 19.23
CA LYS G 61 25.10 43.13 19.46
C LYS G 61 24.95 43.51 20.93
N GLN G 62 24.41 42.59 21.72
CA GLN G 62 24.20 42.86 23.14
C GLN G 62 25.40 42.48 24.00
N ILE G 63 26.34 41.75 23.39
CA ILE G 63 27.62 41.49 24.05
C ILE G 63 28.56 42.63 23.70
N LYS G 64 29.01 43.36 24.73
CA LYS G 64 29.87 44.50 24.52
C LYS G 64 31.35 44.20 24.68
N ILE G 65 32.19 45.18 24.34
CA ILE G 65 33.62 45.10 24.56
C ILE G 65 33.90 45.50 25.99
N PRO G 66 34.19 44.52 26.86
CA PRO G 66 34.29 44.77 28.29
C PRO G 66 35.58 45.47 28.67
N GLU G 67 35.55 46.24 29.76
CA GLU G 67 36.74 46.88 30.27
C GLU G 67 37.56 45.83 31.01
N LYS G 68 36.86 44.94 31.71
CA LYS G 68 37.49 43.86 32.44
C LYS G 68 37.45 42.58 31.61
N GLY G 69 38.57 41.88 31.54
CA GLY G 69 38.67 40.67 30.76
C GLY G 69 37.75 39.56 31.21
N ARG G 70 37.40 38.67 30.28
CA ARG G 70 36.57 37.52 30.57
C ARG G 70 37.41 36.24 30.49
N PRO G 71 37.00 35.20 31.23
CA PRO G 71 37.72 33.93 31.15
C PRO G 71 37.69 33.37 29.73
N VAL G 72 38.84 32.89 29.25
CA VAL G 72 39.02 32.54 27.85
C VAL G 72 38.03 31.50 27.30
N ASN G 73 37.87 30.38 28.00
CA ASN G 73 37.00 29.32 27.54
C ASN G 73 35.54 29.71 27.50
N GLU G 74 35.19 30.72 28.29
CA GLU G 74 33.84 31.29 28.25
C GLU G 74 33.64 32.01 26.93
N VAL G 75 34.64 32.77 26.53
CA VAL G 75 34.61 33.49 25.26
C VAL G 75 34.71 32.54 24.08
N VAL G 76 35.55 31.51 24.23
CA VAL G 76 35.73 30.51 23.18
C VAL G 76 34.42 29.76 22.90
N SER G 77 33.78 29.30 23.97
CA SER G 77 32.50 28.61 23.86
C SER G 77 31.46 29.52 23.20
N GLU G 78 31.51 30.79 23.57
CA GLU G 78 30.60 31.80 23.03
C GLU G 78 30.76 31.94 21.52
N MET G 79 32.01 31.95 21.06
CA MET G 79 32.29 32.05 19.63
C MET G 79 31.93 30.77 18.88
N MET G 80 32.25 29.62 19.47
CA MET G 80 31.92 28.34 18.85
C MET G 80 30.41 28.14 18.68
N ASN G 81 29.65 28.59 19.68
CA ASN G 81 28.21 28.39 19.67
C ASN G 81 27.41 29.49 18.98
N GLU G 82 27.83 30.73 19.18
CA GLU G 82 27.05 31.88 18.72
C GLU G 82 27.60 32.51 17.43
N VAL G 83 28.85 32.22 17.12
CA VAL G 83 29.49 32.82 15.94
C VAL G 83 29.87 31.81 14.87
N TYR G 84 30.81 30.93 15.18
CA TYR G 84 31.34 29.98 14.22
C TYR G 84 30.32 28.92 13.77
N ARG G 85 29.33 28.66 14.62
CA ARG G 85 28.34 27.62 14.35
C ARG G 85 27.57 27.89 13.05
N TYR G 86 27.22 29.15 12.84
CA TYR G 86 26.40 29.53 11.70
C TYR G 86 27.25 29.82 10.47
N ARG G 87 27.47 28.79 9.68
CA ARG G 87 28.32 28.88 8.49
C ARG G 87 27.97 27.78 7.51
N GLY G 88 28.55 27.85 6.32
CA GLY G 88 28.47 26.76 5.37
C GLY G 88 29.73 25.91 5.43
N ASP G 89 29.58 24.65 5.82
CA ASP G 89 30.74 23.78 5.93
C ASP G 89 31.23 23.39 4.54
N ALA G 90 32.24 24.10 4.05
CA ALA G 90 32.77 23.88 2.72
C ALA G 90 33.49 22.54 2.62
N ASN G 91 33.79 21.95 3.76
CA ASN G 91 34.46 20.66 3.81
C ASN G 91 33.47 19.50 3.77
N HIS G 92 32.19 19.82 3.59
CA HIS G 92 31.17 18.80 3.38
C HIS G 92 31.09 18.49 1.91
N PRO G 93 31.10 17.20 1.55
CA PRO G 93 31.14 16.74 0.15
C PRO G 93 30.03 17.29 -0.73
N ARG G 94 28.91 17.67 -0.12
CA ARG G 94 27.77 18.18 -0.90
C ARG G 94 27.52 19.66 -0.68
N PHE G 95 28.57 20.41 -0.38
CA PHE G 95 28.50 21.86 -0.39
C PHE G 95 28.89 22.31 -1.79
N PHE G 96 27.88 22.55 -2.62
CA PHE G 96 28.11 22.75 -4.05
C PHE G 96 28.34 24.21 -4.44
N SER G 97 28.96 24.95 -3.53
CA SER G 97 29.48 26.27 -3.84
C SER G 97 31.00 26.24 -3.77
N PHE G 98 31.65 27.29 -4.25
CA PHE G 98 33.11 27.33 -4.29
C PHE G 98 33.68 28.55 -3.57
N VAL G 99 32.82 29.48 -3.17
CA VAL G 99 33.29 30.70 -2.52
C VAL G 99 33.95 30.37 -1.19
N PRO G 100 33.27 29.58 -0.33
CA PRO G 100 34.12 28.96 0.69
C PRO G 100 34.69 27.69 0.07
N GLY G 101 35.99 27.66 -0.18
CA GLY G 101 36.62 26.51 -0.80
C GLY G 101 36.90 25.39 0.19
N PRO G 102 37.04 24.15 -0.31
CA PRO G 102 37.45 23.05 0.55
C PRO G 102 38.84 23.32 1.10
N ALA G 103 38.98 23.39 2.42
CA ALA G 103 40.25 23.76 3.01
C ALA G 103 40.98 22.54 3.56
N SER G 104 42.15 22.25 2.99
CA SER G 104 42.99 21.17 3.47
C SER G 104 43.49 21.47 4.88
N SER G 105 43.65 20.43 5.69
CA SER G 105 44.17 20.59 7.04
C SER G 105 45.67 20.88 7.02
N VAL G 106 46.31 20.62 5.88
CA VAL G 106 47.69 21.01 5.67
C VAL G 106 47.78 22.53 5.64
N SER G 107 46.81 23.16 5.00
CA SER G 107 46.74 24.61 4.93
C SER G 107 46.47 25.17 6.33
N TRP G 108 45.61 24.49 7.07
CA TRP G 108 45.29 24.85 8.44
C TRP G 108 46.56 24.83 9.28
N LEU G 109 47.36 23.78 9.09
CA LEU G 109 48.64 23.66 9.77
C LEU G 109 49.54 24.83 9.41
N GLY G 110 49.48 25.26 8.16
CA GLY G 110 50.26 26.39 7.68
C GLY G 110 49.89 27.68 8.39
N ASP G 111 48.59 27.88 8.60
CA ASP G 111 48.09 29.03 9.35
C ASP G 111 48.55 29.00 10.79
N ILE G 112 48.45 27.83 11.41
CA ILE G 112 48.83 27.65 12.80
C ILE G 112 50.31 27.98 13.03
N MET G 113 51.17 27.45 12.17
CA MET G 113 52.60 27.69 12.27
C MET G 113 52.97 29.14 11.98
N THR G 114 52.42 29.69 10.90
CA THR G 114 52.68 31.06 10.52
C THR G 114 52.28 32.05 11.61
N SER G 115 51.14 31.78 12.24
CA SER G 115 50.65 32.64 13.31
C SER G 115 51.48 32.46 14.58
N ALA G 116 51.98 31.26 14.79
CA ALA G 116 52.76 30.95 15.98
C ALA G 116 54.07 31.72 16.02
N TYR G 117 54.86 31.63 14.96
CA TYR G 117 56.16 32.28 14.88
C TYR G 117 56.07 33.79 14.73
N ASN G 118 54.87 34.27 14.39
CA ASN G 118 54.61 35.70 14.24
C ASN G 118 55.56 36.37 13.25
N ILE G 119 55.55 35.89 12.01
CA ILE G 119 56.39 36.45 10.96
C ILE G 119 55.54 37.05 9.85
N HIS G 120 56.17 37.85 9.01
CA HIS G 120 55.47 38.50 7.92
C HIS G 120 56.29 38.46 6.64
N ALA G 121 55.62 38.66 5.51
CA ALA G 121 56.30 38.72 4.22
C ALA G 121 56.58 40.17 3.87
N GLY G 122 57.61 40.40 3.07
CA GLY G 122 58.00 41.75 2.70
C GLY G 122 58.45 42.54 3.92
N GLY G 123 58.24 43.85 3.87
CA GLY G 123 58.58 44.74 4.98
C GLY G 123 60.06 44.83 5.27
N SER G 124 60.51 44.13 6.31
CA SER G 124 61.91 44.17 6.71
C SER G 124 62.70 42.98 6.18
N LYS G 125 63.93 42.83 6.66
CA LYS G 125 64.79 41.73 6.23
C LYS G 125 65.10 40.80 7.39
N LEU G 126 64.23 40.79 8.39
CA LEU G 126 64.43 39.95 9.57
C LEU G 126 64.00 38.52 9.29
N ALA G 127 63.04 38.35 8.39
CA ALA G 127 62.57 37.02 7.99
C ALA G 127 62.75 36.83 6.48
N PRO G 128 64.01 36.63 6.04
CA PRO G 128 64.36 36.56 4.62
C PRO G 128 63.88 35.28 3.94
N MET G 129 63.87 34.17 4.66
CA MET G 129 63.49 32.89 4.07
C MET G 129 62.00 32.79 3.79
N VAL G 130 61.20 33.59 4.51
CA VAL G 130 59.79 33.71 4.24
C VAL G 130 59.57 34.19 2.81
N ASN G 131 60.31 35.22 2.43
CA ASN G 131 60.20 35.79 1.09
C ASN G 131 60.74 34.85 0.01
N CYS G 132 61.77 34.09 0.37
CA CYS G 132 62.32 33.08 -0.54
C CYS G 132 61.27 32.01 -0.84
N ILE G 133 60.58 31.56 0.20
CA ILE G 133 59.53 30.55 0.06
C ILE G 133 58.41 31.02 -0.87
N GLU G 134 57.88 32.20 -0.60
CA GLU G 134 56.83 32.77 -1.43
C GLU G 134 57.29 32.95 -2.87
N GLN G 135 58.53 33.41 -3.04
CA GLN G 135 59.09 33.63 -4.37
C GLN G 135 59.22 32.33 -5.15
N GLU G 136 59.60 31.25 -4.45
CA GLU G 136 59.73 29.93 -5.08
C GLU G 136 58.40 29.42 -5.62
N VAL G 137 57.34 29.62 -4.85
CA VAL G 137 56.01 29.23 -5.27
C VAL G 137 55.54 30.05 -6.47
N LEU G 138 55.73 31.36 -6.38
CA LEU G 138 55.31 32.27 -7.45
C LEU G 138 56.06 32.01 -8.76
N LYS G 139 57.34 31.67 -8.66
CA LYS G 139 58.11 31.30 -9.82
C LYS G 139 57.55 30.05 -10.47
N TRP G 140 57.22 29.07 -9.63
CA TRP G 140 56.63 27.81 -10.10
C TRP G 140 55.26 28.04 -10.74
N LEU G 141 54.46 28.90 -10.12
CA LEU G 141 53.14 29.21 -10.66
C LEU G 141 53.24 29.92 -11.99
N ALA G 142 54.29 30.72 -12.15
CA ALA G 142 54.55 31.43 -13.40
C ALA G 142 54.79 30.46 -14.55
N LYS G 143 55.46 29.35 -14.25
CA LYS G 143 55.76 28.33 -15.25
C LYS G 143 54.49 27.70 -15.81
N GLN G 144 53.51 27.48 -14.93
CA GLN G 144 52.29 26.80 -15.31
C GLN G 144 51.42 27.70 -16.19
N VAL G 145 51.60 29.01 -16.01
CA VAL G 145 50.81 30.00 -16.74
C VAL G 145 51.36 30.16 -18.16
N GLY G 146 52.69 30.14 -18.27
CA GLY G 146 53.36 30.26 -19.55
C GLY G 146 54.27 31.48 -19.61
N PHE G 147 54.70 31.94 -18.44
CA PHE G 147 55.60 33.07 -18.36
C PHE G 147 57.04 32.57 -18.22
N THR G 148 57.76 32.57 -19.34
CA THR G 148 59.09 31.97 -19.40
C THR G 148 60.18 33.04 -19.47
N GLU G 149 59.81 34.25 -19.85
CA GLU G 149 60.77 35.31 -20.11
C GLU G 149 61.32 35.91 -18.82
N ASN G 150 60.55 36.80 -18.20
CA ASN G 150 60.99 37.48 -16.98
C ASN G 150 59.81 37.91 -16.12
N PRO G 151 59.13 36.93 -15.51
CA PRO G 151 57.87 37.21 -14.80
C PRO G 151 58.07 37.76 -13.40
N GLY G 152 56.98 38.16 -12.78
CA GLY G 152 56.98 38.66 -11.42
C GLY G 152 55.63 38.35 -10.80
N GLY G 153 55.51 38.57 -9.50
CA GLY G 153 54.26 38.27 -8.81
C GLY G 153 54.29 38.60 -7.34
N VAL G 154 53.09 38.67 -6.74
CA VAL G 154 52.96 38.96 -5.32
C VAL G 154 51.73 38.26 -4.76
N PHE G 155 51.85 37.73 -3.55
CA PHE G 155 50.70 37.12 -2.87
C PHE G 155 49.71 38.19 -2.43
N VAL G 156 48.42 37.92 -2.66
CA VAL G 156 47.37 38.87 -2.30
C VAL G 156 46.31 38.15 -1.47
N SER G 157 45.41 38.93 -0.86
CA SER G 157 44.41 38.38 0.04
C SER G 157 43.27 37.71 -0.70
N GLY G 158 43.10 38.04 -1.97
CA GLY G 158 42.01 37.50 -2.76
C GLY G 158 42.01 37.97 -4.20
N GLY G 159 41.00 37.54 -4.95
CA GLY G 159 40.90 37.86 -6.37
C GLY G 159 40.73 39.35 -6.63
N SER G 160 39.95 40.01 -5.78
CA SER G 160 39.74 41.45 -5.89
C SER G 160 41.07 42.18 -5.86
N MET G 161 41.91 41.82 -4.89
CA MET G 161 43.21 42.44 -4.71
C MET G 161 44.19 42.07 -5.83
N ALA G 162 44.02 40.87 -6.38
CA ALA G 162 44.85 40.42 -7.49
C ALA G 162 44.53 41.24 -8.72
N ASN G 163 43.25 41.48 -8.95
CA ASN G 163 42.81 42.27 -10.09
C ASN G 163 43.27 43.72 -10.04
N ILE G 164 43.06 44.37 -8.91
CA ILE G 164 43.45 45.77 -8.74
C ILE G 164 44.96 45.97 -8.89
N THR G 165 45.74 45.00 -8.42
CA THR G 165 47.19 45.05 -8.58
C THR G 165 47.55 45.04 -10.07
N ALA G 166 46.95 44.11 -10.80
CA ALA G 166 47.22 43.97 -12.22
C ALA G 166 46.71 45.15 -13.04
N LEU G 167 45.49 45.60 -12.73
CA LEU G 167 44.87 46.68 -13.47
C LEU G 167 45.58 48.01 -13.23
N THR G 168 46.22 48.14 -12.07
CA THR G 168 47.03 49.32 -11.77
C THR G 168 48.26 49.33 -12.66
N ALA G 169 48.85 48.15 -12.85
CA ALA G 169 49.97 48.00 -13.76
C ALA G 169 49.54 48.32 -15.19
N ALA G 170 48.37 47.83 -15.56
CA ALA G 170 47.79 48.12 -16.88
C ALA G 170 47.63 49.61 -17.11
N ARG G 171 47.11 50.31 -16.10
CA ARG G 171 46.87 51.75 -16.21
C ARG G 171 48.16 52.53 -16.34
N ASP G 172 49.14 52.23 -15.48
CA ASP G 172 50.42 52.93 -15.49
C ASP G 172 51.25 52.62 -16.73
N ASN G 173 50.96 51.51 -17.39
CA ASN G 173 51.71 51.08 -18.55
C ASN G 173 51.14 51.66 -19.86
N LYS G 174 49.87 52.03 -19.83
CA LYS G 174 49.19 52.44 -21.05
C LYS G 174 48.73 53.91 -21.03
N LEU G 175 48.50 54.45 -19.85
CA LEU G 175 47.92 55.79 -19.73
C LEU G 175 48.79 56.75 -18.93
N THR G 176 48.53 58.04 -19.12
CA THR G 176 49.16 59.09 -18.32
C THR G 176 48.11 59.74 -17.44
N ASP G 177 48.52 60.68 -16.61
CA ASP G 177 47.58 61.33 -15.70
C ASP G 177 46.62 62.28 -16.43
N ILE G 178 47.05 62.77 -17.60
CA ILE G 178 46.24 63.72 -18.35
C ILE G 178 45.31 63.08 -19.37
N ASN G 179 45.55 61.81 -19.71
CA ASN G 179 44.64 61.10 -20.61
C ASN G 179 43.94 59.92 -19.93
N LEU G 180 44.17 59.77 -18.63
CA LEU G 180 43.56 58.70 -17.83
C LEU G 180 42.03 58.73 -17.96
N HIS G 181 41.46 59.93 -18.04
CA HIS G 181 40.02 60.10 -18.19
C HIS G 181 39.54 59.64 -19.55
N LEU G 182 40.46 59.37 -20.47
CA LEU G 182 40.12 58.91 -21.81
C LEU G 182 40.23 57.39 -21.95
N GLY G 183 40.80 56.74 -20.93
CA GLY G 183 40.99 55.30 -20.96
C GLY G 183 39.70 54.52 -20.88
N THR G 184 39.63 53.43 -21.64
CA THR G 184 38.46 52.55 -21.60
C THR G 184 38.85 51.09 -21.38
N ALA G 185 38.03 50.37 -20.64
CA ALA G 185 38.29 48.97 -20.33
C ALA G 185 37.19 48.08 -20.88
N TYR G 186 37.50 46.81 -21.13
CA TYR G 186 36.58 45.91 -21.79
C TYR G 186 36.44 44.56 -21.08
N ILE G 187 35.21 44.24 -20.70
CA ILE G 187 34.91 42.97 -20.04
C ILE G 187 33.67 42.34 -20.67
N SER G 188 33.29 41.16 -20.18
CA SER G 188 32.09 40.50 -20.64
C SER G 188 31.00 40.64 -19.57
N ASP G 189 29.78 40.22 -19.89
CA ASP G 189 28.69 40.31 -18.93
C ASP G 189 28.76 39.18 -17.89
N GLN G 190 29.78 38.34 -18.02
CA GLN G 190 30.00 37.23 -17.11
C GLN G 190 31.26 37.46 -16.26
N THR G 191 31.93 38.57 -16.51
CA THR G 191 33.11 38.95 -15.75
C THR G 191 32.72 39.26 -14.30
N HIS G 192 33.56 38.82 -13.36
CA HIS G 192 33.30 39.04 -11.95
C HIS G 192 33.18 40.53 -11.63
N SER G 193 32.37 40.87 -10.63
CA SER G 193 32.06 42.26 -10.31
C SER G 193 33.23 43.04 -9.74
N SER G 194 34.21 42.32 -9.18
CA SER G 194 35.37 42.96 -8.57
C SER G 194 36.22 43.70 -9.59
N VAL G 195 36.14 43.28 -10.85
CA VAL G 195 36.93 43.88 -11.91
C VAL G 195 36.49 45.31 -12.19
N ALA G 196 35.20 45.48 -12.42
CA ALA G 196 34.65 46.81 -12.67
C ALA G 196 34.83 47.71 -11.45
N LYS G 197 34.72 47.11 -10.26
CA LYS G 197 34.95 47.83 -9.02
C LYS G 197 36.40 48.29 -8.91
N GLY G 198 37.32 47.40 -9.28
CA GLY G 198 38.74 47.72 -9.26
C GLY G 198 39.14 48.77 -10.28
N LEU G 199 38.46 48.77 -11.43
CA LEU G 199 38.71 49.77 -12.46
C LEU G 199 38.36 51.17 -11.96
N ARG G 200 37.28 51.27 -11.20
CA ARG G 200 36.88 52.55 -10.61
C ARG G 200 37.92 53.06 -9.63
N ILE G 201 38.47 52.15 -8.84
CA ILE G 201 39.46 52.50 -7.82
C ILE G 201 40.71 53.14 -8.42
N ILE G 202 41.14 52.63 -9.58
CA ILE G 202 42.35 53.14 -10.20
C ILE G 202 42.08 54.32 -11.14
N GLY G 203 40.81 54.69 -11.28
CA GLY G 203 40.46 55.92 -11.98
C GLY G 203 39.68 55.78 -13.27
N ILE G 204 39.14 54.60 -13.54
CA ILE G 204 38.33 54.38 -14.73
C ILE G 204 36.84 54.32 -14.37
N THR G 205 36.09 55.36 -14.76
CA THR G 205 34.67 55.45 -14.43
C THR G 205 33.86 54.34 -15.08
N ASP G 206 32.74 54.01 -14.45
CA ASP G 206 31.86 52.94 -14.94
C ASP G 206 31.34 53.16 -16.36
N SER G 207 31.16 54.43 -16.73
CA SER G 207 30.71 54.79 -18.06
C SER G 207 31.74 54.43 -19.13
N ARG G 208 32.97 54.18 -18.71
CA ARG G 208 34.05 53.84 -19.62
C ARG G 208 34.47 52.38 -19.51
N ILE G 209 33.61 51.57 -18.91
CA ILE G 209 33.84 50.12 -18.83
C ILE G 209 32.82 49.39 -19.68
N ARG G 210 33.27 48.84 -20.81
CA ARG G 210 32.37 48.18 -21.75
C ARG G 210 32.08 46.73 -21.37
N ARG G 211 30.80 46.39 -21.31
CA ARG G 211 30.37 45.01 -21.04
C ARG G 211 30.02 44.30 -22.34
N ILE G 212 30.99 43.61 -22.92
CA ILE G 212 30.78 42.86 -24.15
C ILE G 212 29.87 41.66 -23.92
N PRO G 213 28.84 41.50 -24.76
CA PRO G 213 27.95 40.34 -24.66
C PRO G 213 28.69 39.01 -24.83
N THR G 214 28.06 37.90 -24.43
CA THR G 214 28.70 36.60 -24.49
C THR G 214 27.98 35.62 -25.42
N ASN G 215 28.68 34.55 -25.76
CA ASN G 215 28.12 33.47 -26.58
C ASN G 215 26.98 32.74 -25.88
N SER G 216 26.48 31.71 -26.54
CA SER G 216 25.60 30.74 -25.89
C SER G 216 26.44 29.88 -24.96
N HIS G 217 27.74 29.84 -25.23
CA HIS G 217 28.71 29.14 -24.40
C HIS G 217 29.27 30.05 -23.32
N PHE G 218 28.68 31.25 -23.20
CA PHE G 218 29.07 32.22 -22.17
C PHE G 218 30.51 32.70 -22.28
N GLN G 219 31.04 32.70 -23.50
CA GLN G 219 32.37 33.23 -23.76
C GLN G 219 32.26 34.64 -24.34
N MET G 220 33.27 35.48 -24.08
CA MET G 220 33.26 36.85 -24.57
C MET G 220 33.25 36.90 -26.10
N ASP G 221 32.32 37.65 -26.66
CA ASP G 221 32.22 37.83 -28.11
C ASP G 221 33.32 38.76 -28.60
N THR G 222 34.34 38.18 -29.23
CA THR G 222 35.49 38.96 -29.69
C THR G 222 35.17 39.85 -30.89
N THR G 223 34.07 39.56 -31.57
CA THR G 223 33.64 40.38 -32.69
C THR G 223 33.06 41.69 -32.18
N LYS G 224 32.11 41.59 -31.24
CA LYS G 224 31.52 42.77 -30.62
C LYS G 224 32.56 43.52 -29.80
N LEU G 225 33.56 42.79 -29.33
CA LEU G 225 34.66 43.40 -28.59
C LEU G 225 35.42 44.37 -29.50
N GLU G 226 35.82 43.88 -30.67
CA GLU G 226 36.55 44.71 -31.62
C GLU G 226 35.71 45.90 -32.09
N GLU G 227 34.40 45.68 -32.24
CA GLU G 227 33.49 46.75 -32.63
C GLU G 227 33.49 47.84 -31.57
N ALA G 228 33.45 47.43 -30.31
CA ALA G 228 33.46 48.38 -29.20
C ALA G 228 34.80 49.10 -29.09
N ILE G 229 35.88 48.40 -29.43
CA ILE G 229 37.21 49.00 -29.39
C ILE G 229 37.39 50.08 -30.45
N GLU G 230 37.02 49.75 -31.69
CA GLU G 230 37.13 50.70 -32.80
C GLU G 230 36.20 51.90 -32.62
N THR G 231 35.01 51.65 -32.09
CA THR G 231 34.05 52.71 -31.83
C THR G 231 34.59 53.73 -30.82
N ASP G 232 35.14 53.23 -29.71
CA ASP G 232 35.72 54.09 -28.68
C ASP G 232 36.97 54.80 -29.17
N LYS G 233 37.73 54.11 -30.01
CA LYS G 233 38.93 54.66 -30.62
C LYS G 233 38.54 55.83 -31.51
N LYS G 234 37.39 55.70 -32.17
CA LYS G 234 36.88 56.74 -33.06
C LYS G 234 36.28 57.89 -32.27
N SER G 235 35.69 57.57 -31.12
CA SER G 235 35.08 58.58 -30.25
C SER G 235 36.14 59.44 -29.55
N GLY G 236 37.38 58.98 -29.55
CA GLY G 236 38.48 59.71 -28.94
C GLY G 236 38.98 59.08 -27.65
N TYR G 237 38.36 57.97 -27.25
CA TYR G 237 38.81 57.25 -26.07
C TYR G 237 40.08 56.45 -26.34
N ILE G 238 40.75 56.02 -25.28
CA ILE G 238 41.95 55.20 -25.39
C ILE G 238 41.75 53.82 -24.79
N PRO G 239 41.43 52.83 -25.64
CA PRO G 239 41.30 51.43 -25.18
C PRO G 239 42.64 50.94 -24.65
N PHE G 240 42.69 50.53 -23.39
CA PHE G 240 43.98 50.19 -22.79
C PHE G 240 44.06 48.80 -22.17
N VAL G 241 42.92 48.21 -21.82
CA VAL G 241 42.95 46.89 -21.20
C VAL G 241 41.71 46.05 -21.50
N VAL G 242 41.94 44.77 -21.75
CA VAL G 242 40.86 43.79 -21.83
C VAL G 242 41.04 42.77 -20.71
N ILE G 243 39.98 42.51 -19.95
CA ILE G 243 40.04 41.50 -18.91
C ILE G 243 39.28 40.26 -19.36
N GLY G 244 40.03 39.22 -19.73
CA GLY G 244 39.44 37.95 -20.08
C GLY G 244 39.36 37.07 -18.84
N THR G 245 38.34 36.24 -18.78
CA THR G 245 38.18 35.36 -17.64
C THR G 245 38.46 33.90 -17.96
N ALA G 246 39.40 33.30 -17.24
CA ALA G 246 39.65 31.88 -17.35
C ALA G 246 38.92 31.17 -16.23
N GLY G 247 37.64 30.86 -16.45
CA GLY G 247 36.82 30.23 -15.43
C GLY G 247 35.81 31.19 -14.81
N THR G 248 34.77 31.51 -15.56
CA THR G 248 33.70 32.39 -15.11
C THR G 248 33.04 31.87 -13.82
N THR G 249 32.70 32.77 -12.92
CA THR G 249 32.03 32.45 -11.66
C THR G 249 30.79 31.58 -11.85
N ASN G 250 29.95 31.94 -12.82
CA ASN G 250 28.68 31.25 -13.03
C ASN G 250 28.78 29.90 -13.75
N THR G 251 29.47 29.87 -14.89
CA THR G 251 29.45 28.69 -15.73
C THR G 251 30.80 28.02 -15.90
N GLY G 252 31.86 28.70 -15.47
CA GLY G 252 33.20 28.17 -15.60
C GLY G 252 33.71 28.28 -17.03
N SER G 253 33.05 29.13 -17.81
CA SER G 253 33.43 29.32 -19.20
C SER G 253 34.74 30.09 -19.30
N ILE G 254 35.43 29.93 -20.42
CA ILE G 254 36.71 30.60 -20.64
C ILE G 254 36.63 31.46 -21.90
N ASP G 255 36.98 32.74 -21.75
CA ASP G 255 37.00 33.67 -22.87
C ASP G 255 38.01 33.22 -23.93
N PRO G 256 37.76 33.57 -25.20
CA PRO G 256 38.68 33.19 -26.28
C PRO G 256 40.05 33.86 -26.08
N LEU G 257 40.95 33.16 -25.40
CA LEU G 257 42.19 33.75 -24.93
C LEU G 257 43.13 34.19 -26.06
N THR G 258 43.25 33.36 -27.10
CA THR G 258 44.13 33.68 -28.22
C THR G 258 43.58 34.83 -29.06
N GLU G 259 42.27 34.82 -29.31
CA GLU G 259 41.62 35.86 -30.09
C GLU G 259 41.77 37.23 -29.45
N ILE G 260 41.57 37.30 -28.13
CA ILE G 260 41.69 38.55 -27.38
C ILE G 260 43.11 39.08 -27.37
N SER G 261 44.08 38.19 -27.13
CA SER G 261 45.49 38.56 -27.12
C SER G 261 45.89 39.14 -28.48
N ALA G 262 45.32 38.60 -29.55
CA ALA G 262 45.58 39.09 -30.89
C ALA G 262 45.11 40.55 -31.02
N LEU G 263 43.88 40.80 -30.57
CA LEU G 263 43.31 42.15 -30.57
C LEU G 263 44.12 43.12 -29.71
N CYS G 264 44.62 42.63 -28.58
CA CYS G 264 45.38 43.46 -27.65
C CYS G 264 46.71 43.92 -28.23
N LYS G 265 47.41 43.01 -28.89
CA LYS G 265 48.68 43.34 -29.54
C LYS G 265 48.45 44.31 -30.68
N LYS G 266 47.31 44.14 -31.36
CA LYS G 266 46.98 44.97 -32.52
C LYS G 266 46.65 46.40 -32.11
N HIS G 267 45.92 46.54 -31.01
CA HIS G 267 45.44 47.85 -30.57
C HIS G 267 46.25 48.39 -29.39
N ASP G 268 47.40 47.79 -29.15
CA ASP G 268 48.32 48.20 -28.08
C ASP G 268 47.65 48.21 -26.71
N MET G 269 46.95 47.11 -26.40
CA MET G 269 46.21 47.02 -25.15
C MET G 269 46.80 45.98 -24.19
N TRP G 270 46.66 46.25 -22.91
CA TRP G 270 47.08 45.32 -21.87
C TRP G 270 46.09 44.16 -21.82
N PHE G 271 46.61 42.94 -21.69
CA PHE G 271 45.76 41.76 -21.58
C PHE G 271 45.88 41.16 -20.19
N HIS G 272 44.81 41.23 -19.43
CA HIS G 272 44.79 40.62 -18.10
C HIS G 272 43.78 39.48 -18.02
N ILE G 273 44.21 38.34 -17.50
CA ILE G 273 43.30 37.20 -17.34
C ILE G 273 42.86 37.04 -15.88
N ASP G 274 41.54 37.05 -15.67
CA ASP G 274 40.99 36.78 -14.36
C ASP G 274 40.82 35.27 -14.19
N GLY G 275 41.82 34.64 -13.60
CA GLY G 275 41.79 33.20 -13.39
C GLY G 275 41.71 32.83 -11.93
N ALA G 276 40.95 33.60 -11.17
CA ALA G 276 40.78 33.36 -9.73
C ALA G 276 40.37 31.93 -9.45
N TYR G 277 39.48 31.40 -10.28
CA TYR G 277 39.01 30.04 -10.11
C TYR G 277 39.75 29.08 -11.05
N GLY G 278 39.70 29.38 -12.34
CA GLY G 278 40.14 28.45 -13.37
C GLY G 278 41.64 28.25 -13.59
N ALA G 279 42.47 29.11 -13.02
CA ALA G 279 43.92 29.01 -13.26
C ALA G 279 44.51 27.73 -12.68
N SER G 280 43.83 27.14 -11.70
CA SER G 280 44.30 25.91 -11.08
C SER G 280 44.29 24.73 -12.06
N VAL G 281 43.41 24.82 -13.06
CA VAL G 281 43.27 23.78 -14.08
C VAL G 281 44.58 23.52 -14.82
N LEU G 282 45.48 24.51 -14.80
CA LEU G 282 46.81 24.35 -15.37
C LEU G 282 47.58 23.21 -14.71
N LEU G 283 47.19 22.87 -13.48
CA LEU G 283 47.85 21.80 -12.73
C LEU G 283 47.24 20.45 -13.10
N SER G 284 46.17 20.48 -13.86
CA SER G 284 45.51 19.26 -14.32
C SER G 284 45.94 18.92 -15.73
N PRO G 285 46.78 17.88 -15.87
CA PRO G 285 47.31 17.47 -17.18
C PRO G 285 46.22 17.11 -18.18
N LYS G 286 45.08 16.65 -17.69
CA LYS G 286 43.98 16.25 -18.55
C LYS G 286 43.27 17.46 -19.15
N TYR G 287 43.03 18.47 -18.33
CA TYR G 287 42.25 19.63 -18.76
C TYR G 287 43.10 20.90 -18.95
N LYS G 288 44.41 20.74 -18.85
CA LYS G 288 45.35 21.85 -18.98
C LYS G 288 45.20 22.61 -20.29
N SER G 289 44.88 21.89 -21.36
CA SER G 289 44.79 22.48 -22.69
C SER G 289 43.66 23.51 -22.81
N LEU G 290 42.70 23.44 -21.87
CA LEU G 290 41.58 24.37 -21.85
C LEU G 290 42.02 25.81 -21.63
N LEU G 291 43.21 25.97 -21.04
CA LEU G 291 43.75 27.29 -20.75
C LEU G 291 44.94 27.61 -21.65
N THR G 292 44.78 27.31 -22.94
CA THR G 292 45.82 27.61 -23.91
C THR G 292 45.83 29.11 -24.21
N GLY G 293 46.98 29.75 -24.00
CA GLY G 293 47.13 31.16 -24.29
C GLY G 293 47.20 32.03 -23.06
N THR G 294 47.28 31.42 -21.88
CA THR G 294 47.46 32.17 -20.64
C THR G 294 48.82 32.86 -20.64
N GLY G 295 49.78 32.25 -21.31
CA GLY G 295 51.12 32.82 -21.41
C GLY G 295 51.18 34.03 -22.32
N LEU G 296 50.08 34.27 -23.04
CA LEU G 296 49.98 35.44 -23.90
C LEU G 296 49.66 36.70 -23.12
N ALA G 297 48.98 36.53 -21.99
CA ALA G 297 48.53 37.66 -21.19
C ALA G 297 49.68 38.40 -20.50
N ASP G 298 49.44 39.66 -20.17
CA ASP G 298 50.44 40.48 -19.50
C ASP G 298 50.32 40.33 -17.99
N SER G 299 49.18 39.83 -17.54
CA SER G 299 48.95 39.58 -16.12
C SER G 299 47.83 38.57 -15.93
N ILE G 300 47.87 37.86 -14.81
CA ILE G 300 46.85 36.86 -14.50
C ILE G 300 46.65 36.71 -13.00
N SER G 301 45.40 36.49 -12.58
CA SER G 301 45.07 36.29 -11.18
C SER G 301 44.82 34.83 -10.90
N TRP G 302 44.95 34.43 -9.63
CA TRP G 302 44.89 33.02 -9.26
C TRP G 302 44.66 32.89 -7.75
N ASP G 303 43.52 32.31 -7.37
CA ASP G 303 43.21 32.11 -5.96
C ASP G 303 43.51 30.68 -5.53
N ALA G 304 44.30 30.54 -4.47
CA ALA G 304 44.61 29.23 -3.90
C ALA G 304 43.54 28.75 -2.93
N HIS G 305 42.73 29.66 -2.42
CA HIS G 305 41.63 29.30 -1.51
C HIS G 305 40.41 28.79 -2.26
N LYS G 306 40.50 28.76 -3.59
CA LYS G 306 39.42 28.26 -4.41
C LYS G 306 39.60 26.80 -4.85
N TRP G 307 40.71 26.51 -5.51
CA TRP G 307 40.95 25.17 -6.02
C TRP G 307 42.33 24.62 -5.68
N LEU G 308 43.06 25.31 -4.82
CA LEU G 308 44.33 24.79 -4.31
C LEU G 308 44.17 24.41 -2.85
N PHE G 309 42.91 24.32 -2.42
CA PHE G 309 42.56 23.79 -1.10
C PHE G 309 43.22 24.55 0.04
N GLN G 310 43.18 25.87 -0.02
CA GLN G 310 43.73 26.71 1.04
C GLN G 310 42.63 27.42 1.80
N THR G 311 42.93 27.84 3.03
CA THR G 311 41.99 28.64 3.80
C THR G 311 42.04 30.09 3.32
N TYR G 312 40.93 30.80 3.46
CA TYR G 312 40.88 32.21 3.09
C TYR G 312 41.76 33.03 4.04
N GLY G 313 42.58 33.91 3.48
CA GLY G 313 42.66 34.12 2.05
C GLY G 313 44.08 34.06 1.51
N CYS G 314 44.25 33.29 0.45
CA CYS G 314 45.55 33.10 -0.18
C CYS G 314 45.37 33.11 -1.69
N ALA G 315 45.70 34.23 -2.32
CA ALA G 315 45.58 34.36 -3.76
C ALA G 315 46.83 34.98 -4.37
N MET G 316 47.00 34.80 -5.68
CA MET G 316 48.20 35.26 -6.34
C MET G 316 47.88 36.10 -7.57
N VAL G 317 48.76 37.04 -7.89
CA VAL G 317 48.72 37.74 -9.17
C VAL G 317 50.09 37.64 -9.84
N LEU G 318 50.10 37.24 -11.11
CA LEU G 318 51.34 37.11 -11.85
C LEU G 318 51.36 38.04 -13.06
N VAL G 319 52.51 38.65 -13.32
CA VAL G 319 52.70 39.45 -14.52
C VAL G 319 53.84 38.89 -15.38
N LYS G 320 53.74 39.08 -16.69
CA LYS G 320 54.75 38.57 -17.61
C LYS G 320 56.07 39.33 -17.48
N ASP G 321 55.98 40.63 -17.25
CA ASP G 321 57.16 41.47 -17.10
C ASP G 321 57.17 42.11 -15.72
N ILE G 322 58.12 41.67 -14.88
CA ILE G 322 58.20 42.13 -13.50
C ILE G 322 58.49 43.63 -13.39
N ARG G 323 59.07 44.21 -14.44
CA ARG G 323 59.35 45.64 -14.48
C ARG G 323 58.08 46.48 -14.35
N ASN G 324 56.97 45.94 -14.83
CA ASN G 324 55.69 46.63 -14.75
C ASN G 324 55.15 46.79 -13.33
N LEU G 325 55.41 45.81 -12.48
CA LEU G 325 55.03 45.90 -11.08
C LEU G 325 55.92 46.91 -10.36
N PHE G 326 57.19 46.93 -10.73
CA PHE G 326 58.12 47.90 -10.16
C PHE G 326 57.70 49.33 -10.48
N HIS G 327 57.33 49.57 -11.73
CA HIS G 327 56.93 50.89 -12.18
C HIS G 327 55.66 51.38 -11.47
N SER G 328 54.84 50.45 -11.03
CA SER G 328 53.58 50.80 -10.38
C SER G 328 53.70 50.89 -8.86
N PHE G 329 54.62 50.13 -8.27
CA PHE G 329 54.59 49.94 -6.82
C PHE G 329 55.91 50.17 -6.08
N HIS G 330 56.93 50.68 -6.78
CA HIS G 330 58.20 50.97 -6.13
C HIS G 330 58.05 52.15 -5.16
N VAL G 331 58.89 52.16 -4.13
CA VAL G 331 58.83 53.20 -3.11
C VAL G 331 59.76 54.37 -3.45
N ASN G 332 60.93 54.05 -3.98
CA ASN G 332 61.95 55.06 -4.24
C ASN G 332 62.60 54.90 -5.61
N PRO G 333 62.82 56.02 -6.32
CA PRO G 333 62.40 57.37 -5.94
C PRO G 333 61.04 57.68 -6.56
N GLU G 334 60.18 56.67 -6.60
CA GLU G 334 58.88 56.75 -7.27
C GLU G 334 59.01 57.10 -8.75
N TYR G 335 60.18 56.79 -9.31
CA TYR G 335 60.44 56.95 -10.75
C TYR G 335 61.48 55.95 -11.26
N LEU G 336 61.74 54.92 -10.45
CA LEU G 336 62.71 53.87 -10.77
C LEU G 336 62.65 53.39 -12.23
N ASP G 350 58.04 42.96 -3.80
CA ASP G 350 57.47 42.26 -4.96
C ASP G 350 56.95 43.11 -6.14
N ILE G 351 56.19 44.19 -5.92
CA ILE G 351 55.65 44.63 -4.63
C ILE G 351 54.21 45.07 -4.84
N GLY G 352 53.71 45.91 -3.93
CA GLY G 352 52.42 46.54 -4.09
C GLY G 352 51.22 45.63 -3.94
N MET G 353 50.13 46.16 -3.38
CA MET G 353 50.08 47.54 -2.93
C MET G 353 50.47 47.60 -1.48
N GLU G 354 50.71 46.43 -0.91
CA GLU G 354 51.06 46.32 0.49
C GLU G 354 52.57 46.38 0.64
N LEU G 355 53.03 46.79 1.81
CA LEU G 355 54.44 46.77 2.13
C LEU G 355 54.73 45.51 2.92
N THR G 356 54.26 45.50 4.16
CA THR G 356 54.31 44.29 4.98
C THR G 356 53.06 43.45 4.74
N ARG G 357 53.25 42.15 4.55
CA ARG G 357 52.15 41.26 4.26
C ARG G 357 52.13 40.08 5.22
N PRO G 358 50.96 39.48 5.43
CA PRO G 358 50.94 38.19 6.11
C PRO G 358 51.64 37.17 5.23
N ALA G 359 52.33 36.21 5.83
CA ALA G 359 53.04 35.20 5.07
C ALA G 359 52.06 34.21 4.45
N ARG G 360 51.28 34.70 3.48
CA ARG G 360 50.20 33.92 2.89
C ARG G 360 50.71 32.70 2.14
N GLY G 361 51.85 32.86 1.47
CA GLY G 361 52.41 31.81 0.63
C GLY G 361 52.97 30.61 1.37
N LEU G 362 53.20 30.77 2.67
CA LEU G 362 53.80 29.69 3.45
C LEU G 362 52.91 28.46 3.54
N LYS G 363 51.60 28.67 3.74
CA LYS G 363 50.68 27.55 3.84
C LYS G 363 50.46 26.84 2.51
N LEU G 364 50.61 27.59 1.41
CA LEU G 364 50.52 27.01 0.07
C LEU G 364 51.74 26.15 -0.23
N TRP G 365 52.91 26.65 0.16
CA TRP G 365 54.16 25.91 0.00
C TRP G 365 54.10 24.60 0.77
N LEU G 366 53.67 24.67 2.02
CA LEU G 366 53.52 23.50 2.87
C LEU G 366 52.58 22.47 2.24
N THR G 367 51.47 22.95 1.68
CA THR G 367 50.50 22.08 1.03
C THR G 367 51.12 21.39 -0.19
N LEU G 368 51.86 22.15 -0.98
CA LEU G 368 52.52 21.62 -2.17
C LEU G 368 53.53 20.54 -1.83
N GLN G 369 54.30 20.76 -0.77
CA GLN G 369 55.30 19.80 -0.35
C GLN G 369 54.67 18.52 0.17
N VAL G 370 53.60 18.66 0.94
CA VAL G 370 52.93 17.52 1.57
C VAL G 370 52.09 16.70 0.59
N LEU G 371 51.31 17.37 -0.24
CA LEU G 371 50.42 16.69 -1.19
C LEU G 371 51.06 16.44 -2.54
N GLY G 372 51.90 17.37 -2.99
CA GLY G 372 52.46 17.29 -4.33
C GLY G 372 51.49 17.80 -5.37
N SER G 373 52.02 18.24 -6.51
CA SER G 373 51.17 18.84 -7.54
C SER G 373 50.34 17.80 -8.31
N ASP G 374 50.85 16.57 -8.37
CA ASP G 374 50.11 15.50 -9.03
C ASP G 374 48.79 15.22 -8.34
N LEU G 375 48.84 15.05 -7.03
CA LEU G 375 47.65 14.78 -6.24
C LEU G 375 46.65 15.92 -6.36
N ILE G 376 47.15 17.15 -6.30
CA ILE G 376 46.33 18.34 -6.49
C ILE G 376 45.70 18.34 -7.87
N GLY G 377 46.49 17.93 -8.87
CA GLY G 377 46.00 17.77 -10.22
C GLY G 377 44.86 16.78 -10.31
N SER G 378 45.04 15.64 -9.62
CA SER G 378 44.02 14.60 -9.60
C SER G 378 42.71 15.08 -8.97
N ALA G 379 42.83 15.91 -7.94
CA ALA G 379 41.66 16.44 -7.25
C ALA G 379 40.83 17.36 -8.15
N ILE G 380 41.53 18.24 -8.87
CA ILE G 380 40.89 19.13 -9.82
C ILE G 380 40.12 18.36 -10.88
N GLU G 381 40.78 17.35 -11.45
CA GLU G 381 40.16 16.50 -12.45
C GLU G 381 38.92 15.79 -11.94
N HIS G 382 38.93 15.43 -10.65
CA HIS G 382 37.76 14.80 -10.04
C HIS G 382 36.59 15.78 -9.94
N GLY G 383 36.91 17.07 -9.85
CA GLY G 383 35.88 18.09 -9.79
C GLY G 383 35.10 18.13 -11.08
N PHE G 384 35.82 17.97 -12.19
CA PHE G 384 35.21 17.89 -13.51
C PHE G 384 34.25 16.71 -13.54
N GLN G 385 34.73 15.55 -13.09
CA GLN G 385 33.95 14.32 -13.08
C GLN G 385 32.65 14.43 -12.30
N LEU G 386 32.68 15.18 -11.21
CA LEU G 386 31.50 15.36 -10.37
C LEU G 386 30.39 16.12 -11.10
N ALA G 387 30.79 17.15 -11.84
CA ALA G 387 29.84 17.94 -12.63
C ALA G 387 29.25 17.10 -13.76
N VAL G 388 30.10 16.32 -14.42
CA VAL G 388 29.67 15.40 -15.46
C VAL G 388 28.64 14.42 -14.93
N TRP G 389 28.92 13.86 -13.75
CA TRP G 389 28.00 12.93 -13.10
C TRP G 389 26.65 13.59 -12.79
N ALA G 390 26.66 14.87 -12.48
CA ALA G 390 25.43 15.61 -12.23
C ALA G 390 24.62 15.75 -13.52
N GLU G 391 25.32 15.94 -14.63
CA GLU G 391 24.67 16.08 -15.93
C GLU G 391 24.14 14.74 -16.43
N GLU G 392 24.92 13.68 -16.21
CA GLU G 392 24.51 12.34 -16.61
C GLU G 392 23.28 11.89 -15.84
N ALA G 393 23.16 12.36 -14.60
CA ALA G 393 22.02 12.04 -13.76
C ALA G 393 20.81 12.89 -14.08
N LEU G 394 21.04 14.01 -14.77
CA LEU G 394 19.97 14.95 -15.11
C LEU G 394 19.31 14.64 -16.45
N ASN G 395 20.04 13.97 -17.33
CA ASN G 395 19.52 13.63 -18.65
C ASN G 395 18.22 12.80 -18.67
N PRO G 396 18.17 11.69 -17.89
CA PRO G 396 16.92 10.91 -17.90
C PRO G 396 15.75 11.66 -17.24
N LYS G 397 16.07 12.57 -16.33
CA LYS G 397 15.05 13.35 -15.64
C LYS G 397 14.20 14.17 -16.60
N LYS G 398 12.89 14.17 -16.39
CA LYS G 398 11.98 14.91 -17.25
C LYS G 398 11.85 16.35 -16.77
N ASP G 399 11.68 17.26 -17.73
CA ASP G 399 11.47 18.69 -17.47
C ASP G 399 12.64 19.39 -16.82
N TRP G 400 13.81 18.74 -16.83
CA TRP G 400 15.02 19.38 -16.33
C TRP G 400 15.89 19.87 -17.49
N GLU G 401 16.09 21.19 -17.55
CA GLU G 401 16.84 21.81 -18.63
C GLU G 401 18.27 22.12 -18.20
N ILE G 402 19.22 21.84 -19.07
CA ILE G 402 20.62 22.14 -18.81
C ILE G 402 21.01 23.48 -19.45
N VAL G 403 20.97 24.54 -18.66
CA VAL G 403 21.32 25.88 -19.14
C VAL G 403 22.80 25.96 -19.49
N SER G 404 23.62 25.30 -18.66
CA SER G 404 25.06 25.22 -18.89
C SER G 404 25.57 23.82 -18.58
N PRO G 405 26.16 23.15 -19.58
CA PRO G 405 26.65 21.77 -19.43
C PRO G 405 27.82 21.71 -18.45
N ALA G 406 28.22 20.50 -18.08
CA ALA G 406 29.33 20.32 -17.15
C ALA G 406 30.59 20.95 -17.71
N GLN G 407 31.04 22.02 -17.07
CA GLN G 407 32.22 22.75 -17.53
C GLN G 407 33.01 23.26 -16.33
N MET G 408 34.24 22.76 -16.20
CA MET G 408 35.13 23.16 -15.12
C MET G 408 34.48 22.96 -13.76
N ALA G 409 34.04 21.72 -13.50
CA ALA G 409 33.38 21.35 -12.25
C ALA G 409 32.09 22.12 -11.95
N MET G 410 31.57 22.81 -12.97
CA MET G 410 30.34 23.57 -12.80
C MET G 410 29.23 23.14 -13.76
N ILE G 411 27.99 23.30 -13.33
CA ILE G 411 26.82 23.03 -14.15
C ILE G 411 25.63 23.85 -13.69
N ASN G 412 24.91 24.45 -14.65
CA ASN G 412 23.73 25.24 -14.33
C ASN G 412 22.49 24.65 -14.98
N PHE G 413 21.45 24.43 -14.18
CA PHE G 413 20.26 23.73 -14.65
C PHE G 413 19.00 24.21 -13.91
N ARG G 414 17.84 23.90 -14.46
CA ARG G 414 16.58 24.31 -13.87
C ARG G 414 15.46 23.32 -14.16
N TYR G 415 14.46 23.30 -13.27
CA TYR G 415 13.28 22.47 -13.47
C TYR G 415 12.20 23.33 -14.08
N ALA G 416 11.94 23.14 -15.37
CA ALA G 416 10.99 23.96 -16.10
C ALA G 416 9.85 23.17 -16.74
N PRO G 417 8.81 22.86 -15.96
CA PRO G 417 7.61 22.21 -16.49
C PRO G 417 6.85 23.17 -17.42
N LYS G 418 6.33 22.64 -18.52
CA LYS G 418 5.67 23.48 -19.53
C LYS G 418 4.39 24.13 -19.01
N ASP G 419 3.81 23.55 -17.97
CA ASP G 419 2.56 24.05 -17.41
C ASP G 419 2.72 25.44 -16.78
N LEU G 420 3.81 25.63 -16.04
CA LEU G 420 4.07 26.91 -15.37
C LEU G 420 4.70 27.94 -16.32
N THR G 421 4.15 29.14 -16.31
CA THR G 421 4.71 30.26 -17.06
C THR G 421 6.07 30.71 -16.50
N LYS G 422 6.71 31.63 -17.23
CA LYS G 422 8.03 32.15 -16.90
C LYS G 422 8.28 32.53 -15.44
N GLU G 423 7.43 33.38 -14.89
CA GLU G 423 7.61 33.88 -13.52
C GLU G 423 7.53 32.78 -12.46
N GLU G 424 6.53 31.92 -12.55
CA GLU G 424 6.33 30.87 -11.56
C GLU G 424 7.36 29.74 -11.68
N GLN G 425 8.05 29.70 -12.82
CA GLN G 425 9.17 28.76 -12.99
C GLN G 425 10.36 29.21 -12.15
N ASP G 426 10.61 30.51 -12.14
CA ASP G 426 11.71 31.08 -11.36
C ASP G 426 11.45 30.91 -9.86
N ILE G 427 10.20 31.13 -9.46
CA ILE G 427 9.81 30.95 -8.07
C ILE G 427 9.95 29.49 -7.67
N LEU G 428 9.64 28.60 -8.62
CA LEU G 428 9.77 27.16 -8.41
C LEU G 428 11.20 26.75 -8.10
N ASN G 429 12.14 27.18 -8.95
CA ASN G 429 13.56 26.84 -8.76
C ASN G 429 14.14 27.38 -7.47
N GLU G 430 13.63 28.53 -7.01
CA GLU G 430 14.08 29.12 -5.77
C GLU G 430 13.58 28.33 -4.57
N LYS G 431 12.36 27.80 -4.68
CA LYS G 431 11.78 27.00 -3.62
C LYS G 431 12.50 25.65 -3.49
N ILE G 432 12.97 25.13 -4.62
CA ILE G 432 13.74 23.89 -4.62
C ILE G 432 15.04 24.08 -3.87
N SER G 433 15.68 25.23 -4.08
CA SER G 433 16.92 25.56 -3.40
C SER G 433 16.71 25.62 -1.88
N HIS G 434 15.64 26.28 -1.46
CA HIS G 434 15.30 26.38 -0.04
C HIS G 434 14.98 25.02 0.56
N ARG G 435 14.32 24.17 -0.22
CA ARG G 435 13.86 22.88 0.26
C ARG G 435 15.02 21.95 0.59
N ILE G 436 16.05 21.97 -0.25
CA ILE G 436 17.21 21.10 -0.05
C ILE G 436 18.17 21.66 1.01
N LEU G 437 18.17 22.98 1.17
CA LEU G 437 18.99 23.63 2.18
C LEU G 437 18.47 23.33 3.58
N GLU G 438 17.16 23.38 3.75
CA GLU G 438 16.54 23.10 5.04
C GLU G 438 16.69 21.63 5.42
N SER G 439 16.77 20.77 4.41
CA SER G 439 16.97 19.35 4.64
C SER G 439 18.36 19.08 5.20
N GLY G 440 19.29 19.98 4.92
CA GLY G 440 20.66 19.87 5.39
C GLY G 440 21.46 18.80 4.68
N TYR G 441 20.92 18.28 3.59
CA TYR G 441 21.59 17.23 2.84
C TYR G 441 22.66 17.78 1.89
N ALA G 442 22.35 18.90 1.26
CA ALA G 442 23.28 19.54 0.34
C ALA G 442 23.07 21.04 0.30
N ALA G 443 24.10 21.77 -0.13
CA ALA G 443 23.99 23.22 -0.29
C ALA G 443 23.97 23.58 -1.77
N ILE G 444 22.81 24.01 -2.24
CA ILE G 444 22.67 24.47 -3.62
C ILE G 444 21.95 25.81 -3.65
N PHE G 445 22.57 26.79 -4.31
CA PHE G 445 22.05 28.14 -4.36
C PHE G 445 21.62 28.49 -5.79
N THR G 446 20.86 29.57 -5.92
CA THR G 446 20.35 29.99 -7.22
C THR G 446 21.12 31.15 -7.82
N THR G 447 21.31 31.12 -9.13
CA THR G 447 21.93 32.23 -9.85
C THR G 447 21.11 32.57 -11.09
N VAL G 448 21.09 33.86 -11.44
CA VAL G 448 20.38 34.30 -12.64
C VAL G 448 21.27 34.17 -13.88
N LEU G 449 20.84 33.35 -14.82
CA LEU G 449 21.60 33.08 -16.03
C LEU G 449 20.65 33.10 -17.23
N ASN G 450 21.00 33.90 -18.23
CA ASN G 450 20.14 34.12 -19.40
C ASN G 450 18.74 34.63 -19.06
N GLY G 451 18.66 35.44 -18.00
CA GLY G 451 17.42 36.09 -17.61
C GLY G 451 16.54 35.27 -16.70
N LYS G 452 16.86 33.99 -16.54
CA LYS G 452 16.04 33.07 -15.74
C LYS G 452 16.78 32.52 -14.51
N THR G 453 16.04 32.33 -13.42
CA THR G 453 16.59 31.76 -12.20
C THR G 453 17.03 30.32 -12.42
N VAL G 454 18.26 30.01 -12.04
CA VAL G 454 18.86 28.72 -12.35
C VAL G 454 19.59 28.12 -11.13
N LEU G 455 19.37 26.83 -10.89
CA LEU G 455 20.12 26.11 -9.86
C LEU G 455 21.54 25.87 -10.34
N ARG G 456 22.50 26.04 -9.43
CA ARG G 456 23.91 25.90 -9.77
C ARG G 456 24.62 24.90 -8.87
N ILE G 457 25.46 24.06 -9.47
CA ILE G 457 26.28 23.14 -8.72
C ILE G 457 27.76 23.31 -9.06
N CYS G 458 28.56 23.62 -8.05
CA CYS G 458 30.00 23.60 -8.20
C CYS G 458 30.58 22.54 -7.28
N ALA G 459 30.95 21.41 -7.85
CA ALA G 459 31.43 20.28 -7.06
C ALA G 459 32.94 20.12 -7.24
N ILE G 460 33.67 20.51 -6.21
CA ILE G 460 35.13 20.43 -6.22
C ILE G 460 35.67 19.71 -4.98
N HIS G 461 34.78 19.07 -4.25
CA HIS G 461 35.19 18.33 -3.06
C HIS G 461 35.86 17.02 -3.45
N PRO G 462 37.12 16.84 -3.03
CA PRO G 462 37.96 15.70 -3.42
C PRO G 462 37.37 14.34 -3.02
N GLU G 463 36.45 14.33 -2.06
CA GLU G 463 35.90 13.07 -1.56
C GLU G 463 34.43 12.89 -1.91
N ALA G 464 33.90 13.78 -2.73
CA ALA G 464 32.51 13.65 -3.17
C ALA G 464 32.41 12.53 -4.18
N THR G 465 31.35 11.74 -4.08
CA THR G 465 31.20 10.56 -4.93
C THR G 465 30.06 10.72 -5.94
N GLN G 466 29.92 9.73 -6.82
CA GLN G 466 28.86 9.73 -7.81
C GLN G 466 27.49 9.59 -7.12
N GLU G 467 27.44 8.86 -6.00
CA GLU G 467 26.22 8.70 -5.23
C GLU G 467 25.78 10.05 -4.65
N ASP G 468 26.75 10.87 -4.27
CA ASP G 468 26.47 12.20 -3.76
C ASP G 468 25.77 13.02 -4.83
N MET G 469 26.25 12.93 -6.06
CA MET G 469 25.69 13.68 -7.18
C MET G 469 24.36 13.10 -7.61
N GLN G 470 24.28 11.77 -7.66
CA GLN G 470 23.06 11.09 -8.08
C GLN G 470 21.90 11.37 -7.13
N HIS G 471 22.11 11.11 -5.85
CA HIS G 471 21.07 11.31 -4.84
C HIS G 471 20.62 12.76 -4.78
N THR G 472 21.56 13.69 -4.95
CA THR G 472 21.25 15.12 -4.94
C THR G 472 20.29 15.48 -6.06
N ILE G 473 20.62 15.04 -7.28
CA ILE G 473 19.77 15.27 -8.43
C ILE G 473 18.40 14.62 -8.22
N ASP G 474 18.41 13.40 -7.71
CA ASP G 474 17.19 12.68 -7.40
C ASP G 474 16.39 13.41 -6.32
N LEU G 475 17.09 13.97 -5.34
CA LEU G 475 16.45 14.73 -4.28
C LEU G 475 15.92 16.06 -4.80
N LEU G 476 16.62 16.65 -5.77
CA LEU G 476 16.18 17.88 -6.39
C LEU G 476 14.94 17.61 -7.22
N ASP G 477 14.97 16.50 -7.96
CA ASP G 477 13.84 16.11 -8.80
C ASP G 477 12.61 15.80 -7.94
N GLN G 478 12.84 15.20 -6.78
CA GLN G 478 11.76 14.92 -5.84
C GLN G 478 11.09 16.21 -5.38
N TYR G 479 11.89 17.16 -4.93
CA TYR G 479 11.38 18.45 -4.49
C TYR G 479 10.75 19.21 -5.65
N GLY G 480 11.26 18.97 -6.85
CA GLY G 480 10.77 19.65 -8.04
C GLY G 480 9.31 19.35 -8.33
N ARG G 481 8.93 18.07 -8.26
CA ARG G 481 7.55 17.68 -8.52
C ARG G 481 6.66 17.76 -7.28
N GLU G 482 7.29 17.88 -6.11
CA GLU G 482 6.54 18.12 -4.89
C GLU G 482 5.94 19.52 -4.90
N ILE G 483 6.77 20.50 -5.25
CA ILE G 483 6.33 21.89 -5.34
C ILE G 483 5.46 22.10 -6.58
N TYR G 484 5.70 21.28 -7.60
CA TYR G 484 4.89 21.30 -8.82
C TYR G 484 3.44 21.01 -8.50
N THR G 485 3.19 19.93 -7.76
CA THR G 485 1.83 19.56 -7.38
C THR G 485 1.25 20.53 -6.37
N GLU G 486 2.13 21.25 -5.66
CA GLU G 486 1.71 22.26 -4.69
C GLU G 486 1.21 23.53 -5.38
N MET G 487 1.39 23.60 -6.69
CA MET G 487 0.85 24.68 -7.49
C MET G 487 -0.61 24.40 -7.85
N LYS G 488 -1.47 24.33 -6.85
CA LYS G 488 -2.89 24.05 -7.06
C LYS G 488 -3.60 25.25 -7.67
N LYS G 489 -3.89 25.16 -8.97
CA LYS G 489 -4.56 26.23 -9.69
C LYS G 489 -5.77 25.70 -10.46
N ALA G 490 -6.87 26.46 -10.47
CA ALA G 490 -6.93 27.76 -9.78
C ALA G 490 -8.16 27.84 -8.87
N THR H 16 43.62 10.91 -2.78
CA THR H 16 42.83 12.14 -2.78
C THR H 16 42.02 12.26 -1.50
N GLU H 17 41.91 11.18 -0.75
CA GLU H 17 41.17 11.19 0.51
C GLU H 17 42.03 11.73 1.65
N TYR H 18 43.30 12.02 1.35
CA TYR H 18 44.20 12.56 2.35
C TYR H 18 44.60 13.99 2.03
N ILE H 19 43.79 14.64 1.21
CA ILE H 19 44.02 16.04 0.88
C ILE H 19 43.44 16.92 1.96
N LEU H 20 42.18 16.67 2.30
CA LEU H 20 41.49 17.48 3.31
C LEU H 20 41.92 17.12 4.74
N ASN H 21 41.93 15.83 5.06
CA ASN H 21 42.32 15.41 6.40
C ASN H 21 42.90 14.00 6.47
N SER H 22 43.91 13.82 7.33
CA SER H 22 44.51 12.51 7.57
C SER H 22 45.10 12.45 8.97
N THR H 23 45.38 11.24 9.44
CA THR H 23 45.92 11.06 10.78
C THR H 23 47.33 11.62 10.91
N GLN H 24 48.11 11.58 9.83
CA GLN H 24 49.45 12.15 9.85
C GLN H 24 49.39 13.64 10.11
N LEU H 25 48.36 14.28 9.57
CA LEU H 25 48.17 15.72 9.71
C LEU H 25 47.63 16.07 11.09
N GLU H 26 46.63 15.33 11.54
CA GLU H 26 46.04 15.54 12.86
C GLU H 26 47.09 15.40 13.95
N GLU H 27 48.04 14.48 13.74
CA GLU H 27 49.14 14.30 14.67
C GLU H 27 50.14 15.45 14.59
N ALA H 28 50.49 15.84 13.37
CA ALA H 28 51.45 16.92 13.15
C ALA H 28 50.93 18.24 13.69
N ILE H 29 49.63 18.46 13.55
CA ILE H 29 48.99 19.68 14.05
C ILE H 29 49.03 19.72 15.57
N LYS H 30 48.60 18.63 16.21
CA LYS H 30 48.59 18.55 17.66
C LYS H 30 50.01 18.58 18.23
N SER H 31 50.95 17.95 17.53
CA SER H 31 52.34 17.92 17.95
C SER H 31 52.97 19.31 17.91
N PHE H 32 52.70 20.05 16.84
CA PHE H 32 53.25 21.39 16.71
C PHE H 32 52.73 22.30 17.80
N VAL H 33 51.42 22.28 18.01
CA VAL H 33 50.80 23.08 19.06
C VAL H 33 51.40 22.74 20.42
N HIS H 34 51.51 21.45 20.71
CA HIS H 34 52.09 20.99 21.96
C HIS H 34 53.54 21.40 22.14
N ASP H 35 54.36 21.17 21.11
CA ASP H 35 55.78 21.49 21.18
C ASP H 35 56.04 22.98 21.27
N PHE H 36 55.26 23.77 20.54
CA PHE H 36 55.46 25.21 20.51
C PHE H 36 55.06 25.86 21.83
N CYS H 37 54.00 25.33 22.45
CA CYS H 37 53.58 25.83 23.77
C CYS H 37 54.67 25.59 24.81
N ALA H 38 55.41 24.50 24.64
CA ALA H 38 56.49 24.16 25.57
C ALA H 38 57.73 25.06 25.39
N GLU H 39 58.03 25.40 24.14
CA GLU H 39 59.19 26.23 23.84
C GLU H 39 58.90 27.71 24.17
N LYS H 40 57.63 28.01 24.39
CA LYS H 40 57.21 29.36 24.78
C LYS H 40 57.71 29.70 26.17
N HIS H 41 58.10 28.69 26.93
CA HIS H 41 58.58 28.87 28.29
C HIS H 41 60.09 29.12 28.34
N GLU H 42 60.74 29.05 27.19
CA GLU H 42 62.18 29.34 27.10
C GLU H 42 62.50 30.37 26.03
N ILE H 43 61.77 31.48 26.04
CA ILE H 43 62.02 32.59 25.13
C ILE H 43 63.22 33.41 25.59
N HIS H 44 63.34 33.57 26.91
CA HIS H 44 64.43 34.33 27.50
C HIS H 44 65.81 33.74 27.17
N ASP H 45 65.88 32.42 27.13
CA ASP H 45 67.14 31.72 26.87
C ASP H 45 67.59 31.90 25.41
N GLN H 46 66.67 32.30 24.55
CA GLN H 46 66.96 32.40 23.12
C GLN H 46 67.31 33.83 22.72
N PRO H 47 68.18 33.97 21.71
CA PRO H 47 68.55 35.28 21.16
C PRO H 47 67.34 35.97 20.54
N VAL H 48 67.35 37.31 20.54
CA VAL H 48 66.24 38.08 20.00
C VAL H 48 66.15 37.90 18.49
N VAL H 49 67.30 38.02 17.82
CA VAL H 49 67.35 37.89 16.37
C VAL H 49 68.31 36.80 15.92
N VAL H 50 67.79 35.84 15.17
CA VAL H 50 68.62 34.81 14.56
C VAL H 50 68.79 35.10 13.07
N GLU H 51 70.04 35.36 12.66
CA GLU H 51 70.31 35.76 11.28
C GLU H 51 70.75 34.57 10.43
N ALA H 52 70.35 34.57 9.16
CA ALA H 52 70.66 33.49 8.24
C ALA H 52 71.98 33.72 7.52
N LYS H 53 72.70 32.63 7.24
CA LYS H 53 73.93 32.70 6.45
C LYS H 53 73.60 32.94 4.98
N GLU H 54 74.62 33.24 4.19
CA GLU H 54 74.41 33.65 2.80
C GLU H 54 74.11 32.49 1.85
N HIS H 55 74.23 31.27 2.36
CA HIS H 55 73.97 30.09 1.53
C HIS H 55 72.54 29.60 1.77
N GLN H 56 71.87 30.22 2.73
CA GLN H 56 70.53 29.78 3.15
C GLN H 56 69.48 29.98 2.05
N GLU H 57 69.64 31.03 1.27
CA GLU H 57 68.71 31.30 0.17
C GLU H 57 68.75 30.20 -0.88
N ASP H 58 69.95 29.78 -1.25
CA ASP H 58 70.12 28.70 -2.22
C ASP H 58 69.63 27.37 -1.67
N LYS H 59 69.73 27.22 -0.36
CA LYS H 59 69.28 26.02 0.34
C LYS H 59 67.78 25.85 0.20
N ILE H 60 67.08 26.97 0.07
CA ILE H 60 65.63 26.97 -0.12
C ILE H 60 65.28 26.79 -1.60
N LYS H 61 66.07 27.43 -2.46
CA LYS H 61 65.83 27.39 -3.90
C LYS H 61 66.09 26.01 -4.51
N GLN H 62 66.80 25.16 -3.79
CA GLN H 62 67.12 23.82 -4.27
C GLN H 62 66.05 22.80 -3.89
N ILE H 63 65.14 23.22 -3.01
CA ILE H 63 63.94 22.45 -2.72
C ILE H 63 62.88 22.88 -3.72
N LYS H 64 62.43 21.95 -4.57
CA LYS H 64 61.46 22.28 -5.60
C LYS H 64 60.02 21.97 -5.19
N ILE H 65 59.08 22.38 -6.04
CA ILE H 65 57.69 22.01 -5.87
C ILE H 65 57.47 20.63 -6.48
N PRO H 66 57.37 19.60 -5.62
CA PRO H 66 57.38 18.20 -6.05
C PRO H 66 56.06 17.75 -6.65
N GLU H 67 56.15 16.76 -7.55
CA GLU H 67 54.94 16.15 -8.11
C GLU H 67 54.36 15.16 -7.10
N LYS H 68 55.25 14.42 -6.43
CA LYS H 68 54.84 13.46 -5.43
C LYS H 68 54.98 14.05 -4.03
N GLY H 69 53.96 13.83 -3.20
CA GLY H 69 53.95 14.37 -1.86
C GLY H 69 55.06 13.85 -0.97
N ARG H 70 55.41 14.66 0.03
CA ARG H 70 56.44 14.29 1.01
C ARG H 70 55.79 14.00 2.37
N PRO H 71 56.43 13.16 3.19
CA PRO H 71 55.88 12.88 4.54
C PRO H 71 55.80 14.16 5.37
N VAL H 72 54.67 14.35 6.05
CA VAL H 72 54.33 15.62 6.68
C VAL H 72 55.37 16.17 7.66
N ASN H 73 55.78 15.35 8.62
CA ASN H 73 56.70 15.79 9.66
C ASN H 73 58.10 16.13 9.12
N GLU H 74 58.42 15.58 7.96
CA GLU H 74 59.67 15.89 7.28
C GLU H 74 59.68 17.33 6.76
N VAL H 75 58.57 17.75 6.18
CA VAL H 75 58.43 19.12 5.68
C VAL H 75 58.32 20.14 6.81
N VAL H 76 57.60 19.76 7.87
CA VAL H 76 57.41 20.63 9.04
C VAL H 76 58.75 20.98 9.69
N SER H 77 59.58 19.96 9.88
CA SER H 77 60.92 20.15 10.44
C SER H 77 61.73 21.08 9.53
N GLU H 78 61.57 20.90 8.24
CA GLU H 78 62.27 21.71 7.25
C GLU H 78 61.90 23.19 7.37
N MET H 79 60.61 23.47 7.56
CA MET H 79 60.16 24.85 7.73
C MET H 79 60.60 25.44 9.05
N MET H 80 60.49 24.66 10.12
CA MET H 80 60.89 25.12 11.45
C MET H 80 62.38 25.45 11.50
N ASN H 81 63.19 24.67 10.79
CA ASN H 81 64.64 24.83 10.81
C ASN H 81 65.19 25.77 9.75
N GLU H 82 64.62 25.72 8.55
CA GLU H 82 65.20 26.44 7.42
C GLU H 82 64.44 27.73 7.07
N VAL H 83 63.21 27.85 7.54
CA VAL H 83 62.38 29.01 7.22
C VAL H 83 62.04 29.86 8.44
N TYR H 84 61.25 29.30 9.34
CA TYR H 84 60.75 30.03 10.50
C TYR H 84 61.85 30.43 11.48
N ARG H 85 62.95 29.69 11.48
CA ARG H 85 64.04 29.90 12.44
C ARG H 85 64.64 31.30 12.34
N TYR H 86 64.81 31.78 11.12
CA TYR H 86 65.46 33.06 10.88
C TYR H 86 64.46 34.21 10.90
N ARG H 87 64.28 34.79 12.09
CA ARG H 87 63.30 35.85 12.29
C ARG H 87 63.66 36.69 13.50
N GLY H 88 62.94 37.79 13.69
CA GLY H 88 63.06 38.56 14.91
C GLY H 88 61.94 38.20 15.86
N ASP H 89 62.30 37.66 17.01
CA ASP H 89 61.29 37.24 17.99
C ASP H 89 60.66 38.46 18.66
N ALA H 90 59.50 38.88 18.14
CA ALA H 90 58.82 40.06 18.64
C ALA H 90 58.28 39.84 20.04
N ASN H 91 58.22 38.58 20.47
CA ASN H 91 57.75 38.25 21.81
C ASN H 91 58.87 38.26 22.82
N HIS H 92 60.05 38.68 22.38
CA HIS H 92 61.17 38.88 23.30
C HIS H 92 61.11 40.31 23.81
N PRO H 93 61.21 40.47 25.15
CA PRO H 93 61.06 41.77 25.82
C PRO H 93 62.01 42.84 25.31
N ARG H 94 63.14 42.42 24.73
CA ARG H 94 64.15 43.37 24.26
C ARG H 94 64.24 43.42 22.73
N PHE H 95 63.11 43.15 22.08
CA PHE H 95 62.99 43.41 20.65
C PHE H 95 62.45 44.83 20.47
N PHE H 96 63.37 45.78 20.27
CA PHE H 96 63.01 47.19 20.33
C PHE H 96 62.59 47.79 18.97
N SER H 97 61.98 46.95 18.14
CA SER H 97 61.31 47.43 16.93
C SER H 97 59.81 47.18 17.09
N PHE H 98 59.00 47.74 16.21
CA PHE H 98 57.56 47.60 16.32
C PHE H 98 56.91 47.00 15.08
N VAL H 99 57.70 46.82 14.02
CA VAL H 99 57.15 46.29 12.77
C VAL H 99 56.65 44.86 12.97
N PRO H 100 57.49 43.96 13.55
CA PRO H 100 56.85 42.78 14.11
C PRO H 100 56.38 43.10 15.53
N GLY H 101 55.06 43.17 15.72
CA GLY H 101 54.52 43.48 17.03
C GLY H 101 54.48 42.29 17.95
N PRO H 102 54.46 42.54 19.27
CA PRO H 102 54.28 41.48 20.26
C PRO H 102 52.93 40.81 20.06
N ALA H 103 52.94 39.51 19.80
CA ALA H 103 51.70 38.80 19.49
C ALA H 103 51.18 37.99 20.67
N SER H 104 50.02 38.38 21.16
CA SER H 104 49.34 37.66 22.22
C SER H 104 48.92 36.27 21.74
N SER H 105 48.93 35.30 22.64
CA SER H 105 48.49 33.95 22.29
C SER H 105 46.96 33.87 22.15
N VAL H 106 46.26 34.88 22.65
CA VAL H 106 44.82 35.01 22.41
C VAL H 106 44.61 35.26 20.92
N SER H 107 45.49 36.08 20.36
CA SER H 107 45.46 36.37 18.92
C SER H 107 45.80 35.12 18.13
N TRP H 108 46.76 34.36 18.63
CA TRP H 108 47.13 33.08 18.02
C TRP H 108 45.92 32.15 18.01
N LEU H 109 45.22 32.09 19.15
CA LEU H 109 44.02 31.28 19.27
C LEU H 109 42.95 31.72 18.27
N GLY H 110 42.84 33.02 18.06
CA GLY H 110 41.89 33.57 17.11
C GLY H 110 42.17 33.11 15.69
N ASP H 111 43.45 33.10 15.33
CA ASP H 111 43.86 32.63 14.02
C ASP H 111 43.58 31.15 13.85
N ILE H 112 43.90 30.36 14.88
CA ILE H 112 43.69 28.92 14.82
C ILE H 112 42.21 28.58 14.63
N MET H 113 41.35 29.23 15.42
CA MET H 113 39.92 29.00 15.32
C MET H 113 39.33 29.47 13.99
N THR H 114 39.67 30.69 13.59
CA THR H 114 39.18 31.26 12.34
C THR H 114 39.60 30.41 11.13
N SER H 115 40.84 29.94 11.14
CA SER H 115 41.35 29.12 10.05
C SER H 115 40.72 27.72 10.08
N ALA H 116 40.41 27.25 11.28
CA ALA H 116 39.85 25.91 11.45
C ALA H 116 38.46 25.82 10.81
N TYR H 117 37.58 26.74 11.19
CA TYR H 117 36.21 26.73 10.70
C TYR H 117 36.11 27.12 9.23
N ASN H 118 37.20 27.67 8.70
CA ASN H 118 37.27 28.07 7.30
C ASN H 118 36.11 28.99 6.91
N ILE H 119 36.04 30.13 7.59
CA ILE H 119 34.99 31.10 7.32
C ILE H 119 35.57 32.39 6.79
N HIS H 120 34.72 33.25 6.24
CA HIS H 120 35.18 34.51 5.68
C HIS H 120 34.26 35.66 6.03
N ALA H 121 34.78 36.88 5.93
CA ALA H 121 33.99 38.07 6.15
C ALA H 121 33.49 38.60 4.81
N GLY H 122 32.38 39.32 4.82
CA GLY H 122 31.79 39.83 3.60
C GLY H 122 31.35 38.71 2.68
N GLY H 123 31.39 38.96 1.38
CA GLY H 123 31.04 37.95 0.39
C GLY H 123 29.59 37.52 0.44
N SER H 124 29.34 36.36 1.03
CA SER H 124 27.99 35.80 1.09
C SER H 124 27.31 36.06 2.43
N LYS H 125 26.17 35.41 2.64
CA LYS H 125 25.41 35.55 3.88
C LYS H 125 25.35 34.23 4.62
N LEU H 126 26.33 33.37 4.36
CA LEU H 126 26.38 32.05 4.99
C LEU H 126 26.95 32.15 6.41
N ALA H 127 27.81 33.13 6.64
CA ALA H 127 28.38 33.36 7.96
C ALA H 127 28.05 34.78 8.43
N PRO H 128 26.79 35.01 8.82
CA PRO H 128 26.32 36.35 9.16
C PRO H 128 26.89 36.87 10.49
N MET H 129 27.11 35.97 11.43
CA MET H 129 27.61 36.37 12.75
C MET H 129 29.07 36.82 12.73
N VAL H 130 29.82 36.34 11.74
CA VAL H 130 31.18 36.81 11.52
C VAL H 130 31.20 38.31 11.29
N ASN H 131 30.32 38.78 10.41
CA ASN H 131 30.23 40.21 10.10
C ASN H 131 29.67 41.04 11.24
N CYS H 132 28.77 40.45 12.02
CA CYS H 132 28.23 41.11 13.20
C CYS H 132 29.35 41.38 14.20
N ILE H 133 30.18 40.37 14.42
CA ILE H 133 31.32 40.50 15.32
C ILE H 133 32.26 41.62 14.87
N GLU H 134 32.66 41.57 13.61
CA GLU H 134 33.53 42.60 13.05
C GLU H 134 32.91 43.99 13.12
N GLN H 135 31.61 44.08 12.84
CA GLN H 135 30.90 45.35 12.89
C GLN H 135 30.88 45.94 14.30
N GLU H 136 30.71 45.07 15.30
CA GLU H 136 30.69 45.50 16.69
C GLU H 136 32.00 46.12 17.12
N VAL H 137 33.11 45.52 16.69
CA VAL H 137 34.44 46.04 17.00
C VAL H 137 34.67 47.41 16.37
N LEU H 138 34.32 47.54 15.09
CA LEU H 138 34.51 48.78 14.36
C LEU H 138 33.68 49.92 14.95
N LYS H 139 32.48 49.61 15.41
CA LYS H 139 31.63 50.59 16.09
C LYS H 139 32.29 51.07 17.37
N TRP H 140 32.84 50.13 18.13
CA TRP H 140 33.55 50.43 19.37
C TRP H 140 34.79 51.28 19.10
N LEU H 141 35.52 50.93 18.04
CA LEU H 141 36.71 51.68 17.66
C LEU H 141 36.37 53.09 17.21
N ALA H 142 35.21 53.24 16.58
CA ALA H 142 34.73 54.53 16.13
C ALA H 142 34.50 55.50 17.29
N LYS H 143 34.02 54.98 18.41
CA LYS H 143 33.77 55.80 19.60
C LYS H 143 35.06 56.39 20.17
N GLN H 144 36.12 55.60 20.16
CA GLN H 144 37.40 56.02 20.76
C GLN H 144 38.09 57.06 19.88
N VAL H 145 37.79 57.03 18.59
CA VAL H 145 38.40 57.96 17.64
C VAL H 145 37.70 59.31 17.73
N GLY H 146 36.38 59.28 17.89
CA GLY H 146 35.60 60.50 18.00
C GLY H 146 34.54 60.64 16.92
N PHE H 147 34.14 59.50 16.35
CA PHE H 147 33.09 59.49 15.34
C PHE H 147 31.77 59.11 16.00
N THR H 148 30.94 60.12 16.27
CA THR H 148 29.72 59.92 17.04
C THR H 148 28.48 59.97 16.16
N GLU H 149 28.62 60.58 14.99
CA GLU H 149 27.49 60.85 14.12
C GLU H 149 27.00 59.61 13.39
N ASN H 150 27.69 59.25 12.30
CA ASN H 150 27.31 58.12 11.46
C ASN H 150 28.52 57.51 10.76
N PRO H 151 29.37 56.82 11.54
CA PRO H 151 30.66 56.34 11.03
C PRO H 151 30.55 55.05 10.23
N GLY H 152 31.65 54.64 9.63
CA GLY H 152 31.72 53.38 8.90
C GLY H 152 33.14 52.85 8.96
N GLY H 153 33.34 51.62 8.51
CA GLY H 153 34.65 51.03 8.56
C GLY H 153 34.75 49.63 8.00
N VAL H 154 35.98 49.21 7.72
CA VAL H 154 36.22 47.86 7.20
C VAL H 154 37.58 47.35 7.66
N PHE H 155 37.64 46.07 8.01
CA PHE H 155 38.91 45.44 8.37
C PHE H 155 39.80 45.23 7.15
N VAL H 156 41.08 45.58 7.30
CA VAL H 156 42.04 45.46 6.21
C VAL H 156 43.27 44.70 6.68
N SER H 157 44.13 44.33 5.74
CA SER H 157 45.29 43.50 6.06
C SER H 157 46.41 44.29 6.73
N GLY H 158 46.39 45.61 6.58
CA GLY H 158 47.45 46.44 7.13
C GLY H 158 47.24 47.93 6.91
N GLY H 159 48.21 48.73 7.35
CA GLY H 159 48.11 50.17 7.26
C GLY H 159 48.06 50.69 5.84
N SER H 160 48.85 50.09 4.95
CA SER H 160 48.87 50.48 3.55
C SER H 160 47.48 50.39 2.96
N MET H 161 46.81 49.27 3.21
CA MET H 161 45.46 49.06 2.68
C MET H 161 44.45 49.99 3.33
N ALA H 162 44.69 50.34 4.59
CA ALA H 162 43.81 51.28 5.28
C ALA H 162 43.97 52.65 4.65
N ASN H 163 45.20 53.03 4.35
CA ASN H 163 45.49 54.31 3.73
C ASN H 163 44.87 54.44 2.34
N ILE H 164 45.09 53.44 1.50
CA ILE H 164 44.54 53.42 0.14
C ILE H 164 43.02 53.41 0.17
N THR H 165 42.45 52.72 1.16
CA THR H 165 41.00 52.68 1.33
C THR H 165 40.45 54.08 1.60
N ALA H 166 41.06 54.78 2.54
CA ALA H 166 40.60 56.12 2.91
C ALA H 166 40.87 57.14 1.81
N LEU H 167 42.05 57.09 1.21
CA LEU H 167 42.43 58.06 0.19
C LEU H 167 41.60 57.92 -1.08
N THR H 168 41.11 56.71 -1.35
CA THR H 168 40.22 56.49 -2.49
C THR H 168 38.89 57.17 -2.21
N ALA H 169 38.43 57.05 -0.96
CA ALA H 169 37.22 57.72 -0.51
C ALA H 169 37.41 59.23 -0.57
N ALA H 170 38.57 59.70 -0.14
CA ALA H 170 38.92 61.11 -0.21
C ALA H 170 38.85 61.61 -1.64
N ARG H 171 39.41 60.83 -2.55
CA ARG H 171 39.47 61.20 -3.96
C ARG H 171 38.08 61.30 -4.60
N ASP H 172 37.25 60.30 -4.38
CA ASP H 172 35.90 60.26 -4.95
C ASP H 172 35.00 61.35 -4.38
N ASN H 173 35.37 61.85 -3.21
CA ASN H 173 34.57 62.86 -2.51
C ASN H 173 34.93 64.27 -2.94
N LYS H 174 36.13 64.44 -3.49
CA LYS H 174 36.62 65.78 -3.81
C LYS H 174 36.87 65.98 -5.30
N LEU H 175 37.16 64.90 -6.02
CA LEU H 175 37.56 65.02 -7.42
C LEU H 175 36.66 64.24 -8.37
N THR H 176 36.69 64.62 -9.64
CA THR H 176 36.05 63.88 -10.71
C THR H 176 37.12 63.33 -11.64
N ASP H 177 36.72 62.60 -12.68
CA ASP H 177 37.70 61.99 -13.58
C ASP H 177 38.44 62.97 -14.48
N ILE H 178 37.84 64.14 -14.72
CA ILE H 178 38.43 65.13 -15.61
C ILE H 178 39.31 66.16 -14.89
N ASN H 179 39.21 66.24 -13.58
CA ASN H 179 40.07 67.14 -12.81
C ASN H 179 41.01 66.41 -11.85
N LEU H 180 40.97 65.08 -11.89
CA LEU H 180 41.80 64.24 -11.03
C LEU H 180 43.29 64.54 -11.17
N HIS H 181 43.72 64.85 -12.39
CA HIS H 181 45.13 65.18 -12.66
C HIS H 181 45.53 66.53 -12.07
N LEU H 182 44.54 67.30 -11.62
CA LEU H 182 44.82 68.61 -11.03
C LEU H 182 44.83 68.53 -9.50
N GLY H 183 44.39 67.39 -8.97
CA GLY H 183 44.34 67.20 -7.53
C GLY H 183 45.73 67.15 -6.92
N THR H 184 45.88 67.76 -5.75
CA THR H 184 47.15 67.73 -5.03
C THR H 184 46.97 67.27 -3.60
N ALA H 185 47.95 66.53 -3.09
CA ALA H 185 47.89 66.00 -1.73
C ALA H 185 49.04 66.53 -0.90
N TYR H 186 48.86 66.55 0.41
CA TYR H 186 49.83 67.16 1.30
C TYR H 186 50.20 66.27 2.48
N ILE H 187 51.49 65.99 2.61
CA ILE H 187 52.02 65.17 3.71
C ILE H 187 53.27 65.82 4.29
N SER H 188 53.82 65.21 5.34
CA SER H 188 55.05 65.70 5.94
C SER H 188 56.23 64.82 5.54
N ASP H 189 57.44 65.25 5.90
CA ASP H 189 58.65 64.47 5.59
C ASP H 189 58.82 63.29 6.53
N GLN H 190 57.91 63.16 7.49
CA GLN H 190 57.96 62.05 8.43
C GLN H 190 56.79 61.10 8.21
N THR H 191 55.93 61.44 7.25
CA THR H 191 54.80 60.60 6.91
C THR H 191 55.28 59.28 6.30
N HIS H 192 54.62 58.18 6.65
CA HIS H 192 54.98 56.86 6.17
C HIS H 192 54.94 56.77 4.65
N SER H 193 55.79 55.92 4.08
CA SER H 193 55.97 55.83 2.63
C SER H 193 54.75 55.25 1.91
N SER H 194 53.94 54.50 2.63
CA SER H 194 52.77 53.85 2.03
C SER H 194 51.73 54.86 1.53
N VAL H 195 51.74 56.06 2.13
CA VAL H 195 50.76 57.08 1.80
C VAL H 195 50.95 57.63 0.38
N ALA H 196 52.17 58.07 0.08
CA ALA H 196 52.49 58.58 -1.26
C ALA H 196 52.34 57.47 -2.29
N LYS H 197 52.69 56.26 -1.89
CA LYS H 197 52.54 55.09 -2.75
C LYS H 197 51.06 54.86 -3.06
N GLY H 198 50.21 54.99 -2.04
CA GLY H 198 48.78 54.84 -2.21
C GLY H 198 48.15 55.94 -3.04
N LEU H 199 48.70 57.15 -2.93
CA LEU H 199 48.21 58.28 -3.71
C LEU H 199 48.45 58.07 -5.22
N ARG H 200 49.59 57.50 -5.56
CA ARG H 200 49.90 57.17 -6.95
C ARG H 200 48.91 56.15 -7.51
N ILE H 201 48.57 55.17 -6.69
CA ILE H 201 47.66 54.10 -7.09
C ILE H 201 46.28 54.62 -7.48
N ILE H 202 45.78 55.61 -6.74
CA ILE H 202 44.46 56.15 -6.99
C ILE H 202 44.47 57.31 -8.00
N GLY H 203 45.65 57.66 -8.49
CA GLY H 203 45.76 58.61 -9.58
C GLY H 203 46.44 59.92 -9.28
N ILE H 204 47.14 60.01 -8.15
CA ILE H 204 47.88 61.21 -7.80
C ILE H 204 49.38 61.01 -8.00
N THR H 205 49.91 61.64 -9.04
CA THR H 205 51.33 61.49 -9.36
C THR H 205 52.21 62.08 -8.27
N ASP H 206 53.42 61.55 -8.14
CA ASP H 206 54.36 61.99 -7.11
C ASP H 206 54.66 63.49 -7.20
N SER H 207 54.62 64.03 -8.41
CA SER H 207 54.85 65.46 -8.62
C SER H 207 53.77 66.32 -7.99
N ARG H 208 52.63 65.72 -7.66
CA ARG H 208 51.53 66.45 -7.04
C ARG H 208 51.31 66.07 -5.58
N ILE H 209 52.33 65.47 -4.98
CA ILE H 209 52.30 65.14 -3.55
C ILE H 209 53.31 66.02 -2.83
N ARG H 210 52.83 67.00 -2.07
CA ARG H 210 53.71 67.95 -1.41
C ARG H 210 54.24 67.40 -0.08
N ARG H 211 55.56 67.44 0.09
CA ARG H 211 56.19 67.03 1.34
C ARG H 211 56.52 68.23 2.21
N ILE H 212 55.58 68.60 3.09
CA ILE H 212 55.78 69.72 4.00
C ILE H 212 56.83 69.39 5.07
N PRO H 213 57.80 70.30 5.27
CA PRO H 213 58.83 70.12 6.31
C PRO H 213 58.24 70.02 7.72
N THR H 214 59.04 69.54 8.67
CA THR H 214 58.57 69.34 10.04
C THR H 214 59.33 70.17 11.07
N ASN H 215 58.75 70.29 12.26
CA ASN H 215 59.39 70.96 13.39
C ASN H 215 60.65 70.26 13.88
N SER H 216 61.22 70.80 14.95
CA SER H 216 62.26 70.10 15.71
C SER H 216 61.60 68.97 16.50
N HIS H 217 60.29 69.11 16.73
CA HIS H 217 59.50 68.07 17.39
C HIS H 217 58.93 67.09 16.37
N PHE H 218 59.38 67.23 15.12
CA PHE H 218 59.00 66.34 14.03
C PHE H 218 57.50 66.36 13.70
N GLN H 219 56.84 67.48 13.99
CA GLN H 219 55.44 67.64 13.63
C GLN H 219 55.32 68.46 12.35
N MET H 220 54.25 68.23 11.59
CA MET H 220 54.05 68.94 10.33
C MET H 220 53.90 70.44 10.56
N ASP H 221 54.68 71.21 9.79
CA ASP H 221 54.61 72.66 9.85
C ASP H 221 53.34 73.14 9.17
N THR H 222 52.36 73.55 9.97
CA THR H 222 51.07 73.96 9.44
C THR H 222 51.14 75.31 8.73
N THR H 223 52.21 76.06 9.00
CA THR H 223 52.42 77.34 8.34
C THR H 223 52.86 77.15 6.90
N LYS H 224 53.88 76.33 6.70
CA LYS H 224 54.38 76.01 5.36
C LYS H 224 53.35 75.21 4.57
N LEU H 225 52.51 74.47 5.29
CA LEU H 225 51.44 73.70 4.66
C LEU H 225 50.46 74.62 3.93
N GLU H 226 49.94 75.62 4.65
CA GLU H 226 48.99 76.56 4.06
C GLU H 226 49.61 77.33 2.90
N GLU H 227 50.91 77.61 3.00
CA GLU H 227 51.63 78.28 1.92
C GLU H 227 51.60 77.46 0.64
N ALA H 228 51.84 76.15 0.78
CA ALA H 228 51.83 75.24 -0.35
C ALA H 228 50.42 75.09 -0.91
N ILE H 229 49.43 75.17 -0.04
CA ILE H 229 48.02 75.06 -0.44
C ILE H 229 47.60 76.26 -1.27
N GLU H 230 47.92 77.46 -0.81
CA GLU H 230 47.57 78.69 -1.53
C GLU H 230 48.32 78.78 -2.86
N THR H 231 49.58 78.37 -2.85
CA THR H 231 50.39 78.36 -4.06
C THR H 231 49.83 77.39 -5.12
N ASP H 232 49.49 76.19 -4.71
CA ASP H 232 48.91 75.20 -5.62
C ASP H 232 47.53 75.65 -6.09
N LYS H 233 46.78 76.29 -5.19
CA LYS H 233 45.47 76.82 -5.53
C LYS H 233 45.59 77.92 -6.57
N LYS H 234 46.67 78.70 -6.47
CA LYS H 234 46.93 79.80 -7.39
C LYS H 234 47.40 79.31 -8.75
N SER H 235 48.14 78.21 -8.77
CA SER H 235 48.64 77.64 -10.03
C SER H 235 47.51 76.99 -10.83
N GLY H 236 46.40 76.73 -10.17
CA GLY H 236 45.25 76.10 -10.81
C GLY H 236 45.02 74.66 -10.38
N TYR H 237 45.87 74.16 -9.48
CA TYR H 237 45.71 72.81 -8.93
C TYR H 237 44.54 72.76 -7.94
N ILE H 238 44.09 71.55 -7.63
CA ILE H 238 43.01 71.37 -6.66
C ILE H 238 43.44 70.60 -5.41
N PRO H 239 43.76 71.33 -4.33
CA PRO H 239 44.10 70.70 -3.05
C PRO H 239 42.89 69.96 -2.50
N PHE H 240 43.01 68.66 -2.27
CA PHE H 240 41.86 67.85 -1.89
C PHE H 240 42.01 67.06 -0.58
N VAL H 241 43.24 66.80 -0.17
CA VAL H 241 43.48 66.02 1.04
C VAL H 241 44.78 66.38 1.77
N VAL H 242 44.71 66.44 3.09
CA VAL H 242 45.89 66.53 3.93
C VAL H 242 45.96 65.27 4.79
N ILE H 243 47.11 64.61 4.79
CA ILE H 243 47.28 63.42 5.62
C ILE H 243 48.14 63.72 6.84
N GLY H 244 47.50 63.80 7.99
CA GLY H 244 48.21 63.96 9.25
C GLY H 244 48.52 62.62 9.88
N THR H 245 49.65 62.54 10.57
CA THR H 245 50.05 61.28 11.22
C THR H 245 49.93 61.35 12.73
N ALA H 246 49.15 60.44 13.30
CA ALA H 246 49.06 60.32 14.75
C ALA H 246 49.97 59.20 15.22
N GLY H 247 51.24 59.54 15.43
CA GLY H 247 52.24 58.57 15.86
C GLY H 247 53.16 58.17 14.72
N THR H 248 54.04 59.09 14.35
CA THR H 248 55.00 58.86 13.26
C THR H 248 55.87 57.62 13.53
N THR H 249 56.15 56.88 12.46
CA THR H 249 56.97 55.66 12.53
C THR H 249 58.30 55.88 13.25
N ASN H 250 58.99 56.98 12.95
CA ASN H 250 60.31 57.21 13.51
C ASN H 250 60.32 57.69 14.97
N THR H 251 59.53 58.72 15.28
CA THR H 251 59.62 59.37 16.58
C THR H 251 58.33 59.28 17.41
N GLY H 252 57.25 58.84 16.78
CA GLY H 252 55.97 58.74 17.47
C GLY H 252 55.37 60.11 17.65
N SER H 253 55.85 61.08 16.87
CA SER H 253 55.35 62.44 16.95
C SER H 253 53.96 62.49 16.34
N ILE H 254 53.18 63.49 16.75
CA ILE H 254 51.82 63.64 16.25
C ILE H 254 51.65 65.01 15.60
N ASP H 255 51.21 65.01 14.35
CA ASP H 255 50.97 66.26 13.63
C ASP H 255 49.86 67.05 14.31
N PRO H 256 49.89 68.39 14.18
CA PRO H 256 48.89 69.26 14.81
C PRO H 256 47.50 69.01 14.24
N LEU H 257 46.74 68.13 14.89
CA LEU H 257 45.49 67.62 14.34
C LEU H 257 44.39 68.67 14.18
N THR H 258 44.25 69.56 15.17
CA THR H 258 43.22 70.58 15.12
C THR H 258 43.55 71.66 14.09
N GLU H 259 44.81 72.06 14.03
CA GLU H 259 45.26 73.07 13.07
C GLU H 259 45.01 72.60 11.64
N ILE H 260 45.34 71.35 11.38
CA ILE H 260 45.14 70.76 10.06
C ILE H 260 43.66 70.70 9.74
N SER H 261 42.86 70.24 10.70
CA SER H 261 41.42 70.17 10.54
C SER H 261 40.82 71.52 10.19
N ALA H 262 41.35 72.57 10.79
CA ALA H 262 40.91 73.94 10.50
C ALA H 262 41.17 74.29 9.05
N LEU H 263 42.39 74.03 8.58
CA LEU H 263 42.77 74.30 7.20
C LEU H 263 41.93 73.51 6.20
N CYS H 264 41.62 72.26 6.54
CA CYS H 264 40.87 71.39 5.65
C CYS H 264 39.44 71.89 5.46
N LYS H 265 38.81 72.34 6.54
CA LYS H 265 37.47 72.87 6.48
C LYS H 265 37.47 74.18 5.68
N LYS H 266 38.56 74.93 5.80
CA LYS H 266 38.68 76.22 5.13
C LYS H 266 38.84 76.05 3.63
N HIS H 267 39.65 75.08 3.22
CA HIS H 267 39.99 74.90 1.81
C HIS H 267 39.25 73.74 1.16
N ASP H 268 38.19 73.27 1.82
CA ASP H 268 37.35 72.19 1.31
C ASP H 268 38.15 70.92 1.04
N MET H 269 38.98 70.54 2.00
CA MET H 269 39.84 69.38 1.84
C MET H 269 39.48 68.24 2.80
N TRP H 270 39.73 67.01 2.36
CA TRP H 270 39.55 65.83 3.19
C TRP H 270 40.67 65.72 4.21
N PHE H 271 40.32 65.37 5.44
CA PHE H 271 41.32 65.21 6.48
C PHE H 271 41.42 63.73 6.86
N HIS H 272 42.56 63.13 6.54
CA HIS H 272 42.81 61.74 6.90
C HIS H 272 43.96 61.63 7.88
N ILE H 273 43.74 60.88 8.96
CA ILE H 273 44.76 60.64 9.96
C ILE H 273 45.36 59.23 9.82
N ASP H 274 46.66 59.15 9.62
CA ASP H 274 47.35 57.87 9.59
C ASP H 274 47.73 57.49 11.01
N GLY H 275 46.87 56.70 11.65
CA GLY H 275 47.10 56.27 13.01
C GLY H 275 47.36 54.79 13.14
N ALA H 276 48.10 54.24 12.18
CA ALA H 276 48.42 52.82 12.16
C ALA H 276 49.02 52.37 13.49
N TYR H 277 49.90 53.21 14.04
CA TYR H 277 50.56 52.93 15.30
C TYR H 277 49.88 53.63 16.48
N GLY H 278 49.76 54.95 16.38
CA GLY H 278 49.37 55.77 17.50
C GLY H 278 47.91 55.77 17.90
N ALA H 279 47.02 55.26 17.06
CA ALA H 279 45.59 55.27 17.36
C ALA H 279 45.24 54.41 18.57
N SER H 280 46.12 53.47 18.91
CA SER H 280 45.89 52.59 20.06
C SER H 280 45.95 53.37 21.37
N VAL H 281 46.67 54.49 21.36
CA VAL H 281 46.83 55.35 22.53
C VAL H 281 45.46 55.83 23.05
N LEU H 282 44.47 55.83 22.17
CA LEU H 282 43.09 56.15 22.54
C LEU H 282 42.55 55.22 23.63
N LEU H 283 43.14 54.03 23.74
CA LEU H 283 42.73 53.05 24.73
C LEU H 283 43.41 53.31 26.07
N SER H 284 44.37 54.23 26.07
CA SER H 284 45.09 54.60 27.28
C SER H 284 44.54 55.88 27.89
N PRO H 285 43.83 55.76 29.01
CA PRO H 285 43.20 56.92 29.68
C PRO H 285 44.20 58.00 30.07
N LYS H 286 45.44 57.60 30.32
CA LYS H 286 46.49 58.55 30.70
C LYS H 286 47.01 59.38 29.52
N TYR H 287 47.21 58.73 28.38
CA TYR H 287 47.82 59.41 27.24
C TYR H 287 46.84 59.67 26.10
N LYS H 288 45.56 59.39 26.34
CA LYS H 288 44.51 59.58 25.35
C LYS H 288 44.46 61.02 24.83
N SER H 289 44.73 61.98 25.71
CA SER H 289 44.62 63.39 25.39
C SER H 289 45.60 63.87 24.30
N LEU H 290 46.67 63.11 24.08
CA LEU H 290 47.64 63.46 23.04
C LEU H 290 47.01 63.42 21.65
N LEU H 291 45.94 62.67 21.52
CA LEU H 291 45.25 62.52 20.23
C LEU H 291 43.94 63.27 20.22
N THR H 292 43.94 64.50 20.73
CA THR H 292 42.73 65.31 20.72
C THR H 292 42.46 65.83 19.31
N GLY H 293 41.28 65.51 18.79
CA GLY H 293 40.89 65.99 17.47
C GLY H 293 40.86 64.93 16.40
N THR H 294 41.02 63.66 16.80
CA THR H 294 40.94 62.56 15.84
C THR H 294 39.54 62.49 15.25
N GLY H 295 38.55 62.90 16.03
CA GLY H 295 37.16 62.90 15.59
C GLY H 295 36.88 63.99 14.57
N LEU H 296 37.84 64.90 14.40
CA LEU H 296 37.71 65.97 13.42
C LEU H 296 38.02 65.46 12.01
N ALA H 297 38.83 64.42 11.93
CA ALA H 297 39.24 63.86 10.64
C ALA H 297 38.08 63.18 9.93
N ASP H 298 38.18 63.08 8.61
CA ASP H 298 37.15 62.44 7.81
C ASP H 298 37.42 60.95 7.69
N SER H 299 38.66 60.56 8.01
CA SER H 299 39.04 59.15 7.98
C SER H 299 40.28 58.90 8.83
N ILE H 300 40.42 57.67 9.32
CA ILE H 300 41.56 57.31 10.16
C ILE H 300 41.92 55.82 10.02
N SER H 301 43.22 55.54 10.05
CA SER H 301 43.71 54.16 9.96
C SER H 301 44.16 53.69 11.34
N TRP H 302 44.21 52.38 11.53
CA TRP H 302 44.50 51.81 12.85
C TRP H 302 44.91 50.34 12.71
N ASP H 303 46.13 50.02 13.10
CA ASP H 303 46.63 48.64 13.04
C ASP H 303 46.54 47.98 14.40
N ALA H 304 45.89 46.82 14.45
CA ALA H 304 45.81 46.06 15.70
C ALA H 304 47.03 45.18 15.91
N HIS H 305 47.77 44.90 14.84
CA HIS H 305 49.00 44.10 14.95
C HIS H 305 50.20 44.91 15.42
N LYS H 306 50.00 46.20 15.65
CA LYS H 306 51.05 47.08 16.14
C LYS H 306 51.03 47.27 17.65
N TRP H 307 49.90 47.73 18.18
CA TRP H 307 49.81 48.00 19.61
C TRP H 307 48.58 47.39 20.26
N LEU H 308 47.88 46.54 19.52
CA LEU H 308 46.76 45.79 20.09
C LEU H 308 47.11 44.31 20.23
N PHE H 309 48.41 44.02 20.11
CA PHE H 309 48.94 42.67 20.37
C PHE H 309 48.33 41.59 19.50
N GLN H 310 48.22 41.88 18.21
CA GLN H 310 47.71 40.92 17.24
C GLN H 310 48.81 40.43 16.31
N THR H 311 48.58 39.27 15.70
CA THR H 311 49.48 38.75 14.67
C THR H 311 49.16 39.47 13.36
N TYR H 312 50.16 39.60 12.50
CA TYR H 312 49.93 40.18 11.18
C TYR H 312 49.02 39.24 10.38
N GLY H 313 47.99 39.78 9.74
CA GLY H 313 47.70 41.20 9.77
C GLY H 313 46.26 41.52 10.13
N CYS H 314 46.09 42.47 11.05
CA CYS H 314 44.78 42.89 11.50
C CYS H 314 44.76 44.40 11.65
N ALA H 315 44.19 45.08 10.67
CA ALA H 315 44.10 46.54 10.70
C ALA H 315 42.71 47.04 10.32
N MET H 316 42.42 48.28 10.71
CA MET H 316 41.11 48.86 10.47
C MET H 316 41.23 50.22 9.81
N VAL H 317 40.23 50.57 9.02
CA VAL H 317 40.10 51.94 8.52
C VAL H 317 38.70 52.46 8.85
N LEU H 318 38.63 53.64 9.45
CA LEU H 318 37.34 54.24 9.83
C LEU H 318 37.11 55.56 9.11
N VAL H 319 35.87 55.79 8.70
CA VAL H 319 35.48 57.09 8.14
C VAL H 319 34.36 57.71 8.97
N LYS H 320 34.31 59.04 9.01
CA LYS H 320 33.29 59.73 9.78
C LYS H 320 31.92 59.56 9.15
N ASP H 321 31.87 59.55 7.82
CA ASP H 321 30.61 59.39 7.10
C ASP H 321 30.65 58.13 6.26
N ILE H 322 29.86 57.13 6.67
CA ILE H 322 29.85 55.83 6.01
C ILE H 322 29.41 55.92 4.55
N ARG H 323 28.68 56.98 4.21
CA ARG H 323 28.21 57.20 2.85
C ARG H 323 29.37 57.33 1.85
N ASN H 324 30.50 57.84 2.33
CA ASN H 324 31.69 58.00 1.49
C ASN H 324 32.34 56.67 1.09
N LEU H 325 32.27 55.68 1.97
CA LEU H 325 32.76 54.34 1.66
C LEU H 325 31.87 53.66 0.65
N PHE H 326 30.56 53.89 0.79
CA PHE H 326 29.58 53.36 -0.15
C PHE H 326 29.80 53.92 -1.54
N HIS H 327 30.01 55.23 -1.62
CA HIS H 327 30.18 55.91 -2.90
C HIS H 327 31.43 55.46 -3.65
N SER H 328 32.43 54.98 -2.90
CA SER H 328 33.70 54.56 -3.50
C SER H 328 33.75 53.08 -3.87
N PHE H 329 33.02 52.25 -3.14
CA PHE H 329 33.23 50.81 -3.23
C PHE H 329 31.97 49.97 -3.45
N HIS H 330 30.84 50.61 -3.69
CA HIS H 330 29.61 49.85 -3.93
C HIS H 330 29.69 49.09 -5.26
N VAL H 331 28.96 47.99 -5.34
CA VAL H 331 29.00 47.13 -6.52
C VAL H 331 27.90 47.51 -7.51
N ASN H 332 26.71 47.84 -7.00
CA ASN H 332 25.57 48.13 -7.85
C ASN H 332 24.79 49.35 -7.38
N PRO H 333 24.37 50.21 -8.31
CA PRO H 333 24.66 50.11 -9.74
C PRO H 333 25.90 50.93 -10.08
N GLU H 334 26.88 50.94 -9.18
CA GLU H 334 28.08 51.78 -9.29
C GLU H 334 27.73 53.26 -9.38
N TYR H 335 26.55 53.62 -8.86
CA TYR H 335 26.11 55.00 -8.75
C TYR H 335 25.14 55.19 -7.58
N LEU H 336 25.12 54.21 -6.67
CA LEU H 336 24.24 54.23 -5.50
C LEU H 336 24.16 55.58 -4.80
N ASP H 350 30.93 46.44 3.69
CA ASP H 350 31.41 47.57 4.47
C ASP H 350 31.65 48.91 3.75
N ILE H 351 32.30 48.95 2.58
CA ILE H 351 32.94 47.82 1.91
C ILE H 351 34.28 48.27 1.35
N GLY H 352 34.77 47.55 0.35
CA GLY H 352 35.97 47.95 -0.39
C GLY H 352 37.27 47.81 0.37
N MET H 353 38.34 47.46 -0.35
CA MET H 353 38.26 47.23 -1.79
C MET H 353 38.02 45.76 -2.08
N GLU H 354 38.00 44.96 -1.03
CA GLU H 354 37.81 43.52 -1.16
C GLU H 354 36.32 43.20 -1.06
N LEU H 355 35.91 42.08 -1.64
CA LEU H 355 34.55 41.61 -1.51
C LEU H 355 34.49 40.61 -0.38
N THR H 356 35.07 39.43 -0.62
CA THR H 356 35.23 38.45 0.44
C THR H 356 36.55 38.72 1.15
N ARG H 357 36.52 38.71 2.48
CA ARG H 357 37.70 39.01 3.27
C ARG H 357 37.97 37.89 4.27
N PRO H 358 39.22 37.74 4.69
CA PRO H 358 39.49 36.87 5.85
C PRO H 358 38.83 37.49 7.06
N ALA H 359 38.31 36.67 7.97
CA ALA H 359 37.66 37.20 9.17
C ALA H 359 38.71 37.75 10.13
N ARG H 360 39.34 38.84 9.73
CA ARG H 360 40.46 39.42 10.49
C ARG H 360 40.02 39.94 11.86
N GLY H 361 38.82 40.52 11.90
CA GLY H 361 38.33 41.15 13.11
C GLY H 361 37.96 40.19 14.22
N LEU H 362 37.84 38.91 13.88
CA LEU H 362 37.45 37.89 14.85
C LEU H 362 38.48 37.69 15.96
N LYS H 363 39.75 37.68 15.58
CA LYS H 363 40.82 37.48 16.57
C LYS H 363 41.00 38.69 17.48
N LEU H 364 40.67 39.87 16.98
CA LEU H 364 40.73 41.09 17.79
C LEU H 364 39.59 41.10 18.81
N TRP H 365 38.40 40.69 18.37
CA TRP H 365 37.25 40.58 19.25
C TRP H 365 37.55 39.60 20.38
N LEU H 366 38.08 38.44 20.01
CA LEU H 366 38.48 37.42 20.97
C LEU H 366 39.47 37.99 21.98
N THR H 367 40.43 38.76 21.47
CA THR H 367 41.44 39.41 22.31
C THR H 367 40.80 40.42 23.25
N LEU H 368 39.88 41.23 22.73
CA LEU H 368 39.18 42.24 23.52
C LEU H 368 38.35 41.65 24.64
N GLN H 369 37.63 40.56 24.34
CA GLN H 369 36.80 39.89 25.33
C GLN H 369 37.64 39.24 26.43
N VAL H 370 38.75 38.64 26.03
CA VAL H 370 39.60 37.90 26.97
C VAL H 370 40.42 38.81 27.87
N LEU H 371 41.05 39.83 27.29
CA LEU H 371 41.94 40.70 28.06
C LEU H 371 41.22 41.91 28.66
N GLY H 372 40.23 42.43 27.94
CA GLY H 372 39.55 43.65 28.36
C GLY H 372 40.34 44.88 27.98
N SER H 373 39.64 46.01 27.84
CA SER H 373 40.28 47.24 27.38
C SER H 373 41.16 47.89 28.45
N ASP H 374 40.84 47.65 29.72
CA ASP H 374 41.64 48.19 30.81
C ASP H 374 43.05 47.64 30.77
N LEU H 375 43.17 46.32 30.70
CA LEU H 375 44.46 45.65 30.68
C LEU H 375 45.28 46.03 29.46
N ILE H 376 44.63 46.08 28.30
CA ILE H 376 45.29 46.51 27.07
C ILE H 376 45.78 47.95 27.20
N GLY H 377 44.93 48.80 27.80
CA GLY H 377 45.29 50.17 28.09
C GLY H 377 46.51 50.28 28.98
N SER H 378 46.53 49.48 30.04
CA SER H 378 47.65 49.48 30.98
C SER H 378 48.94 49.06 30.29
N ALA H 379 48.84 48.11 29.37
CA ALA H 379 50.00 47.62 28.63
C ALA H 379 50.62 48.71 27.77
N ILE H 380 49.77 49.46 27.07
CA ILE H 380 50.22 50.58 26.24
C ILE H 380 50.97 51.61 27.09
N GLU H 381 50.37 51.98 28.23
CA GLU H 381 50.98 52.93 29.15
C GLU H 381 52.34 52.46 29.64
N HIS H 382 52.50 51.13 29.76
CA HIS H 382 53.78 50.55 30.13
C HIS H 382 54.81 50.77 29.03
N GLY H 383 54.34 50.87 27.79
CA GLY H 383 55.22 51.11 26.67
C GLY H 383 55.86 52.49 26.77
N PHE H 384 55.05 53.46 27.19
CA PHE H 384 55.53 54.82 27.41
C PHE H 384 56.63 54.82 28.48
N GLN H 385 56.35 54.15 29.59
CA GLN H 385 57.29 54.07 30.71
C GLN H 385 58.64 53.48 30.30
N LEU H 386 58.61 52.51 29.38
CA LEU H 386 59.82 51.87 28.91
C LEU H 386 60.74 52.83 28.17
N ALA H 387 60.14 53.70 27.34
CA ALA H 387 60.91 54.69 26.61
C ALA H 387 61.52 55.72 27.55
N VAL H 388 60.72 56.18 28.50
CA VAL H 388 61.16 57.10 29.54
C VAL H 388 62.34 56.54 30.33
N TRP H 389 62.24 55.27 30.71
CA TRP H 389 63.31 54.59 31.44
C TRP H 389 64.60 54.56 30.64
N ALA H 390 64.48 54.45 29.32
CA ALA H 390 65.65 54.47 28.45
C ALA H 390 66.28 55.87 28.44
N GLU H 391 65.44 56.89 28.49
CA GLU H 391 65.90 58.28 28.49
C GLU H 391 66.53 58.64 29.84
N GLU H 392 65.91 58.16 30.91
CA GLU H 392 66.42 58.39 32.26
C GLU H 392 67.78 57.71 32.44
N ALA H 393 67.96 56.59 31.77
CA ALA H 393 69.22 55.85 31.83
C ALA H 393 70.29 56.45 30.94
N LEU H 394 69.87 57.27 29.98
CA LEU H 394 70.80 57.87 29.03
C LEU H 394 71.34 59.22 29.49
N ASN H 395 70.59 59.91 30.35
CA ASN H 395 71.00 61.23 30.84
C ASN H 395 72.37 61.28 31.55
N PRO H 396 72.64 60.37 32.49
CA PRO H 396 73.96 60.42 33.12
C PRO H 396 75.09 60.04 32.17
N LYS H 397 74.77 59.25 31.15
CA LYS H 397 75.75 58.82 30.16
C LYS H 397 76.38 59.99 29.42
N LYS H 398 77.70 59.95 29.25
CA LYS H 398 78.42 61.00 28.54
C LYS H 398 78.40 60.75 27.04
N ASP H 399 78.37 61.84 26.27
CA ASP H 399 78.42 61.79 24.81
C ASP H 399 77.20 61.11 24.17
N TRP H 400 76.15 60.90 24.95
CA TRP H 400 74.91 60.36 24.40
C TRP H 400 73.88 61.46 24.18
N GLU H 401 73.52 61.66 22.92
CA GLU H 401 72.61 62.73 22.53
C GLU H 401 71.21 62.19 22.30
N ILE H 402 70.21 62.90 22.79
CA ILE H 402 68.82 62.52 22.59
C ILE H 402 68.21 63.27 21.40
N VAL H 403 68.20 62.63 20.24
CA VAL H 403 67.65 63.23 19.03
C VAL H 403 66.14 63.42 19.14
N SER H 404 65.48 62.44 19.75
CA SER H 404 64.06 62.52 20.02
C SER H 404 63.77 61.96 21.41
N PRO H 405 63.18 62.79 22.28
CA PRO H 405 62.89 62.39 23.66
C PRO H 405 61.87 61.26 23.71
N ALA H 406 61.69 60.66 24.89
CA ALA H 406 60.73 59.58 25.05
C ALA H 406 59.33 60.08 24.70
N GLN H 407 58.81 59.56 23.59
CA GLN H 407 57.51 59.98 23.08
C GLN H 407 56.79 58.79 22.45
N MET H 408 55.66 58.41 23.03
CA MET H 408 54.84 57.30 22.53
C MET H 408 55.65 56.01 22.41
N ALA H 409 56.25 55.59 23.51
CA ALA H 409 57.05 54.36 23.58
C ALA H 409 58.25 54.34 22.63
N MET H 410 58.60 55.50 22.08
CA MET H 410 59.74 55.60 21.18
C MET H 410 60.79 56.59 21.68
N ILE H 411 62.05 56.34 21.30
CA ILE H 411 63.13 57.26 21.61
C ILE H 411 64.26 57.10 20.58
N ASN H 412 64.78 58.23 20.11
CA ASN H 412 65.88 58.21 19.16
C ASN H 412 67.10 58.92 19.74
N PHE H 413 68.23 58.23 19.71
CA PHE H 413 69.45 58.73 20.35
C PHE H 413 70.69 58.25 19.62
N ARG H 414 71.83 58.88 19.90
CA ARG H 414 73.08 58.51 19.25
C ARG H 414 74.27 58.77 20.15
N TYR H 415 75.34 58.02 19.91
CA TYR H 415 76.60 58.22 20.62
C TYR H 415 77.50 59.08 19.76
N ALA H 416 77.66 60.35 20.14
CA ALA H 416 78.41 61.30 19.34
C ALA H 416 79.58 61.93 20.10
N PRO H 417 80.72 61.23 20.14
CA PRO H 417 81.94 61.80 20.73
C PRO H 417 82.47 62.94 19.86
N LYS H 418 82.91 64.02 20.50
CA LYS H 418 83.36 65.22 19.80
C LYS H 418 84.63 64.99 18.98
N ASP H 419 85.38 63.95 19.32
CA ASP H 419 86.63 63.65 18.63
C ASP H 419 86.38 63.26 17.17
N LEU H 420 85.34 62.47 16.95
CA LEU H 420 84.99 62.01 15.61
C LEU H 420 84.17 63.04 14.83
N THR H 421 84.58 63.30 13.59
CA THR H 421 83.83 64.16 12.67
C THR H 421 82.49 63.55 12.27
N LYS H 422 81.69 64.29 11.53
CA LYS H 422 80.34 63.84 11.11
C LYS H 422 80.20 62.40 10.60
N GLU H 423 80.99 62.03 9.59
CA GLU H 423 80.85 60.72 8.94
C GLU H 423 81.11 59.48 9.81
N GLU H 424 82.20 59.47 10.56
CA GLU H 424 82.57 58.31 11.38
C GLU H 424 81.67 58.11 12.61
N GLN H 425 80.89 59.14 12.95
CA GLN H 425 79.86 59.02 14.01
C GLN H 425 78.71 58.15 13.53
N ASP H 426 78.33 58.34 12.27
CA ASP H 426 77.26 57.56 11.66
C ASP H 426 77.69 56.11 11.54
N ILE H 427 78.93 55.91 11.15
CA ILE H 427 79.52 54.59 11.06
C ILE H 427 79.63 53.96 12.45
N LEU H 428 79.95 54.80 13.43
CA LEU H 428 80.04 54.36 14.83
C LEU H 428 78.70 53.82 15.33
N ASN H 429 77.65 54.60 15.15
CA ASN H 429 76.31 54.21 15.59
C ASN H 429 75.79 52.95 14.88
N GLU H 430 76.21 52.79 13.63
CA GLU H 430 75.81 51.61 12.86
C GLU H 430 76.52 50.37 13.37
N LYS H 431 77.78 50.53 13.78
CA LYS H 431 78.57 49.43 14.33
C LYS H 431 78.07 49.00 15.71
N ILE H 432 77.53 49.96 16.47
CA ILE H 432 76.97 49.67 17.78
C ILE H 432 75.73 48.78 17.60
N SER H 433 74.95 49.08 16.58
CA SER H 433 73.76 48.30 16.27
C SER H 433 74.11 46.85 15.94
N HIS H 434 75.13 46.67 15.11
CA HIS H 434 75.60 45.34 14.76
C HIS H 434 76.15 44.60 15.97
N ARG H 435 76.81 45.35 16.85
CA ARG H 435 77.47 44.75 18.02
C ARG H 435 76.47 44.15 19.01
N ILE H 436 75.36 44.86 19.23
CA ILE H 436 74.35 44.40 20.18
C ILE H 436 73.45 43.33 19.57
N LEU H 437 73.29 43.37 18.25
CA LEU H 437 72.50 42.37 17.55
C LEU H 437 73.18 41.01 17.55
N GLU H 438 74.49 41.01 17.30
CA GLU H 438 75.26 39.76 17.30
C GLU H 438 75.35 39.15 18.69
N SER H 439 75.30 40.00 19.70
CA SER H 439 75.31 39.54 21.09
C SER H 439 74.02 38.80 21.42
N GLY H 440 72.97 39.11 20.69
CA GLY H 440 71.68 38.46 20.88
C GLY H 440 70.96 38.90 22.13
N TYR H 441 71.45 39.96 22.77
CA TYR H 441 70.84 40.45 24.01
C TYR H 441 69.62 41.33 23.73
N ALA H 442 69.73 42.16 22.70
CA ALA H 442 68.63 43.06 22.34
C ALA H 442 68.63 43.36 20.85
N ALA H 443 67.47 43.75 20.34
CA ALA H 443 67.36 44.16 18.94
C ALA H 443 67.18 45.66 18.82
N ILE H 444 68.23 46.34 18.36
CA ILE H 444 68.17 47.78 18.13
C ILE H 444 68.71 48.11 16.75
N PHE H 445 67.91 48.81 15.96
CA PHE H 445 68.28 49.11 14.57
C PHE H 445 68.52 50.61 14.39
N THR H 446 69.14 50.97 13.28
CA THR H 446 69.46 52.37 13.02
C THR H 446 68.48 52.99 12.03
N THR H 447 68.12 54.25 12.28
CA THR H 447 67.27 55.01 11.38
C THR H 447 67.89 56.38 11.15
N VAL H 448 67.71 56.92 9.94
CA VAL H 448 68.23 58.23 9.62
C VAL H 448 67.25 59.32 10.05
N LEU H 449 67.70 60.19 10.96
CA LEU H 449 66.85 61.24 11.50
C LEU H 449 67.64 62.55 11.54
N ASN H 450 67.09 63.59 10.94
CA ASN H 450 67.76 64.88 10.81
C ASN H 450 69.10 64.80 10.09
N GLY H 451 69.19 63.86 9.14
CA GLY H 451 70.37 63.73 8.31
C GLY H 451 71.46 62.84 8.87
N LYS H 452 71.33 62.46 10.14
CA LYS H 452 72.34 61.65 10.81
C LYS H 452 71.83 60.28 11.24
N THR H 453 72.69 59.28 11.16
CA THR H 453 72.36 57.92 11.58
C THR H 453 72.09 57.88 13.08
N VAL H 454 70.95 57.30 13.46
CA VAL H 454 70.50 57.34 14.85
C VAL H 454 69.98 55.97 15.33
N LEU H 455 70.38 55.58 16.54
CA LEU H 455 69.83 54.38 17.17
C LEU H 455 68.39 54.64 17.62
N ARG H 456 67.53 53.65 17.40
CA ARG H 456 66.11 53.79 17.73
C ARG H 456 65.63 52.68 18.65
N ILE H 457 64.83 53.05 19.65
CA ILE H 457 64.22 52.06 20.53
C ILE H 457 62.71 52.21 20.58
N CYS H 458 62.00 51.17 20.17
CA CYS H 458 60.56 51.11 20.37
C CYS H 458 60.22 49.93 21.28
N ALA H 459 59.94 50.23 22.54
CA ALA H 459 59.67 49.19 23.53
C ALA H 459 58.19 49.16 23.90
N ILE H 460 57.48 48.15 23.41
CA ILE H 460 56.06 48.03 23.69
C ILE H 460 55.71 46.65 24.25
N HIS H 461 56.73 45.91 24.64
CA HIS H 461 56.53 44.58 25.24
C HIS H 461 56.04 44.74 26.68
N PRO H 462 54.85 44.20 26.97
CA PRO H 462 54.15 44.35 28.25
C PRO H 462 54.94 43.84 29.45
N GLU H 463 55.92 42.98 29.21
CA GLU H 463 56.66 42.36 30.30
C GLU H 463 58.11 42.83 30.41
N ALA H 464 58.45 43.86 29.63
CA ALA H 464 59.79 44.43 29.70
C ALA H 464 59.92 45.28 30.97
N THR H 465 61.08 45.19 31.62
CA THR H 465 61.27 45.86 32.90
C THR H 465 62.27 47.01 32.79
N GLN H 466 62.42 47.75 33.88
CA GLN H 466 63.37 48.85 33.93
C GLN H 466 64.81 48.34 33.82
N GLU H 467 65.07 47.14 34.35
CA GLU H 467 66.39 46.51 34.25
C GLU H 467 66.72 46.19 32.79
N ASP H 468 65.68 45.85 32.02
CA ASP H 468 65.83 45.57 30.61
C ASP H 468 66.33 46.81 29.88
N MET H 469 65.74 47.96 30.22
CA MET H 469 66.10 49.22 29.58
C MET H 469 67.46 49.69 30.06
N GLN H 470 67.70 49.56 31.37
CA GLN H 470 68.95 50.02 31.96
C GLN H 470 70.16 49.24 31.43
N HIS H 471 70.09 47.91 31.49
CA HIS H 471 71.18 47.07 31.03
C HIS H 471 71.45 47.26 29.53
N THR H 472 70.38 47.45 28.76
CA THR H 472 70.52 47.67 27.32
C THR H 472 71.30 48.95 27.05
N ILE H 473 70.91 50.04 27.71
CA ILE H 473 71.58 51.32 27.59
C ILE H 473 73.04 51.21 28.04
N ASP H 474 73.26 50.54 29.18
CA ASP H 474 74.60 50.33 29.69
C ASP H 474 75.43 49.50 28.70
N LEU H 475 74.78 48.54 28.05
CA LEU H 475 75.44 47.69 27.07
C LEU H 475 75.75 48.48 25.80
N LEU H 476 74.89 49.43 25.47
CA LEU H 476 75.11 50.31 24.33
C LEU H 476 76.29 51.22 24.61
N ASP H 477 76.35 51.75 25.83
CA ASP H 477 77.43 52.63 26.25
C ASP H 477 78.76 51.89 26.23
N GLN H 478 78.73 50.63 26.66
CA GLN H 478 79.93 49.79 26.64
C GLN H 478 80.45 49.61 25.23
N TYR H 479 79.57 49.19 24.33
CA TYR H 479 79.94 49.00 22.92
C TYR H 479 80.34 50.33 22.27
N GLY H 480 79.73 51.41 22.74
CA GLY H 480 79.99 52.73 22.19
C GLY H 480 81.44 53.17 22.36
N ARG H 481 81.97 52.96 23.54
CA ARG H 481 83.35 53.36 23.83
C ARG H 481 84.36 52.29 23.45
N GLU H 482 83.88 51.07 23.21
CA GLU H 482 84.73 50.00 22.70
C GLU H 482 85.12 50.30 21.25
N ILE H 483 84.13 50.68 20.45
CA ILE H 483 84.36 51.01 19.05
C ILE H 483 85.07 52.37 18.95
N TYR H 484 84.84 53.21 19.95
CA TYR H 484 85.50 54.51 20.04
C TYR H 484 87.02 54.34 20.12
N THR H 485 87.47 53.48 21.03
CA THR H 485 88.90 53.24 21.20
C THR H 485 89.48 52.46 20.03
N GLU H 486 88.62 51.76 19.30
CA GLU H 486 89.05 51.01 18.12
C GLU H 486 89.33 51.94 16.95
N MET H 487 88.99 53.22 17.11
CA MET H 487 89.32 54.24 16.12
C MET H 487 90.74 54.73 16.33
N LYS H 488 91.71 53.83 16.17
CA LYS H 488 93.11 54.19 16.36
C LYS H 488 93.59 55.06 15.20
N LYS H 489 93.72 56.35 15.46
CA LYS H 489 94.16 57.31 14.45
C LYS H 489 95.32 58.16 14.97
N ALA H 490 96.31 58.43 14.12
CA ALA H 490 96.32 57.92 12.75
C ALA H 490 97.63 57.22 12.42
N1 PLP I . -58.62 -46.30 3.59
C2 PLP I . -59.79 -45.92 2.96
C2A PLP I . -61.09 -45.93 3.70
C3 PLP I . -59.75 -45.50 1.63
O3 PLP I . -60.92 -45.13 1.00
C4 PLP I . -58.56 -45.51 0.91
C4A PLP I . -58.73 -45.78 -0.57
C5 PLP I . -57.39 -45.89 1.56
C6 PLP I . -57.43 -46.29 2.89
C5A PLP I . -56.03 -45.90 0.88
O4P PLP I . -55.99 -46.44 -0.42
P PLP I . -54.98 -45.84 -1.52
O1P PLP I . -53.59 -46.34 -1.20
O2P PLP I . -55.02 -44.34 -1.45
O3P PLP I . -55.39 -46.31 -2.89
N1 PLP J . -57.51 22.02 -18.93
C2 PLP J . -58.34 20.92 -19.03
C2A PLP J . -58.66 20.34 -20.39
C3 PLP J . -58.87 20.34 -17.89
O3 PLP J . -59.70 19.26 -18.00
C4 PLP J . -58.60 20.87 -16.63
C4A PLP J . -59.68 20.66 -15.61
C5 PLP J . -57.75 21.98 -16.54
C6 PLP J . -57.21 22.54 -17.69
C5A PLP J . -57.36 22.62 -15.22
O4P PLP J . -58.42 22.81 -14.30
P PLP J . -58.12 22.78 -12.72
O1P PLP J . -57.48 24.09 -12.32
O2P PLP J . -57.18 21.62 -12.41
O3P PLP J . -59.42 22.58 -11.98
N1 PLP K . -16.36 9.71 -42.73
C2 PLP K . -15.55 9.44 -41.64
C2A PLP K . -15.21 10.53 -40.67
C3 PLP K . -15.08 8.16 -41.45
O3 PLP K . -14.27 7.89 -40.37
C4 PLP K . -15.37 7.14 -42.35
C4A PLP K . -14.35 6.04 -42.43
C5 PLP K . -16.19 7.42 -43.44
C6 PLP K . -16.67 8.72 -43.63
C5A PLP K . -16.59 6.38 -44.47
O4P PLP K . -15.52 5.61 -44.97
P PLP K . -15.76 4.06 -45.33
O1P PLP K . -16.41 3.98 -46.69
O2P PLP K . -16.67 3.45 -44.29
O3P PLP K . -14.44 3.35 -45.34
N1 PLP L . 38.68 -2.61 51.73
C2 PLP L . 39.75 -1.81 51.44
C2A PLP L . 41.09 -2.41 51.12
C3 PLP L . 39.59 -0.42 51.42
O3 PLP L . 40.66 0.38 51.13
C4 PLP L . 38.36 0.15 51.72
C4A PLP L . 38.43 1.55 52.27
C5 PLP L . 37.28 -0.68 52.01
C6 PLP L . 37.45 -2.06 52.02
C5A PLP L . 35.88 -0.18 52.33
O4P PLP L . 35.82 0.97 53.13
P PLP L . 34.66 2.05 52.89
O1P PLP L . 33.38 1.50 53.45
O2P PLP L . 34.51 2.32 51.41
O3P PLP L . 35.03 3.33 53.61
N1 PLP M . -29.27 -45.03 -1.64
C2 PLP M . -28.36 -44.12 -2.12
C2A PLP M . -26.98 -44.57 -2.51
C3 PLP M . -28.71 -42.79 -2.24
O3 PLP M . -27.79 -41.88 -2.71
C4 PLP M . -29.97 -42.35 -1.87
C4A PLP M . -30.03 -40.92 -1.40
C5 PLP M . -30.91 -43.28 -1.40
C6 PLP M . -30.54 -44.62 -1.29
C5A PLP M . -32.32 -42.92 -0.98
O4P PLP M . -32.42 -41.78 -0.16
P PLP M . -33.67 -40.79 -0.33
O1P PLP M . -34.87 -41.44 0.34
O2P PLP M . -33.96 -40.56 -1.79
O3P PLP M . -33.35 -39.48 0.36
N1 PLP N . 35.32 -28.27 9.68
C2 PLP N . 34.30 -27.64 9.01
C2A PLP N . 32.95 -27.48 9.66
C3 PLP N . 34.51 -27.15 7.73
O3 PLP N . 33.48 -26.53 7.07
C4 PLP N . 35.74 -27.30 7.10
C4A PLP N . 35.65 -27.42 5.60
C5 PLP N . 36.78 -27.94 7.80
C6 PLP N . 36.55 -28.42 9.08
C5A PLP N . 38.17 -28.13 7.22
O4P PLP N . 38.21 -28.55 5.88
P PLP N . 39.31 -27.94 4.88
O1P PLP N . 40.66 -28.51 5.25
O2P PLP N . 39.34 -26.44 5.01
O3P PLP N . 38.97 -28.33 3.46
N1 PLP O . 37.31 36.51 -10.31
C2 PLP O . 36.61 35.32 -10.32
C2A PLP O . 36.35 34.60 -11.61
C3 PLP O . 36.16 34.77 -9.12
O3 PLP O . 35.48 33.59 -9.13
C4 PLP O . 36.39 35.41 -7.91
C4A PLP O . 35.37 35.13 -6.84
C5 PLP O . 37.10 36.63 -7.91
C6 PLP O . 37.54 37.16 -9.11
C5A PLP O . 37.42 37.41 -6.66
O4P PLP O . 36.42 37.46 -5.68
P PLP O . 36.82 37.62 -4.12
O1P PLP O . 37.37 39.01 -3.89
O2P PLP O . 37.87 36.59 -3.77
O3P PLP O . 35.60 37.40 -3.26
N1 PLP P . 51.42 54.29 8.90
C2 PLP P . 52.30 54.21 9.96
C2A PLP P . 52.51 55.41 10.85
C3 PLP P . 52.98 53.04 10.21
O3 PLP P . 53.85 52.97 11.28
C4 PLP P . 52.81 51.93 9.40
C4A PLP P . 54.00 51.00 9.36
C5 PLP P . 51.92 52.01 8.31
C6 PLP P . 51.24 53.20 8.09
C5A PLP P . 51.63 50.86 7.37
O4P PLP P . 52.76 50.10 7.01
P PLP P . 52.60 48.51 6.80
O1P PLP P . 51.93 48.27 5.47
O2P PLP P . 51.74 47.94 7.91
O3P PLP P . 53.96 47.87 6.82
#